data_4RJK
#
_entry.id   4RJK
#
_cell.length_a   111.510
_cell.length_b   170.750
_cell.length_c   342.590
_cell.angle_alpha   90.00
_cell.angle_beta   90.00
_cell.angle_gamma   90.00
#
_symmetry.space_group_name_H-M   'P 21 2 21'
#
loop_
_entity.id
_entity.type
_entity.pdbx_description
1 polymer 'Acetolactate synthase'
2 non-polymer 'THIAMINE DIPHOSPHATE'
3 non-polymer 'MAGNESIUM ION'
4 non-polymer 'TETRAETHYLENE GLYCOL'
5 non-polymer 'PYRUVIC ACID'
6 non-polymer 3-[(4-AMINO-2-METHYLPYRIMIDIN-5-YL)METHYL]-2-(1-CARBOXY-1-HYDROXYETHYL)-5-(2-{[HYDROXY(PHOSPHONOOXY)PHOSPHORYL]OXY}ETHYL)-4-METHYL-1,3-THIAZOL-3-IUM
7 water water
#
_entity_poly.entity_id   1
_entity_poly.type   'polypeptide(L)'
_entity_poly.pdbx_seq_one_letter_code
;MLTKATKEQKSLVKNRGAELVVDCLVEQGVTHVFGIPGAKIDAVFDALQDKGPEIIVARHEQNAAFMAQAVGRLTGKPGV
VLVTSGPGASNLATGLLTANTEGDPVVALAGNVIRADRLKRTHQSLDNAALFQPITKYSVEVQDVKNIPEAVTNAFRIAS
AGQAGAAFVSFPQDVVNEVTNTKNVRAVAAPKLGPAADDAISAAIAKIQTAKLPVVLVGMKGGRPEAIKAVRKLLKKVQL
PFVETYQAAGTLSRDLEDQYFGRIGLFRNQPGDLLLEQADVVLTIGYDPIEYDPKFWNINGDRTIIHLDEIIADIDHAYQ
PDLELIGDIPSTINHIEHDAVKVEFAEREQKILSDLKQYMHEGEQVPADWKSDRAHPLEIVKELRNAVDDHVTVTCDIGS
HAIWMSRYFRSYEPLTLMISNGMQTLGVALPWAIGASLVKPGEKVVSVSGDGGFLFSAMELETAVRLKAPIVHIVWNDST
YDMVAFQQLKKYNRTSAVDFGNIDIVKYAESFGATGLRVESPDQLADVLRQGMNAEGPVIIDVPVDYSDNINLASDKLPK
EFGELMKTKAL
;
_entity_poly.pdbx_strand_id   A,B,C,D,E,F,G,H
#
# COMPACT_ATOMS: atom_id res chain seq x y z
N ASN A 15 41.87 24.31 -60.22
CA ASN A 15 40.87 23.28 -60.07
C ASN A 15 41.21 22.52 -58.75
N ARG A 16 41.52 23.34 -57.74
CA ARG A 16 41.98 22.90 -56.40
C ARG A 16 40.76 22.60 -55.52
N GLY A 17 41.04 22.18 -54.30
CA GLY A 17 40.01 22.07 -53.27
C GLY A 17 39.22 23.35 -53.11
N ALA A 18 39.90 24.50 -53.25
CA ALA A 18 39.27 25.82 -53.07
C ALA A 18 38.18 26.05 -54.12
N GLU A 19 38.38 25.54 -55.33
CA GLU A 19 37.39 25.70 -56.38
C GLU A 19 36.16 24.86 -56.05
N LEU A 20 36.39 23.64 -55.58
CA LEU A 20 35.32 22.78 -55.12
C LEU A 20 34.39 23.49 -54.13
N VAL A 21 34.98 24.22 -53.18
CA VAL A 21 34.22 24.99 -52.20
C VAL A 21 33.43 26.13 -52.83
N VAL A 22 34.06 26.92 -53.70
CA VAL A 22 33.33 27.98 -54.39
C VAL A 22 32.18 27.39 -55.24
N ASP A 23 32.41 26.26 -55.90
CA ASP A 23 31.38 25.66 -56.74
C ASP A 23 30.13 25.26 -55.93
N CYS A 24 30.31 24.68 -54.75
CA CYS A 24 29.20 24.40 -53.85
C CYS A 24 28.41 25.65 -53.50
N LEU A 25 29.11 26.76 -53.29
CA LEU A 25 28.43 28.01 -52.94
C LEU A 25 27.56 28.47 -54.10
N VAL A 26 28.04 28.21 -55.31
CA VAL A 26 27.29 28.54 -56.51
C VAL A 26 26.04 27.67 -56.64
N GLU A 27 26.17 26.38 -56.40
CA GLU A 27 25.05 25.44 -56.43
C GLU A 27 23.97 25.69 -55.38
N GLN A 28 24.33 26.32 -54.26
CA GLN A 28 23.38 26.62 -53.21
C GLN A 28 22.67 27.95 -53.47
N GLY A 29 23.13 28.68 -54.49
CA GLY A 29 22.54 29.97 -54.80
C GLY A 29 22.95 31.06 -53.81
N VAL A 30 24.06 30.83 -53.12
CA VAL A 30 24.66 31.84 -52.25
C VAL A 30 25.12 33.07 -53.03
N THR A 31 24.58 34.23 -52.68
CA THR A 31 24.91 35.47 -53.38
C THR A 31 25.92 36.34 -52.63
N HIS A 32 25.98 36.17 -51.31
CA HIS A 32 26.93 36.92 -50.48
C HIS A 32 27.67 36.05 -49.49
N VAL A 33 28.98 36.26 -49.39
CA VAL A 33 29.82 35.64 -48.37
C VAL A 33 30.46 36.68 -47.47
N PHE A 34 30.14 36.63 -46.18
CA PHE A 34 30.72 37.56 -45.23
C PHE A 34 32.01 36.99 -44.69
N GLY A 35 33.08 37.76 -44.78
CA GLY A 35 34.38 37.23 -44.42
C GLY A 35 35.47 38.18 -43.96
N ILE A 36 36.52 37.58 -43.44
CA ILE A 36 37.81 38.23 -43.25
C ILE A 36 38.88 37.22 -43.67
N PRO A 37 39.79 37.63 -44.56
CA PRO A 37 40.82 36.69 -45.02
C PRO A 37 41.97 36.46 -44.03
N GLY A 38 42.66 35.34 -44.25
CA GLY A 38 43.92 35.08 -43.58
C GLY A 38 44.68 34.07 -44.43
N ALA A 39 45.92 33.78 -44.06
CA ALA A 39 46.79 32.91 -44.84
C ALA A 39 46.27 31.48 -45.04
N LYS A 40 45.76 30.88 -43.97
CA LYS A 40 45.40 29.46 -44.04
C LYS A 40 44.19 29.18 -44.94
N ILE A 41 43.33 30.18 -45.16
CA ILE A 41 42.10 30.00 -45.92
C ILE A 41 42.13 30.78 -47.26
N ASP A 42 43.26 31.44 -47.56
CA ASP A 42 43.23 32.47 -48.62
C ASP A 42 43.05 31.90 -50.03
N ALA A 43 43.36 30.62 -50.24
CA ALA A 43 43.13 29.98 -51.54
C ALA A 43 41.64 30.05 -51.92
N VAL A 44 40.78 29.87 -50.93
CA VAL A 44 39.34 30.01 -51.17
C VAL A 44 38.98 31.45 -51.56
N PHE A 45 39.64 32.42 -50.93
CA PHE A 45 39.44 33.85 -51.24
C PHE A 45 39.97 34.17 -52.64
N ASP A 46 41.08 33.53 -52.99
CA ASP A 46 41.61 33.59 -54.33
C ASP A 46 40.56 33.12 -55.35
N ALA A 47 40.09 31.88 -55.18
CA ALA A 47 39.13 31.27 -56.10
C ALA A 47 37.83 32.09 -56.26
N LEU A 48 37.49 32.88 -55.24
CA LEU A 48 36.30 33.73 -55.31
C LEU A 48 36.52 34.97 -56.19
N GLN A 49 37.77 35.23 -56.57
CA GLN A 49 38.05 36.28 -57.56
C GLN A 49 37.60 35.86 -58.95
N ASP A 50 37.71 34.56 -59.23
CA ASP A 50 37.29 34.02 -60.51
C ASP A 50 35.77 33.91 -60.60
N LYS A 51 35.18 33.06 -59.77
CA LYS A 51 33.73 32.90 -59.77
C LYS A 51 33.16 32.99 -58.35
N GLY A 52 31.84 33.07 -58.26
CA GLY A 52 31.17 32.97 -56.97
C GLY A 52 30.41 34.20 -56.51
N PRO A 53 29.87 34.12 -55.28
CA PRO A 53 29.13 35.17 -54.58
C PRO A 53 30.01 36.34 -54.18
N GLU A 54 29.40 37.52 -54.06
CA GLU A 54 30.12 38.72 -53.65
C GLU A 54 30.71 38.55 -52.26
N ILE A 55 31.97 38.93 -52.09
CA ILE A 55 32.60 38.97 -50.78
C ILE A 55 32.33 40.28 -50.05
N ILE A 56 31.64 40.22 -48.92
CA ILE A 56 31.48 41.41 -48.07
C ILE A 56 32.54 41.38 -46.96
N VAL A 57 33.52 42.28 -47.04
CA VAL A 57 34.59 42.33 -46.04
C VAL A 57 34.08 42.89 -44.73
N ALA A 58 34.20 42.11 -43.66
CA ALA A 58 33.73 42.58 -42.36
C ALA A 58 34.87 43.17 -41.54
N ARG A 59 34.54 43.86 -40.45
CA ARG A 59 35.56 44.42 -39.59
C ARG A 59 35.84 43.51 -38.38
N HIS A 60 35.05 42.45 -38.22
CA HIS A 60 35.17 41.50 -37.09
C HIS A 60 34.39 40.21 -37.38
N GLU A 61 35.03 39.05 -37.22
CA GLU A 61 34.37 37.77 -37.50
C GLU A 61 33.06 37.60 -36.76
N GLN A 62 32.93 38.20 -35.56
CA GLN A 62 31.65 38.25 -34.86
C GLN A 62 30.53 38.86 -35.73
N ASN A 63 30.81 39.99 -36.37
CA ASN A 63 29.75 40.68 -37.11
C ASN A 63 29.43 40.00 -38.44
N ALA A 64 30.47 39.43 -39.05
CA ALA A 64 30.29 38.58 -40.22
C ALA A 64 29.33 37.41 -39.92
N ALA A 65 29.50 36.78 -38.76
CA ALA A 65 28.58 35.75 -38.26
C ALA A 65 27.17 36.29 -38.02
N PHE A 66 27.06 37.45 -37.39
CA PHE A 66 25.75 38.06 -37.18
C PHE A 66 25.05 38.36 -38.51
N MET A 67 25.80 38.85 -39.48
CA MET A 67 25.23 39.17 -40.79
C MET A 67 24.69 37.91 -41.46
N ALA A 68 25.48 36.84 -41.38
CA ALA A 68 25.11 35.56 -41.95
C ALA A 68 23.80 35.09 -41.33
N GLN A 69 23.75 35.15 -40.00
CA GLN A 69 22.54 34.82 -39.26
C GLN A 69 21.34 35.59 -39.78
N ALA A 70 21.55 36.85 -40.09
CA ALA A 70 20.48 37.72 -40.55
C ALA A 70 19.95 37.29 -41.93
N VAL A 71 20.86 36.84 -42.79
CA VAL A 71 20.48 36.39 -44.11
C VAL A 71 19.69 35.11 -43.99
N GLY A 72 20.15 34.24 -43.10
CA GLY A 72 19.51 32.95 -42.91
C GLY A 72 18.09 33.14 -42.41
N ARG A 73 17.92 34.06 -41.45
CA ARG A 73 16.62 34.26 -40.83
C ARG A 73 15.66 34.86 -41.85
N LEU A 74 16.18 35.77 -42.66
CA LEU A 74 15.37 36.48 -43.64
C LEU A 74 15.07 35.70 -44.94
N THR A 75 15.94 34.79 -45.36
CA THR A 75 15.73 34.10 -46.64
C THR A 75 15.39 32.61 -46.53
N GLY A 76 15.72 31.98 -45.41
CA GLY A 76 15.43 30.57 -45.27
C GLY A 76 16.53 29.70 -45.86
N LYS A 77 17.48 30.33 -46.52
CA LYS A 77 18.68 29.63 -46.95
C LYS A 77 19.86 30.11 -46.11
N PRO A 78 20.79 29.19 -45.80
CA PRO A 78 21.91 29.50 -44.89
C PRO A 78 22.70 30.75 -45.26
N GLY A 79 22.92 31.61 -44.27
CA GLY A 79 23.92 32.65 -44.41
C GLY A 79 25.29 31.99 -44.31
N VAL A 80 26.25 32.57 -45.03
CA VAL A 80 27.56 31.97 -45.19
C VAL A 80 28.65 32.91 -44.69
N VAL A 81 29.56 32.37 -43.90
CA VAL A 81 30.62 33.19 -43.35
C VAL A 81 31.91 32.42 -43.55
N LEU A 82 32.97 33.13 -43.93
CA LEU A 82 34.25 32.53 -44.33
C LEU A 82 35.41 33.18 -43.59
N VAL A 83 36.19 32.39 -42.85
CA VAL A 83 37.26 32.94 -42.00
C VAL A 83 38.52 32.08 -42.05
N THR A 84 39.59 32.63 -41.51
CA THR A 84 40.87 31.94 -41.48
C THR A 84 41.01 31.12 -40.21
N SER A 85 42.17 30.49 -40.05
CA SER A 85 42.42 29.64 -38.88
C SER A 85 42.62 30.42 -37.58
N GLY A 86 42.72 29.69 -36.48
CA GLY A 86 43.00 30.25 -35.17
C GLY A 86 42.00 31.28 -34.71
N PRO A 87 42.46 32.51 -34.47
CA PRO A 87 41.60 33.59 -33.97
C PRO A 87 40.49 33.96 -34.95
N GLY A 88 40.66 33.64 -36.24
CA GLY A 88 39.62 33.83 -37.24
C GLY A 88 38.39 32.98 -36.91
N ALA A 89 38.65 31.72 -36.61
CA ALA A 89 37.57 30.78 -36.35
C ALA A 89 36.98 30.96 -34.95
N SER A 90 37.85 31.11 -33.95
CA SER A 90 37.40 31.21 -32.56
C SER A 90 36.52 32.45 -32.35
N ASN A 91 36.79 33.52 -33.09
CA ASN A 91 35.93 34.71 -33.04
C ASN A 91 34.50 34.44 -33.53
N LEU A 92 34.27 33.30 -34.18
CA LEU A 92 32.95 32.94 -34.69
C LEU A 92 32.04 32.34 -33.61
N ALA A 93 32.58 32.07 -32.43
CA ALA A 93 31.88 31.21 -31.45
C ALA A 93 30.51 31.74 -31.05
N THR A 94 30.46 33.00 -30.62
CA THR A 94 29.22 33.60 -30.16
C THR A 94 28.18 33.76 -31.28
N GLY A 95 28.65 34.11 -32.47
CA GLY A 95 27.81 34.17 -33.66
C GLY A 95 27.09 32.87 -33.95
N LEU A 96 27.84 31.79 -34.13
CA LEU A 96 27.20 30.52 -34.48
C LEU A 96 26.29 29.99 -33.37
N LEU A 97 26.73 30.18 -32.13
CA LEU A 97 25.99 29.79 -30.95
C LEU A 97 24.63 30.48 -30.92
N THR A 98 24.65 31.78 -31.19
CA THR A 98 23.41 32.55 -31.25
C THR A 98 22.47 32.10 -32.39
N ALA A 99 23.01 31.88 -33.58
CA ALA A 99 22.21 31.33 -34.67
C ALA A 99 21.67 29.94 -34.34
N ASN A 100 22.50 29.14 -33.66
CA ASN A 100 22.16 27.76 -33.35
C ASN A 100 21.08 27.61 -32.27
N THR A 101 20.74 28.70 -31.59
CA THR A 101 19.71 28.56 -30.56
C THR A 101 18.50 29.42 -30.89
N GLU A 102 18.43 29.90 -32.12
CA GLU A 102 17.40 30.86 -32.50
C GLU A 102 16.75 30.51 -33.84
N GLY A 103 17.03 29.31 -34.34
CA GLY A 103 16.40 28.81 -35.56
C GLY A 103 16.90 29.39 -36.88
N ASP A 104 18.14 29.89 -36.91
CA ASP A 104 18.65 30.55 -38.09
C ASP A 104 19.65 29.67 -38.84
N PRO A 105 19.39 29.38 -40.12
CA PRO A 105 20.37 28.54 -40.81
C PRO A 105 21.66 29.30 -41.12
N VAL A 106 22.78 28.81 -40.59
CA VAL A 106 24.09 29.39 -40.93
C VAL A 106 25.13 28.32 -41.29
N VAL A 107 25.90 28.54 -42.35
CA VAL A 107 27.06 27.69 -42.66
C VAL A 107 28.36 28.46 -42.49
N ALA A 108 29.29 27.91 -41.72
CA ALA A 108 30.60 28.54 -41.50
C ALA A 108 31.76 27.73 -42.09
N LEU A 109 32.66 28.43 -42.77
CA LEU A 109 33.82 27.81 -43.43
C LEU A 109 35.11 28.44 -42.92
N ALA A 110 36.00 27.62 -42.37
CA ALA A 110 37.18 28.12 -41.68
C ALA A 110 38.41 27.33 -42.07
N GLY A 111 39.54 28.02 -42.15
CA GLY A 111 40.81 27.36 -42.41
C GLY A 111 41.38 26.74 -41.14
N ASN A 112 42.33 25.82 -41.33
CA ASN A 112 43.12 25.29 -40.24
C ASN A 112 44.52 25.06 -40.80
N VAL A 113 45.46 24.71 -39.95
CA VAL A 113 46.82 24.46 -40.41
C VAL A 113 46.89 23.20 -41.26
N ILE A 114 47.99 22.98 -41.98
CA ILE A 114 48.12 21.75 -42.77
C ILE A 114 47.96 20.48 -41.91
N ARG A 115 47.45 19.41 -42.52
CA ARG A 115 47.23 18.14 -41.82
C ARG A 115 48.47 17.59 -41.10
N ALA A 116 49.65 17.86 -41.67
CA ALA A 116 50.89 17.32 -41.12
C ALA A 116 51.25 17.98 -39.77
N ASP A 117 50.83 19.23 -39.58
CA ASP A 117 51.18 20.01 -38.42
C ASP A 117 50.00 20.18 -37.48
N ARG A 118 48.97 19.36 -37.69
CA ARG A 118 47.70 19.53 -37.00
C ARG A 118 47.78 19.32 -35.47
N LEU A 119 48.71 18.51 -34.99
CA LEU A 119 48.85 18.24 -33.57
C LEU A 119 49.96 19.07 -32.94
N LYS A 120 50.51 20.00 -33.70
CA LYS A 120 51.68 20.73 -33.23
C LYS A 120 51.35 22.08 -32.60
N ARG A 121 52.26 22.55 -31.76
CA ARG A 121 52.24 23.93 -31.35
C ARG A 121 52.77 24.75 -32.52
N THR A 122 51.84 25.37 -33.25
CA THR A 122 52.20 26.11 -34.46
C THR A 122 51.13 27.18 -34.62
N HIS A 123 51.49 28.32 -35.22
CA HIS A 123 50.60 29.49 -35.35
C HIS A 123 49.18 29.18 -35.76
N GLN A 124 48.24 29.67 -34.94
CA GLN A 124 46.81 29.59 -35.21
C GLN A 124 46.25 28.17 -35.34
N SER A 125 46.95 27.18 -34.79
CA SER A 125 46.45 25.82 -34.79
C SER A 125 45.60 25.56 -33.55
N LEU A 126 44.41 25.03 -33.77
CA LEU A 126 43.57 24.62 -32.67
C LEU A 126 42.61 23.57 -33.19
N ASP A 127 41.97 22.82 -32.30
CA ASP A 127 41.00 21.81 -32.71
C ASP A 127 39.65 22.44 -33.08
N ASN A 128 39.53 22.96 -34.31
CA ASN A 128 38.31 23.65 -34.79
C ASN A 128 37.00 22.89 -34.56
N ALA A 129 36.95 21.64 -35.01
CA ALA A 129 35.75 20.84 -34.87
C ALA A 129 35.33 20.71 -33.40
N ALA A 130 36.29 20.54 -32.50
CA ALA A 130 35.94 20.31 -31.09
C ALA A 130 35.35 21.57 -30.49
N LEU A 131 35.92 22.72 -30.86
CA LEU A 131 35.44 23.99 -30.33
C LEU A 131 33.96 24.20 -30.70
N PHE A 132 33.57 23.82 -31.91
CA PHE A 132 32.23 24.14 -32.37
C PHE A 132 31.17 23.05 -32.19
N GLN A 133 31.64 21.86 -31.85
CA GLN A 133 30.77 20.76 -31.49
C GLN A 133 29.64 21.13 -30.45
N PRO A 134 30.00 21.81 -29.34
CA PRO A 134 28.90 22.05 -28.38
C PRO A 134 27.96 23.20 -28.74
N ILE A 135 28.27 23.96 -29.78
CA ILE A 135 27.44 25.11 -30.09
C ILE A 135 26.94 25.11 -31.53
N THR A 136 27.03 23.95 -32.20
CA THR A 136 26.49 23.78 -33.54
C THR A 136 25.68 22.47 -33.69
N LYS A 137 24.89 22.40 -34.75
CA LYS A 137 24.25 21.13 -35.13
C LYS A 137 25.26 20.20 -35.76
N TYR A 138 26.35 20.77 -36.28
CA TYR A 138 27.21 20.04 -37.20
C TYR A 138 28.58 20.68 -37.30
N SER A 139 29.61 19.97 -36.86
CA SER A 139 30.94 20.54 -36.72
C SER A 139 32.01 19.57 -37.21
N VAL A 140 32.56 19.83 -38.40
CA VAL A 140 33.43 18.84 -39.04
C VAL A 140 34.72 19.40 -39.59
N GLU A 141 35.72 18.54 -39.72
CA GLU A 141 36.93 18.90 -40.45
C GLU A 141 37.18 17.94 -41.60
N VAL A 142 37.26 18.47 -42.81
CA VAL A 142 37.61 17.64 -43.97
C VAL A 142 39.11 17.29 -44.02
N GLN A 143 39.45 16.01 -44.23
CA GLN A 143 40.84 15.56 -44.24
C GLN A 143 41.29 14.95 -45.58
N ASP A 144 40.41 14.99 -46.58
CA ASP A 144 40.75 14.52 -47.92
C ASP A 144 40.02 15.43 -48.88
N VAL A 145 40.72 15.92 -49.91
CA VAL A 145 40.13 16.91 -50.80
C VAL A 145 38.84 16.43 -51.51
N LYS A 146 38.74 15.12 -51.76
CA LYS A 146 37.57 14.52 -52.41
C LYS A 146 36.27 14.75 -51.65
N ASN A 147 36.39 14.79 -50.31
CA ASN A 147 35.25 14.82 -49.40
C ASN A 147 34.62 16.22 -49.26
N ILE A 148 35.29 17.23 -49.81
CA ILE A 148 34.82 18.61 -49.74
C ILE A 148 33.39 18.83 -50.28
N PRO A 149 33.09 18.36 -51.52
CA PRO A 149 31.71 18.60 -51.98
C PRO A 149 30.63 17.93 -51.09
N GLU A 150 30.93 16.74 -50.60
CA GLU A 150 30.00 16.00 -49.74
C GLU A 150 29.80 16.70 -48.40
N ALA A 151 30.90 17.07 -47.75
CA ALA A 151 30.83 17.60 -46.38
C ALA A 151 30.16 18.94 -46.37
N VAL A 152 30.33 19.70 -47.43
CA VAL A 152 29.75 21.04 -47.51
C VAL A 152 28.25 20.93 -47.81
N THR A 153 27.90 20.05 -48.75
CA THR A 153 26.50 19.92 -49.15
C THR A 153 25.64 19.50 -47.95
N ASN A 154 26.11 18.53 -47.18
CA ASN A 154 25.39 18.09 -45.98
C ASN A 154 25.32 19.18 -44.93
N ALA A 155 26.34 20.03 -44.87
CA ALA A 155 26.32 21.16 -43.95
C ALA A 155 25.18 22.12 -44.26
N PHE A 156 24.92 22.39 -45.54
CA PHE A 156 23.81 23.28 -45.92
C PHE A 156 22.45 22.62 -45.60
N ARG A 157 22.36 21.33 -45.86
CA ARG A 157 21.11 20.62 -45.61
C ARG A 157 20.81 20.52 -44.12
N ILE A 158 21.85 20.27 -43.32
CA ILE A 158 21.63 20.11 -41.89
C ILE A 158 21.33 21.46 -41.24
N ALA A 159 21.98 22.51 -41.71
CA ALA A 159 21.68 23.86 -41.27
C ALA A 159 20.20 24.23 -41.53
N SER A 160 19.67 23.70 -42.63
CA SER A 160 18.31 24.01 -43.06
C SER A 160 17.27 23.07 -42.44
N ALA A 161 17.60 21.79 -42.30
CA ALA A 161 16.68 20.80 -41.77
C ALA A 161 16.14 21.26 -40.40
N GLY A 162 14.83 21.10 -40.19
CA GLY A 162 14.21 21.67 -39.00
C GLY A 162 14.68 20.83 -37.84
N GLN A 163 14.95 21.43 -36.68
CA GLN A 163 15.00 22.87 -36.48
C GLN A 163 16.32 23.45 -36.98
N ALA A 164 16.25 24.57 -37.68
CA ALA A 164 17.39 25.13 -38.40
C ALA A 164 18.45 25.73 -37.46
N GLY A 165 19.72 25.71 -37.90
CA GLY A 165 20.80 26.23 -37.09
C GLY A 165 22.15 26.31 -37.75
N ALA A 166 23.19 26.20 -36.92
CA ALA A 166 24.57 26.45 -37.35
C ALA A 166 25.30 25.19 -37.75
N ALA A 167 26.03 25.27 -38.86
CA ALA A 167 26.89 24.20 -39.34
C ALA A 167 28.30 24.71 -39.60
N PHE A 168 29.31 23.97 -39.13
CA PHE A 168 30.70 24.42 -39.20
C PHE A 168 31.57 23.42 -39.96
N VAL A 169 32.25 23.88 -41.01
CA VAL A 169 33.17 23.05 -41.76
C VAL A 169 34.55 23.72 -41.76
N SER A 170 35.57 22.92 -41.47
CA SER A 170 36.93 23.41 -41.36
C SER A 170 37.81 22.74 -42.41
N PHE A 171 38.68 23.53 -43.04
CA PHE A 171 39.55 23.06 -44.13
C PHE A 171 41.03 23.23 -43.80
N PRO A 172 41.74 22.13 -43.59
CA PRO A 172 43.18 22.33 -43.41
C PRO A 172 43.80 22.92 -44.68
N GLN A 173 44.73 23.85 -44.48
CA GLN A 173 45.29 24.66 -45.57
C GLN A 173 45.74 23.84 -46.80
N ASP A 174 46.36 22.69 -46.58
CA ASP A 174 46.84 21.91 -47.71
C ASP A 174 45.67 21.23 -48.44
N VAL A 175 44.52 21.09 -47.75
CA VAL A 175 43.36 20.46 -48.36
C VAL A 175 42.71 21.39 -49.39
N VAL A 176 42.66 22.70 -49.14
CA VAL A 176 42.03 23.59 -50.12
C VAL A 176 43.00 24.03 -51.21
N ASN A 177 44.30 23.84 -50.97
CA ASN A 177 45.28 24.22 -51.98
C ASN A 177 45.62 23.07 -52.91
N GLU A 178 45.19 21.87 -52.53
CA GLU A 178 45.49 20.65 -53.28
C GLU A 178 44.73 20.56 -54.59
N VAL A 179 45.45 20.25 -55.66
CA VAL A 179 44.87 20.13 -56.97
C VAL A 179 44.22 18.75 -57.11
N THR A 180 43.03 18.71 -57.71
CA THR A 180 42.23 17.49 -57.75
C THR A 180 41.32 17.42 -59.00
N ASN A 181 40.96 16.22 -59.42
CA ASN A 181 39.94 16.10 -60.46
C ASN A 181 38.60 15.62 -59.91
N THR A 182 38.39 15.83 -58.62
CA THR A 182 37.14 15.50 -57.94
C THR A 182 35.96 16.27 -58.54
N LYS A 183 34.83 15.58 -58.72
CA LYS A 183 33.64 16.17 -59.31
C LYS A 183 32.74 16.75 -58.25
N ASN A 184 31.98 17.78 -58.59
CA ASN A 184 31.10 18.28 -57.53
CA ASN A 184 30.96 18.39 -57.74
C ASN A 184 29.84 17.43 -57.42
N VAL A 185 28.97 17.84 -56.52
CA VAL A 185 27.84 17.04 -56.11
C VAL A 185 26.62 17.91 -56.30
N ARG A 186 25.49 17.31 -56.64
CA ARG A 186 24.24 18.06 -56.79
C ARG A 186 23.88 18.76 -55.48
N ALA A 187 23.41 19.99 -55.54
CA ALA A 187 22.95 20.64 -54.32
C ALA A 187 21.54 20.17 -53.96
N VAL A 188 21.42 18.95 -53.46
CA VAL A 188 20.10 18.43 -53.16
C VAL A 188 19.47 19.22 -52.02
N ALA A 189 18.38 19.92 -52.33
CA ALA A 189 17.66 20.71 -51.34
C ALA A 189 17.17 19.86 -50.17
N ALA A 190 17.28 20.39 -48.95
CA ALA A 190 16.66 19.72 -47.82
C ALA A 190 15.14 19.61 -48.06
N PRO A 191 14.60 18.39 -47.92
CA PRO A 191 13.19 18.11 -48.22
C PRO A 191 12.21 18.63 -47.18
N LYS A 192 10.94 18.73 -47.57
CA LYS A 192 9.87 19.07 -46.65
C LYS A 192 9.23 17.81 -46.07
N LEU A 193 8.76 17.91 -44.85
CA LEU A 193 7.92 16.89 -44.26
C LEU A 193 6.50 17.11 -44.75
N GLY A 194 5.66 16.10 -44.68
CA GLY A 194 4.24 16.34 -44.87
C GLY A 194 3.64 16.89 -43.58
N PRO A 195 2.33 17.15 -43.59
CA PRO A 195 1.63 17.52 -42.36
C PRO A 195 1.67 16.40 -41.31
N ALA A 196 1.24 16.71 -40.08
CA ALA A 196 1.05 15.68 -39.07
C ALA A 196 -0.01 14.69 -39.55
N ALA A 197 -0.08 13.52 -38.92
CA ALA A 197 -1.00 12.50 -39.35
C ALA A 197 -2.45 12.91 -39.15
N ASP A 198 -3.30 12.47 -40.06
CA ASP A 198 -4.72 12.82 -40.06
C ASP A 198 -5.38 12.68 -38.70
N ASP A 199 -5.28 11.49 -38.11
CA ASP A 199 -5.98 11.18 -36.88
C ASP A 199 -5.55 12.10 -35.75
N ALA A 200 -4.26 12.43 -35.70
CA ALA A 200 -3.77 13.43 -34.74
C ALA A 200 -4.38 14.82 -34.99
N ILE A 201 -4.46 15.25 -36.25
CA ILE A 201 -5.18 16.48 -36.63
C ILE A 201 -6.61 16.45 -36.10
N SER A 202 -7.31 15.34 -36.33
CA SER A 202 -8.68 15.12 -35.80
C SER A 202 -8.76 15.37 -34.33
N ALA A 203 -7.76 14.83 -33.63
CA ALA A 203 -7.71 14.88 -32.18
C ALA A 203 -7.55 16.29 -31.69
N ALA A 204 -6.71 17.06 -32.39
CA ALA A 204 -6.44 18.45 -32.04
C ALA A 204 -7.67 19.29 -32.27
N ILE A 205 -8.31 19.10 -33.41
CA ILE A 205 -9.55 19.79 -33.68
C ILE A 205 -10.58 19.44 -32.61
N ALA A 206 -10.60 18.18 -32.19
CA ALA A 206 -11.62 17.78 -31.24
C ALA A 206 -11.37 18.44 -29.86
N LYS A 207 -10.12 18.41 -29.40
CA LYS A 207 -9.77 19.04 -28.13
C LYS A 207 -10.06 20.55 -28.12
N ILE A 208 -9.85 21.21 -29.26
CA ILE A 208 -10.11 22.63 -29.40
C ILE A 208 -11.61 22.94 -29.37
N GLN A 209 -12.39 22.06 -30.01
CA GLN A 209 -13.82 22.29 -30.19
C GLN A 209 -14.50 22.31 -28.83
N THR A 210 -14.00 21.49 -27.92
CA THR A 210 -14.63 21.29 -26.63
C THR A 210 -13.94 22.05 -25.50
N ALA A 211 -13.22 23.11 -25.84
CA ALA A 211 -12.59 23.97 -24.87
C ALA A 211 -13.52 25.13 -24.48
N LYS A 212 -13.50 25.58 -23.23
CA LYS A 212 -14.23 26.79 -22.89
C LYS A 212 -13.39 28.01 -23.19
N LEU A 213 -12.09 27.81 -23.39
CA LEU A 213 -11.19 28.93 -23.65
C LEU A 213 -9.90 28.43 -24.31
N PRO A 214 -9.98 28.05 -25.59
CA PRO A 214 -8.74 27.64 -26.24
C PRO A 214 -7.93 28.84 -26.65
N VAL A 215 -6.61 28.79 -26.44
CA VAL A 215 -5.72 29.88 -26.79
C VAL A 215 -4.59 29.35 -27.68
N VAL A 216 -4.07 30.20 -28.55
CA VAL A 216 -2.93 29.84 -29.38
C VAL A 216 -1.67 30.56 -28.89
N LEU A 217 -0.60 29.79 -28.76
CA LEU A 217 0.73 30.32 -28.49
C LEU A 217 1.58 30.18 -29.74
N VAL A 218 1.88 31.30 -30.39
CA VAL A 218 2.76 31.30 -31.54
C VAL A 218 4.20 31.53 -31.10
N GLY A 219 5.06 30.57 -31.41
CA GLY A 219 6.47 30.65 -31.06
C GLY A 219 7.46 30.86 -32.19
N MET A 220 8.69 30.43 -31.95
CA MET A 220 9.82 30.75 -32.81
C MET A 220 9.58 30.31 -34.29
N LYS A 221 9.28 29.05 -34.52
CA LYS A 221 9.08 28.58 -35.87
C LYS A 221 7.65 28.78 -36.38
N GLY A 222 6.80 29.39 -35.55
CA GLY A 222 5.53 29.92 -36.00
C GLY A 222 5.70 31.27 -36.71
N GLY A 223 6.93 31.78 -36.77
CA GLY A 223 7.16 33.12 -37.26
C GLY A 223 7.77 33.22 -38.65
N ARG A 224 8.01 32.07 -39.28
CA ARG A 224 8.37 32.02 -40.69
C ARG A 224 7.17 32.48 -41.51
N PRO A 225 7.43 33.09 -42.68
CA PRO A 225 6.33 33.61 -43.52
C PRO A 225 5.21 32.62 -43.86
N GLU A 226 5.53 31.41 -44.31
CA GLU A 226 4.46 30.44 -44.64
C GLU A 226 3.63 30.02 -43.44
N ALA A 227 4.25 29.90 -42.27
CA ALA A 227 3.51 29.55 -41.07
C ALA A 227 2.58 30.69 -40.67
N ILE A 228 3.07 31.92 -40.76
CA ILE A 228 2.24 33.07 -40.39
C ILE A 228 1.03 33.17 -41.32
N LYS A 229 1.23 32.94 -42.62
CA LYS A 229 0.13 32.94 -43.58
C LYS A 229 -0.96 31.92 -43.17
N ALA A 230 -0.53 30.73 -42.73
CA ALA A 230 -1.48 29.69 -42.32
C ALA A 230 -2.09 29.97 -40.96
N VAL A 231 -1.29 30.55 -40.07
CA VAL A 231 -1.78 30.86 -38.72
C VAL A 231 -2.91 31.89 -38.79
N ARG A 232 -2.69 32.93 -39.60
CA ARG A 232 -3.66 34.00 -39.76
C ARG A 232 -5.02 33.48 -40.25
N LYS A 233 -5.00 32.59 -41.25
CA LYS A 233 -6.22 31.94 -41.71
C LYS A 233 -6.91 31.17 -40.57
N LEU A 234 -6.12 30.49 -39.74
CA LEU A 234 -6.69 29.69 -38.66
C LEU A 234 -7.29 30.58 -37.57
N LEU A 235 -6.58 31.65 -37.23
CA LEU A 235 -7.05 32.58 -36.20
C LEU A 235 -8.33 33.28 -36.64
N LYS A 236 -8.40 33.62 -37.92
CA LYS A 236 -9.56 34.27 -38.48
C LYS A 236 -10.79 33.36 -38.47
N LYS A 237 -10.64 32.18 -39.05
CA LYS A 237 -11.75 31.23 -39.19
C LYS A 237 -12.34 30.75 -37.87
N VAL A 238 -11.49 30.40 -36.91
CA VAL A 238 -11.97 29.79 -35.68
C VAL A 238 -12.09 30.85 -34.59
N GLN A 239 -11.53 32.02 -34.88
CA GLN A 239 -11.58 33.17 -33.95
C GLN A 239 -11.05 32.82 -32.57
N LEU A 240 -9.80 32.37 -32.50
CA LEU A 240 -9.14 32.11 -31.24
C LEU A 240 -8.29 33.28 -30.82
N PRO A 241 -8.21 33.52 -29.51
CA PRO A 241 -7.19 34.45 -29.02
C PRO A 241 -5.79 33.87 -29.20
N PHE A 242 -4.82 34.73 -29.47
CA PHE A 242 -3.43 34.29 -29.56
C PHE A 242 -2.48 35.26 -28.83
N VAL A 243 -1.34 34.74 -28.42
CA VAL A 243 -0.20 35.55 -27.96
C VAL A 243 1.05 35.21 -28.77
N GLU A 244 2.11 35.97 -28.56
CA GLU A 244 3.32 35.81 -29.34
C GLU A 244 4.53 35.63 -28.45
N THR A 245 5.51 34.86 -28.93
CA THR A 245 6.85 34.94 -28.39
C THR A 245 7.52 36.10 -29.14
N TYR A 246 8.68 36.56 -28.70
CA TYR A 246 9.30 37.70 -29.34
C TYR A 246 9.65 37.41 -30.80
N GLN A 247 10.18 36.24 -31.09
CA GLN A 247 10.57 35.92 -32.46
C GLN A 247 9.36 35.50 -33.29
N ALA A 248 8.17 35.54 -32.68
CA ALA A 248 6.93 35.32 -33.43
C ALA A 248 6.27 36.65 -33.80
N ALA A 249 7.00 37.73 -33.61
CA ALA A 249 6.56 39.08 -34.03
C ALA A 249 6.25 39.10 -35.51
N GLY A 250 5.15 39.76 -35.87
CA GLY A 250 4.76 39.88 -37.26
C GLY A 250 3.78 38.79 -37.62
N THR A 251 3.43 37.96 -36.65
CA THR A 251 2.35 37.01 -36.83
C THR A 251 1.07 37.80 -36.94
N LEU A 252 0.92 38.75 -36.02
CA LEU A 252 -0.24 39.62 -35.97
C LEU A 252 -0.44 40.39 -37.28
N SER A 253 -1.69 40.59 -37.67
CA SER A 253 -2.02 41.56 -38.71
C SER A 253 -2.95 42.60 -38.11
N ARG A 254 -3.02 43.76 -38.76
CA ARG A 254 -3.92 44.84 -38.36
C ARG A 254 -5.35 44.33 -38.16
N ASP A 255 -5.71 43.35 -38.99
CA ASP A 255 -7.00 42.71 -38.95
C ASP A 255 -7.25 41.92 -37.67
N LEU A 256 -6.18 41.40 -37.09
CA LEU A 256 -6.28 40.47 -36.00
C LEU A 256 -6.05 41.10 -34.64
N GLU A 257 -5.88 42.42 -34.63
CA GLU A 257 -5.57 43.14 -33.38
C GLU A 257 -6.57 42.81 -32.25
N ASP A 258 -7.79 42.43 -32.63
CA ASP A 258 -8.89 42.11 -31.71
C ASP A 258 -8.68 40.85 -30.87
N GLN A 259 -8.05 39.84 -31.47
CA GLN A 259 -7.87 38.58 -30.79
C GLN A 259 -6.44 38.47 -30.23
N TYR A 260 -5.74 39.59 -30.18
CA TYR A 260 -4.32 39.62 -29.88
C TYR A 260 -4.01 40.02 -28.43
N PHE A 261 -3.24 39.19 -27.73
CA PHE A 261 -2.97 39.52 -26.34
C PHE A 261 -1.50 39.71 -26.04
N GLY A 262 -0.75 40.14 -27.05
CA GLY A 262 0.60 40.64 -26.85
C GLY A 262 1.70 39.59 -26.84
N ARG A 263 2.92 40.06 -26.63
CA ARG A 263 4.06 39.16 -26.63
C ARG A 263 4.45 38.74 -25.20
N ILE A 264 4.41 37.44 -24.93
CA ILE A 264 4.82 36.92 -23.64
C ILE A 264 6.34 36.80 -23.55
N GLY A 265 6.87 36.88 -22.34
CA GLY A 265 8.30 36.69 -22.13
C GLY A 265 8.96 37.43 -20.96
N LEU A 266 10.24 37.13 -20.75
CA LEU A 266 11.10 37.72 -19.71
C LEU A 266 10.49 37.70 -18.30
N PHE A 267 9.45 38.49 -18.01
CA PHE A 267 8.85 38.40 -16.68
C PHE A 267 7.39 38.02 -16.74
N ARG A 268 6.98 37.13 -15.83
CA ARG A 268 5.61 36.66 -15.78
C ARG A 268 4.66 37.69 -15.18
N ASN A 269 4.40 38.78 -15.90
CA ASN A 269 3.52 39.82 -15.40
C ASN A 269 2.71 40.50 -16.49
N GLN A 270 2.42 39.77 -17.56
CA GLN A 270 1.75 40.33 -18.73
C GLN A 270 0.35 39.73 -19.00
N PRO A 271 -0.50 40.48 -19.74
CA PRO A 271 -1.86 40.01 -20.07
C PRO A 271 -1.85 38.64 -20.74
N GLY A 272 -0.85 38.40 -21.58
CA GLY A 272 -0.65 37.11 -22.22
C GLY A 272 -0.45 35.95 -21.24
N ASP A 273 0.25 36.21 -20.13
CA ASP A 273 0.40 35.20 -19.09
C ASP A 273 -0.94 34.83 -18.45
N LEU A 274 -1.72 35.84 -18.13
CA LEU A 274 -3.00 35.63 -17.48
C LEU A 274 -3.98 34.96 -18.43
N LEU A 275 -3.90 35.31 -19.71
CA LEU A 275 -4.72 34.63 -20.70
C LEU A 275 -4.43 33.12 -20.68
N LEU A 276 -3.14 32.81 -20.88
CA LEU A 276 -2.61 31.45 -20.81
C LEU A 276 -3.05 30.72 -19.54
N GLU A 277 -2.94 31.40 -18.41
CA GLU A 277 -3.39 30.83 -17.16
C GLU A 277 -4.89 30.47 -17.14
N GLN A 278 -5.73 31.32 -17.72
CA GLN A 278 -7.17 31.06 -17.71
C GLN A 278 -7.55 30.01 -18.76
N ALA A 279 -6.70 29.84 -19.76
CA ALA A 279 -6.92 28.84 -20.82
C ALA A 279 -7.06 27.40 -20.31
N ASP A 280 -7.96 26.63 -20.92
CA ASP A 280 -8.05 25.20 -20.64
C ASP A 280 -7.42 24.37 -21.77
N VAL A 281 -7.29 24.98 -22.94
CA VAL A 281 -6.57 24.33 -24.02
C VAL A 281 -5.60 25.33 -24.62
N VAL A 282 -4.33 24.95 -24.68
CA VAL A 282 -3.33 25.81 -25.31
C VAL A 282 -2.75 25.05 -26.47
N LEU A 283 -2.82 25.65 -27.66
CA LEU A 283 -2.18 25.10 -28.86
C LEU A 283 -0.89 25.85 -29.15
N THR A 284 0.24 25.19 -29.06
CA THR A 284 1.50 25.88 -29.31
C THR A 284 1.98 25.57 -30.72
N ILE A 285 2.58 26.58 -31.35
CA ILE A 285 2.94 26.49 -32.76
C ILE A 285 4.39 26.84 -32.93
N GLY A 286 5.20 25.84 -33.29
CA GLY A 286 6.63 26.00 -33.48
C GLY A 286 7.34 26.60 -32.28
N TYR A 287 6.87 26.27 -31.09
CA TYR A 287 7.37 26.86 -29.84
C TYR A 287 8.66 26.19 -29.34
N ASP A 288 9.73 26.98 -29.33
CA ASP A 288 10.98 26.62 -28.68
C ASP A 288 10.99 27.27 -27.28
N PRO A 289 11.02 26.45 -26.21
CA PRO A 289 10.93 26.97 -24.82
C PRO A 289 12.01 27.99 -24.44
N ILE A 290 13.11 28.06 -25.22
CA ILE A 290 14.19 28.98 -24.89
C ILE A 290 13.68 30.43 -24.84
N GLU A 291 12.64 30.72 -25.63
CA GLU A 291 12.07 32.07 -25.62
C GLU A 291 11.34 32.40 -24.34
N TYR A 292 10.80 31.39 -23.66
CA TYR A 292 10.03 31.59 -22.44
C TYR A 292 9.66 30.26 -21.77
N ASP A 293 10.41 29.90 -20.72
CA ASP A 293 10.24 28.60 -20.05
C ASP A 293 8.79 28.33 -19.70
N PRO A 294 8.33 27.10 -19.96
CA PRO A 294 6.92 26.79 -19.67
C PRO A 294 6.60 26.91 -18.17
N LYS A 295 7.60 26.78 -17.32
CA LYS A 295 7.39 26.93 -15.88
C LYS A 295 6.92 28.33 -15.46
N PHE A 296 7.01 29.30 -16.37
CA PHE A 296 6.49 30.65 -16.08
C PHE A 296 5.01 30.86 -16.43
N TRP A 297 4.53 30.31 -17.54
CA TRP A 297 3.13 30.49 -17.88
C TRP A 297 2.23 29.28 -17.59
N ASN A 298 2.75 28.08 -17.77
CA ASN A 298 1.91 26.89 -17.61
C ASN A 298 1.81 26.48 -16.15
N ILE A 299 1.15 27.30 -15.34
CA ILE A 299 1.28 27.14 -13.90
C ILE A 299 -0.02 26.87 -13.16
N ASN A 300 -0.63 27.90 -12.60
CA ASN A 300 -1.68 27.77 -11.57
C ASN A 300 -2.90 27.01 -12.05
N GLY A 301 -2.81 25.69 -12.06
CA GLY A 301 -3.91 24.85 -12.51
C GLY A 301 -3.51 24.00 -13.70
N ASP A 302 -4.47 23.32 -14.29
CA ASP A 302 -4.13 22.47 -15.41
C ASP A 302 -4.79 22.99 -16.68
N ARG A 303 -4.09 22.83 -17.79
CA ARG A 303 -4.67 23.06 -19.10
C ARG A 303 -4.11 22.00 -20.05
N THR A 304 -4.88 21.68 -21.07
CA THR A 304 -4.40 20.76 -22.09
C THR A 304 -3.45 21.52 -23.00
N ILE A 305 -2.31 20.90 -23.31
CA ILE A 305 -1.35 21.46 -24.23
C ILE A 305 -1.31 20.59 -25.47
N ILE A 306 -1.35 21.23 -26.64
CA ILE A 306 -1.20 20.56 -27.92
C ILE A 306 0.05 21.12 -28.59
N HIS A 307 1.10 20.30 -28.70
CA HIS A 307 2.38 20.71 -29.28
C HIS A 307 2.40 20.47 -30.78
N LEU A 308 2.43 21.55 -31.55
CA LEU A 308 2.54 21.48 -33.01
C LEU A 308 3.89 22.07 -33.41
N ASP A 309 4.68 21.25 -34.11
CA ASP A 309 6.08 21.57 -34.34
C ASP A 309 6.68 20.64 -35.39
N GLU A 310 7.81 21.05 -35.96
CA GLU A 310 8.57 20.24 -36.90
C GLU A 310 9.51 19.22 -36.25
N ILE A 311 9.60 19.25 -34.91
CA ILE A 311 10.43 18.31 -34.14
C ILE A 311 9.72 17.99 -32.83
N ILE A 312 10.05 16.86 -32.22
CA ILE A 312 9.30 16.47 -31.02
C ILE A 312 9.60 17.43 -29.85
N ALA A 313 8.68 17.49 -28.89
CA ALA A 313 8.83 18.38 -27.73
C ALA A 313 9.83 17.89 -26.68
N ASP A 314 10.40 18.86 -25.96
CA ASP A 314 11.20 18.61 -24.76
C ASP A 314 10.25 18.47 -23.56
N ILE A 315 10.28 17.33 -22.89
CA ILE A 315 9.43 17.17 -21.73
C ILE A 315 10.01 17.91 -20.52
N ASP A 316 9.11 18.59 -19.81
CA ASP A 316 9.41 19.47 -18.69
C ASP A 316 8.41 19.17 -17.57
N HIS A 317 8.75 19.50 -16.33
CA HIS A 317 7.77 19.45 -15.25
C HIS A 317 6.54 20.28 -15.64
N ALA A 318 6.77 21.44 -16.27
CA ALA A 318 5.68 22.30 -16.70
C ALA A 318 5.39 22.26 -18.21
N TYR A 319 5.74 21.15 -18.89
CA TYR A 319 5.41 20.99 -20.31
C TYR A 319 5.34 19.54 -20.71
N GLN A 320 4.14 18.95 -20.58
CA GLN A 320 3.90 17.55 -20.88
C GLN A 320 2.67 17.47 -21.75
N PRO A 321 2.86 17.63 -23.07
CA PRO A 321 1.77 17.65 -24.06
C PRO A 321 0.89 16.40 -24.01
N ASP A 322 -0.42 16.60 -24.17
CA ASP A 322 -1.38 15.51 -24.33
C ASP A 322 -1.44 15.03 -25.79
N LEU A 323 -1.01 15.88 -26.71
CA LEU A 323 -1.03 15.55 -28.12
C LEU A 323 0.14 16.26 -28.81
N GLU A 324 0.81 15.55 -29.70
CA GLU A 324 1.90 16.12 -30.47
C GLU A 324 1.56 16.06 -31.95
N LEU A 325 1.60 17.19 -32.64
CA LEU A 325 1.39 17.23 -34.08
C LEU A 325 2.71 17.49 -34.79
N ILE A 326 3.45 16.44 -35.10
CA ILE A 326 4.77 16.66 -35.65
C ILE A 326 4.82 16.49 -37.16
N GLY A 327 5.37 17.50 -37.82
CA GLY A 327 5.44 17.50 -39.26
C GLY A 327 5.56 18.92 -39.70
N ASP A 328 5.42 19.17 -40.99
CA ASP A 328 5.58 20.51 -41.54
C ASP A 328 4.54 21.46 -40.96
N ILE A 329 5.01 22.57 -40.41
CA ILE A 329 4.12 23.42 -39.63
C ILE A 329 3.00 24.08 -40.46
N PRO A 330 3.31 24.68 -41.62
CA PRO A 330 2.20 25.34 -42.34
C PRO A 330 1.15 24.36 -42.89
N SER A 331 1.60 23.23 -43.41
CA SER A 331 0.70 22.16 -43.83
C SER A 331 -0.22 21.67 -42.71
N THR A 332 0.33 21.45 -41.53
CA THR A 332 -0.47 20.94 -40.42
C THR A 332 -1.51 21.97 -39.99
N ILE A 333 -1.11 23.24 -39.95
CA ILE A 333 -2.02 24.31 -39.59
C ILE A 333 -3.16 24.36 -40.60
N ASN A 334 -2.83 24.21 -41.88
CA ASN A 334 -3.85 24.23 -42.91
C ASN A 334 -4.86 23.10 -42.73
N HIS A 335 -4.39 21.90 -42.45
CA HIS A 335 -5.30 20.77 -42.29
C HIS A 335 -6.19 21.01 -41.08
N ILE A 336 -5.72 21.76 -40.10
CA ILE A 336 -6.59 22.05 -38.96
C ILE A 336 -7.61 23.11 -39.33
N GLU A 337 -7.16 24.14 -40.03
CA GLU A 337 -8.03 25.22 -40.49
C GLU A 337 -9.15 24.72 -41.41
N HIS A 338 -8.83 23.78 -42.28
CA HIS A 338 -9.79 23.31 -43.25
C HIS A 338 -11.01 22.68 -42.58
N ASP A 339 -10.78 21.91 -41.51
CA ASP A 339 -11.84 21.14 -40.87
C ASP A 339 -12.37 21.73 -39.58
N ALA A 340 -11.82 22.85 -39.11
CA ALA A 340 -12.34 23.42 -37.86
C ALA A 340 -13.41 24.49 -38.13
N VAL A 341 -14.33 24.65 -37.17
CA VAL A 341 -15.34 25.72 -37.23
C VAL A 341 -15.16 26.66 -36.07
N LYS A 342 -15.86 27.79 -36.11
CA LYS A 342 -15.60 28.85 -35.16
C LYS A 342 -15.95 28.45 -33.73
N VAL A 343 -15.11 28.89 -32.82
CA VAL A 343 -15.33 28.74 -31.41
C VAL A 343 -16.30 29.85 -31.01
N GLU A 344 -17.17 29.60 -30.03
CA GLU A 344 -17.99 30.68 -29.48
C GLU A 344 -17.92 30.72 -27.97
N PHE A 345 -17.36 31.80 -27.45
CA PHE A 345 -17.07 31.88 -26.03
C PHE A 345 -18.30 32.18 -25.20
N ALA A 346 -18.45 31.44 -24.11
CA ALA A 346 -19.50 31.69 -23.15
C ALA A 346 -19.33 33.06 -22.50
N GLU A 347 -20.29 33.45 -21.67
CA GLU A 347 -20.30 34.75 -21.04
C GLU A 347 -19.07 34.97 -20.17
N ARG A 348 -18.79 34.00 -19.30
CA ARG A 348 -17.69 34.12 -18.34
C ARG A 348 -16.36 34.39 -19.02
N GLU A 349 -16.14 33.73 -20.14
CA GLU A 349 -14.87 33.82 -20.84
C GLU A 349 -14.77 35.11 -21.66
N GLN A 350 -15.91 35.62 -22.08
CA GLN A 350 -15.91 36.86 -22.84
C GLN A 350 -15.48 38.05 -21.97
N LYS A 351 -15.99 38.12 -20.75
CA LYS A 351 -15.56 39.13 -19.80
C LYS A 351 -14.07 39.01 -19.57
N ILE A 352 -13.60 37.78 -19.34
CA ILE A 352 -12.18 37.52 -19.13
C ILE A 352 -11.33 38.14 -20.22
N LEU A 353 -11.65 37.77 -21.46
CA LEU A 353 -10.94 38.29 -22.62
C LEU A 353 -11.04 39.81 -22.69
N SER A 354 -12.19 40.32 -22.29
CA SER A 354 -12.41 41.77 -22.31
C SER A 354 -11.54 42.47 -21.28
N ASP A 355 -11.56 41.98 -20.05
CA ASP A 355 -10.76 42.55 -18.98
C ASP A 355 -9.30 42.55 -19.39
N LEU A 356 -8.78 41.38 -19.72
CA LEU A 356 -7.39 41.25 -20.19
C LEU A 356 -7.04 42.22 -21.31
N LYS A 357 -7.98 42.46 -22.22
CA LYS A 357 -7.71 43.35 -23.34
C LYS A 357 -7.54 44.80 -22.86
N GLN A 358 -8.25 45.15 -21.80
CA GLN A 358 -8.14 46.50 -21.26
C GLN A 358 -6.87 46.66 -20.42
N TYR A 359 -6.57 45.63 -19.64
CA TYR A 359 -5.31 45.58 -18.92
C TYR A 359 -4.15 45.72 -19.89
N MET A 360 -4.28 45.05 -21.01
CA MET A 360 -3.28 45.18 -22.06
C MET A 360 -3.16 46.62 -22.51
N HIS A 361 -4.29 47.29 -22.69
CA HIS A 361 -4.29 48.64 -23.29
C HIS A 361 -3.77 49.69 -22.33
N GLU A 362 -4.11 49.52 -21.05
CA GLU A 362 -3.60 50.41 -20.03
C GLU A 362 -2.08 50.26 -19.87
N GLY A 363 -1.57 49.04 -20.05
CA GLY A 363 -0.15 48.76 -19.89
C GLY A 363 0.72 49.30 -21.01
N GLU A 364 0.09 49.78 -22.07
CA GLU A 364 0.82 50.29 -23.22
C GLU A 364 0.92 51.81 -23.19
N GLN A 365 0.30 52.42 -22.17
CA GLN A 365 0.23 53.87 -22.11
C GLN A 365 1.26 54.45 -21.15
N VAL A 366 1.82 55.59 -21.54
CA VAL A 366 2.78 56.30 -20.69
C VAL A 366 2.05 56.74 -19.44
N PRO A 367 2.67 56.55 -18.27
CA PRO A 367 2.07 56.90 -16.97
C PRO A 367 1.52 58.33 -16.88
N ALA A 368 0.50 58.50 -16.03
CA ALA A 368 -0.19 59.77 -15.87
C ALA A 368 0.73 60.87 -15.34
N ASP A 369 1.35 60.63 -14.19
CA ASP A 369 2.23 61.61 -13.56
C ASP A 369 3.63 61.63 -14.17
N TRP A 370 3.79 61.08 -15.37
CA TRP A 370 5.10 61.07 -16.00
C TRP A 370 5.50 62.47 -16.41
N LYS A 371 6.63 62.93 -15.90
CA LYS A 371 7.25 64.07 -16.51
C LYS A 371 8.74 63.87 -16.42
N SER A 372 9.44 64.39 -17.41
CA SER A 372 10.86 64.14 -17.59
C SER A 372 11.37 65.03 -18.69
N ASP A 373 12.65 65.37 -18.63
CA ASP A 373 13.29 66.18 -19.66
C ASP A 373 13.71 65.29 -20.83
N ARG A 374 13.61 63.98 -20.62
CA ARG A 374 13.96 62.99 -21.64
C ARG A 374 12.73 62.17 -22.05
N ALA A 375 12.77 61.59 -23.25
CA ALA A 375 11.68 60.73 -23.72
C ALA A 375 11.48 59.54 -22.79
N HIS A 376 10.22 59.26 -22.48
CA HIS A 376 9.83 57.97 -21.95
C HIS A 376 9.97 56.96 -23.08
N PRO A 377 10.38 55.73 -22.75
CA PRO A 377 10.52 54.63 -23.72
C PRO A 377 9.31 54.44 -24.65
N LEU A 378 8.10 54.38 -24.10
CA LEU A 378 6.89 54.20 -24.90
C LEU A 378 6.74 55.29 -25.96
N GLU A 379 7.17 56.49 -25.64
CA GLU A 379 7.18 57.58 -26.62
C GLU A 379 8.15 57.31 -27.78
N ILE A 380 9.26 56.65 -27.47
CA ILE A 380 10.20 56.26 -28.52
C ILE A 380 9.57 55.17 -29.35
N VAL A 381 8.99 54.18 -28.67
CA VAL A 381 8.31 53.06 -29.31
C VAL A 381 7.22 53.56 -30.26
N LYS A 382 6.38 54.44 -29.73
CA LYS A 382 5.27 54.97 -30.49
C LYS A 382 5.76 55.76 -31.70
N GLU A 383 6.60 56.76 -31.46
CA GLU A 383 6.99 57.64 -32.55
C GLU A 383 7.74 56.90 -33.63
N LEU A 384 8.50 55.88 -33.24
CA LEU A 384 9.24 55.06 -34.19
C LEU A 384 8.29 54.20 -35.03
N ARG A 385 7.31 53.59 -34.39
CA ARG A 385 6.34 52.77 -35.11
C ARG A 385 5.65 53.62 -36.19
N ASN A 386 5.12 54.78 -35.80
CA ASN A 386 4.46 55.68 -36.76
C ASN A 386 5.36 56.29 -37.83
N ALA A 387 6.67 56.22 -37.63
CA ALA A 387 7.58 56.84 -38.57
C ALA A 387 8.02 55.84 -39.65
N VAL A 388 7.59 54.60 -39.48
CA VAL A 388 8.16 53.51 -40.24
C VAL A 388 7.06 52.64 -40.86
N ASP A 389 7.11 52.47 -42.18
CA ASP A 389 6.18 51.59 -42.88
C ASP A 389 6.16 50.18 -42.26
N ASP A 390 5.01 49.51 -42.34
CA ASP A 390 4.84 48.12 -41.88
C ASP A 390 5.87 47.14 -42.47
N HIS A 391 6.21 47.32 -43.76
CA HIS A 391 7.07 46.37 -44.46
C HIS A 391 8.55 46.57 -44.15
N VAL A 392 8.89 47.71 -43.55
CA VAL A 392 10.29 47.99 -43.23
C VAL A 392 10.79 47.07 -42.12
N THR A 393 11.96 46.47 -42.32
CA THR A 393 12.54 45.60 -41.32
C THR A 393 13.20 46.41 -40.19
N VAL A 394 12.84 46.06 -38.97
CA VAL A 394 13.41 46.65 -37.74
C VAL A 394 14.19 45.57 -36.94
N THR A 395 15.50 45.76 -36.81
CA THR A 395 16.33 44.86 -36.02
C THR A 395 16.53 45.45 -34.64
N CYS A 396 16.46 44.59 -33.62
CA CYS A 396 16.59 45.05 -32.24
C CYS A 396 17.80 44.40 -31.55
N ASP A 397 18.42 45.13 -30.61
CA ASP A 397 19.59 44.63 -29.85
C ASP A 397 19.13 44.05 -28.51
N ILE A 398 19.98 44.06 -27.49
CA ILE A 398 19.59 43.48 -26.20
C ILE A 398 19.86 44.48 -25.05
N GLY A 399 18.94 44.52 -24.09
CA GLY A 399 18.99 45.46 -22.99
C GLY A 399 17.58 45.89 -22.63
N SER A 400 17.46 46.88 -21.75
CA SER A 400 16.16 47.40 -21.35
C SER A 400 15.31 47.95 -22.50
N HIS A 401 15.97 48.64 -23.44
CA HIS A 401 15.33 49.11 -24.66
C HIS A 401 14.65 47.97 -25.42
N ALA A 402 15.28 46.79 -25.39
CA ALA A 402 14.75 45.62 -26.09
C ALA A 402 13.50 45.06 -25.41
N ILE A 403 13.42 45.19 -24.10
CA ILE A 403 12.21 44.74 -23.41
C ILE A 403 11.04 45.61 -23.85
N TRP A 404 11.29 46.92 -23.98
CA TRP A 404 10.25 47.86 -24.38
C TRP A 404 9.85 47.60 -25.83
N MET A 405 10.84 47.38 -26.68
CA MET A 405 10.56 47.02 -28.06
C MET A 405 9.77 45.71 -28.16
N SER A 406 10.23 44.70 -27.41
CA SER A 406 9.67 43.35 -27.55
C SER A 406 8.23 43.23 -27.07
N ARG A 407 7.85 44.08 -26.11
CA ARG A 407 6.50 43.99 -25.60
C ARG A 407 5.54 44.88 -26.37
N TYR A 408 6.05 46.03 -26.81
CA TYR A 408 5.16 47.13 -27.16
C TYR A 408 5.25 47.63 -28.60
N PHE A 409 6.26 47.21 -29.34
CA PHE A 409 6.43 47.67 -30.71
C PHE A 409 5.74 46.70 -31.64
N ARG A 410 4.66 47.15 -32.27
CA ARG A 410 3.85 46.31 -33.13
C ARG A 410 4.55 45.93 -34.43
N SER A 411 4.32 44.69 -34.87
CA SER A 411 4.81 44.22 -36.16
C SER A 411 3.66 43.54 -36.91
N TYR A 412 3.52 43.83 -38.19
CA TYR A 412 2.33 43.39 -38.93
C TYR A 412 2.68 42.53 -40.14
N GLU A 413 3.97 42.40 -40.40
CA GLU A 413 4.41 41.59 -41.51
C GLU A 413 5.50 40.66 -41.03
N PRO A 414 5.53 39.43 -41.56
CA PRO A 414 6.56 38.43 -41.23
C PRO A 414 7.97 38.99 -41.40
N LEU A 415 8.86 38.76 -40.42
CA LEU A 415 10.26 39.13 -40.51
C LEU A 415 10.50 40.63 -40.61
N THR A 416 9.77 41.41 -39.83
CA THR A 416 10.01 42.86 -39.84
C THR A 416 10.40 43.36 -38.45
N LEU A 417 10.40 42.44 -37.49
CA LEU A 417 10.94 42.76 -36.17
C LEU A 417 11.82 41.60 -35.72
N MET A 418 13.14 41.78 -35.74
CA MET A 418 14.06 40.72 -35.37
C MET A 418 14.67 40.97 -33.98
N ILE A 419 14.49 39.99 -33.11
CA ILE A 419 14.99 40.02 -31.73
C ILE A 419 15.85 38.79 -31.40
N SER A 420 16.98 39.01 -30.74
CA SER A 420 17.77 37.88 -30.26
C SER A 420 17.13 37.35 -29.00
N ASN A 421 16.27 36.36 -29.13
CA ASN A 421 15.56 35.85 -27.96
C ASN A 421 15.98 34.42 -27.61
N GLY A 422 17.19 34.02 -28.00
CA GLY A 422 17.72 32.72 -27.64
C GLY A 422 18.92 32.87 -26.71
N MET A 423 19.94 33.59 -27.17
CA MET A 423 21.13 33.84 -26.37
C MET A 423 21.15 35.24 -25.76
N GLN A 424 20.29 36.13 -26.27
CA GLN A 424 20.23 37.51 -25.81
C GLN A 424 21.57 38.20 -26.00
N THR A 425 22.13 38.03 -27.19
CA THR A 425 23.49 38.48 -27.51
C THR A 425 23.59 39.96 -27.79
N LEU A 426 24.43 40.67 -27.05
CA LEU A 426 24.60 42.11 -27.30
C LEU A 426 25.30 42.39 -28.63
N GLY A 427 24.90 43.49 -29.27
CA GLY A 427 25.57 43.97 -30.46
C GLY A 427 25.08 43.36 -31.76
N VAL A 428 23.95 42.65 -31.74
CA VAL A 428 23.45 42.02 -32.95
C VAL A 428 22.69 42.95 -33.91
N ALA A 429 22.10 44.02 -33.37
CA ALA A 429 21.19 44.87 -34.17
C ALA A 429 21.82 45.44 -35.44
N LEU A 430 22.89 46.22 -35.28
CA LEU A 430 23.47 46.92 -36.42
C LEU A 430 23.96 45.94 -37.50
N PRO A 431 24.69 44.87 -37.11
CA PRO A 431 25.09 43.92 -38.16
C PRO A 431 23.90 43.13 -38.76
N TRP A 432 22.84 42.91 -37.98
CA TRP A 432 21.64 42.28 -38.53
C TRP A 432 20.97 43.16 -39.60
N ALA A 433 21.10 44.48 -39.45
CA ALA A 433 20.48 45.45 -40.36
C ALA A 433 21.30 45.55 -41.62
N ILE A 434 22.61 45.36 -41.50
CA ILE A 434 23.47 45.33 -42.66
C ILE A 434 23.11 44.10 -43.50
N GLY A 435 22.94 42.96 -42.84
CA GLY A 435 22.47 41.75 -43.50
C GLY A 435 21.11 41.95 -44.14
N ALA A 436 20.17 42.54 -43.40
CA ALA A 436 18.84 42.85 -43.94
C ALA A 436 18.89 43.69 -45.24
N SER A 437 19.66 44.78 -45.23
CA SER A 437 19.69 45.67 -46.40
C SER A 437 20.23 45.00 -47.64
N LEU A 438 21.20 44.10 -47.46
CA LEU A 438 21.68 43.31 -48.58
C LEU A 438 20.63 42.33 -49.12
N VAL A 439 19.69 41.93 -48.26
CA VAL A 439 18.64 40.97 -48.61
C VAL A 439 17.46 41.72 -49.21
N LYS A 440 17.33 42.97 -48.76
CA LYS A 440 16.28 43.84 -49.22
C LYS A 440 16.88 45.14 -49.79
N PRO A 441 17.49 45.07 -50.98
CA PRO A 441 18.09 46.26 -51.57
C PRO A 441 17.02 47.31 -51.90
N GLY A 442 17.34 48.59 -51.69
CA GLY A 442 16.43 49.68 -51.98
C GLY A 442 15.41 49.98 -50.89
N GLU A 443 15.60 49.38 -49.71
CA GLU A 443 14.69 49.66 -48.61
C GLU A 443 15.48 50.14 -47.41
N LYS A 444 14.88 51.06 -46.68
CA LYS A 444 15.39 51.45 -45.40
C LYS A 444 15.37 50.23 -44.49
N VAL A 445 16.35 50.14 -43.62
CA VAL A 445 16.30 49.16 -42.57
C VAL A 445 16.59 49.90 -41.27
N VAL A 446 15.80 49.63 -40.24
CA VAL A 446 15.99 50.31 -38.97
C VAL A 446 16.57 49.35 -37.93
N SER A 447 17.61 49.82 -37.21
CA SER A 447 18.17 49.05 -36.10
C SER A 447 18.15 49.83 -34.79
N VAL A 448 17.85 49.12 -33.71
CA VAL A 448 17.65 49.72 -32.40
C VAL A 448 18.57 49.07 -31.35
N SER A 449 19.33 49.88 -30.62
CA SER A 449 20.15 49.33 -29.53
C SER A 449 20.17 50.23 -28.31
N GLY A 450 20.84 49.77 -27.27
CA GLY A 450 21.16 50.61 -26.13
C GLY A 450 22.55 51.14 -26.38
N ASP A 451 23.04 51.99 -25.49
CA ASP A 451 24.38 52.58 -25.63
C ASP A 451 25.48 51.53 -25.40
N GLY A 452 25.28 50.65 -24.43
CA GLY A 452 26.26 49.64 -24.10
C GLY A 452 26.43 48.59 -25.17
N GLY A 453 25.33 48.02 -25.62
CA GLY A 453 25.38 47.04 -26.70
C GLY A 453 25.82 47.67 -28.00
N PHE A 454 25.61 48.98 -28.15
CA PHE A 454 26.02 49.66 -29.38
C PHE A 454 27.52 49.45 -29.68
N LEU A 455 28.37 49.53 -28.65
CA LEU A 455 29.82 49.51 -28.83
C LEU A 455 30.37 48.11 -29.09
N PHE A 456 29.54 47.10 -28.81
CA PHE A 456 29.90 45.71 -29.12
C PHE A 456 30.15 45.47 -30.61
N SER A 457 29.51 46.25 -31.47
CA SER A 457 29.63 46.00 -32.92
C SER A 457 29.58 47.25 -33.77
N ALA A 458 29.66 48.42 -33.13
CA ALA A 458 29.51 49.71 -33.82
C ALA A 458 30.58 49.94 -34.90
N MET A 459 31.74 49.30 -34.73
CA MET A 459 32.80 49.19 -35.73
C MET A 459 32.31 48.91 -37.16
N GLU A 460 31.25 48.12 -37.24
CA GLU A 460 30.75 47.60 -38.51
C GLU A 460 29.98 48.67 -39.26
N LEU A 461 29.96 49.88 -38.71
CA LEU A 461 29.42 51.06 -39.39
C LEU A 461 30.24 51.37 -40.64
N GLU A 462 31.52 51.02 -40.60
CA GLU A 462 32.40 51.26 -41.74
C GLU A 462 31.97 50.44 -42.95
N THR A 463 31.55 49.22 -42.68
CA THR A 463 31.01 48.34 -43.70
C THR A 463 29.74 48.96 -44.32
N ALA A 464 28.81 49.38 -43.46
CA ALA A 464 27.57 50.00 -43.91
C ALA A 464 27.81 51.24 -44.78
N VAL A 465 28.75 52.09 -44.37
CA VAL A 465 29.08 53.27 -45.15
C VAL A 465 29.70 52.83 -46.47
N ARG A 466 30.59 51.84 -46.40
CA ARG A 466 31.24 51.34 -47.60
C ARG A 466 30.23 50.79 -48.59
N LEU A 467 29.07 50.36 -48.10
CA LEU A 467 28.02 49.80 -48.94
C LEU A 467 26.94 50.84 -49.29
N LYS A 468 26.97 51.97 -48.61
CA LYS A 468 25.94 53.01 -48.75
C LYS A 468 24.57 52.48 -48.39
N ALA A 469 24.57 51.48 -47.49
CA ALA A 469 23.35 50.93 -46.90
C ALA A 469 22.46 51.99 -46.27
N PRO A 470 21.15 51.94 -46.56
CA PRO A 470 20.15 52.86 -45.96
C PRO A 470 19.72 52.41 -44.57
N ILE A 471 20.68 52.30 -43.66
CA ILE A 471 20.33 51.92 -42.30
C ILE A 471 20.14 53.16 -41.44
N VAL A 472 19.14 53.11 -40.57
CA VAL A 472 18.91 54.17 -39.62
C VAL A 472 19.05 53.53 -38.24
N HIS A 473 20.13 53.85 -37.53
CA HIS A 473 20.35 53.20 -36.24
C HIS A 473 20.00 54.15 -35.08
N ILE A 474 19.08 53.70 -34.25
CA ILE A 474 18.63 54.44 -33.08
C ILE A 474 19.32 53.98 -31.78
N VAL A 475 19.99 54.90 -31.10
CA VAL A 475 20.64 54.58 -29.83
C VAL A 475 19.81 55.09 -28.65
N TRP A 476 19.34 54.18 -27.79
CA TRP A 476 18.74 54.60 -26.53
C TRP A 476 19.87 54.96 -25.58
N ASN A 477 20.01 56.24 -25.26
CA ASN A 477 21.17 56.70 -24.49
C ASN A 477 20.85 57.00 -23.03
N ASP A 478 21.41 56.20 -22.13
CA ASP A 478 21.30 56.47 -20.69
C ASP A 478 22.64 56.33 -19.93
N SER A 479 23.68 55.86 -20.62
CA SER A 479 25.04 55.71 -20.06
C SER A 479 25.23 54.65 -18.95
N THR A 480 24.34 53.64 -18.88
CA THR A 480 24.54 52.47 -18.01
C THR A 480 24.06 51.16 -18.66
N TYR A 481 24.58 50.03 -18.18
CA TYR A 481 24.02 48.71 -18.49
C TYR A 481 22.78 48.52 -17.64
N ASP A 482 21.66 49.08 -18.09
CA ASP A 482 20.46 49.17 -17.27
C ASP A 482 19.69 47.86 -16.97
N MET A 483 19.61 46.94 -17.94
CA MET A 483 18.76 45.75 -17.73
C MET A 483 19.31 44.90 -16.58
N VAL A 484 20.64 44.83 -16.48
CA VAL A 484 21.32 44.24 -15.35
C VAL A 484 21.07 45.04 -14.06
N ALA A 485 21.24 46.36 -14.14
CA ALA A 485 21.15 47.24 -12.98
C ALA A 485 19.82 47.17 -12.23
N PHE A 486 18.68 47.13 -12.93
CA PHE A 486 17.38 47.15 -12.23
C PHE A 486 17.02 45.74 -11.72
N GLN A 487 17.56 44.70 -12.36
CA GLN A 487 17.46 43.36 -11.79
C GLN A 487 18.31 43.25 -10.52
N GLN A 488 19.45 43.96 -10.52
CA GLN A 488 20.34 43.97 -9.37
C GLN A 488 19.69 44.70 -8.19
N LEU A 489 18.92 45.75 -8.50
CA LEU A 489 18.24 46.52 -7.45
C LEU A 489 17.06 45.72 -6.88
N LYS A 490 16.36 44.98 -7.75
CA LYS A 490 15.23 44.16 -7.34
C LYS A 490 15.68 42.91 -6.58
N LYS A 491 16.98 42.61 -6.62
CA LYS A 491 17.55 41.46 -5.91
C LYS A 491 18.40 41.88 -4.69
N TYR A 492 19.22 42.92 -4.87
CA TYR A 492 20.26 43.25 -3.89
C TYR A 492 20.21 44.69 -3.36
N ASN A 493 19.27 45.51 -3.86
CA ASN A 493 19.15 46.91 -3.43
C ASN A 493 20.42 47.74 -3.63
N ARG A 494 21.26 47.26 -4.55
CA ARG A 494 22.47 47.95 -4.95
C ARG A 494 22.87 47.42 -6.32
N THR A 495 23.52 48.27 -7.12
CA THR A 495 24.00 47.87 -8.44
C THR A 495 25.50 47.60 -8.41
N SER A 496 25.99 46.87 -9.42
CA SER A 496 27.40 46.52 -9.51
C SER A 496 27.87 46.44 -10.97
N ALA A 497 28.88 47.24 -11.30
CA ALA A 497 29.55 47.19 -12.61
C ALA A 497 28.62 47.52 -13.80
N VAL A 498 27.70 48.45 -13.61
CA VAL A 498 26.75 48.78 -14.67
C VAL A 498 27.01 50.16 -15.25
N ASP A 499 27.93 50.90 -14.66
CA ASP A 499 28.23 52.27 -15.08
C ASP A 499 29.42 52.36 -16.04
N PHE A 500 29.22 53.08 -17.14
CA PHE A 500 30.35 53.44 -18.01
C PHE A 500 30.21 54.90 -18.45
N GLY A 501 31.24 55.43 -19.08
CA GLY A 501 31.18 56.80 -19.59
C GLY A 501 30.33 56.80 -20.84
N ASN A 502 30.08 57.98 -21.40
CA ASN A 502 29.42 58.03 -22.69
C ASN A 502 30.29 58.67 -23.76
N ILE A 503 29.76 58.74 -24.98
CA ILE A 503 30.50 59.26 -26.09
C ILE A 503 29.60 60.15 -26.90
N ASP A 504 30.17 60.92 -27.82
CA ASP A 504 29.35 61.69 -28.72
C ASP A 504 29.02 60.82 -29.93
N ILE A 505 27.80 60.26 -29.91
CA ILE A 505 27.31 59.38 -30.95
C ILE A 505 27.30 60.08 -32.31
N VAL A 506 26.89 61.35 -32.32
CA VAL A 506 26.88 62.12 -33.55
C VAL A 506 28.27 62.22 -34.20
N LYS A 507 29.29 62.58 -33.41
CA LYS A 507 30.64 62.65 -33.99
C LYS A 507 31.30 61.28 -34.16
N TYR A 508 30.81 60.28 -33.43
CA TYR A 508 31.16 58.90 -33.75
C TYR A 508 30.74 58.56 -35.18
N ALA A 509 29.45 58.77 -35.45
CA ALA A 509 28.88 58.50 -36.76
C ALA A 509 29.60 59.27 -37.85
N GLU A 510 29.87 60.55 -37.59
CA GLU A 510 30.53 61.35 -38.61
C GLU A 510 31.96 60.90 -38.88
N SER A 511 32.66 60.38 -37.87
CA SER A 511 34.04 59.96 -38.07
C SER A 511 34.12 58.77 -39.03
N PHE A 512 32.97 58.13 -39.24
CA PHE A 512 32.86 57.02 -40.21
C PHE A 512 32.34 57.48 -41.57
N GLY A 513 32.04 58.75 -41.71
CA GLY A 513 31.50 59.24 -42.97
C GLY A 513 30.01 58.97 -43.03
N ALA A 514 29.41 58.67 -41.88
CA ALA A 514 27.98 58.52 -41.79
C ALA A 514 27.34 59.79 -41.25
N THR A 515 26.03 59.78 -41.18
CA THR A 515 25.24 60.91 -40.75
C THR A 515 24.81 60.76 -39.29
N GLY A 516 25.01 61.80 -38.49
CA GLY A 516 24.63 61.71 -37.09
C GLY A 516 23.55 62.71 -36.73
N LEU A 517 22.53 62.25 -36.03
CA LEU A 517 21.43 63.12 -35.59
C LEU A 517 21.23 62.99 -34.07
N ARG A 518 20.73 64.06 -33.46
CA ARG A 518 20.47 64.01 -32.03
C ARG A 518 19.08 64.59 -31.71
N VAL A 519 18.39 63.94 -30.78
CA VAL A 519 17.12 64.40 -30.26
C VAL A 519 17.38 65.27 -29.04
N GLU A 520 17.52 66.58 -29.25
CA GLU A 520 17.88 67.49 -28.16
C GLU A 520 16.77 67.64 -27.14
N SER A 521 15.53 67.31 -27.53
CA SER A 521 14.41 67.37 -26.60
C SER A 521 13.27 66.48 -27.09
N PRO A 522 12.59 65.82 -26.14
CA PRO A 522 11.58 64.79 -26.45
C PRO A 522 10.53 65.21 -27.48
N ASP A 523 10.29 66.51 -27.60
CA ASP A 523 9.27 67.01 -28.52
C ASP A 523 9.73 67.00 -29.98
N GLN A 524 11.04 66.99 -30.22
CA GLN A 524 11.52 66.95 -31.59
C GLN A 524 11.78 65.53 -32.07
N LEU A 525 11.19 64.57 -31.36
CA LEU A 525 11.43 63.14 -31.59
C LEU A 525 10.93 62.66 -32.95
N ALA A 526 9.72 63.06 -33.32
CA ALA A 526 9.16 62.69 -34.60
C ALA A 526 9.95 63.30 -35.77
N ASP A 527 10.44 64.50 -35.57
CA ASP A 527 11.09 65.21 -36.65
C ASP A 527 12.47 64.65 -36.92
N VAL A 528 13.23 64.40 -35.87
CA VAL A 528 14.55 63.83 -36.05
C VAL A 528 14.44 62.42 -36.65
N LEU A 529 13.39 61.68 -36.28
CA LEU A 529 13.15 60.34 -36.84
C LEU A 529 12.81 60.40 -38.33
N ARG A 530 11.82 61.23 -38.68
CA ARG A 530 11.46 61.42 -40.08
C ARG A 530 12.66 61.89 -40.89
N GLN A 531 13.45 62.76 -40.29
CA GLN A 531 14.65 63.26 -40.96
C GLN A 531 15.66 62.14 -41.24
N GLY A 532 15.75 61.20 -40.31
CA GLY A 532 16.61 60.04 -40.47
C GLY A 532 16.11 59.11 -41.56
N MET A 533 14.80 58.93 -41.63
CA MET A 533 14.20 58.11 -42.67
C MET A 533 14.45 58.66 -44.08
N ASN A 534 14.70 59.96 -44.19
CA ASN A 534 14.84 60.57 -45.50
C ASN A 534 16.29 60.72 -45.92
N ALA A 535 17.20 60.43 -44.98
CA ALA A 535 18.63 60.58 -45.24
C ALA A 535 19.15 59.52 -46.19
N GLU A 536 20.12 59.89 -47.00
CA GLU A 536 20.84 58.94 -47.84
C GLU A 536 22.03 58.40 -47.06
N GLY A 537 22.35 57.13 -47.27
CA GLY A 537 23.44 56.52 -46.55
C GLY A 537 23.08 56.30 -45.10
N PRO A 538 23.95 55.58 -44.38
CA PRO A 538 23.75 55.28 -42.95
C PRO A 538 23.54 56.53 -42.09
N VAL A 539 22.60 56.46 -41.15
CA VAL A 539 22.46 57.50 -40.13
C VAL A 539 22.32 56.90 -38.73
N ILE A 540 23.07 57.46 -37.77
CA ILE A 540 22.89 57.11 -36.36
C ILE A 540 22.13 58.23 -35.66
N ILE A 541 21.23 57.88 -34.74
CA ILE A 541 20.45 58.87 -34.03
C ILE A 541 20.57 58.71 -32.53
N ASP A 542 21.02 59.77 -31.87
CA ASP A 542 21.15 59.82 -30.42
C ASP A 542 19.81 60.18 -29.80
N VAL A 543 19.25 59.26 -29.02
CA VAL A 543 17.98 59.50 -28.37
C VAL A 543 18.10 59.35 -26.86
N PRO A 544 18.20 60.50 -26.14
CA PRO A 544 18.20 60.45 -24.67
C PRO A 544 16.96 59.77 -24.17
N VAL A 545 17.08 58.93 -23.16
CA VAL A 545 15.92 58.27 -22.58
CA VAL A 545 15.97 58.20 -22.58
C VAL A 545 15.92 58.39 -21.06
N ASP A 546 14.72 58.39 -20.51
CA ASP A 546 14.54 58.35 -19.08
C ASP A 546 14.15 56.91 -18.77
N TYR A 547 14.91 56.28 -17.87
CA TYR A 547 14.77 54.86 -17.63
C TYR A 547 14.18 54.59 -16.25
N SER A 548 13.61 55.62 -15.65
CA SER A 548 13.15 55.53 -14.26
C SER A 548 11.97 54.59 -14.11
N ASP A 549 11.30 54.32 -15.22
CA ASP A 549 10.11 53.47 -15.18
C ASP A 549 10.53 52.01 -15.24
N ASN A 550 11.77 51.77 -15.66
CA ASN A 550 12.23 50.44 -16.06
C ASN A 550 12.10 49.32 -15.06
N ILE A 551 12.08 49.64 -13.77
CA ILE A 551 12.04 48.58 -12.76
C ILE A 551 10.63 47.98 -12.72
N ASN A 552 9.64 48.76 -13.15
CA ASN A 552 8.25 48.32 -13.24
C ASN A 552 7.97 47.27 -14.33
N LEU A 553 8.98 47.00 -15.17
CA LEU A 553 8.90 45.93 -16.17
C LEU A 553 8.91 44.56 -15.51
N ALA A 554 9.62 44.44 -14.41
CA ALA A 554 9.66 43.20 -13.65
C ALA A 554 8.72 43.26 -12.46
N SER A 555 7.76 44.19 -12.50
CA SER A 555 6.88 44.39 -11.37
C SER A 555 5.79 43.34 -11.31
N ASP A 556 5.24 43.16 -10.11
CA ASP A 556 4.32 42.07 -9.81
C ASP A 556 2.84 42.50 -9.68
N LYS A 557 2.53 43.77 -9.95
CA LYS A 557 1.18 44.31 -9.70
C LYS A 557 0.07 43.70 -10.54
N LEU A 558 0.26 43.67 -11.85
CA LEU A 558 -0.81 43.19 -12.74
C LEU A 558 -1.30 41.79 -12.38
N PRO A 559 -0.36 40.83 -12.16
CA PRO A 559 -0.88 39.51 -11.74
C PRO A 559 -1.70 39.60 -10.46
N LYS A 560 -1.19 40.33 -9.46
CA LYS A 560 -1.91 40.48 -8.19
C LYS A 560 -3.28 41.13 -8.33
N GLU A 561 -3.33 42.27 -9.02
CA GLU A 561 -4.58 42.99 -9.22
C GLU A 561 -5.64 42.14 -9.93
N PHE A 562 -5.20 41.35 -10.91
CA PHE A 562 -6.13 40.49 -11.63
C PHE A 562 -6.57 39.31 -10.77
N GLY A 563 -5.70 38.87 -9.87
CA GLY A 563 -6.01 37.77 -8.98
C GLY A 563 -7.12 38.13 -7.99
N GLU A 564 -7.21 39.41 -7.65
CA GLU A 564 -8.28 39.90 -6.79
C GLU A 564 -9.54 40.17 -7.62
N LEU A 565 -9.35 40.52 -8.88
CA LEU A 565 -10.47 40.65 -9.83
C LEU A 565 -11.08 39.27 -10.13
N MET A 566 -10.46 38.22 -9.58
CA MET A 566 -11.00 36.86 -9.66
C MET A 566 -11.05 36.27 -8.25
N ASN B 15 26.88 35.24 3.01
CA ASN B 15 27.75 34.05 2.94
C ASN B 15 27.22 32.96 2.00
N ARG B 16 27.12 33.32 0.72
CA ARG B 16 26.76 32.39 -0.34
C ARG B 16 28.03 31.91 -1.07
N GLY B 17 27.84 31.02 -2.04
CA GLY B 17 28.94 30.59 -2.90
C GLY B 17 29.66 31.78 -3.51
N ALA B 18 28.89 32.77 -3.94
CA ALA B 18 29.41 34.05 -4.37
C ALA B 18 30.46 34.61 -3.40
N GLU B 19 30.18 34.51 -2.09
CA GLU B 19 31.15 34.97 -1.10
C GLU B 19 32.41 34.09 -1.09
N LEU B 20 32.22 32.79 -1.24
CA LEU B 20 33.37 31.89 -1.32
C LEU B 20 34.29 32.26 -2.46
N VAL B 21 33.70 32.60 -3.62
CA VAL B 21 34.47 33.01 -4.78
C VAL B 21 35.31 34.24 -4.50
N VAL B 22 34.73 35.21 -3.79
CA VAL B 22 35.43 36.47 -3.61
C VAL B 22 36.52 36.32 -2.55
N ASP B 23 36.32 35.39 -1.62
CA ASP B 23 37.35 35.11 -0.63
C ASP B 23 38.59 34.56 -1.34
N CYS B 24 38.36 33.68 -2.31
CA CYS B 24 39.44 33.09 -3.05
C CYS B 24 40.23 34.18 -3.74
N LEU B 25 39.52 35.14 -4.32
CA LEU B 25 40.19 36.23 -5.01
C LEU B 25 41.08 37.02 -4.06
N VAL B 26 40.57 37.25 -2.85
CA VAL B 26 41.35 37.99 -1.87
C VAL B 26 42.58 37.20 -1.46
N GLU B 27 42.42 35.89 -1.23
CA GLU B 27 43.57 35.07 -0.82
C GLU B 27 44.65 34.98 -1.89
N GLN B 28 44.25 35.08 -3.16
CA GLN B 28 45.19 35.02 -4.29
C GLN B 28 45.90 36.33 -4.56
N GLY B 29 45.54 37.39 -3.83
CA GLY B 29 46.15 38.68 -4.01
C GLY B 29 45.73 39.38 -5.29
N VAL B 30 44.51 39.12 -5.74
CA VAL B 30 44.02 39.68 -7.00
C VAL B 30 43.56 41.13 -6.82
N THR B 31 44.08 42.01 -7.67
CA THR B 31 43.75 43.43 -7.55
C THR B 31 42.71 43.84 -8.58
N VAL B 33 40.20 42.55 -11.40
CA VAL B 33 39.09 41.79 -12.03
C VAL B 33 38.35 42.51 -13.16
N PHE B 34 38.39 41.92 -14.35
CA PHE B 34 37.82 42.53 -15.55
C PHE B 34 36.57 41.83 -15.99
N GLY B 35 35.52 42.57 -16.27
CA GLY B 35 34.33 41.92 -16.80
C GLY B 35 33.08 42.74 -17.12
N ILE B 36 32.00 41.99 -17.35
CA ILE B 36 30.72 42.52 -17.73
C ILE B 36 29.67 41.69 -16.99
N PRO B 37 28.80 42.35 -16.18
CA PRO B 37 27.78 41.62 -15.41
C PRO B 37 26.62 41.09 -16.25
N GLY B 38 25.80 40.27 -15.60
CA GLY B 38 24.64 39.65 -16.20
C GLY B 38 23.94 38.87 -15.10
N ALA B 39 22.73 38.38 -15.39
CA ALA B 39 21.84 37.85 -14.37
C ALA B 39 22.39 36.60 -13.72
N LYS B 40 22.99 35.74 -14.52
CA LYS B 40 23.45 34.45 -14.04
C LYS B 40 24.62 34.59 -13.05
N ILE B 41 25.52 35.53 -13.31
CA ILE B 41 26.70 35.75 -12.45
C ILE B 41 26.54 36.93 -11.45
N ASP B 42 25.35 37.55 -11.45
CA ASP B 42 24.92 38.55 -10.46
C ASP B 42 25.54 38.50 -9.08
N ALA B 43 25.33 37.37 -8.40
CA ALA B 43 25.71 37.19 -7.01
C ALA B 43 27.19 37.53 -6.75
N VAL B 44 28.07 37.07 -7.64
CA VAL B 44 29.49 37.34 -7.49
C VAL B 44 29.81 38.83 -7.57
N PHE B 45 29.14 39.55 -8.48
CA PHE B 45 29.34 41.00 -8.62
C PHE B 45 28.79 41.74 -7.39
N ASP B 46 27.75 41.21 -6.83
CA ASP B 46 27.18 41.78 -5.62
C ASP B 46 28.17 41.64 -4.45
N ALA B 47 28.73 40.46 -4.30
CA ALA B 47 29.69 40.20 -3.23
C ALA B 47 31.00 41.00 -3.44
N LEU B 48 31.27 41.43 -4.66
CA LEU B 48 32.39 42.33 -4.93
C LEU B 48 32.15 43.74 -4.40
N GLN B 49 30.88 44.10 -4.20
CA GLN B 49 30.55 45.42 -3.62
C GLN B 49 31.03 45.51 -2.17
N ASP B 50 30.99 44.38 -1.47
CA ASP B 50 31.41 44.32 -0.08
C ASP B 50 32.94 44.38 0.04
N LYS B 51 33.60 43.35 -0.46
CA LYS B 51 35.05 43.33 -0.40
C LYS B 51 35.62 42.62 -1.60
N GLY B 52 36.90 42.85 -1.86
CA GLY B 52 37.59 42.17 -2.94
C GLY B 52 38.30 43.11 -3.88
N PRO B 53 38.76 42.60 -5.01
CA PRO B 53 39.47 43.38 -6.05
C PRO B 53 38.57 44.45 -6.71
N GLU B 54 39.19 45.47 -7.29
CA GLU B 54 38.47 46.49 -8.05
C GLU B 54 37.90 45.94 -9.34
N ILE B 55 36.61 46.17 -9.57
CA ILE B 55 36.02 45.80 -10.83
C ILE B 55 36.38 46.79 -11.93
N ILE B 56 36.95 46.29 -13.01
CA ILE B 56 37.12 47.06 -14.22
C ILE B 56 36.05 46.61 -15.21
N VAL B 57 35.14 47.51 -15.58
CA VAL B 57 34.02 47.19 -16.49
C VAL B 57 34.44 47.37 -17.94
N ALA B 58 34.23 46.34 -18.75
CA ALA B 58 34.71 46.34 -20.14
C ALA B 58 33.58 46.58 -21.14
N ARG B 59 33.95 46.98 -22.36
CA ARG B 59 32.99 47.16 -23.43
C ARG B 59 32.80 45.89 -24.29
N HIS B 60 33.46 44.81 -23.89
CA HIS B 60 33.39 43.54 -24.61
C HIS B 60 34.19 42.48 -23.88
N GLU B 61 33.61 41.30 -23.70
CA GLU B 61 34.30 40.22 -23.03
C GLU B 61 35.60 39.83 -23.71
N GLN B 62 35.67 39.98 -25.04
CA GLN B 62 36.90 39.75 -25.75
C GLN B 62 38.01 40.56 -25.10
N ASN B 63 37.71 41.83 -24.88
CA ASN B 63 38.67 42.78 -24.31
C ASN B 63 38.94 42.58 -22.81
N ALA B 64 37.94 42.12 -22.06
CA ALA B 64 38.20 41.76 -20.68
C ALA B 64 39.26 40.66 -20.66
N ALA B 65 39.13 39.72 -21.59
CA ALA B 65 40.08 38.61 -21.71
C ALA B 65 41.47 39.12 -22.07
N PHE B 66 41.55 39.95 -23.09
CA PHE B 66 42.83 40.54 -23.48
C PHE B 66 43.52 41.27 -22.32
N MET B 67 42.73 42.01 -21.55
CA MET B 67 43.25 42.75 -20.40
C MET B 67 43.77 41.81 -19.33
N ALA B 68 42.99 40.77 -19.00
CA ALA B 68 43.46 39.77 -18.06
C ALA B 68 44.76 39.15 -18.55
N GLN B 69 44.84 38.88 -19.85
CA GLN B 69 46.03 38.32 -20.44
C GLN B 69 47.24 39.20 -20.11
N ALA B 70 47.09 40.51 -20.29
CA ALA B 70 48.19 41.43 -20.05
C ALA B 70 48.65 41.40 -18.59
N VAL B 71 47.70 41.43 -17.67
CA VAL B 71 48.01 41.35 -16.26
C VAL B 71 48.83 40.09 -15.93
N GLY B 72 48.42 38.96 -16.52
CA GLY B 72 49.10 37.71 -16.32
C GLY B 72 50.52 37.72 -16.88
N ARG B 73 50.67 38.17 -18.11
CA ARG B 73 52.00 38.30 -18.72
C ARG B 73 52.92 39.24 -17.92
N LEU B 74 52.34 40.24 -17.27
CA LEU B 74 53.15 41.28 -16.65
C LEU B 74 53.43 41.02 -15.16
N THR B 75 52.68 40.14 -14.51
CA THR B 75 52.85 39.99 -13.07
C THR B 75 53.13 38.56 -12.64
N GLY B 76 52.88 37.61 -13.53
CA GLY B 76 53.07 36.21 -13.18
C GLY B 76 51.99 35.65 -12.27
N LYS B 77 50.91 36.39 -12.04
CA LYS B 77 49.76 35.86 -11.30
C LYS B 77 48.52 35.67 -12.19
N GLY B 79 45.77 36.94 -14.01
CA GLY B 79 44.82 37.75 -14.77
C GLY B 79 43.41 37.18 -14.60
N VAL B 80 42.47 37.99 -14.11
CA VAL B 80 41.15 37.45 -13.76
C VAL B 80 40.00 38.13 -14.52
N VAL B 81 39.17 37.32 -15.16
CA VAL B 81 38.05 37.87 -15.91
C VAL B 81 36.74 37.21 -15.46
N LEU B 82 35.70 38.02 -15.30
CA LEU B 82 34.40 37.56 -14.77
C LEU B 82 33.23 37.95 -15.69
N VAL B 83 32.52 36.94 -16.19
CA VAL B 83 31.45 37.16 -17.17
C VAL B 83 30.21 36.34 -16.86
N THR B 84 29.09 36.70 -17.50
CA THR B 84 27.84 35.98 -17.27
C THR B 84 27.73 34.78 -18.20
N SER B 85 26.62 34.07 -18.10
CA SER B 85 26.36 32.91 -18.97
C SER B 85 26.14 33.21 -20.46
N GLY B 86 25.97 32.13 -21.22
CA GLY B 86 25.71 32.22 -22.64
C GLY B 86 26.67 33.07 -23.46
N PRO B 87 26.17 34.19 -24.00
CA PRO B 87 27.07 34.90 -24.92
C PRO B 87 28.17 35.64 -24.14
N GLY B 88 27.98 35.86 -22.84
CA GLY B 88 29.01 36.44 -22.01
C GLY B 88 30.23 35.53 -21.93
N ALA B 89 29.99 34.24 -21.80
CA ALA B 89 31.06 33.27 -21.67
C ALA B 89 31.67 32.91 -23.03
N SER B 90 30.83 32.77 -24.07
CA SER B 90 31.35 32.37 -25.38
C SER B 90 32.19 33.49 -25.99
N ASN B 91 31.92 34.71 -25.55
CA ASN B 91 32.71 35.85 -25.97
C ASN B 91 34.18 35.86 -25.43
N LEU B 92 34.52 34.92 -24.53
CA LEU B 92 35.90 34.80 -24.05
C LEU B 92 36.80 33.91 -24.91
N ALA B 93 36.20 33.23 -25.90
CA ALA B 93 36.86 32.16 -26.64
C ALA B 93 38.23 32.55 -27.14
N THR B 94 38.26 33.53 -28.04
CA THR B 94 39.51 33.98 -28.61
C THR B 94 40.52 34.41 -27.54
N GLY B 95 40.09 35.26 -26.61
CA GLY B 95 40.94 35.72 -25.55
C GLY B 95 41.61 34.58 -24.79
N LEU B 96 40.83 33.58 -24.39
CA LEU B 96 41.40 32.51 -23.60
C LEU B 96 42.33 31.62 -24.45
N LEU B 97 41.96 31.38 -25.71
CA LEU B 97 42.81 30.62 -26.62
C LEU B 97 44.13 31.36 -26.85
N THR B 98 44.05 32.68 -26.98
CA THR B 98 45.24 33.49 -27.21
C THR B 98 46.16 33.42 -25.99
N ALA B 99 45.59 33.62 -24.79
CA ALA B 99 46.38 33.47 -23.57
C ALA B 99 46.98 32.06 -23.46
N ASN B 100 46.17 31.04 -23.77
CA ASN B 100 46.59 29.66 -23.57
C ASN B 100 47.69 29.21 -24.51
N THR B 101 47.84 29.90 -25.63
CA THR B 101 48.87 29.47 -26.58
C THR B 101 50.10 30.38 -26.55
N GLU B 102 50.09 31.38 -25.68
CA GLU B 102 51.19 32.33 -25.60
C GLU B 102 51.87 32.42 -24.22
N GLY B 103 51.47 31.55 -23.28
CA GLY B 103 52.17 31.42 -22.01
C GLY B 103 51.66 32.28 -20.87
N ASP B 104 50.45 32.78 -21.02
CA ASP B 104 49.92 33.77 -20.12
C ASP B 104 48.90 33.19 -19.15
N PRO B 105 49.11 33.43 -17.84
CA PRO B 105 48.22 32.92 -16.80
C PRO B 105 46.97 33.78 -16.69
N VAL B 106 45.83 33.13 -16.88
CA VAL B 106 44.52 33.77 -16.84
C VAL B 106 43.53 32.81 -16.23
N VAL B 107 42.73 33.29 -15.28
CA VAL B 107 41.64 32.51 -14.68
C VAL B 107 40.31 33.18 -15.02
N ALA B 108 39.45 32.44 -15.71
CA ALA B 108 38.14 32.95 -16.14
C ALA B 108 37.05 32.36 -15.28
N LEU B 109 36.12 33.21 -14.88
CA LEU B 109 34.98 32.86 -14.05
C LEU B 109 33.67 33.18 -14.77
N ALA B 110 32.87 32.17 -15.09
CA ALA B 110 31.64 32.42 -15.84
C ALA B 110 30.42 31.85 -15.18
N GLY B 111 29.30 32.55 -15.37
CA GLY B 111 28.03 32.07 -14.88
C GLY B 111 27.43 31.05 -15.82
N ASN B 112 26.51 30.25 -15.29
CA ASN B 112 25.71 29.38 -16.10
C ASN B 112 24.30 29.26 -15.52
N VAL B 113 23.42 28.66 -16.31
CA VAL B 113 22.06 28.37 -15.91
CA VAL B 113 22.05 28.39 -15.89
C VAL B 113 22.02 27.51 -14.64
N ILE B 114 20.93 27.58 -13.87
CA ILE B 114 20.76 26.74 -12.69
C ILE B 114 20.81 25.26 -13.05
N ARG B 115 21.23 24.43 -12.09
CA ARG B 115 21.50 23.00 -12.33
C ARG B 115 20.32 22.23 -12.84
N ALA B 116 19.15 22.58 -12.33
CA ALA B 116 17.93 21.87 -12.69
C ALA B 116 17.56 22.11 -14.16
N ASP B 117 18.07 23.21 -14.73
CA ASP B 117 17.76 23.53 -16.12
C ASP B 117 18.94 23.36 -17.06
N ARG B 118 20.01 22.73 -16.59
CA ARG B 118 21.27 22.61 -17.36
C ARG B 118 21.13 21.90 -18.72
N LEU B 119 20.10 21.07 -18.88
CA LEU B 119 19.93 20.30 -20.13
C LEU B 119 18.85 20.87 -21.05
N LYS B 120 18.36 22.06 -20.72
CA LYS B 120 17.16 22.60 -21.34
C LYS B 120 17.45 23.65 -22.40
N ARG B 121 16.53 23.83 -23.32
CA ARG B 121 16.56 25.00 -24.16
C ARG B 121 15.98 26.11 -23.29
N THR B 122 16.88 26.90 -22.70
CA THR B 122 16.56 27.96 -21.76
C THR B 122 17.60 29.04 -21.97
N HIS B 123 17.24 30.30 -21.75
CA HIS B 123 18.11 31.42 -22.10
C HIS B 123 19.55 31.25 -21.65
N GLN B 124 20.46 31.56 -22.57
CA GLN B 124 21.90 31.59 -22.31
C GLN B 124 22.50 30.30 -21.72
N SER B 125 21.90 29.16 -22.04
CA SER B 125 22.43 27.89 -21.57
C SER B 125 23.29 27.24 -22.64
N LEU B 126 24.42 26.68 -22.21
CA LEU B 126 25.24 25.83 -23.04
C LEU B 126 26.25 25.08 -22.17
N ASP B 127 26.85 24.04 -22.74
CA ASP B 127 27.92 23.31 -22.08
C ASP B 127 29.19 24.16 -21.99
N ASN B 128 29.22 25.09 -21.03
CA ASN B 128 30.34 25.99 -20.78
C ASN B 128 31.67 25.25 -20.75
N ALA B 129 31.70 24.21 -19.92
CA ALA B 129 32.92 23.47 -19.68
C ALA B 129 33.40 22.80 -20.98
N ALA B 130 32.46 22.35 -21.80
CA ALA B 130 32.83 21.64 -23.03
C ALA B 130 33.40 22.58 -24.09
N LEU B 131 32.85 23.78 -24.18
CA LEU B 131 33.29 24.73 -25.18
C LEU B 131 34.75 25.15 -24.96
N PHE B 132 35.15 25.31 -23.69
CA PHE B 132 36.50 25.75 -23.35
C PHE B 132 37.52 24.63 -23.15
N GLN B 133 37.06 23.38 -23.13
CA GLN B 133 37.97 22.25 -23.04
C GLN B 133 39.13 22.25 -24.10
N PRO B 134 38.86 22.53 -25.39
CA PRO B 134 39.99 22.46 -26.32
C PRO B 134 40.87 23.71 -26.34
N ILE B 135 40.55 24.73 -25.55
CA ILE B 135 41.31 25.97 -25.68
C ILE B 135 41.82 26.50 -24.34
N THR B 136 41.90 25.63 -23.35
CA THR B 136 42.37 25.98 -22.02
C THR B 136 43.14 24.79 -21.45
N LYS B 137 43.92 25.01 -20.39
CA LYS B 137 44.57 23.91 -19.70
C LYS B 137 43.62 23.22 -18.75
N TYR B 138 42.48 23.86 -18.47
CA TYR B 138 41.63 23.43 -17.35
C TYR B 138 40.24 24.05 -17.42
N SER B 139 39.24 23.20 -17.60
CA SER B 139 37.89 23.68 -17.88
C SER B 139 36.85 22.87 -17.12
N VAL B 140 36.27 23.49 -16.10
CA VAL B 140 35.39 22.75 -15.21
C VAL B 140 34.14 23.54 -14.86
N GLU B 141 33.12 22.83 -14.39
CA GLU B 141 31.91 23.45 -13.91
C GLU B 141 31.57 22.85 -12.53
N VAL B 142 31.45 23.71 -11.53
CA VAL B 142 31.21 23.32 -10.15
C VAL B 142 29.75 22.99 -9.94
N GLN B 143 29.44 21.79 -9.48
CA GLN B 143 28.06 21.39 -9.33
C GLN B 143 27.66 21.35 -7.88
N ASP B 144 28.55 21.77 -7.00
CA ASP B 144 28.26 21.78 -5.56
C ASP B 144 28.97 22.95 -4.88
N VAL B 145 28.22 23.73 -4.10
CA VAL B 145 28.73 24.95 -3.47
C VAL B 145 29.96 24.68 -2.58
N LYS B 146 30.03 23.47 -2.01
CA LYS B 146 31.21 23.08 -1.21
C LYS B 146 32.50 23.10 -2.00
N ASN B 147 32.39 22.82 -3.30
CA ASN B 147 33.54 22.58 -4.17
C ASN B 147 34.17 23.87 -4.69
N ILE B 148 33.44 24.98 -4.58
CA ILE B 148 33.94 26.26 -5.08
C ILE B 148 35.37 26.67 -4.65
N PRO B 149 35.74 26.57 -3.35
CA PRO B 149 37.09 27.01 -3.00
C PRO B 149 38.20 26.08 -3.56
N GLU B 150 37.92 24.77 -3.54
CA GLU B 150 38.81 23.78 -4.17
C GLU B 150 38.99 24.04 -5.67
N ALA B 151 37.88 24.25 -6.38
CA ALA B 151 37.91 24.40 -7.84
C ALA B 151 38.60 25.67 -8.28
N VAL B 152 38.44 26.75 -7.52
CA VAL B 152 39.07 28.02 -7.89
C VAL B 152 40.57 28.00 -7.60
N THR B 153 40.95 27.45 -6.43
CA THR B 153 42.36 27.40 -6.04
C THR B 153 43.15 26.57 -7.04
N ASN B 154 42.61 25.41 -7.40
CA ASN B 154 43.25 24.57 -8.40
C ASN B 154 43.37 25.27 -9.77
N ALA B 155 42.36 26.05 -10.15
CA ALA B 155 42.45 26.83 -11.39
C ALA B 155 43.56 27.88 -11.37
N PHE B 156 43.75 28.53 -10.23
CA PHE B 156 44.84 29.50 -10.09
C PHE B 156 46.20 28.79 -10.19
N ARG B 157 46.32 27.62 -9.56
CA ARG B 157 47.58 26.89 -9.55
C ARG B 157 47.91 26.37 -10.96
N ILE B 158 46.98 25.63 -11.56
CA ILE B 158 47.17 25.15 -12.93
C ILE B 158 47.42 26.28 -13.97
N ALA B 159 46.74 27.40 -13.82
CA ALA B 159 47.03 28.57 -14.65
C ALA B 159 48.51 28.96 -14.54
N SER B 160 49.04 28.82 -13.32
CA SER B 160 50.39 29.28 -13.01
C SER B 160 51.48 28.26 -13.40
N ALA B 161 51.22 26.99 -13.13
CA ALA B 161 52.24 25.94 -13.29
C ALA B 161 52.66 25.79 -14.75
N GLY B 162 53.96 25.57 -14.97
CA GLY B 162 54.53 25.64 -16.31
C GLY B 162 53.97 24.49 -17.12
N GLN B 163 53.63 24.72 -18.39
CA GLN B 163 53.68 26.06 -19.02
C GLN B 163 52.38 26.81 -18.71
N ALA B 164 52.49 28.10 -18.40
CA ALA B 164 51.34 28.86 -17.92
C ALA B 164 50.32 29.00 -19.05
N GLY B 165 49.03 29.04 -18.70
CA GLY B 165 47.98 29.26 -19.66
C GLY B 165 46.64 29.63 -19.04
N ALA B 166 45.55 29.27 -19.72
CA ALA B 166 44.19 29.64 -19.27
C ALA B 166 43.47 28.57 -18.45
N ALA B 167 42.62 29.02 -17.52
CA ALA B 167 41.83 28.12 -16.69
C ALA B 167 40.44 28.68 -16.61
N PHE B 168 39.45 27.80 -16.57
CA PHE B 168 38.08 28.21 -16.79
C PHE B 168 37.18 27.52 -15.79
N VAL B 169 36.39 28.29 -15.06
CA VAL B 169 35.51 27.74 -14.06
C VAL B 169 34.12 28.31 -14.20
N SER B 170 33.14 27.43 -14.30
CA SER B 170 31.77 27.82 -14.57
C SER B 170 30.90 27.65 -13.31
N PHE B 171 30.04 28.63 -13.04
CA PHE B 171 29.16 28.49 -11.89
C PHE B 171 27.69 28.54 -12.28
N PRO B 172 26.98 27.43 -12.05
CA PRO B 172 25.53 27.48 -12.21
C PRO B 172 24.99 28.51 -11.23
N GLN B 173 24.00 29.29 -11.63
CA GLN B 173 23.53 30.42 -10.83
C GLN B 173 23.10 29.99 -9.43
N ASP B 174 22.43 28.85 -9.30
CA ASP B 174 21.95 28.45 -7.99
C ASP B 174 23.10 28.02 -7.08
N VAL B 175 24.28 27.84 -7.65
CA VAL B 175 25.43 27.41 -6.88
C VAL B 175 26.10 28.61 -6.19
N VAL B 176 26.15 29.76 -6.87
CA VAL B 176 26.69 30.97 -6.23
C VAL B 176 25.70 31.64 -5.30
N ASN B 177 24.41 31.37 -5.46
CA ASN B 177 23.40 32.01 -4.62
C ASN B 177 23.13 31.19 -3.38
N GLU B 178 23.53 29.93 -3.41
CA GLU B 178 23.26 29.04 -2.29
C GLU B 178 24.00 29.50 -1.03
N VAL B 179 23.25 29.64 0.07
CA VAL B 179 23.83 29.97 1.39
C VAL B 179 24.59 28.78 1.95
N THR B 180 25.79 28.99 2.49
CA THR B 180 26.58 27.83 2.92
C THR B 180 27.56 28.07 4.10
N ASN B 181 27.78 27.01 4.89
CA ASN B 181 28.74 27.03 5.98
C ASN B 181 30.12 26.52 5.56
N THR B 182 30.33 26.38 4.25
CA THR B 182 31.57 25.87 3.69
C THR B 182 32.76 26.79 3.99
N LYS B 183 33.85 26.20 4.45
CA LYS B 183 35.04 26.96 4.79
C LYS B 183 35.89 27.24 3.55
N ASN B 184 36.59 28.36 3.57
CA ASN B 184 37.54 28.65 2.52
C ASN B 184 38.74 27.71 2.64
N VAL B 185 39.62 27.83 1.67
CA VAL B 185 40.75 26.96 1.52
C VAL B 185 41.98 27.86 1.45
N ARG B 186 43.11 27.40 1.96
CA ARG B 186 44.33 28.18 1.83
C ARG B 186 44.69 28.33 0.35
N ALA B 187 45.06 29.55 -0.07
CA ALA B 187 45.57 29.79 -1.41
C ALA B 187 47.01 29.28 -1.56
N VAL B 188 47.16 27.97 -1.66
CA VAL B 188 48.46 27.32 -1.69
C VAL B 188 49.13 27.61 -3.02
N ALA B 189 50.20 28.41 -2.96
CA ALA B 189 50.89 28.85 -4.16
C ALA B 189 51.49 27.65 -4.89
N ALA B 190 51.53 27.73 -6.21
CA ALA B 190 52.13 26.65 -7.00
C ALA B 190 53.63 26.64 -6.75
N PRO B 191 54.21 25.46 -6.51
CA PRO B 191 55.64 25.33 -6.20
C PRO B 191 56.55 25.51 -7.42
N LYS B 192 57.78 25.97 -7.20
CA LYS B 192 58.81 25.97 -8.24
C LYS B 192 59.47 24.60 -8.29
N LEU B 193 59.90 24.19 -9.49
CA LEU B 193 60.75 23.03 -9.63
C LEU B 193 62.18 23.38 -9.20
N GLY B 194 63.00 22.38 -8.89
CA GLY B 194 64.44 22.58 -8.82
C GLY B 194 65.04 22.76 -10.21
N PRO B 195 66.37 22.99 -10.29
CA PRO B 195 66.94 23.07 -11.65
C PRO B 195 66.99 21.70 -12.31
N ALA B 196 67.25 21.66 -13.61
CA ALA B 196 67.51 20.42 -14.32
C ALA B 196 68.54 19.55 -13.61
N ALA B 197 68.51 18.26 -13.93
CA ALA B 197 69.44 17.30 -13.38
C ALA B 197 70.91 17.72 -13.61
N ASP B 198 71.73 17.56 -12.58
CA ASP B 198 73.16 17.89 -12.63
C ASP B 198 73.91 17.27 -13.83
N ASP B 199 73.68 15.99 -14.08
CA ASP B 199 74.31 15.30 -15.19
C ASP B 199 73.98 15.89 -16.55
N ALA B 200 72.74 16.34 -16.73
CA ALA B 200 72.37 16.98 -17.97
C ALA B 200 73.02 18.37 -18.06
N ILE B 201 73.15 19.05 -16.93
CA ILE B 201 73.83 20.34 -16.91
C ILE B 201 75.29 20.17 -17.36
N SER B 202 76.00 19.19 -16.78
CA SER B 202 77.42 18.98 -17.11
C SER B 202 77.59 18.71 -18.58
N ALA B 203 76.75 17.81 -19.08
CA ALA B 203 76.74 17.40 -20.47
C ALA B 203 76.59 18.60 -21.39
N ALA B 204 75.65 19.49 -21.08
CA ALA B 204 75.41 20.65 -21.94
C ALA B 204 76.60 21.58 -21.94
N ILE B 205 77.14 21.86 -20.76
CA ILE B 205 78.39 22.62 -20.65
C ILE B 205 79.46 21.97 -21.52
N ALA B 206 79.65 20.67 -21.35
CA ALA B 206 80.60 19.90 -22.14
C ALA B 206 80.40 20.08 -23.64
N LYS B 207 79.14 20.13 -24.08
CA LYS B 207 78.87 20.27 -25.51
C LYS B 207 79.07 21.70 -26.00
N ILE B 208 78.76 22.67 -25.14
CA ILE B 208 78.95 24.07 -25.53
C ILE B 208 80.44 24.43 -25.59
N GLN B 209 81.25 23.88 -24.69
CA GLN B 209 82.68 24.23 -24.68
C GLN B 209 83.41 23.70 -25.93
N THR B 210 83.00 22.54 -26.41
CA THR B 210 83.67 21.91 -27.54
C THR B 210 83.06 22.31 -28.89
N ALA B 211 82.13 23.25 -28.87
CA ALA B 211 81.49 23.70 -30.11
C ALA B 211 82.35 24.69 -30.85
N LYS B 212 82.28 24.67 -32.18
CA LYS B 212 82.97 25.66 -32.99
C LYS B 212 82.10 26.89 -33.16
N LEU B 213 80.79 26.74 -33.01
CA LEU B 213 79.89 27.88 -33.07
C LEU B 213 78.60 27.63 -32.29
N PRO B 214 78.70 27.65 -30.94
CA PRO B 214 77.49 27.44 -30.14
C PRO B 214 76.69 28.75 -30.11
N VAL B 215 75.36 28.65 -30.19
CA VAL B 215 74.50 29.83 -30.16
C VAL B 215 73.26 29.61 -29.27
N VAL B 216 72.75 30.69 -28.70
CA VAL B 216 71.57 30.59 -27.85
C VAL B 216 70.35 31.11 -28.58
N LEU B 217 69.28 30.32 -28.58
CA LEU B 217 67.97 30.77 -29.09
C LEU B 217 67.04 31.00 -27.89
N VAL B 218 66.73 32.28 -27.65
CA VAL B 218 65.92 32.65 -26.49
C VAL B 218 64.47 32.72 -26.90
N GLY B 219 63.66 31.82 -26.33
CA GLY B 219 62.26 31.70 -26.70
C GLY B 219 61.25 32.28 -25.71
N MET B 220 60.00 31.80 -25.82
CA MET B 220 58.85 32.36 -25.12
C MET B 220 59.03 32.47 -23.61
N LYS B 221 59.49 31.40 -22.97
CA LYS B 221 59.58 31.44 -21.52
C LYS B 221 60.98 31.87 -21.03
N GLY B 222 61.85 32.21 -21.97
CA GLY B 222 63.11 32.86 -21.65
C GLY B 222 62.88 34.36 -21.49
N GLY B 223 61.72 34.83 -21.93
CA GLY B 223 61.42 36.25 -21.93
C GLY B 223 60.87 36.79 -20.63
N ARG B 224 60.64 35.91 -19.66
CA ARG B 224 60.28 36.29 -18.29
C ARG B 224 61.42 37.08 -17.62
N PRO B 225 61.08 38.04 -16.74
CA PRO B 225 62.13 38.85 -16.09
C PRO B 225 63.25 38.03 -15.44
N GLU B 226 62.91 37.10 -14.56
CA GLU B 226 63.94 36.31 -13.86
C GLU B 226 64.81 35.52 -14.84
N ALA B 227 64.20 35.04 -15.92
CA ALA B 227 64.92 34.22 -16.90
C ALA B 227 65.85 35.09 -17.74
N ILE B 228 65.36 36.24 -18.18
CA ILE B 228 66.21 37.19 -18.89
C ILE B 228 67.45 37.55 -18.06
N LYS B 229 67.25 37.83 -16.77
CA LYS B 229 68.37 38.13 -15.89
C LYS B 229 69.42 37.02 -15.97
N ALA B 230 68.95 35.78 -15.80
CA ALA B 230 69.82 34.61 -15.89
C ALA B 230 70.47 34.50 -17.27
N VAL B 231 69.69 34.74 -18.32
CA VAL B 231 70.25 34.64 -19.66
C VAL B 231 71.39 35.65 -19.90
N ARG B 232 71.14 36.92 -19.60
CA ARG B 232 72.15 37.97 -19.82
C ARG B 232 73.47 37.60 -19.15
N LYS B 233 73.38 37.13 -17.91
CA LYS B 233 74.54 36.64 -17.18
C LYS B 233 75.29 35.56 -17.96
N LEU B 234 74.57 34.50 -18.35
CA LEU B 234 75.11 33.45 -19.21
C LEU B 234 75.81 34.01 -20.45
N LEU B 235 75.12 34.87 -21.18
CA LEU B 235 75.64 35.45 -22.40
C LEU B 235 76.91 36.26 -22.16
N LYS B 236 76.89 37.09 -21.12
CA LYS B 236 78.04 37.93 -20.79
C LYS B 236 79.28 37.08 -20.46
N LYS B 237 79.12 36.01 -19.71
CA LYS B 237 80.26 35.21 -19.29
C LYS B 237 80.82 34.36 -20.42
N VAL B 238 79.94 33.66 -21.14
CA VAL B 238 80.38 32.73 -22.19
C VAL B 238 80.59 33.42 -23.54
N GLN B 239 80.03 34.62 -23.69
CA GLN B 239 80.19 35.42 -24.90
C GLN B 239 79.63 34.72 -26.14
N LEU B 240 78.46 34.10 -25.98
CA LEU B 240 77.76 33.47 -27.10
C LEU B 240 76.95 34.47 -27.89
N PRO B 241 76.85 34.27 -29.21
CA PRO B 241 75.82 34.99 -29.96
C PRO B 241 74.44 34.46 -29.59
N PHE B 242 73.40 35.23 -29.93
CA PHE B 242 72.04 34.85 -29.58
C PHE B 242 71.02 35.63 -30.40
N VAL B 243 69.81 35.09 -30.45
CA VAL B 243 68.69 35.67 -31.17
C VAL B 243 67.44 35.58 -30.29
N GLU B 244 66.48 36.44 -30.56
CA GLU B 244 65.21 36.43 -29.85
C GLU B 244 64.07 35.93 -30.73
N THR B 245 63.15 35.15 -30.15
CA THR B 245 61.82 35.08 -30.72
C THR B 245 61.10 36.37 -30.32
N TYR B 246 59.93 36.59 -30.88
CA TYR B 246 59.27 37.86 -30.66
C TYR B 246 58.83 38.01 -29.19
N GLN B 247 58.43 36.94 -28.54
CA GLN B 247 57.97 37.10 -27.17
C GLN B 247 59.16 37.13 -26.19
N ALA B 248 60.36 36.86 -26.70
CA ALA B 248 61.56 36.99 -25.88
C ALA B 248 62.20 38.37 -25.97
N ALA B 249 61.48 39.35 -26.50
CA ALA B 249 62.06 40.67 -26.67
C ALA B 249 62.40 41.29 -25.31
N GLY B 250 63.42 42.14 -25.30
CA GLY B 250 63.87 42.78 -24.08
C GLY B 250 64.97 41.94 -23.44
N THR B 251 65.35 40.84 -24.08
CA THR B 251 66.48 40.08 -23.59
C THR B 251 67.72 40.95 -23.82
N LEU B 252 67.76 41.56 -25.00
CA LEU B 252 68.84 42.47 -25.36
C LEU B 252 69.08 43.55 -24.32
N SER B 253 70.35 43.76 -24.02
CA SER B 253 70.86 44.89 -23.27
C SER B 253 71.87 45.59 -24.17
N ARG B 254 72.06 46.90 -24.00
CA ARG B 254 73.03 47.59 -24.87
C ARG B 254 74.44 46.99 -24.85
N ASP B 255 74.82 46.32 -23.76
CA ASP B 255 76.14 45.68 -23.68
C ASP B 255 76.21 44.43 -24.52
N LEU B 256 75.06 44.01 -25.05
CA LEU B 256 74.97 42.73 -25.72
C LEU B 256 74.82 42.88 -27.22
N GLU B 257 74.69 44.13 -27.69
CA GLU B 257 74.37 44.40 -29.09
C GLU B 257 75.33 43.73 -30.08
N ASP B 258 76.60 43.60 -29.71
CA ASP B 258 77.60 42.95 -30.57
C ASP B 258 77.40 41.44 -30.66
N GLN B 259 76.72 40.85 -29.67
CA GLN B 259 76.42 39.42 -29.65
C GLN B 259 75.02 39.11 -30.21
N TYR B 260 74.29 40.16 -30.58
CA TYR B 260 72.88 40.09 -30.92
C TYR B 260 72.64 39.96 -32.41
N PHE B 261 71.93 38.91 -32.82
CA PHE B 261 71.66 38.75 -34.23
C PHE B 261 70.17 38.81 -34.53
N GLY B 262 69.43 39.49 -33.64
CA GLY B 262 68.10 39.95 -33.98
C GLY B 262 66.95 39.03 -33.66
N ARG B 263 65.79 39.38 -34.19
CA ARG B 263 64.54 38.66 -33.93
C ARG B 263 64.15 37.73 -35.08
N ILE B 264 64.04 36.43 -34.77
CA ILE B 264 63.71 35.43 -35.77
C ILE B 264 62.20 35.18 -35.81
N GLY B 265 61.71 34.70 -36.95
CA GLY B 265 60.28 34.42 -37.09
C GLY B 265 59.63 34.80 -38.42
N LEU B 266 58.43 34.25 -38.63
CA LEU B 266 57.59 34.52 -39.80
C LEU B 266 58.24 34.06 -41.12
N PHE B 267 59.10 34.86 -41.72
CA PHE B 267 59.78 34.45 -42.96
C PHE B 267 61.25 34.16 -42.72
N ARG B 268 61.74 33.03 -43.26
CA ARG B 268 63.15 32.70 -43.11
C ARG B 268 64.02 33.49 -44.08
N ASN B 269 64.31 34.74 -43.73
CA ASN B 269 65.26 35.52 -44.51
C ASN B 269 66.01 36.53 -43.63
N GLN B 270 66.19 36.17 -42.36
CA GLN B 270 66.84 37.05 -41.39
C GLN B 270 68.24 36.56 -41.02
N PRO B 271 69.11 37.48 -40.59
CA PRO B 271 70.44 37.12 -40.09
C PRO B 271 70.40 35.99 -39.06
N GLY B 272 69.41 36.03 -38.16
CA GLY B 272 69.25 35.03 -37.14
C GLY B 272 69.17 33.61 -37.69
N ASP B 273 68.47 33.48 -38.81
CA ASP B 273 68.36 32.19 -39.49
C ASP B 273 69.73 31.70 -39.96
N LEU B 274 70.43 32.57 -40.68
CA LEU B 274 71.73 32.20 -41.24
C LEU B 274 72.69 31.82 -40.12
N LEU B 275 72.55 32.50 -38.98
CA LEU B 275 73.32 32.20 -37.79
C LEU B 275 73.03 30.79 -37.27
N LEU B 276 71.74 30.51 -37.07
CA LEU B 276 71.34 29.19 -36.58
C LEU B 276 71.78 28.10 -37.55
N GLU B 277 71.65 28.37 -38.84
CA GLU B 277 72.12 27.42 -39.84
C GLU B 277 73.62 27.12 -39.65
N GLN B 278 74.42 28.17 -39.47
CA GLN B 278 75.86 28.03 -39.31
C GLN B 278 76.28 27.34 -38.01
N ALA B 279 75.48 27.50 -36.96
CA ALA B 279 75.83 26.93 -35.66
C ALA B 279 75.94 25.41 -35.69
N ASP B 280 76.76 24.86 -34.80
CA ASP B 280 76.84 23.41 -34.66
C ASP B 280 76.26 22.93 -33.33
N VAL B 281 75.98 23.88 -32.44
CA VAL B 281 75.32 23.57 -31.17
C VAL B 281 74.34 24.71 -30.85
N VAL B 282 73.06 24.36 -30.71
CA VAL B 282 72.05 25.35 -30.38
C VAL B 282 71.46 25.05 -29.00
N LEU B 283 71.58 26.03 -28.12
CA LEU B 283 70.92 26.01 -26.82
C LEU B 283 69.64 26.82 -26.93
N THR B 284 68.49 26.15 -26.86
CA THR B 284 67.22 26.85 -26.93
C THR B 284 66.74 27.02 -25.51
N ILE B 285 66.17 28.19 -25.20
CA ILE B 285 65.75 28.47 -23.84
C ILE B 285 64.27 28.87 -23.79
N GLY B 286 63.46 28.05 -23.10
CA GLY B 286 62.04 28.30 -22.95
C GLY B 286 61.32 28.37 -24.29
N TYR B 287 61.76 27.55 -25.22
CA TYR B 287 61.31 27.62 -26.60
C TYR B 287 60.01 26.85 -26.86
N ASP B 288 58.93 27.61 -27.06
CA ASP B 288 57.66 27.09 -27.55
C ASP B 288 57.69 27.28 -29.06
N PRO B 289 57.66 26.17 -29.80
CA PRO B 289 57.84 26.21 -31.27
C PRO B 289 56.73 26.93 -32.03
N ILE B 290 55.69 27.41 -31.34
CA ILE B 290 54.59 28.11 -32.00
C ILE B 290 55.07 29.44 -32.56
N GLU B 291 56.17 29.94 -32.01
CA GLU B 291 56.65 31.24 -32.40
C GLU B 291 57.45 31.19 -33.69
N TYR B 292 57.93 30.00 -34.02
CA TYR B 292 58.75 29.79 -35.20
C TYR B 292 59.12 28.34 -35.27
N ASP B 293 58.43 27.60 -36.13
CA ASP B 293 58.62 26.15 -36.24
C ASP B 293 60.04 25.79 -36.63
N PRO B 294 60.57 24.75 -35.98
CA PRO B 294 61.96 24.36 -36.14
C PRO B 294 62.28 23.88 -37.55
N LYS B 295 61.26 23.53 -38.33
CA LYS B 295 61.47 23.18 -39.75
C LYS B 295 62.01 24.37 -40.53
N PHE B 296 61.93 25.57 -39.98
CA PHE B 296 62.40 26.75 -40.70
C PHE B 296 63.87 27.06 -40.47
N TRP B 297 64.37 26.81 -39.27
CA TRP B 297 65.74 27.19 -38.96
C TRP B 297 66.66 26.00 -38.79
N ASN B 298 66.14 24.93 -38.19
CA ASN B 298 66.98 23.77 -37.97
C ASN B 298 67.06 22.90 -39.23
N ILE B 299 67.71 23.44 -40.24
CA ILE B 299 67.81 22.78 -41.53
C ILE B 299 69.25 22.76 -42.01
N ASN B 300 69.43 22.21 -43.22
CA ASN B 300 70.69 22.29 -43.97
C ASN B 300 71.93 21.90 -43.16
N GLY B 301 71.87 20.77 -42.46
CA GLY B 301 73.00 20.32 -41.68
C GLY B 301 72.64 19.66 -40.36
N ASP B 302 73.64 19.13 -39.67
CA ASP B 302 73.38 18.46 -38.40
C ASP B 302 74.03 19.20 -37.26
N ARG B 303 73.23 19.61 -36.29
CA ARG B 303 73.75 20.33 -35.14
C ARG B 303 73.10 19.80 -33.87
N THR B 304 73.84 19.86 -32.77
CA THR B 304 73.32 19.46 -31.48
C THR B 304 72.25 20.44 -31.04
N ILE B 305 71.15 19.92 -30.55
CA ILE B 305 70.11 20.72 -29.96
C ILE B 305 70.06 20.44 -28.47
N ILE B 306 70.24 21.48 -27.66
CA ILE B 306 70.04 21.36 -26.22
C ILE B 306 68.75 22.11 -25.86
N HIS B 307 67.80 21.39 -25.29
CA HIS B 307 66.47 21.94 -25.00
C HIS B 307 66.35 22.28 -23.51
N LEU B 308 66.42 23.57 -23.19
CA LEU B 308 66.35 24.03 -21.81
C LEU B 308 64.96 24.60 -21.58
N ASP B 309 64.17 23.91 -20.75
CA ASP B 309 62.78 24.28 -20.57
C ASP B 309 62.16 23.78 -19.27
N GLU B 310 60.99 24.33 -18.98
CA GLU B 310 60.21 23.97 -17.81
C GLU B 310 59.27 22.79 -18.14
N ILE B 311 59.16 22.45 -19.42
CA ILE B 311 58.37 21.27 -19.82
C ILE B 311 59.15 20.46 -20.85
N ILE B 312 58.83 19.18 -21.03
CA ILE B 312 59.54 18.38 -22.03
C ILE B 312 59.24 18.88 -23.42
N ALA B 313 60.15 18.58 -24.35
CA ALA B 313 60.08 19.05 -25.71
C ALA B 313 59.00 18.34 -26.58
N ASP B 314 58.50 19.04 -27.60
CA ASP B 314 57.70 18.45 -28.67
C ASP B 314 58.61 17.87 -29.73
N ILE B 315 58.69 16.55 -29.84
CA ILE B 315 59.54 15.95 -30.87
C ILE B 315 58.96 16.22 -32.28
N ASP B 316 59.82 16.68 -33.18
CA ASP B 316 59.42 17.09 -34.53
C ASP B 316 60.44 16.50 -35.51
N HIS B 317 60.07 16.32 -36.78
CA HIS B 317 61.05 15.89 -37.80
C HIS B 317 62.27 16.80 -37.76
N ALA B 318 62.01 18.09 -37.53
CA ALA B 318 63.06 19.09 -37.50
C ALA B 318 63.49 19.51 -36.07
N TYR B 319 63.22 18.67 -35.07
CA TYR B 319 63.57 19.04 -33.71
C TYR B 319 63.59 17.79 -32.83
N GLN B 320 64.75 17.18 -32.75
CA GLN B 320 64.97 15.98 -31.99
C GLN B 320 66.14 16.25 -31.05
N PRO B 321 65.85 16.82 -29.86
CA PRO B 321 66.86 17.29 -28.91
C PRO B 321 67.85 16.21 -28.51
N ASP B 322 69.14 16.52 -28.55
CA ASP B 322 70.14 15.59 -28.06
C ASP B 322 70.23 15.60 -26.55
N LEU B 323 69.69 16.66 -25.96
CA LEU B 323 69.72 16.85 -24.51
C LEU B 323 68.53 17.70 -24.08
N GLU B 324 67.83 17.25 -23.04
CA GLU B 324 66.75 18.03 -22.50
C GLU B 324 67.04 18.42 -21.05
N LEU B 325 67.16 19.72 -20.80
CA LEU B 325 67.37 20.20 -19.44
C LEU B 325 66.04 20.66 -18.85
N ILE B 326 65.35 19.77 -18.13
CA ILE B 326 64.00 20.09 -17.69
C ILE B 326 63.92 20.44 -16.23
N GLY B 327 63.39 21.62 -15.95
CA GLY B 327 63.34 22.12 -14.59
C GLY B 327 63.10 23.61 -14.62
N ASP B 328 63.43 24.29 -13.52
CA ASP B 328 63.22 25.74 -13.41
C ASP B 328 64.19 26.51 -14.30
N ILE B 329 63.66 27.33 -15.20
CA ILE B 329 64.49 27.89 -16.26
C ILE B 329 65.62 28.82 -15.73
N PRO B 330 65.31 29.77 -14.81
CA PRO B 330 66.42 30.61 -14.33
C PRO B 330 67.49 29.83 -13.56
N SER B 331 67.09 28.87 -12.72
CA SER B 331 68.05 28.07 -11.96
C SER B 331 68.95 27.27 -12.85
N THR B 332 68.33 26.57 -13.80
CA THR B 332 69.07 25.74 -14.72
C THR B 332 70.08 26.57 -15.48
N ILE B 333 69.68 27.77 -15.87
CA ILE B 333 70.58 28.68 -16.55
C ILE B 333 71.73 29.05 -15.62
N ASN B 334 71.43 29.47 -14.39
CA ASN B 334 72.49 29.83 -13.44
C ASN B 334 73.54 28.72 -13.24
N HIS B 335 73.07 27.48 -13.10
CA HIS B 335 73.93 26.32 -12.93
C HIS B 335 74.84 26.11 -14.13
N ILE B 336 74.38 26.51 -15.30
CA ILE B 336 75.24 26.42 -16.46
C ILE B 336 76.29 27.49 -16.33
N GLU B 337 75.81 28.72 -16.15
CA GLU B 337 76.66 29.90 -16.06
C GLU B 337 77.75 29.76 -14.99
N HIS B 338 77.41 29.17 -13.86
CA HIS B 338 78.37 28.96 -12.78
C HIS B 338 79.65 28.25 -13.25
N ASP B 339 79.51 27.30 -14.17
CA ASP B 339 80.65 26.44 -14.51
C ASP B 339 81.15 26.61 -15.93
N ALA B 340 80.41 27.32 -16.75
CA ALA B 340 80.87 27.55 -18.11
C ALA B 340 81.96 28.60 -18.09
N VAL B 341 82.74 28.63 -19.16
CA VAL B 341 83.78 29.63 -19.33
C VAL B 341 83.71 30.23 -20.74
N LYS B 342 84.33 31.38 -20.93
CA LYS B 342 84.18 32.14 -22.14
C LYS B 342 84.61 31.36 -23.37
N VAL B 343 83.79 31.39 -24.42
CA VAL B 343 84.08 30.67 -25.65
C VAL B 343 84.98 31.49 -26.56
N GLU B 344 85.96 30.82 -27.17
CA GLU B 344 86.88 31.47 -28.10
C GLU B 344 86.56 31.08 -29.52
N PHE B 345 86.39 32.05 -30.40
CA PHE B 345 86.06 31.75 -31.78
C PHE B 345 87.25 31.74 -32.71
N ALA B 346 87.41 30.63 -33.42
CA ALA B 346 88.39 30.54 -34.49
C ALA B 346 88.07 31.55 -35.57
N GLU B 347 89.03 31.77 -36.45
CA GLU B 347 88.95 32.84 -37.43
C GLU B 347 87.82 32.66 -38.44
N ARG B 348 87.55 31.43 -38.86
CA ARG B 348 86.48 31.19 -39.82
C ARG B 348 85.13 31.65 -39.27
N GLU B 349 84.84 31.23 -38.04
CA GLU B 349 83.59 31.58 -37.39
C GLU B 349 83.50 33.07 -37.17
N GLN B 350 84.61 33.65 -36.71
CA GLN B 350 84.69 35.09 -36.50
C GLN B 350 84.27 35.88 -37.73
N LYS B 351 84.62 35.37 -38.91
CA LYS B 351 84.33 36.10 -40.15
C LYS B 351 82.86 35.97 -40.50
N ILE B 352 82.29 34.80 -40.20
CA ILE B 352 80.88 34.58 -40.44
C ILE B 352 80.06 35.48 -39.52
N LEU B 353 80.49 35.58 -38.27
CA LEU B 353 79.83 36.46 -37.33
C LEU B 353 79.90 37.89 -37.85
N SER B 354 81.09 38.32 -38.25
CA SER B 354 81.28 39.66 -38.81
C SER B 354 80.38 39.90 -40.02
N ASP B 355 80.44 38.99 -40.99
CA ASP B 355 79.65 39.08 -42.20
C ASP B 355 78.17 39.26 -41.92
N LEU B 356 77.67 38.52 -40.93
CA LEU B 356 76.26 38.56 -40.57
C LEU B 356 75.88 39.87 -39.89
N LYS B 357 76.78 40.43 -39.09
CA LYS B 357 76.55 41.73 -38.47
C LYS B 357 76.42 42.84 -39.51
N GLN B 358 77.26 42.78 -40.55
CA GLN B 358 77.18 43.72 -41.65
C GLN B 358 75.83 43.61 -42.37
N TYR B 359 75.44 42.40 -42.74
CA TYR B 359 74.13 42.19 -43.36
C TYR B 359 73.01 42.68 -42.43
N MET B 360 73.21 42.48 -41.14
CA MET B 360 72.23 42.92 -40.15
C MET B 360 72.08 44.44 -40.13
N HIS B 361 73.19 45.17 -40.24
CA HIS B 361 73.12 46.63 -40.27
CA HIS B 361 73.15 46.63 -40.29
C HIS B 361 72.48 47.08 -41.59
N GLU B 362 72.91 46.49 -42.69
CA GLU B 362 72.38 46.84 -44.01
C GLU B 362 70.85 46.71 -44.04
N GLY B 363 70.36 45.62 -43.45
CA GLY B 363 68.93 45.35 -43.44
C GLY B 363 68.11 46.23 -42.52
N GLU B 364 68.77 47.06 -41.72
CA GLU B 364 68.06 47.94 -40.80
C GLU B 364 67.97 49.35 -41.35
N GLN B 365 68.22 49.51 -42.64
CA GLN B 365 68.27 50.84 -43.23
C GLN B 365 67.17 51.05 -44.25
N VAL B 366 66.87 52.32 -44.53
CA VAL B 366 65.91 52.67 -45.58
C VAL B 366 66.57 52.57 -46.95
N PRO B 367 65.90 51.91 -47.91
CA PRO B 367 66.40 51.79 -49.28
C PRO B 367 66.90 53.13 -49.82
N ALA B 368 68.02 53.11 -50.54
CA ALA B 368 68.71 54.33 -50.92
C ALA B 368 67.90 55.20 -51.89
N ASP B 369 67.07 54.57 -52.72
CA ASP B 369 66.28 55.28 -53.72
C ASP B 369 64.90 55.63 -53.21
N TRP B 370 64.75 55.78 -51.90
CA TRP B 370 63.44 56.03 -51.30
C TRP B 370 63.03 57.51 -51.40
N LYS B 371 61.89 57.74 -52.02
CA LYS B 371 61.24 59.04 -51.99
C LYS B 371 59.74 58.80 -51.91
N SER B 372 59.08 59.51 -51.00
CA SER B 372 57.66 59.31 -50.77
C SER B 372 57.00 60.43 -50.00
N ASP B 373 55.69 60.52 -50.15
CA ASP B 373 54.91 61.55 -49.48
C ASP B 373 54.55 61.12 -48.07
N ARG B 374 54.70 59.83 -47.79
CA ARG B 374 54.46 59.30 -46.44
C ARG B 374 55.72 58.64 -45.88
N ALA B 375 55.66 58.33 -44.58
CA ALA B 375 56.78 57.71 -43.88
C ALA B 375 57.05 56.29 -44.34
N HIS B 376 58.34 55.96 -44.50
CA HIS B 376 58.78 54.57 -44.59
C HIS B 376 58.60 53.93 -43.22
N PRO B 377 58.16 52.66 -43.19
CA PRO B 377 57.97 51.97 -41.90
C PRO B 377 59.16 52.16 -40.97
N LEU B 378 60.38 52.01 -41.50
CA LEU B 378 61.57 52.10 -40.65
C LEU B 378 61.71 53.47 -40.00
N GLU B 379 61.17 54.51 -40.63
CA GLU B 379 61.22 55.85 -40.03
C GLU B 379 60.30 55.97 -38.83
N ILE B 380 59.17 55.29 -38.90
CA ILE B 380 58.21 55.30 -37.81
C ILE B 380 58.82 54.56 -36.61
N VAL B 381 59.43 53.42 -36.89
CA VAL B 381 60.04 52.59 -35.86
C VAL B 381 61.11 53.37 -35.11
N LYS B 382 62.02 54.00 -35.84
CA LYS B 382 63.11 54.71 -35.17
C LYS B 382 62.64 55.96 -34.43
N GLU B 383 61.74 56.74 -35.02
CA GLU B 383 61.29 57.96 -34.34
C GLU B 383 60.49 57.62 -33.09
N LEU B 384 59.70 56.56 -33.17
CA LEU B 384 58.97 56.08 -32.01
C LEU B 384 59.94 55.60 -30.92
N ARG B 385 60.99 54.88 -31.31
CA ARG B 385 61.95 54.34 -30.35
C ARG B 385 62.76 55.45 -29.68
N ASN B 386 63.00 56.54 -30.40
CA ASN B 386 63.67 57.70 -29.83
C ASN B 386 62.75 58.59 -29.01
N ALA B 387 61.44 58.40 -29.17
CA ALA B 387 60.49 59.22 -28.43
C ALA B 387 60.18 58.62 -27.05
N VAL B 388 60.60 57.38 -26.84
CA VAL B 388 60.11 56.59 -25.70
C VAL B 388 61.22 56.00 -24.82
N ASP B 389 61.11 56.20 -23.51
CA ASP B 389 62.12 55.69 -22.58
C ASP B 389 62.13 54.16 -22.49
N ASP B 390 63.26 53.59 -22.10
CA ASP B 390 63.42 52.14 -22.00
C ASP B 390 62.28 51.46 -21.26
N HIS B 391 61.89 52.09 -20.16
CA HIS B 391 61.03 51.46 -19.17
C HIS B 391 59.57 51.41 -19.64
N VAL B 392 59.23 52.23 -20.63
CA VAL B 392 57.84 52.30 -21.10
C VAL B 392 57.44 51.04 -21.87
N THR B 393 56.33 50.44 -21.45
CA THR B 393 55.80 49.26 -22.13
C THR B 393 55.13 49.62 -23.45
N VAL B 394 55.56 48.94 -24.51
CA VAL B 394 54.93 49.03 -25.82
C VAL B 394 54.12 47.77 -26.12
N THR B 395 52.85 47.92 -26.46
CA THR B 395 52.09 46.75 -26.93
C THR B 395 51.91 46.82 -28.44
N CYS B 396 51.83 45.67 -29.06
CA CYS B 396 51.80 45.60 -30.51
C CYS B 396 50.64 44.74 -31.00
N ASP B 397 50.13 45.05 -32.18
CA ASP B 397 48.97 44.33 -32.71
C ASP B 397 49.47 43.32 -33.76
N ILE B 398 48.63 43.00 -34.76
CA ILE B 398 49.02 42.04 -35.81
C ILE B 398 48.76 42.58 -37.21
N GLY B 399 49.66 42.27 -38.13
CA GLY B 399 49.66 42.90 -39.44
C GLY B 399 51.07 43.27 -39.85
N SER B 400 51.19 44.04 -40.93
CA SER B 400 52.51 44.36 -41.48
C SER B 400 53.32 45.27 -40.55
N HIS B 401 52.66 46.22 -39.89
CA HIS B 401 53.31 47.05 -38.88
C HIS B 401 54.00 46.19 -37.82
N ALA B 402 53.34 45.09 -37.43
CA ALA B 402 53.83 44.21 -36.39
C ALA B 402 55.10 43.54 -36.85
N ILE B 403 55.15 43.17 -38.13
CA ILE B 403 56.37 42.62 -38.69
C ILE B 403 57.52 43.61 -38.53
N TRP B 404 57.29 44.87 -38.91
CA TRP B 404 58.32 45.89 -38.83
C TRP B 404 58.76 46.12 -37.36
N MET B 405 57.78 46.17 -36.44
CA MET B 405 58.06 46.33 -35.02
C MET B 405 58.77 45.12 -34.43
N SER B 406 58.33 43.93 -34.80
CA SER B 406 58.92 42.69 -34.28
C SER B 406 60.35 42.53 -34.73
N ARG B 407 60.66 43.05 -35.92
CA ARG B 407 61.97 42.83 -36.45
C ARG B 407 62.94 43.96 -36.07
N TYR B 408 62.46 45.19 -36.02
CA TYR B 408 63.37 46.32 -36.03
C TYR B 408 63.28 47.26 -34.84
N PHE B 409 62.32 47.01 -33.96
CA PHE B 409 62.13 47.88 -32.80
C PHE B 409 62.80 47.29 -31.55
N ARG B 410 63.93 47.89 -31.17
CA ARG B 410 64.73 47.39 -30.05
C ARG B 410 63.99 47.46 -28.71
N SER B 411 64.19 46.46 -27.87
CA SER B 411 63.68 46.52 -26.50
C SER B 411 64.83 46.20 -25.57
N TYR B 412 64.84 46.80 -24.39
CA TYR B 412 66.02 46.69 -23.52
C TYR B 412 65.68 46.24 -22.13
N GLU B 413 64.40 46.05 -21.86
CA GLU B 413 63.97 45.59 -20.54
C GLU B 413 62.91 44.53 -20.73
N PRO B 414 62.85 43.53 -19.83
CA PRO B 414 61.80 42.53 -19.91
C PRO B 414 60.41 43.18 -19.94
N LEU B 415 59.51 42.66 -20.78
CA LEU B 415 58.11 43.04 -20.76
C LEU B 415 57.87 44.50 -21.12
N THR B 416 58.61 45.03 -22.10
CA THR B 416 58.38 46.38 -22.58
C THR B 416 58.14 46.39 -24.08
N LEU B 417 58.03 45.18 -24.65
CA LEU B 417 57.48 44.99 -25.98
C LEU B 417 56.64 43.71 -25.97
N MET B 418 55.32 43.86 -26.01
CA MET B 418 54.42 42.71 -25.97
C MET B 418 53.82 42.43 -27.36
N ILE B 419 54.07 41.22 -27.85
CA ILE B 419 53.58 40.79 -29.16
C ILE B 419 52.78 39.50 -29.05
N SER B 420 51.74 39.38 -29.88
CA SER B 420 50.93 38.17 -29.98
C SER B 420 51.54 37.25 -31.03
N ASN B 421 52.39 36.34 -30.58
CA ASN B 421 53.11 35.50 -31.50
C ASN B 421 52.73 34.04 -31.33
N GLY B 422 51.57 33.78 -30.75
CA GLY B 422 50.99 32.45 -30.70
C GLY B 422 49.77 32.31 -31.61
N MET B 423 48.73 33.08 -31.35
CA MET B 423 47.52 33.07 -32.17
C MET B 423 47.51 34.18 -33.19
N GLN B 424 48.34 35.21 -32.97
CA GLN B 424 48.44 36.36 -33.87
C GLN B 424 47.08 37.03 -33.98
N THR B 425 46.50 37.28 -32.81
CA THR B 425 45.16 37.78 -32.68
C THR B 425 45.03 39.29 -32.91
N LEU B 426 44.19 39.68 -33.86
CA LEU B 426 43.92 41.10 -34.13
C LEU B 426 43.23 41.80 -32.95
N GLY B 427 43.70 43.00 -32.65
CA GLY B 427 43.08 43.83 -31.62
C GLY B 427 43.57 43.66 -30.19
N VAL B 428 44.65 42.92 -29.99
CA VAL B 428 45.19 42.79 -28.63
C VAL B 428 45.82 44.11 -28.11
N ALA B 429 46.42 44.91 -28.99
CA ALA B 429 47.27 46.03 -28.57
C ALA B 429 46.61 46.99 -27.58
N LEU B 430 45.50 47.60 -27.97
CA LEU B 430 44.89 48.62 -27.12
C LEU B 430 44.40 48.08 -25.78
N PRO B 431 43.72 46.93 -25.75
CA PRO B 431 43.35 46.44 -24.43
C PRO B 431 44.55 45.96 -23.61
N TRP B 432 45.58 45.44 -24.26
CA TRP B 432 46.84 45.11 -23.57
C TRP B 432 47.43 46.36 -22.90
N ALA B 433 47.36 47.48 -23.61
CA ALA B 433 47.86 48.73 -23.07
C ALA B 433 47.08 49.17 -21.83
N ILE B 434 45.75 48.96 -21.81
CA ILE B 434 44.96 49.30 -20.61
C ILE B 434 45.37 48.39 -19.45
N GLY B 435 45.53 47.10 -19.73
CA GLY B 435 46.00 46.17 -18.72
C GLY B 435 47.35 46.56 -18.14
N ALA B 436 48.29 46.92 -19.00
CA ALA B 436 49.62 47.36 -18.57
C ALA B 436 49.51 48.65 -17.75
N SER B 437 48.58 49.49 -18.15
CA SER B 437 48.41 50.79 -17.53
C SER B 437 47.92 50.63 -16.11
N LEU B 438 47.16 49.58 -15.85
CA LEU B 438 46.71 49.30 -14.49
C LEU B 438 47.81 48.64 -13.66
N VAL B 439 48.67 47.87 -14.32
CA VAL B 439 49.72 47.16 -13.64
C VAL B 439 50.80 48.14 -13.25
N LYS B 440 51.03 49.14 -14.10
CA LYS B 440 52.04 50.14 -13.85
C LYS B 440 51.44 51.53 -13.77
N PRO B 441 50.68 51.79 -12.71
CA PRO B 441 49.99 53.08 -12.61
C PRO B 441 50.97 54.25 -12.66
N GLY B 442 50.57 55.31 -13.34
CA GLY B 442 51.41 56.48 -13.45
C GLY B 442 52.27 56.47 -14.70
N GLU B 443 52.56 55.29 -15.25
CA GLU B 443 53.40 55.25 -16.46
C GLU B 443 52.58 55.34 -17.73
N LYS B 444 53.12 56.06 -18.71
CA LYS B 444 52.62 56.00 -20.07
C LYS B 444 52.75 54.60 -20.65
N VAL B 445 51.88 54.27 -21.58
CA VAL B 445 51.89 52.97 -22.24
C VAL B 445 51.70 53.23 -23.71
N VAL B 446 52.50 52.59 -24.55
CA VAL B 446 52.33 52.79 -25.97
C VAL B 446 51.68 51.56 -26.57
N SER B 447 50.78 51.77 -27.51
CA SER B 447 50.17 50.65 -28.22
C SER B 447 50.20 50.94 -29.70
N VAL B 448 50.57 49.94 -30.49
CA VAL B 448 50.73 50.10 -31.94
C VAL B 448 49.88 49.12 -32.71
N SER B 449 48.98 49.62 -33.55
CA SER B 449 48.29 48.71 -34.46
C SER B 449 48.24 49.18 -35.92
N GLY B 450 47.69 48.32 -36.77
CA GLY B 450 47.30 48.73 -38.10
C GLY B 450 45.87 49.25 -37.99
N ASP B 451 45.39 49.93 -39.04
CA ASP B 451 44.01 50.43 -39.06
C ASP B 451 42.99 49.31 -39.16
N GLY B 452 43.41 48.14 -39.64
CA GLY B 452 42.54 46.99 -39.67
C GLY B 452 42.28 46.47 -38.27
N GLY B 453 43.37 46.11 -37.58
CA GLY B 453 43.29 45.63 -36.22
C GLY B 453 42.65 46.62 -35.26
N PHE B 454 42.92 47.90 -35.47
CA PHE B 454 42.43 48.95 -34.58
C PHE B 454 40.95 48.81 -34.25
N LEU B 455 40.13 48.53 -35.27
CA LEU B 455 38.68 48.49 -35.07
C LEU B 455 38.19 47.20 -34.42
N PHE B 456 39.05 46.20 -34.29
CA PHE B 456 38.65 44.99 -33.58
C PHE B 456 38.41 45.24 -32.09
N SER B 457 39.04 46.29 -31.57
CA SER B 457 38.96 46.55 -30.15
C SER B 457 38.93 48.03 -29.81
N ALA B 458 38.85 48.89 -30.83
CA ALA B 458 38.84 50.33 -30.60
C ALA B 458 37.70 50.80 -29.66
N MET B 459 36.67 49.99 -29.53
CA MET B 459 35.58 50.19 -28.58
C MET B 459 36.11 50.39 -27.16
N GLU B 460 37.22 49.72 -26.86
CA GLU B 460 37.73 49.72 -25.49
C GLU B 460 38.32 51.09 -25.10
N LEU B 461 38.36 52.01 -26.06
CA LEU B 461 38.84 53.36 -25.82
C LEU B 461 38.01 54.10 -24.78
N GLU B 462 36.74 53.75 -24.67
CA GLU B 462 35.89 54.40 -23.71
C GLU B 462 36.35 53.99 -22.32
N THR B 463 36.78 52.73 -22.19
CA THR B 463 37.30 52.22 -20.92
C THR B 463 38.57 53.00 -20.56
N ALA B 464 39.42 53.21 -21.55
CA ALA B 464 40.67 53.95 -21.35
C ALA B 464 40.42 55.39 -20.89
N VAL B 465 39.43 56.06 -21.48
CA VAL B 465 39.10 57.43 -21.10
C VAL B 465 38.44 57.45 -19.73
N ARG B 466 37.63 56.45 -19.46
CA ARG B 466 36.94 56.38 -18.18
C ARG B 466 37.95 56.25 -17.04
N LEU B 467 38.98 55.41 -17.23
CA LEU B 467 40.04 55.22 -16.24
C LEU B 467 41.10 56.31 -16.26
N LYS B 468 40.99 57.21 -17.24
CA LYS B 468 41.98 58.26 -17.48
C LYS B 468 43.37 57.68 -17.72
N ALA B 469 43.44 56.50 -18.32
CA ALA B 469 44.71 55.83 -18.55
C ALA B 469 45.60 56.61 -19.52
N PRO B 470 46.87 56.82 -19.15
CA PRO B 470 47.85 57.48 -20.02
C PRO B 470 48.30 56.63 -21.21
N ILE B 471 47.35 56.24 -22.08
CA ILE B 471 47.67 55.41 -23.26
C ILE B 471 47.94 56.24 -24.52
N VAL B 472 48.93 55.80 -25.30
CA VAL B 472 49.27 56.45 -26.55
C VAL B 472 49.25 55.44 -27.68
N HIS B 473 48.19 55.48 -28.49
CA HIS B 473 47.98 54.48 -29.55
C HIS B 473 48.40 54.99 -30.93
N ILE B 474 49.29 54.24 -31.58
CA ILE B 474 49.84 54.62 -32.86
C ILE B 474 49.21 53.79 -33.97
N VAL B 475 48.28 54.37 -34.73
CA VAL B 475 47.72 53.67 -35.90
C VAL B 475 48.55 53.88 -37.17
N TRP B 476 49.11 52.81 -37.71
CA TRP B 476 49.70 52.84 -39.03
C TRP B 476 48.56 52.82 -40.04
N ASN B 477 48.29 53.95 -40.69
CA ASN B 477 47.11 54.02 -41.51
C ASN B 477 47.51 53.82 -42.99
N ASP B 478 46.76 52.94 -43.65
CA ASP B 478 47.11 52.35 -44.94
C ASP B 478 45.85 52.02 -45.76
N SER B 479 44.75 51.77 -45.04
CA SER B 479 43.44 51.40 -45.59
C SER B 479 43.32 49.97 -46.13
N THR B 480 44.27 49.08 -45.82
CA THR B 480 44.08 47.68 -46.19
C THR B 480 44.54 46.71 -45.10
N TYR B 481 44.12 45.45 -45.22
CA TYR B 481 44.70 44.34 -44.49
C TYR B 481 45.96 43.94 -45.24
N ASP B 482 47.03 44.69 -45.04
CA ASP B 482 48.19 44.54 -45.91
C ASP B 482 48.92 43.20 -45.74
N MET B 483 49.02 42.70 -44.51
CA MET B 483 49.79 41.47 -44.28
C MET B 483 49.17 40.29 -45.05
N VAL B 484 47.84 40.30 -45.21
CA VAL B 484 47.17 39.37 -46.11
C VAL B 484 47.48 39.69 -47.60
N ALA B 485 47.48 40.97 -47.95
CA ALA B 485 47.56 41.39 -49.35
C ALA B 485 48.87 40.99 -50.05
N PHE B 486 50.02 41.25 -49.43
CA PHE B 486 51.28 41.01 -50.13
C PHE B 486 51.68 39.54 -50.06
N GLN B 487 51.10 38.80 -49.11
CA GLN B 487 51.25 37.35 -49.12
C GLN B 487 50.41 36.72 -50.25
N GLN B 488 49.18 37.19 -50.42
CA GLN B 488 48.33 36.79 -51.55
C GLN B 488 49.02 37.11 -52.88
N LEU B 489 49.59 38.32 -52.98
CA LEU B 489 50.35 38.75 -54.15
C LEU B 489 51.50 37.82 -54.49
N LYS B 490 52.27 37.40 -53.49
CA LYS B 490 53.37 36.48 -53.74
C LYS B 490 52.88 35.08 -54.11
N LYS B 491 51.64 34.76 -53.72
CA LYS B 491 51.06 33.42 -53.96
C LYS B 491 50.26 33.32 -55.27
N TYR B 492 49.40 34.30 -55.50
CA TYR B 492 48.38 34.24 -56.54
C TYR B 492 48.47 35.45 -57.50
N ASN B 493 49.37 36.37 -57.19
CA ASN B 493 49.58 37.59 -57.98
C ASN B 493 48.35 38.49 -58.03
N ARG B 494 47.45 38.29 -57.07
CA ARG B 494 46.26 39.13 -56.91
C ARG B 494 45.75 39.02 -55.47
N THR B 495 45.12 40.08 -54.99
CA THR B 495 44.61 40.11 -53.64
C THR B 495 43.11 39.80 -53.59
N SER B 496 42.57 39.64 -52.39
CA SER B 496 41.16 39.34 -52.22
C SER B 496 40.65 39.75 -50.84
N ALA B 497 39.66 40.65 -50.83
CA ALA B 497 38.99 41.05 -49.59
C ALA B 497 39.90 41.75 -48.58
N VAL B 498 40.89 42.47 -49.08
CA VAL B 498 41.82 43.15 -48.19
C VAL B 498 41.56 44.66 -48.08
N ASP B 499 40.51 45.14 -48.74
CA ASP B 499 40.27 46.58 -48.79
C ASP B 499 39.06 47.03 -47.98
N PHE B 500 39.24 48.15 -47.28
CA PHE B 500 38.13 48.83 -46.65
C PHE B 500 38.31 50.36 -46.81
N GLY B 501 37.23 51.09 -46.65
CA GLY B 501 37.27 52.55 -46.67
C GLY B 501 37.83 53.08 -45.36
N ASN B 502 38.27 54.34 -45.37
CA ASN B 502 38.91 54.92 -44.20
C ASN B 502 37.91 55.56 -43.25
N ILE B 503 38.32 55.74 -42.00
CA ILE B 503 37.57 56.57 -41.06
C ILE B 503 38.44 57.74 -40.64
N ASP B 504 37.84 58.76 -40.05
CA ASP B 504 38.61 59.87 -39.51
C ASP B 504 39.08 59.53 -38.11
N ILE B 505 40.28 58.97 -38.04
CA ILE B 505 40.86 58.51 -36.78
C ILE B 505 40.92 59.59 -35.70
N VAL B 506 41.29 60.82 -36.09
CA VAL B 506 41.29 61.93 -35.14
C VAL B 506 39.87 62.22 -34.58
N LYS B 507 38.87 62.29 -35.44
CA LYS B 507 37.49 62.50 -34.98
C LYS B 507 36.96 61.33 -34.15
N TYR B 508 37.37 60.11 -34.51
CA TYR B 508 37.01 58.92 -33.75
C TYR B 508 37.54 59.03 -32.31
N ALA B 509 38.83 59.31 -32.17
CA ALA B 509 39.42 59.57 -30.87
C ALA B 509 38.66 60.65 -30.10
N GLU B 510 38.27 61.72 -30.81
CA GLU B 510 37.58 62.85 -30.16
C GLU B 510 36.18 62.53 -29.69
N SER B 511 35.50 61.61 -30.36
CA SER B 511 34.11 61.31 -30.00
C SER B 511 34.04 60.51 -28.69
N PHE B 512 35.17 59.93 -28.29
CA PHE B 512 35.22 59.13 -27.06
C PHE B 512 35.69 59.96 -25.87
N GLY B 513 36.07 61.21 -26.14
CA GLY B 513 36.61 62.07 -25.12
C GLY B 513 38.14 61.99 -25.03
N ALA B 514 38.75 61.38 -26.04
CA ALA B 514 40.21 61.23 -26.08
C ALA B 514 40.81 62.19 -27.09
N THR B 515 42.14 62.33 -27.06
CA THR B 515 42.86 63.24 -27.96
C THR B 515 43.23 62.53 -29.24
N GLY B 516 42.89 63.13 -30.38
CA GLY B 516 43.34 62.60 -31.64
C GLY B 516 44.41 63.51 -32.21
N LEU B 517 45.45 62.91 -32.77
CA LEU B 517 46.51 63.63 -33.48
C LEU B 517 46.78 63.00 -34.84
N ARG B 518 47.40 63.76 -35.74
CA ARG B 518 47.68 63.27 -37.09
C ARG B 518 49.01 63.76 -37.66
N VAL B 519 49.88 62.85 -38.08
CA VAL B 519 51.09 63.22 -38.82
C VAL B 519 50.74 63.58 -40.26
N GLU B 520 50.56 64.87 -40.53
CA GLU B 520 50.04 65.28 -41.82
C GLU B 520 51.14 65.32 -42.88
N SER B 521 52.38 65.20 -42.43
CA SER B 521 53.53 65.07 -43.33
C SER B 521 54.68 64.47 -42.55
N PRO B 522 55.45 63.57 -43.17
CA PRO B 522 56.49 62.78 -42.52
C PRO B 522 57.44 63.57 -41.60
N ASP B 523 57.82 64.76 -42.01
CA ASP B 523 58.73 65.58 -41.21
C ASP B 523 58.10 65.98 -39.86
N GLN B 524 56.78 65.88 -39.77
CA GLN B 524 56.07 66.15 -38.52
C GLN B 524 56.14 65.00 -37.51
N LEU B 525 56.52 63.80 -37.96
CA LEU B 525 56.49 62.58 -37.16
C LEU B 525 57.05 62.75 -35.75
N ALA B 526 58.34 63.06 -35.65
CA ALA B 526 58.98 63.19 -34.34
C ALA B 526 58.21 64.11 -33.39
N ASP B 527 57.77 65.27 -33.88
CA ASP B 527 57.06 66.25 -33.06
CA ASP B 527 57.08 66.23 -33.02
C ASP B 527 55.67 65.78 -32.64
N VAL B 528 55.02 65.02 -33.52
CA VAL B 528 53.66 64.59 -33.23
C VAL B 528 53.65 63.47 -32.21
N LEU B 529 54.66 62.60 -32.28
CA LEU B 529 54.80 61.52 -31.30
C LEU B 529 55.09 62.07 -29.91
N ARG B 530 55.97 63.06 -29.84
CA ARG B 530 56.34 63.64 -28.56
C ARG B 530 55.13 64.32 -27.96
N GLN B 531 54.43 65.06 -28.81
CA GLN B 531 53.16 65.67 -28.47
C GLN B 531 52.15 64.65 -27.92
N GLY B 532 52.15 63.44 -28.51
CA GLY B 532 51.32 62.37 -28.02
C GLY B 532 51.78 61.90 -26.65
N MET B 533 53.10 61.81 -26.46
CA MET B 533 53.69 61.38 -25.18
C MET B 533 53.46 62.40 -24.05
N ASN B 534 53.21 63.65 -24.41
CA ASN B 534 53.04 64.72 -23.42
C ASN B 534 51.58 64.95 -23.05
N ALA B 535 50.70 64.26 -23.76
CA ALA B 535 49.26 64.51 -23.63
C ALA B 535 48.70 63.92 -22.37
N GLU B 536 47.65 64.54 -21.86
CA GLU B 536 46.92 63.99 -20.71
C GLU B 536 45.72 63.15 -21.14
N GLY B 537 45.58 61.95 -20.56
CA GLY B 537 44.51 61.05 -20.94
C GLY B 537 44.88 60.28 -22.20
N PRO B 538 44.02 59.32 -22.60
CA PRO B 538 44.23 58.49 -23.80
C PRO B 538 44.39 59.33 -25.07
N VAL B 539 45.32 58.94 -25.94
CA VAL B 539 45.51 59.64 -27.20
C VAL B 539 45.67 58.64 -28.35
N ILE B 540 44.98 58.91 -29.46
CA ILE B 540 45.13 58.14 -30.71
C ILE B 540 45.91 58.97 -31.75
N ILE B 541 46.90 58.35 -32.39
CA ILE B 541 47.70 59.06 -33.37
C ILE B 541 47.62 58.44 -34.76
N ASP B 542 47.18 59.24 -35.73
CA ASP B 542 47.08 58.82 -37.12
C ASP B 542 48.41 59.02 -37.83
N VAL B 543 49.00 57.93 -38.32
CA VAL B 543 50.26 58.00 -39.05
C VAL B 543 50.15 57.35 -40.43
N PRO B 544 50.02 58.19 -41.50
CA PRO B 544 50.08 57.69 -42.88
C PRO B 544 51.38 56.97 -43.16
N VAL B 545 51.33 55.91 -43.95
CA VAL B 545 52.51 55.11 -44.17
C VAL B 545 52.56 54.51 -45.57
N ASP B 546 53.77 54.49 -46.13
CA ASP B 546 54.04 53.90 -47.43
C ASP B 546 54.42 52.43 -47.28
N TYR B 547 53.50 51.54 -47.61
CA TYR B 547 53.74 50.11 -47.49
C TYR B 547 54.37 49.45 -48.72
N SER B 548 54.97 50.22 -49.63
CA SER B 548 55.45 49.68 -50.89
C SER B 548 56.73 48.86 -50.79
N ASP B 549 57.33 48.86 -49.60
CA ASP B 549 58.53 48.07 -49.36
C ASP B 549 58.19 46.75 -48.66
N ASN B 550 56.96 46.61 -48.21
CA ASN B 550 56.54 45.43 -47.42
C ASN B 550 56.75 44.08 -48.10
N ILE B 551 56.67 44.07 -49.43
CA ILE B 551 56.77 42.81 -50.15
C ILE B 551 58.13 42.14 -49.90
N ASN B 552 59.13 42.96 -49.58
CA ASN B 552 60.49 42.47 -49.34
C ASN B 552 60.71 41.92 -47.94
N LEU B 553 59.69 42.00 -47.10
CA LEU B 553 59.75 41.35 -45.79
C LEU B 553 59.70 39.83 -45.98
N ALA B 554 59.35 39.39 -47.18
CA ALA B 554 59.33 37.95 -47.50
C ALA B 554 60.29 37.60 -48.65
N SER B 555 61.19 38.53 -48.97
CA SER B 555 62.14 38.33 -50.06
C SER B 555 63.17 37.25 -49.74
N ASP B 556 63.71 36.64 -50.80
CA ASP B 556 64.69 35.55 -50.68
CA ASP B 556 64.68 35.55 -50.65
C ASP B 556 66.12 36.06 -50.80
N LYS B 557 66.24 37.38 -50.99
CA LYS B 557 67.52 38.06 -51.27
C LYS B 557 68.68 37.73 -50.32
N LEU B 558 68.52 37.99 -49.03
CA LEU B 558 69.60 37.73 -48.07
C LEU B 558 70.02 36.25 -48.02
N PRO B 559 69.04 35.30 -47.95
CA PRO B 559 69.46 33.89 -48.02
C PRO B 559 70.33 33.55 -49.24
N LYS B 560 69.97 34.08 -50.41
CA LYS B 560 70.74 33.84 -51.64
C LYS B 560 72.07 34.57 -51.63
N GLU B 561 72.05 35.87 -51.31
CA GLU B 561 73.27 36.67 -51.26
C GLU B 561 74.32 36.09 -50.31
N PHE B 562 73.85 35.61 -49.16
CA PHE B 562 74.75 34.99 -48.20
C PHE B 562 75.25 33.65 -48.72
N GLY B 563 74.37 32.91 -49.40
CA GLY B 563 74.70 31.61 -49.96
C GLY B 563 75.91 31.66 -50.87
N GLU B 564 76.03 32.76 -51.62
CA GLU B 564 77.12 32.92 -52.57
C GLU B 564 78.46 33.21 -51.88
N LEU B 565 78.47 34.08 -50.88
CA LEU B 565 79.69 34.40 -50.14
C LEU B 565 80.28 33.16 -49.48
N MET B 566 79.43 32.33 -48.90
CA MET B 566 79.86 31.02 -48.47
C MET B 566 80.24 30.19 -49.70
N LYS C 14 58.36 -2.33 -47.70
CA LYS C 14 57.43 -1.75 -48.67
C LYS C 14 57.38 -0.21 -48.54
N ASN C 15 57.72 0.26 -47.34
CA ASN C 15 57.60 1.67 -46.92
C ASN C 15 56.23 2.33 -47.04
N ARG C 16 55.27 1.75 -46.32
CA ARG C 16 54.00 2.40 -46.08
C ARG C 16 54.03 3.13 -44.71
N GLY C 17 52.96 3.86 -44.42
CA GLY C 17 52.77 4.41 -43.08
C GLY C 17 52.85 3.28 -42.07
N ALA C 18 52.37 2.10 -42.46
CA ALA C 18 52.43 0.95 -41.58
C ALA C 18 53.87 0.59 -41.16
N GLU C 19 54.83 0.79 -42.07
CA GLU C 19 56.21 0.49 -41.72
C GLU C 19 56.78 1.55 -40.77
N LEU C 20 56.37 2.79 -40.96
CA LEU C 20 56.80 3.84 -40.05
C LEU C 20 56.36 3.50 -38.61
N VAL C 21 55.15 2.96 -38.47
CA VAL C 21 54.65 2.60 -37.16
C VAL C 21 55.55 1.54 -36.53
N VAL C 22 55.80 0.45 -37.24
CA VAL C 22 56.65 -0.63 -36.73
C VAL C 22 58.08 -0.16 -36.36
N ASP C 23 58.62 0.74 -37.18
CA ASP C 23 59.94 1.33 -36.94
C ASP C 23 60.01 2.06 -35.60
N CYS C 24 58.96 2.84 -35.32
CA CYS C 24 58.81 3.46 -34.02
C CYS C 24 58.85 2.44 -32.88
N LEU C 25 58.09 1.36 -33.01
CA LEU C 25 58.09 0.33 -31.97
C LEU C 25 59.48 -0.29 -31.79
N VAL C 26 60.20 -0.45 -32.90
CA VAL C 26 61.56 -0.93 -32.88
C VAL C 26 62.48 0.05 -32.13
N GLU C 27 62.45 1.33 -32.49
CA GLU C 27 63.23 2.36 -31.77
C GLU C 27 62.92 2.46 -30.29
N GLN C 28 61.65 2.23 -29.93
CA GLN C 28 61.20 2.27 -28.55
C GLN C 28 61.56 1.01 -27.75
N GLY C 29 62.16 0.01 -28.39
CA GLY C 29 62.54 -1.20 -27.65
C GLY C 29 61.35 -2.05 -27.19
N VAL C 30 60.22 -1.92 -27.85
CA VAL C 30 59.04 -2.69 -27.49
C VAL C 30 59.22 -4.17 -27.82
N THR C 31 59.07 -5.02 -26.82
CA THR C 31 59.27 -6.47 -27.01
C THR C 31 58.00 -7.16 -27.49
N HIS C 32 56.85 -6.68 -27.01
CA HIS C 32 55.56 -7.31 -27.28
C HIS C 32 54.45 -6.34 -27.62
N VAL C 33 53.60 -6.73 -28.56
CA VAL C 33 52.40 -5.98 -28.88
CA VAL C 33 52.39 -5.98 -28.87
C VAL C 33 51.18 -6.88 -28.69
N PHE C 34 50.22 -6.41 -27.90
CA PHE C 34 48.98 -7.15 -27.63
C PHE C 34 47.88 -6.57 -28.50
N GLY C 35 47.11 -7.46 -29.14
CA GLY C 35 46.08 -6.98 -30.04
C GLY C 35 45.21 -8.02 -30.71
N ILE C 36 44.41 -7.54 -31.65
CA ILE C 36 43.47 -8.33 -32.43
C ILE C 36 43.36 -7.67 -33.80
N PRO C 37 43.58 -8.44 -34.87
CA PRO C 37 43.57 -7.81 -36.21
C PRO C 37 42.17 -7.45 -36.72
N GLY C 38 42.11 -6.62 -37.75
CA GLY C 38 40.86 -6.28 -38.41
C GLY C 38 41.21 -5.57 -39.71
N ALA C 39 40.21 -5.36 -40.57
CA ALA C 39 40.47 -4.80 -41.91
C ALA C 39 41.10 -3.40 -41.89
N LYS C 40 40.72 -2.57 -40.93
CA LYS C 40 41.21 -1.19 -40.99
C LYS C 40 42.65 -1.03 -40.51
N ILE C 41 43.10 -1.90 -39.61
CA ILE C 41 44.44 -1.78 -39.04
C ILE C 41 45.43 -2.78 -39.68
N ASP C 42 44.96 -3.47 -40.73
CA ASP C 42 45.65 -4.63 -41.32
C ASP C 42 47.10 -4.44 -41.77
N ALA C 43 47.37 -3.36 -42.51
CA ALA C 43 48.72 -3.11 -43.03
C ALA C 43 49.76 -3.19 -41.91
N VAL C 44 49.44 -2.65 -40.75
CA VAL C 44 50.39 -2.67 -39.64
C VAL C 44 50.69 -4.10 -39.16
N PHE C 45 49.67 -4.97 -39.14
CA PHE C 45 49.87 -6.37 -38.77
C PHE C 45 50.72 -7.06 -39.83
N ASP C 46 50.46 -6.73 -41.08
CA ASP C 46 51.26 -7.22 -42.19
C ASP C 46 52.73 -6.81 -42.03
N ALA C 47 52.98 -5.52 -41.81
CA ALA C 47 54.35 -5.04 -41.60
C ALA C 47 55.05 -5.67 -40.38
N LEU C 48 54.28 -6.07 -39.36
CA LEU C 48 54.84 -6.76 -38.22
C LEU C 48 55.30 -8.17 -38.58
N GLN C 49 54.86 -8.68 -39.73
CA GLN C 49 55.33 -9.98 -40.18
C GLN C 49 56.78 -9.86 -40.59
N ASP C 50 57.16 -8.66 -41.02
CA ASP C 50 58.51 -8.43 -41.53
C ASP C 50 59.54 -8.23 -40.40
N LYS C 51 59.10 -7.59 -39.31
CA LYS C 51 59.97 -7.27 -38.20
C LYS C 51 59.16 -6.69 -37.07
N GLY C 52 59.85 -6.15 -36.08
CA GLY C 52 59.17 -5.63 -34.91
C GLY C 52 58.93 -6.68 -33.84
N PRO C 53 58.23 -6.29 -32.76
CA PRO C 53 57.96 -7.12 -31.57
C PRO C 53 57.03 -8.33 -31.82
N GLU C 54 57.15 -9.35 -31.00
CA GLU C 54 56.22 -10.48 -31.06
C GLU C 54 54.77 -10.02 -30.89
N ILE C 55 53.87 -10.52 -31.73
CA ILE C 55 52.44 -10.25 -31.55
C ILE C 55 51.82 -11.24 -30.57
N ILE C 56 51.18 -10.76 -29.53
CA ILE C 56 50.43 -11.64 -28.67
C ILE C 56 48.95 -11.49 -28.97
N VAL C 57 48.39 -12.45 -29.70
CA VAL C 57 46.95 -12.41 -30.02
C VAL C 57 46.09 -12.57 -28.79
N ALA C 58 45.19 -11.60 -28.56
CA ALA C 58 44.28 -11.69 -27.41
C ALA C 58 42.91 -12.23 -27.80
N ARG C 59 42.12 -12.62 -26.80
CA ARG C 59 40.74 -13.05 -27.07
C ARG C 59 39.70 -11.93 -26.81
N HIS C 60 40.19 -10.73 -26.53
CA HIS C 60 39.36 -9.53 -26.33
C HIS C 60 40.22 -8.30 -26.19
N GLU C 61 39.87 -7.19 -26.84
CA GLU C 61 40.70 -5.99 -26.75
C GLU C 61 40.81 -5.48 -25.31
N GLN C 62 39.78 -5.72 -24.50
CA GLN C 62 39.85 -5.37 -23.08
C GLN C 62 41.07 -6.00 -22.46
N ASN C 63 41.19 -7.31 -22.63
CA ASN C 63 42.26 -8.04 -22.00
C ASN C 63 43.62 -7.66 -22.61
N ALA C 64 43.63 -7.38 -23.90
CA ALA C 64 44.83 -6.87 -24.52
C ALA C 64 45.29 -5.59 -23.80
N ALA C 65 44.36 -4.68 -23.48
CA ALA C 65 44.67 -3.46 -22.73
C ALA C 65 45.15 -3.74 -21.31
N PHE C 66 44.49 -4.66 -20.62
CA PHE C 66 44.93 -5.07 -19.29
C PHE C 66 46.36 -5.66 -19.34
N MET C 67 46.69 -6.35 -20.43
CA MET C 67 48.01 -6.96 -20.58
C MET C 67 49.09 -5.89 -20.76
N ALA C 68 48.82 -4.95 -21.65
CA ALA C 68 49.75 -3.84 -21.91
C ALA C 68 50.01 -3.06 -20.63
N GLN C 69 48.94 -2.84 -19.87
CA GLN C 69 49.02 -2.08 -18.63
C GLN C 69 49.98 -2.77 -17.67
N ALA C 70 49.89 -4.08 -17.58
CA ALA C 70 50.68 -4.83 -16.62
C ALA C 70 52.14 -4.74 -17.01
N VAL C 71 52.39 -4.70 -18.31
CA VAL C 71 53.75 -4.63 -18.81
C VAL C 71 54.32 -3.24 -18.48
N GLY C 72 53.53 -2.22 -18.73
CA GLY C 72 53.88 -0.86 -18.36
C GLY C 72 54.20 -0.70 -16.88
N ARG C 73 53.40 -1.29 -15.99
CA ARG C 73 53.64 -1.14 -14.56
C ARG C 73 54.90 -1.88 -14.07
N LEU C 74 55.22 -3.00 -14.70
CA LEU C 74 56.35 -3.84 -14.27
C LEU C 74 57.69 -3.43 -14.90
N THR C 75 57.65 -2.65 -15.98
CA THR C 75 58.87 -2.30 -16.68
C THR C 75 59.18 -0.80 -16.74
N GLY C 76 58.18 0.05 -16.59
CA GLY C 76 58.41 1.49 -16.74
C GLY C 76 58.48 1.98 -18.18
N LYS C 77 58.31 1.07 -19.14
CA LYS C 77 58.18 1.46 -20.55
C LYS C 77 56.77 1.08 -20.98
N PRO C 78 56.12 1.93 -21.80
CA PRO C 78 54.72 1.72 -22.14
C PRO C 78 54.43 0.36 -22.79
N GLY C 79 53.44 -0.34 -22.25
CA GLY C 79 52.89 -1.53 -22.87
C GLY C 79 52.16 -1.07 -24.10
N VAL C 80 52.14 -1.92 -25.13
CA VAL C 80 51.57 -1.53 -26.41
C VAL C 80 50.43 -2.45 -26.82
N VAL C 81 49.31 -1.83 -27.17
CA VAL C 81 48.14 -2.57 -27.63
C VAL C 81 47.72 -2.02 -29.01
N LEU C 82 47.30 -2.94 -29.88
CA LEU C 82 47.06 -2.62 -31.29
C LEU C 82 45.75 -3.23 -31.80
N VAL C 83 44.81 -2.40 -32.23
CA VAL C 83 43.46 -2.88 -32.54
C VAL C 83 42.93 -2.23 -33.80
N THR C 84 41.88 -2.80 -34.38
CA THR C 84 41.23 -2.23 -35.57
C THR C 84 40.16 -1.19 -35.22
N SER C 85 39.45 -0.70 -36.25
CA SER C 85 38.44 0.34 -36.08
C SER C 85 37.17 -0.12 -35.34
N GLY C 86 36.30 0.83 -35.09
CA GLY C 86 35.02 0.56 -34.49
C GLY C 86 35.02 -0.10 -33.12
N PRO C 87 34.43 -1.32 -33.02
CA PRO C 87 34.44 -2.00 -31.73
C PRO C 87 35.83 -2.49 -31.33
N GLY C 88 36.77 -2.63 -32.27
CA GLY C 88 38.13 -2.93 -31.87
C GLY C 88 38.64 -1.82 -30.95
N ALA C 89 38.46 -0.58 -31.39
CA ALA C 89 38.89 0.57 -30.60
C ALA C 89 38.05 0.75 -29.34
N SER C 90 36.70 0.71 -29.47
CA SER C 90 35.87 1.08 -28.33
C SER C 90 35.98 0.06 -27.20
N ASN C 91 36.34 -1.18 -27.54
CA ASN C 91 36.63 -2.19 -26.49
C ASN C 91 37.86 -1.86 -25.62
N LEU C 92 38.60 -0.81 -26.00
CA LEU C 92 39.76 -0.37 -25.24
C LEU C 92 39.42 0.55 -24.07
N ALA C 93 38.23 1.17 -24.09
CA ALA C 93 37.88 2.24 -23.16
C ALA C 93 38.22 1.96 -21.69
N THR C 94 37.73 0.85 -21.14
CA THR C 94 37.90 0.56 -19.73
C THR C 94 39.37 0.35 -19.39
N GLY C 95 40.05 -0.44 -20.23
CA GLY C 95 41.47 -0.69 -20.10
C GLY C 95 42.31 0.57 -19.99
N LEU C 96 42.18 1.45 -20.98
CA LEU C 96 42.95 2.67 -20.98
C LEU C 96 42.58 3.54 -19.76
N LEU C 97 41.29 3.57 -19.42
CA LEU C 97 40.79 4.33 -18.27
C LEU C 97 41.48 3.90 -16.99
N THR C 98 41.56 2.59 -16.80
CA THR C 98 42.23 1.98 -15.66
C THR C 98 43.72 2.29 -15.70
N ALA C 99 44.38 2.07 -16.84
CA ALA C 99 45.80 2.42 -16.92
C ALA C 99 46.04 3.91 -16.63
N ASN C 100 45.18 4.78 -17.17
CA ASN C 100 45.36 6.22 -17.04
C ASN C 100 45.08 6.81 -15.66
N THR C 101 44.41 6.06 -14.79
CA THR C 101 44.15 6.56 -13.44
C THR C 101 44.95 5.78 -12.40
N GLU C 102 45.85 4.90 -12.84
CA GLU C 102 46.60 4.08 -11.90
C GLU C 102 48.13 4.17 -12.09
N GLY C 103 48.56 5.13 -12.92
CA GLY C 103 49.98 5.44 -13.10
C GLY C 103 50.76 4.51 -14.03
N ASP C 104 50.07 3.87 -14.95
CA ASP C 104 50.69 2.88 -15.82
C ASP C 104 50.85 3.41 -17.24
N PRO C 105 52.09 3.37 -17.74
CA PRO C 105 52.35 3.80 -19.12
C PRO C 105 51.78 2.81 -20.12
N VAL C 106 50.88 3.27 -20.99
CA VAL C 106 50.33 2.46 -22.06
C VAL C 106 50.22 3.30 -23.33
N VAL C 107 50.60 2.70 -24.47
CA VAL C 107 50.37 3.33 -25.78
C VAL C 107 49.45 2.48 -26.65
N ALA C 108 48.32 3.06 -27.06
CA ALA C 108 47.35 2.33 -27.84
C ALA C 108 47.31 2.86 -29.26
N LEU C 109 47.30 1.93 -30.21
CA LEU C 109 47.29 2.26 -31.61
C LEU C 109 46.05 1.65 -32.27
N ALA C 110 45.22 2.45 -32.92
CA ALA C 110 43.98 1.94 -33.51
C ALA C 110 43.77 2.36 -34.95
N GLY C 111 43.02 1.55 -35.69
CA GLY C 111 42.63 1.91 -37.02
C GLY C 111 41.34 2.72 -37.06
N ASN C 112 41.17 3.48 -38.15
CA ASN C 112 39.91 4.10 -38.50
C ASN C 112 39.64 3.99 -40.02
N VAL C 113 38.43 4.35 -40.45
CA VAL C 113 38.11 4.35 -41.88
C VAL C 113 39.01 5.33 -42.64
N ILE C 114 38.95 5.29 -43.97
CA ILE C 114 39.72 6.25 -44.76
C ILE C 114 39.26 7.70 -44.60
N ARG C 115 40.21 8.61 -44.78
CA ARG C 115 39.98 10.01 -44.55
C ARG C 115 38.76 10.51 -45.29
N ALA C 116 38.63 10.07 -46.54
CA ALA C 116 37.50 10.45 -47.38
C ALA C 116 36.14 10.05 -46.79
N ASP C 117 36.09 8.94 -46.06
CA ASP C 117 34.81 8.50 -45.50
C ASP C 117 34.67 8.80 -44.01
N ARG C 118 35.58 9.61 -43.46
CA ARG C 118 35.64 9.84 -42.03
C ARG C 118 34.35 10.45 -41.44
N LEU C 119 33.55 11.11 -42.28
CA LEU C 119 32.35 11.78 -41.79
C LEU C 119 31.05 11.01 -42.07
N LYS C 120 31.18 9.81 -42.64
CA LYS C 120 30.03 9.08 -43.14
C LYS C 120 29.49 8.00 -42.21
N ARG C 121 28.27 7.57 -42.48
CA ARG C 121 27.78 6.37 -41.85
C ARG C 121 28.34 5.22 -42.70
N THR C 122 29.43 4.66 -42.23
CA THR C 122 30.03 3.51 -42.88
CA THR C 122 30.09 3.52 -42.87
C THR C 122 30.52 2.55 -41.78
N HIS C 123 30.74 1.29 -42.13
CA HIS C 123 31.12 0.29 -41.15
C HIS C 123 32.26 0.71 -40.24
N GLN C 124 32.02 0.60 -38.93
CA GLN C 124 33.07 0.73 -37.93
C GLN C 124 33.72 2.12 -37.88
N SER C 125 32.98 3.13 -38.32
CA SER C 125 33.43 4.52 -38.34
C SER C 125 33.00 5.26 -37.07
N LEU C 126 33.96 5.84 -36.34
CA LEU C 126 33.65 6.79 -35.28
C LEU C 126 34.83 7.69 -34.99
N ASP C 127 34.51 8.84 -34.40
CA ASP C 127 35.49 9.79 -33.93
C ASP C 127 36.33 9.18 -32.79
N ASN C 128 37.35 8.39 -33.17
CA ASN C 128 38.21 7.69 -32.24
C ASN C 128 38.79 8.62 -31.19
N ALA C 129 39.41 9.71 -31.64
CA ALA C 129 40.12 10.60 -30.73
C ALA C 129 39.17 11.24 -29.70
N ALA C 130 37.95 11.58 -30.12
CA ALA C 130 36.95 12.18 -29.22
C ALA C 130 36.54 11.24 -28.07
N LEU C 131 36.31 9.98 -28.38
CA LEU C 131 35.96 8.98 -27.39
C LEU C 131 37.02 8.87 -26.29
N PHE C 132 38.30 8.84 -26.67
CA PHE C 132 39.36 8.55 -25.69
C PHE C 132 39.92 9.78 -25.03
N GLN C 133 39.46 10.94 -25.50
CA GLN C 133 39.87 12.22 -24.96
C GLN C 133 39.63 12.35 -23.43
N PRO C 134 38.43 12.04 -22.94
CA PRO C 134 38.28 12.20 -21.48
C PRO C 134 38.99 11.12 -20.66
N ILE C 135 39.55 10.09 -21.27
CA ILE C 135 40.09 8.98 -20.48
C ILE C 135 41.57 8.66 -20.76
N THR C 136 42.31 9.60 -21.32
CA THR C 136 43.74 9.41 -21.57
C THR C 136 44.46 10.74 -21.40
N LYS C 137 45.79 10.69 -21.31
CA LYS C 137 46.62 11.91 -21.30
C LYS C 137 46.71 12.53 -22.68
N TYR C 138 46.46 11.73 -23.70
CA TYR C 138 46.81 12.08 -25.08
C TYR C 138 46.03 11.19 -26.04
N SER C 139 45.27 11.84 -26.92
CA SER C 139 44.35 11.14 -27.79
C SER C 139 44.31 11.89 -29.10
N VAL C 140 44.91 11.29 -30.13
CA VAL C 140 45.09 11.96 -31.42
C VAL C 140 44.78 11.02 -32.60
N GLU C 141 44.50 11.63 -33.75
CA GLU C 141 44.38 10.90 -35.01
C GLU C 141 45.28 11.56 -36.08
N VAL C 142 46.14 10.76 -36.71
CA VAL C 142 47.11 11.24 -37.70
C VAL C 142 46.46 11.39 -39.09
N GLN C 143 46.44 12.60 -39.65
CA GLN C 143 45.78 12.81 -40.93
C GLN C 143 46.75 12.97 -42.11
N ASP C 144 48.02 12.69 -41.90
CA ASP C 144 49.02 12.77 -42.97
C ASP C 144 50.12 11.77 -42.67
N VAL C 145 50.52 10.99 -43.68
CA VAL C 145 51.46 9.89 -43.44
C VAL C 145 52.80 10.40 -42.85
N LYS C 146 53.23 11.60 -43.26
CA LYS C 146 54.49 12.20 -42.76
C LYS C 146 54.54 12.32 -41.24
N ASN C 147 53.37 12.48 -40.63
CA ASN C 147 53.24 12.83 -39.24
C ASN C 147 53.32 11.63 -38.31
N ILE C 148 53.22 10.42 -38.87
CA ILE C 148 53.24 9.21 -38.07
C ILE C 148 54.41 9.10 -37.08
N PRO C 149 55.68 9.26 -37.54
CA PRO C 149 56.76 9.09 -36.55
C PRO C 149 56.72 10.14 -35.43
N GLU C 150 56.26 11.34 -35.74
CA GLU C 150 56.18 12.40 -34.72
C GLU C 150 55.10 12.08 -33.70
N ALA C 151 53.90 11.76 -34.19
CA ALA C 151 52.78 11.47 -33.31
C ALA C 151 53.03 10.28 -32.39
N VAL C 152 53.55 9.19 -32.95
CA VAL C 152 53.83 8.00 -32.17
C VAL C 152 54.90 8.24 -31.08
N THR C 153 55.95 8.99 -31.43
CA THR C 153 57.05 9.24 -30.50
C THR C 153 56.63 10.14 -29.32
N ASN C 154 55.86 11.18 -29.60
CA ASN C 154 55.28 11.98 -28.53
C ASN C 154 54.34 11.18 -27.63
N ALA C 155 53.57 10.24 -28.21
CA ALA C 155 52.67 9.42 -27.39
C ALA C 155 53.44 8.56 -26.38
N PHE C 156 54.57 8.01 -26.79
CA PHE C 156 55.38 7.22 -25.88
C PHE C 156 55.91 8.09 -24.75
N ARG C 157 56.36 9.29 -25.11
CA ARG C 157 56.94 10.20 -24.14
C ARG C 157 55.90 10.69 -23.13
N ILE C 158 54.74 11.11 -23.62
CA ILE C 158 53.68 11.58 -22.75
C ILE C 158 53.10 10.47 -21.85
N ALA C 159 53.03 9.27 -22.39
CA ALA C 159 52.64 8.12 -21.59
C ALA C 159 53.58 7.94 -20.39
N SER C 160 54.87 8.19 -20.62
CA SER C 160 55.92 7.88 -19.62
C SER C 160 56.12 8.98 -18.60
N ALA C 161 55.82 10.22 -18.99
CA ALA C 161 56.11 11.39 -18.16
C ALA C 161 55.15 11.48 -16.98
N GLY C 162 55.69 11.85 -15.81
CA GLY C 162 54.92 11.95 -14.58
C GLY C 162 53.75 12.90 -14.79
N GLN C 163 52.56 12.49 -14.39
CA GLN C 163 52.26 11.16 -13.91
C GLN C 163 51.95 10.26 -15.10
N ALA C 164 52.54 9.06 -15.12
CA ALA C 164 52.37 8.11 -16.21
C ALA C 164 50.89 7.80 -16.45
N GLY C 165 50.50 7.62 -17.70
CA GLY C 165 49.15 7.22 -18.05
C GLY C 165 49.04 6.70 -19.49
N ALA C 166 47.83 6.80 -20.05
CA ALA C 166 47.55 6.21 -21.37
C ALA C 166 47.67 7.20 -22.51
N ALA C 167 48.22 6.74 -23.63
CA ALA C 167 48.23 7.54 -24.83
C ALA C 167 47.54 6.77 -25.94
N PHE C 168 46.76 7.46 -26.75
CA PHE C 168 45.97 6.76 -27.73
C PHE C 168 46.21 7.42 -29.07
N VAL C 169 46.50 6.60 -30.09
CA VAL C 169 46.81 7.11 -31.41
C VAL C 169 46.06 6.31 -32.47
N SER C 170 45.30 7.03 -33.29
CA SER C 170 44.36 6.46 -34.25
C SER C 170 44.87 6.72 -35.69
N PHE C 171 44.71 5.72 -36.55
CA PHE C 171 45.22 5.80 -37.93
C PHE C 171 44.13 5.49 -38.94
N PRO C 172 43.74 6.48 -39.74
CA PRO C 172 42.86 6.16 -40.86
C PRO C 172 43.53 5.12 -41.77
N GLN C 173 42.74 4.33 -42.47
CA GLN C 173 43.26 3.18 -43.18
C GLN C 173 44.19 3.62 -44.32
N ASP C 174 43.83 4.67 -45.05
CA ASP C 174 44.66 5.11 -46.16
C ASP C 174 45.99 5.71 -45.69
N VAL C 175 46.04 6.18 -44.45
CA VAL C 175 47.26 6.73 -43.89
C VAL C 175 48.32 5.63 -43.65
N VAL C 176 47.91 4.49 -43.10
CA VAL C 176 48.91 3.43 -42.93
C VAL C 176 49.20 2.61 -44.19
N ASN C 177 48.32 2.67 -45.21
CA ASN C 177 48.54 1.96 -46.48
C ASN C 177 49.34 2.77 -47.51
N GLU C 178 49.50 4.06 -47.27
CA GLU C 178 50.12 4.95 -48.24
C GLU C 178 51.64 4.79 -48.32
N VAL C 179 52.16 4.78 -49.54
CA VAL C 179 53.61 4.68 -49.76
C VAL C 179 54.21 6.06 -49.58
N THR C 180 55.33 6.15 -48.87
CA THR C 180 55.95 7.45 -48.60
C THR C 180 57.45 7.33 -48.36
N ASN C 181 58.16 8.44 -48.57
CA ASN C 181 59.59 8.46 -48.29
C ASN C 181 59.91 9.28 -47.06
N THR C 182 59.00 9.22 -46.08
CA THR C 182 59.14 9.94 -44.83
C THR C 182 60.20 9.24 -43.96
N LYS C 183 61.12 10.01 -43.37
CA LYS C 183 62.12 9.37 -42.51
C LYS C 183 61.59 9.16 -41.10
N ASN C 184 62.14 8.19 -40.40
CA ASN C 184 61.82 8.02 -39.00
C ASN C 184 62.47 9.14 -38.16
N VAL C 185 62.09 9.25 -36.89
CA VAL C 185 62.74 10.20 -35.97
C VAL C 185 63.31 9.43 -34.79
N ARG C 186 64.25 10.04 -34.08
CA ARG C 186 64.87 9.36 -32.96
C ARG C 186 63.87 9.16 -31.83
N ALA C 187 63.96 8.02 -31.17
CA ALA C 187 63.11 7.79 -30.02
C ALA C 187 63.68 8.55 -28.83
N VAL C 188 63.61 9.88 -28.88
CA VAL C 188 64.09 10.69 -27.77
C VAL C 188 63.31 10.34 -26.50
N ALA C 189 63.99 9.72 -25.55
CA ALA C 189 63.35 9.27 -24.31
C ALA C 189 62.95 10.43 -23.39
N ALA C 190 61.77 10.31 -22.76
CA ALA C 190 61.34 11.32 -21.77
C ALA C 190 62.40 11.51 -20.67
N PRO C 191 62.84 12.76 -20.48
CA PRO C 191 63.94 13.10 -19.56
C PRO C 191 63.49 13.05 -18.09
N LYS C 192 64.44 12.89 -17.18
CA LYS C 192 64.14 12.93 -15.75
C LYS C 192 64.22 14.36 -15.23
N LEU C 193 63.41 14.67 -14.23
CA LEU C 193 63.51 15.94 -13.53
C LEU C 193 64.68 15.84 -12.59
N GLY C 194 65.13 16.98 -12.08
CA GLY C 194 66.10 16.98 -10.99
C GLY C 194 65.33 16.82 -9.70
N PRO C 195 66.03 16.74 -8.55
CA PRO C 195 65.31 16.68 -7.27
C PRO C 195 64.61 18.00 -6.99
N ALA C 196 63.81 18.05 -5.94
CA ALA C 196 63.12 19.28 -5.60
C ALA C 196 64.11 20.39 -5.27
N ALA C 197 63.63 21.63 -5.30
CA ALA C 197 64.39 22.78 -4.81
C ALA C 197 65.00 22.49 -3.43
N ASP C 198 66.27 22.88 -3.27
CA ASP C 198 67.00 22.62 -2.03
C ASP C 198 66.34 23.29 -0.84
N ASP C 199 65.87 24.51 -1.04
CA ASP C 199 65.25 25.26 0.04
C ASP C 199 64.01 24.56 0.57
N ALA C 200 63.29 23.90 -0.32
CA ALA C 200 62.12 23.13 0.08
C ALA C 200 62.56 21.88 0.83
N ILE C 201 63.67 21.28 0.40
CA ILE C 201 64.13 20.06 1.05
C ILE C 201 64.59 20.36 2.47
N SER C 202 65.34 21.46 2.64
CA SER C 202 65.74 21.93 3.98
C SER C 202 64.55 22.12 4.92
N ALA C 203 63.58 22.92 4.46
CA ALA C 203 62.36 23.17 5.22
C ALA C 203 61.72 21.86 5.63
N ALA C 204 61.69 20.90 4.72
CA ALA C 204 61.05 19.62 4.98
C ALA C 204 61.80 18.89 6.09
N ILE C 205 63.12 18.94 6.06
CA ILE C 205 63.89 18.25 7.06
C ILE C 205 63.68 18.87 8.44
N ALA C 206 63.76 20.20 8.49
CA ALA C 206 63.56 20.92 9.74
C ALA C 206 62.23 20.59 10.41
N LYS C 207 61.18 20.41 9.60
CA LYS C 207 59.85 20.07 10.13
C LYS C 207 59.73 18.63 10.65
N ILE C 208 60.47 17.71 10.05
CA ILE C 208 60.50 16.34 10.55
C ILE C 208 61.27 16.27 11.86
N GLN C 209 62.40 16.98 11.90
CA GLN C 209 63.24 16.96 13.11
C GLN C 209 62.52 17.56 14.32
N THR C 210 61.59 18.48 14.10
CA THR C 210 60.89 19.14 15.20
C THR C 210 59.57 18.48 15.55
N ALA C 211 59.25 17.36 14.92
CA ALA C 211 57.95 16.75 15.12
C ALA C 211 57.93 15.84 16.34
N LYS C 212 56.80 15.75 17.01
CA LYS C 212 56.71 14.81 18.12
C LYS C 212 56.31 13.44 17.58
N LEU C 213 55.65 13.42 16.42
CA LEU C 213 55.28 12.16 15.79
C LEU C 213 55.16 12.33 14.27
N PRO C 214 56.31 12.39 13.59
CA PRO C 214 56.28 12.49 12.12
C PRO C 214 56.01 11.11 11.50
N VAL C 215 55.23 11.03 10.43
CA VAL C 215 54.95 9.73 9.79
C VAL C 215 54.97 9.81 8.27
N VAL C 216 55.33 8.71 7.61
CA VAL C 216 55.43 8.68 6.16
C VAL C 216 54.27 7.92 5.53
N LEU C 217 53.58 8.61 4.63
CA LEU C 217 52.51 7.99 3.88
C LEU C 217 53.04 7.69 2.47
N VAL C 218 53.26 6.41 2.19
CA VAL C 218 53.80 5.99 0.90
C VAL C 218 52.68 5.70 -0.09
N GLY C 219 52.63 6.50 -1.15
CA GLY C 219 51.58 6.40 -2.15
C GLY C 219 51.94 5.72 -3.47
N MET C 220 51.04 5.85 -4.43
N MET C 220 51.03 5.84 -4.43
CA MET C 220 51.13 5.22 -5.74
CA MET C 220 51.14 5.20 -5.73
C MET C 220 52.52 5.27 -6.38
C MET C 220 52.54 5.27 -6.37
N LYS C 221 53.08 6.47 -6.54
CA LYS C 221 54.38 6.60 -7.16
C LYS C 221 55.54 6.46 -6.16
N GLY C 222 55.22 6.08 -4.93
CA GLY C 222 56.24 5.68 -4.01
C GLY C 222 56.47 4.18 -4.18
N GLY C 223 55.68 3.55 -5.05
CA GLY C 223 55.69 2.10 -5.19
C GLY C 223 56.54 1.60 -6.34
N ARG C 224 57.06 2.51 -7.14
CA ARG C 224 58.04 2.17 -8.16
C ARG C 224 59.30 1.61 -7.47
N PRO C 225 60.05 0.74 -8.17
CA PRO C 225 61.25 0.12 -7.59
C PRO C 225 62.27 1.12 -7.07
N GLU C 226 62.69 2.05 -7.93
CA GLU C 226 63.60 3.10 -7.50
C GLU C 226 63.08 3.89 -6.29
N ALA C 227 61.80 4.28 -6.33
CA ALA C 227 61.21 5.07 -5.25
C ALA C 227 61.27 4.30 -3.93
N ILE C 228 60.92 3.02 -3.98
CA ILE C 228 60.95 2.16 -2.80
C ILE C 228 62.38 2.02 -2.22
N LYS C 229 63.38 1.88 -3.08
CA LYS C 229 64.77 1.76 -2.62
C LYS C 229 65.17 2.96 -1.75
N ALA C 230 64.94 4.15 -2.28
CA ALA C 230 65.14 5.39 -1.54
C ALA C 230 64.26 5.49 -0.28
N VAL C 231 62.99 5.13 -0.39
CA VAL C 231 62.08 5.24 0.76
C VAL C 231 62.60 4.39 1.91
N ARG C 232 63.15 3.23 1.58
CA ARG C 232 63.67 2.35 2.62
C ARG C 232 64.89 2.93 3.35
N LYS C 233 65.84 3.52 2.61
CA LYS C 233 66.97 4.19 3.24
C LYS C 233 66.51 5.30 4.17
N LEU C 234 65.54 6.08 3.71
CA LEU C 234 64.96 7.13 4.52
C LEU C 234 64.37 6.63 5.83
N LEU C 235 63.48 5.65 5.72
CA LEU C 235 62.82 5.06 6.89
C LEU C 235 63.79 4.43 7.89
N LYS C 236 64.91 3.93 7.39
CA LYS C 236 65.85 3.17 8.21
C LYS C 236 66.68 4.14 9.02
N LYS C 237 67.12 5.20 8.36
CA LYS C 237 67.97 6.21 8.97
C LYS C 237 67.25 7.02 10.01
N VAL C 238 66.03 7.41 9.69
CA VAL C 238 65.27 8.37 10.46
C VAL C 238 64.35 7.68 11.45
N GLN C 239 64.03 6.43 11.16
CA GLN C 239 63.22 5.57 12.03
C GLN C 239 61.77 6.06 12.16
N LEU C 240 61.18 6.42 11.03
CA LEU C 240 59.80 6.87 10.99
C LEU C 240 58.82 5.70 10.89
N PRO C 241 57.67 5.82 11.56
CA PRO C 241 56.61 4.85 11.28
C PRO C 241 56.01 5.14 9.91
N PHE C 242 55.44 4.15 9.26
CA PHE C 242 54.90 4.37 7.93
C PHE C 242 53.73 3.45 7.64
N VAL C 243 52.93 3.85 6.65
CA VAL C 243 51.87 3.01 6.11
C VAL C 243 51.97 2.97 4.59
N GLU C 244 51.36 1.96 3.96
CA GLU C 244 51.25 1.93 2.49
C GLU C 244 49.80 2.12 1.97
N THR C 245 49.69 2.74 0.81
CA THR C 245 48.46 2.64 0.02
C THR C 245 48.51 1.28 -0.64
N TYR C 246 47.44 0.86 -1.31
CA TYR C 246 47.45 -0.46 -1.91
C TYR C 246 48.50 -0.59 -3.01
N GLN C 247 48.72 0.45 -3.81
CA GLN C 247 49.66 0.28 -4.91
C GLN C 247 51.09 0.60 -4.47
N ALA C 248 51.26 0.85 -3.18
CA ALA C 248 52.60 0.99 -2.60
C ALA C 248 53.07 -0.31 -1.94
N ALA C 249 52.31 -1.40 -2.10
CA ALA C 249 52.70 -2.68 -1.55
C ALA C 249 54.09 -3.08 -2.06
N GLY C 250 54.90 -3.67 -1.20
CA GLY C 250 56.26 -3.99 -1.55
C GLY C 250 57.27 -3.02 -0.97
N THR C 251 56.79 -1.94 -0.35
CA THR C 251 57.69 -1.03 0.35
C THR C 251 58.30 -1.73 1.57
N LEU C 252 57.49 -2.53 2.25
CA LEU C 252 57.90 -3.26 3.44
C LEU C 252 59.10 -4.18 3.19
N SER C 253 59.97 -4.28 4.19
CA SER C 253 60.95 -5.35 4.24
C SER C 253 60.81 -5.91 5.64
N ARG C 254 61.29 -7.13 5.87
CA ARG C 254 61.11 -7.79 7.17
C ARG C 254 61.76 -7.01 8.32
N ASP C 255 62.81 -6.27 8.02
CA ASP C 255 63.47 -5.48 9.04
C ASP C 255 62.88 -4.09 9.18
N LEU C 256 61.71 -3.88 8.57
CA LEU C 256 60.98 -2.64 8.74
C LEU C 256 59.61 -2.92 9.38
N GLU C 257 59.36 -4.19 9.66
CA GLU C 257 58.06 -4.64 10.17
C GLU C 257 57.65 -3.93 11.48
N ASP C 258 58.63 -3.67 12.36
CA ASP C 258 58.37 -2.93 13.59
C ASP C 258 57.84 -1.50 13.35
N GLN C 259 58.33 -0.84 12.30
CA GLN C 259 57.89 0.50 11.95
C GLN C 259 56.63 0.54 11.08
N TYR C 260 56.11 -0.63 10.73
CA TYR C 260 55.09 -0.75 9.70
C TYR C 260 53.69 -0.86 10.25
N PHE C 261 52.80 0.05 9.83
CA PHE C 261 51.45 0.04 10.36
C PHE C 261 50.39 -0.27 9.28
N GLY C 262 50.80 -0.96 8.22
CA GLY C 262 49.86 -1.63 7.34
C GLY C 262 49.33 -0.80 6.19
N ARG C 263 48.29 -1.30 5.55
CA ARG C 263 47.76 -0.64 4.36
C ARG C 263 46.43 0.09 4.63
N ILE C 264 46.46 1.39 4.41
CA ILE C 264 45.28 2.23 4.53
C ILE C 264 44.44 2.19 3.25
N GLY C 265 43.12 2.30 3.39
CA GLY C 265 42.24 2.33 2.24
C GLY C 265 40.81 1.86 2.49
N LEU C 266 39.91 2.23 1.58
CA LEU C 266 38.51 1.78 1.58
C LEU C 266 37.70 2.24 2.83
N PHE C 267 37.86 1.61 3.98
CA PHE C 267 37.14 2.04 5.18
C PHE C 267 38.11 2.62 6.20
N ARG C 268 37.74 3.73 6.83
CA ARG C 268 38.55 4.29 7.91
C ARG C 268 38.40 3.52 9.24
N ASN C 269 39.09 2.39 9.36
CA ASN C 269 39.02 1.62 10.60
C ASN C 269 40.29 0.80 10.83
N GLN C 270 41.41 1.34 10.38
CA GLN C 270 42.67 0.61 10.43
C GLN C 270 43.66 1.33 11.31
N PRO C 271 44.61 0.57 11.89
CA PRO C 271 45.73 1.12 12.68
C PRO C 271 46.46 2.26 11.98
N GLY C 272 46.59 2.15 10.65
CA GLY C 272 47.18 3.21 9.85
C GLY C 272 46.42 4.53 9.93
N ASP C 273 45.10 4.44 9.92
CA ASP C 273 44.27 5.62 10.08
C ASP C 273 44.50 6.32 11.42
N LEU C 274 44.50 5.54 12.50
CA LEU C 274 44.69 6.09 13.85
C LEU C 274 46.06 6.71 13.99
N LEU C 275 47.06 6.09 13.36
CA LEU C 275 48.42 6.63 13.37
C LEU C 275 48.51 7.98 12.67
N LEU C 276 47.96 8.05 11.47
CA LEU C 276 47.96 9.30 10.71
C LEU C 276 47.23 10.39 11.50
N GLU C 277 46.19 9.98 12.23
CA GLU C 277 45.44 10.88 13.10
C GLU C 277 46.36 11.46 14.19
N GLN C 278 47.13 10.58 14.84
CA GLN C 278 48.00 10.99 15.95
C GLN C 278 49.19 11.81 15.48
N ALA C 279 49.48 11.73 14.20
CA ALA C 279 50.63 12.43 13.65
C ALA C 279 50.44 13.93 13.62
N ASP C 280 51.52 14.65 13.92
CA ASP C 280 51.54 16.09 13.79
C ASP C 280 52.28 16.50 12.51
N VAL C 281 53.11 15.62 11.98
CA VAL C 281 53.68 15.82 10.65
C VAL C 281 53.51 14.57 9.80
N VAL C 282 52.87 14.73 8.64
CA VAL C 282 52.77 13.64 7.65
C VAL C 282 53.57 14.01 6.40
N LEU C 283 54.47 13.12 6.01
CA LEU C 283 55.20 13.23 4.74
C LEU C 283 54.60 12.26 3.74
N THR C 284 53.99 12.77 2.68
CA THR C 284 53.38 11.88 1.68
C THR C 284 54.29 11.77 0.48
N ILE C 285 54.37 10.56 -0.10
CA ILE C 285 55.32 10.31 -1.19
C ILE C 285 54.65 9.68 -2.40
N GLY C 286 54.71 10.37 -3.53
CA GLY C 286 54.06 9.93 -4.75
C GLY C 286 52.58 9.68 -4.54
N TYR C 287 51.97 10.50 -3.68
CA TYR C 287 50.62 10.25 -3.19
C TYR C 287 49.51 10.72 -4.14
N ASP C 288 48.83 9.76 -4.77
CA ASP C 288 47.65 10.06 -5.59
C ASP C 288 46.42 9.78 -4.74
N PRO C 289 45.65 10.82 -4.42
CA PRO C 289 44.53 10.72 -3.47
C PRO C 289 43.44 9.72 -3.90
N ILE C 290 43.45 9.32 -5.17
CA ILE C 290 42.48 8.36 -5.69
C ILE C 290 42.53 7.03 -4.94
N GLU C 291 43.67 6.70 -4.36
CA GLU C 291 43.78 5.44 -3.62
C GLU C 291 43.09 5.45 -2.27
N TYR C 292 42.91 6.65 -1.70
CA TYR C 292 42.29 6.83 -0.40
C TYR C 292 42.15 8.33 -0.16
N ASP C 293 40.92 8.82 -0.18
CA ASP C 293 40.71 10.27 -0.14
C ASP C 293 41.18 10.85 1.20
N PRO C 294 41.87 12.00 1.14
CA PRO C 294 42.42 12.67 2.33
C PRO C 294 41.34 13.02 3.37
N LYS C 295 40.09 13.18 2.93
CA LYS C 295 39.00 13.45 3.85
C LYS C 295 38.71 12.27 4.79
N PHE C 296 39.31 11.11 4.54
CA PHE C 296 39.16 9.98 5.45
C PHE C 296 40.26 9.91 6.51
N TRP C 297 41.44 10.40 6.21
CA TRP C 297 42.54 10.27 7.18
C TRP C 297 43.03 11.59 7.77
N ASN C 298 42.99 12.67 6.98
CA ASN C 298 43.54 13.94 7.47
C ASN C 298 42.44 14.75 8.17
N ILE C 299 41.95 14.20 9.27
CA ILE C 299 40.89 14.80 10.05
C ILE C 299 41.31 14.94 11.51
N ASN C 300 40.39 15.44 12.33
CA ASN C 300 40.54 15.44 13.79
C ASN C 300 41.76 16.17 14.32
N GLY C 301 42.06 17.35 13.78
CA GLY C 301 43.15 18.15 14.32
C GLY C 301 44.08 18.65 13.25
N ASP C 302 44.69 19.81 13.44
CA ASP C 302 45.57 20.32 12.42
C ASP C 302 46.91 19.59 12.56
N ARG C 303 47.68 19.60 11.49
CA ARG C 303 48.72 18.62 11.27
C ARG C 303 49.47 19.06 10.02
N THR C 304 50.81 19.14 10.08
CA THR C 304 51.60 19.60 8.94
C THR C 304 51.65 18.56 7.81
N ILE C 305 51.41 19.01 6.57
CA ILE C 305 51.48 18.17 5.38
C ILE C 305 52.64 18.55 4.46
N ILE C 306 53.51 17.57 4.20
CA ILE C 306 54.59 17.74 3.24
C ILE C 306 54.36 16.85 2.01
N HIS C 307 54.18 17.46 0.83
CA HIS C 307 53.82 16.73 -0.38
C HIS C 307 55.03 16.50 -1.30
N LEU C 308 55.50 15.26 -1.34
CA LEU C 308 56.65 14.89 -2.19
C LEU C 308 56.16 14.12 -3.42
N ASP C 309 56.27 14.73 -4.60
CA ASP C 309 55.68 14.13 -5.80
C ASP C 309 56.41 14.59 -7.06
N GLU C 310 56.08 14.00 -8.19
CA GLU C 310 56.62 14.43 -9.48
C GLU C 310 55.70 15.44 -10.16
N ILE C 311 54.50 15.62 -9.60
CA ILE C 311 53.55 16.64 -10.08
C ILE C 311 52.98 17.40 -8.89
N ILE C 312 52.41 18.58 -9.14
CA ILE C 312 51.91 19.42 -8.06
C ILE C 312 50.68 18.79 -7.38
N ALA C 313 50.37 19.24 -6.18
CA ALA C 313 49.28 18.60 -5.44
C ALA C 313 47.89 19.09 -5.92
N ASP C 314 46.88 18.24 -5.76
CA ASP C 314 45.49 18.67 -5.88
C ASP C 314 45.06 19.28 -4.55
N ILE C 315 44.66 20.55 -4.55
CA ILE C 315 44.15 21.11 -3.30
C ILE C 315 42.71 20.66 -2.98
N ASP C 316 42.48 20.38 -1.71
CA ASP C 316 41.23 19.78 -1.26
C ASP C 316 40.96 20.37 0.12
N HIS C 317 39.71 20.45 0.54
CA HIS C 317 39.39 20.86 1.92
C HIS C 317 40.23 20.09 2.94
N ALA C 318 40.47 18.80 2.69
CA ALA C 318 41.26 18.01 3.64
C ALA C 318 42.72 17.82 3.19
N TYR C 319 43.19 18.65 2.26
CA TYR C 319 44.55 18.52 1.81
C TYR C 319 45.12 19.81 1.29
N GLN C 320 45.79 20.54 2.19
CA GLN C 320 46.39 21.82 1.90
C GLN C 320 47.84 21.76 2.36
N PRO C 321 48.71 21.22 1.50
CA PRO C 321 50.11 21.01 1.86
C PRO C 321 50.76 22.29 2.38
N ASP C 322 51.49 22.17 3.48
CA ASP C 322 52.29 23.28 3.99
C ASP C 322 53.58 23.42 3.17
N LEU C 323 53.92 22.36 2.46
CA LEU C 323 55.18 22.25 1.73
C LEU C 323 55.04 21.27 0.56
N GLU C 324 55.46 21.67 -0.63
CA GLU C 324 55.48 20.76 -1.78
C GLU C 324 56.91 20.57 -2.30
N LEU C 325 57.38 19.34 -2.37
CA LEU C 325 58.68 19.11 -2.97
C LEU C 325 58.50 18.40 -4.30
N ILE C 326 58.38 19.19 -5.36
CA ILE C 326 58.08 18.62 -6.67
C ILE C 326 59.37 18.47 -7.46
N GLY C 327 59.63 17.25 -7.89
CA GLY C 327 60.86 16.94 -8.61
C GLY C 327 60.85 15.45 -8.84
N ASP C 328 62.01 14.87 -9.16
CA ASP C 328 62.14 13.42 -9.25
C ASP C 328 62.02 12.77 -7.88
N ILE C 329 61.15 11.77 -7.77
CA ILE C 329 60.79 11.27 -6.46
C ILE C 329 61.97 10.63 -5.72
N PRO C 330 62.65 9.63 -6.33
CA PRO C 330 63.71 9.00 -5.54
C PRO C 330 64.84 9.96 -5.14
N SER C 331 65.29 10.80 -6.07
CA SER C 331 66.44 11.65 -5.76
C SER C 331 66.08 12.69 -4.73
N THR C 332 64.84 13.20 -4.79
CA THR C 332 64.34 14.11 -3.75
C THR C 332 64.41 13.44 -2.39
N ILE C 333 63.98 12.19 -2.34
CA ILE C 333 64.06 11.40 -1.12
C ILE C 333 65.52 11.19 -0.66
N ASN C 334 66.43 10.93 -1.60
CA ASN C 334 67.84 10.77 -1.25
C ASN C 334 68.40 12.03 -0.58
N HIS C 335 67.93 13.21 -1.01
CA HIS C 335 68.42 14.47 -0.46
C HIS C 335 67.92 14.72 0.98
N ILE C 336 66.67 14.37 1.25
CA ILE C 336 66.15 14.40 2.60
C ILE C 336 66.90 13.41 3.49
N GLU C 337 67.07 12.20 2.97
CA GLU C 337 67.79 11.13 3.66
C GLU C 337 69.21 11.52 4.06
N HIS C 338 69.93 12.14 3.12
CA HIS C 338 71.30 12.57 3.35
C HIS C 338 71.46 13.47 4.57
N ASP C 339 70.49 14.33 4.82
CA ASP C 339 70.64 15.31 5.90
C ASP C 339 69.71 15.14 7.08
N ALA C 340 68.81 14.16 7.03
CA ALA C 340 68.01 13.87 8.22
C ALA C 340 68.86 13.06 9.17
N VAL C 341 68.38 12.95 10.41
CA VAL C 341 68.97 12.08 11.42
C VAL C 341 67.84 11.35 12.16
N LYS C 342 68.20 10.41 13.02
CA LYS C 342 67.21 9.53 13.66
C LYS C 342 66.29 10.33 14.59
N VAL C 343 64.99 10.05 14.52
CA VAL C 343 64.02 10.71 15.37
C VAL C 343 63.88 9.97 16.69
N GLU C 344 63.97 10.70 17.79
CA GLU C 344 63.71 10.16 19.11
C GLU C 344 62.24 10.36 19.45
N PHE C 345 61.60 9.35 20.01
CA PHE C 345 60.20 9.50 20.41
C PHE C 345 60.04 9.58 21.93
N ALA C 346 59.41 10.64 22.39
CA ALA C 346 59.04 10.77 23.79
C ALA C 346 58.18 9.59 24.21
N GLU C 347 57.99 9.45 25.52
CA GLU C 347 57.29 8.31 26.09
C GLU C 347 55.85 8.18 25.61
N ARG C 348 55.14 9.31 25.56
CA ARG C 348 53.73 9.32 25.16
C ARG C 348 53.53 8.68 23.78
N GLU C 349 54.28 9.17 22.80
CA GLU C 349 54.20 8.67 21.43
C GLU C 349 54.62 7.21 21.34
N GLN C 350 55.65 6.81 22.09
CA GLN C 350 56.06 5.41 22.17
C GLN C 350 54.89 4.49 22.53
N LYS C 351 54.07 4.93 23.49
CA LYS C 351 53.00 4.08 23.98
C LYS C 351 51.86 4.07 22.97
N ILE C 352 51.63 5.21 22.31
CA ILE C 352 50.65 5.25 21.24
C ILE C 352 51.06 4.24 20.15
N LEU C 353 52.33 4.29 19.77
CA LEU C 353 52.83 3.43 18.71
C LEU C 353 52.67 1.97 19.10
N SER C 354 53.06 1.67 20.33
CA SER C 354 52.99 0.31 20.85
C SER C 354 51.57 -0.22 20.85
N ASP C 355 50.62 0.58 21.30
CA ASP C 355 49.22 0.17 21.33
C ASP C 355 48.66 -0.06 19.93
N LEU C 356 49.03 0.82 18.98
CA LEU C 356 48.57 0.68 17.60
C LEU C 356 49.09 -0.62 17.02
N LYS C 357 50.32 -0.97 17.40
CA LYS C 357 50.96 -2.19 16.93
C LYS C 357 50.25 -3.46 17.42
N GLN C 358 49.64 -3.43 18.59
CA GLN C 358 49.03 -4.66 19.04
C GLN C 358 47.56 -4.74 18.65
N TYR C 359 46.95 -3.60 18.38
CA TYR C 359 45.67 -3.57 17.70
C TYR C 359 45.87 -4.12 16.28
N MET C 360 47.00 -3.76 15.69
CA MET C 360 47.34 -4.24 14.36
C MET C 360 47.53 -5.76 14.35
N HIS C 361 48.20 -6.26 15.39
CA HIS C 361 48.45 -7.70 15.52
C HIS C 361 47.14 -8.46 15.68
N GLU C 362 46.28 -7.96 16.57
CA GLU C 362 45.03 -8.65 16.88
C GLU C 362 44.04 -8.60 15.71
N GLY C 363 44.16 -7.57 14.87
CA GLY C 363 43.33 -7.49 13.68
C GLY C 363 43.62 -8.61 12.68
N GLU C 364 44.87 -9.09 12.68
CA GLU C 364 45.33 -10.05 11.68
C GLU C 364 45.04 -11.48 12.09
N GLN C 365 44.24 -11.66 13.14
CA GLN C 365 43.95 -12.99 13.65
C GLN C 365 42.52 -13.43 13.38
N VAL C 366 42.36 -14.71 13.04
CA VAL C 366 41.05 -15.34 12.96
C VAL C 366 40.33 -15.20 14.31
N PRO C 367 39.07 -14.74 14.28
CA PRO C 367 38.26 -14.60 15.51
C PRO C 367 38.21 -15.89 16.30
N ALA C 368 38.43 -15.82 17.60
CA ALA C 368 38.64 -17.03 18.42
C ALA C 368 37.42 -17.98 18.45
N ASP C 369 36.22 -17.42 18.32
CA ASP C 369 35.01 -18.24 18.32
C ASP C 369 34.60 -18.64 16.91
N TRP C 370 35.57 -18.74 16.01
CA TRP C 370 35.29 -19.11 14.62
C TRP C 370 35.42 -20.62 14.45
N LYS C 371 34.35 -21.23 13.95
CA LYS C 371 34.42 -22.60 13.47
C LYS C 371 33.61 -22.69 12.17
N SER C 372 34.11 -23.46 11.20
CA SER C 372 33.49 -23.54 9.89
C SER C 372 33.92 -24.76 9.08
N ASP C 373 33.16 -25.07 8.05
CA ASP C 373 33.46 -26.15 7.12
C ASP C 373 34.11 -25.60 5.86
N ARG C 374 34.35 -24.29 5.87
CA ARG C 374 35.09 -23.62 4.81
C ARG C 374 36.22 -22.79 5.43
N ALA C 375 37.22 -22.47 4.61
CA ALA C 375 38.31 -21.61 5.05
C ALA C 375 37.82 -20.24 5.48
N HIS C 376 38.51 -19.66 6.43
CA HIS C 376 38.39 -18.23 6.71
C HIS C 376 39.28 -17.52 5.68
N PRO C 377 38.92 -16.28 5.30
CA PRO C 377 39.77 -15.48 4.43
C PRO C 377 41.21 -15.36 4.92
N LEU C 378 41.41 -15.18 6.23
CA LEU C 378 42.76 -15.01 6.77
C LEU C 378 43.57 -16.27 6.63
N GLU C 379 42.90 -17.42 6.62
CA GLU C 379 43.58 -18.69 6.43
C GLU C 379 44.06 -18.86 4.97
N ILE C 380 43.23 -18.42 4.01
CA ILE C 380 43.63 -18.39 2.61
C ILE C 380 44.83 -17.46 2.43
N VAL C 381 44.74 -16.27 2.99
CA VAL C 381 45.81 -15.28 2.87
C VAL C 381 47.13 -15.79 3.45
N LYS C 382 47.09 -16.34 4.67
CA LYS C 382 48.30 -16.86 5.27
C LYS C 382 48.89 -18.05 4.50
N GLU C 383 48.04 -19.01 4.12
CA GLU C 383 48.54 -20.17 3.40
C GLU C 383 49.13 -19.78 2.05
N LEU C 384 48.44 -18.91 1.31
CA LEU C 384 48.98 -18.39 0.07
C LEU C 384 50.35 -17.75 0.29
N ARG C 385 50.51 -16.99 1.36
CA ARG C 385 51.75 -16.25 1.54
C ARG C 385 52.88 -17.23 1.87
N ASN C 386 52.53 -18.35 2.50
CA ASN C 386 53.52 -19.35 2.87
C ASN C 386 53.92 -20.30 1.74
N ALA C 387 53.19 -20.28 0.65
CA ALA C 387 53.48 -21.19 -0.44
C ALA C 387 54.23 -20.49 -1.58
N VAL C 388 54.46 -19.20 -1.43
CA VAL C 388 54.96 -18.38 -2.54
C VAL C 388 56.22 -17.59 -2.13
N ASP C 389 57.31 -17.74 -2.89
CA ASP C 389 58.56 -17.07 -2.55
C ASP C 389 58.43 -15.58 -2.82
N ASP C 390 59.29 -14.79 -2.17
CA ASP C 390 59.20 -13.34 -2.24
C ASP C 390 59.18 -12.79 -3.65
N HIS C 391 59.97 -13.39 -4.54
CA HIS C 391 60.17 -12.84 -5.89
C HIS C 391 58.95 -12.99 -6.83
N VAL C 392 57.99 -13.82 -6.45
CA VAL C 392 56.86 -14.13 -7.32
C VAL C 392 55.82 -13.02 -7.35
N THR C 393 55.50 -12.53 -8.54
CA THR C 393 54.46 -11.53 -8.70
C THR C 393 53.07 -12.12 -8.48
N VAL C 394 52.33 -11.51 -7.56
CA VAL C 394 50.94 -11.84 -7.26
C VAL C 394 49.97 -10.72 -7.75
N THR C 395 49.08 -11.05 -8.67
CA THR C 395 48.14 -10.05 -9.19
C THR C 395 46.79 -10.27 -8.53
N CYS C 396 46.04 -9.19 -8.34
CA CYS C 396 44.79 -9.28 -7.60
C CYS C 396 43.62 -8.64 -8.36
N ASP C 397 42.42 -9.22 -8.23
CA ASP C 397 41.21 -8.71 -8.89
C ASP C 397 40.47 -7.76 -7.93
N ILE C 398 39.18 -7.51 -8.14
CA ILE C 398 38.47 -6.57 -7.28
C ILE C 398 37.30 -7.28 -6.61
N GLY C 399 37.06 -6.99 -5.34
CA GLY C 399 36.05 -7.70 -4.58
C GLY C 399 36.43 -7.81 -3.14
N SER C 400 35.67 -8.56 -2.36
CA SER C 400 35.94 -8.74 -0.93
C SER C 400 37.29 -9.45 -0.73
N HIS C 401 37.54 -10.48 -1.56
CA HIS C 401 38.82 -11.20 -1.57
C HIS C 401 39.97 -10.20 -1.61
N ALA C 402 39.79 -9.15 -2.39
CA ALA C 402 40.82 -8.15 -2.62
C ALA C 402 41.00 -7.24 -1.41
N ILE C 403 39.92 -6.98 -0.67
CA ILE C 403 40.07 -6.27 0.60
C ILE C 403 40.97 -7.07 1.55
N TRP C 404 40.65 -8.34 1.74
CA TRP C 404 41.48 -9.22 2.57
C TRP C 404 42.95 -9.24 2.09
N MET C 405 43.16 -9.42 0.79
CA MET C 405 44.51 -9.39 0.26
C MET C 405 45.21 -8.05 0.50
N SER C 406 44.51 -6.95 0.25
CA SER C 406 45.13 -5.63 0.29
C SER C 406 45.54 -5.24 1.69
N ARG C 407 44.85 -5.78 2.66
CA ARG C 407 45.10 -5.43 4.05
C ARG C 407 46.07 -6.37 4.73
N TYR C 408 46.01 -7.66 4.38
CA TYR C 408 46.67 -8.68 5.18
C TYR C 408 47.72 -9.52 4.44
N PHE C 409 47.81 -9.37 3.12
CA PHE C 409 48.82 -10.11 2.37
C PHE C 409 50.14 -9.33 2.29
N ARG C 410 51.11 -9.74 3.10
CA ARG C 410 52.43 -9.12 3.10
C ARG C 410 53.13 -9.24 1.75
N SER C 411 53.79 -8.17 1.33
CA SER C 411 54.61 -8.18 0.14
C SER C 411 55.95 -7.59 0.56
N TYR C 412 57.06 -8.11 0.02
CA TYR C 412 58.40 -7.70 0.46
C TYR C 412 59.31 -7.23 -0.66
N GLU C 413 58.82 -7.25 -1.90
CA GLU C 413 59.59 -6.73 -3.01
C GLU C 413 58.69 -5.85 -3.85
N PRO C 414 59.27 -4.81 -4.47
CA PRO C 414 58.51 -3.96 -5.40
C PRO C 414 57.84 -4.79 -6.50
N LEU C 415 56.61 -4.44 -6.86
CA LEU C 415 55.95 -5.01 -8.02
C LEU C 415 55.70 -6.51 -7.85
N THR C 416 55.51 -6.95 -6.62
CA THR C 416 55.13 -8.35 -6.41
C THR C 416 53.70 -8.51 -5.90
N LEU C 417 52.99 -7.41 -5.66
CA LEU C 417 51.55 -7.47 -5.39
C LEU C 417 50.84 -6.37 -6.18
N MET C 418 50.14 -6.76 -7.24
CA MET C 418 49.46 -5.80 -8.10
C MET C 418 47.94 -5.70 -7.88
N ILE C 419 47.52 -4.53 -7.43
CA ILE C 419 46.13 -4.23 -7.13
C ILE C 419 45.58 -3.09 -8.00
N SER C 420 44.34 -3.22 -8.47
CA SER C 420 43.69 -2.10 -9.18
C SER C 420 42.99 -1.16 -8.21
N ASN C 421 43.70 -0.12 -7.78
CA ASN C 421 43.21 0.80 -6.76
C ASN C 421 42.99 2.22 -7.29
N GLY C 422 42.72 2.33 -8.59
CA GLY C 422 42.30 3.57 -9.20
C GLY C 422 40.84 3.48 -9.63
N MET C 423 40.56 2.60 -10.59
CA MET C 423 39.22 2.38 -11.12
C MET C 423 38.54 1.21 -10.44
N GLN C 424 39.33 0.35 -9.79
CA GLN C 424 38.82 -0.87 -9.17
C GLN C 424 38.09 -1.73 -10.22
N THR C 425 38.79 -1.98 -11.32
CA THR C 425 38.22 -2.61 -12.49
C THR C 425 38.19 -4.14 -12.36
N LEU C 426 36.99 -4.70 -12.34
CA LEU C 426 36.83 -6.15 -12.32
C LEU C 426 37.51 -6.87 -13.51
N GLY C 427 38.20 -7.96 -13.22
CA GLY C 427 38.74 -8.78 -14.29
C GLY C 427 40.20 -8.57 -14.64
N VAL C 428 40.89 -7.62 -14.01
CA VAL C 428 42.30 -7.37 -14.35
C VAL C 428 43.28 -8.52 -13.98
N ALA C 429 42.98 -9.32 -12.95
CA ALA C 429 43.97 -10.26 -12.41
C ALA C 429 44.58 -11.22 -13.45
N LEU C 430 43.77 -12.04 -14.08
CA LEU C 430 44.28 -13.10 -14.93
C LEU C 430 45.03 -12.51 -16.15
N PRO C 431 44.45 -11.51 -16.84
CA PRO C 431 45.23 -10.85 -17.89
C PRO C 431 46.54 -10.20 -17.40
N TRP C 432 46.52 -9.50 -16.27
CA TRP C 432 47.73 -8.98 -15.62
C TRP C 432 48.77 -10.08 -15.35
N ALA C 433 48.32 -11.27 -14.97
CA ALA C 433 49.21 -12.37 -14.72
C ALA C 433 49.90 -12.76 -16.03
N ILE C 434 49.15 -12.75 -17.12
CA ILE C 434 49.72 -13.10 -18.41
C ILE C 434 50.84 -12.09 -18.78
N GLY C 435 50.53 -10.80 -18.68
CA GLY C 435 51.53 -9.78 -18.99
C GLY C 435 52.78 -9.89 -18.13
N ALA C 436 52.60 -10.23 -16.85
CA ALA C 436 53.70 -10.41 -15.91
C ALA C 436 54.59 -11.58 -16.28
N SER C 437 53.99 -12.68 -16.70
CA SER C 437 54.76 -13.85 -17.09
C SER C 437 55.55 -13.56 -18.35
N LEU C 438 55.05 -12.69 -19.21
CA LEU C 438 55.75 -12.35 -20.44
C LEU C 438 56.92 -11.43 -20.17
N VAL C 439 56.84 -10.69 -19.06
CA VAL C 439 57.91 -9.78 -18.64
C VAL C 439 58.92 -10.56 -17.81
N LYS C 440 58.45 -11.56 -17.09
CA LYS C 440 59.31 -12.39 -16.26
C LYS C 440 59.27 -13.83 -16.70
N PRO C 441 59.81 -14.12 -17.89
CA PRO C 441 59.77 -15.50 -18.40
C PRO C 441 60.50 -16.48 -17.48
N GLY C 442 59.89 -17.63 -17.20
CA GLY C 442 60.49 -18.60 -16.31
C GLY C 442 59.86 -18.62 -14.94
N GLU C 443 59.38 -17.46 -14.47
CA GLU C 443 58.81 -17.38 -13.15
C GLU C 443 57.33 -17.75 -13.11
N LYS C 444 56.90 -18.38 -12.02
CA LYS C 444 55.49 -18.50 -11.73
C LYS C 444 54.88 -17.13 -11.40
N VAL C 445 53.65 -16.94 -11.87
CA VAL C 445 52.88 -15.75 -11.56
C VAL C 445 51.54 -16.23 -11.00
N VAL C 446 51.21 -15.73 -9.81
CA VAL C 446 49.96 -16.05 -9.13
C VAL C 446 48.91 -14.97 -9.38
N SER C 447 47.68 -15.36 -9.74
CA SER C 447 46.58 -14.37 -9.82
C SER C 447 45.43 -14.74 -8.89
N VAL C 448 44.91 -13.75 -8.17
CA VAL C 448 43.86 -14.01 -7.21
C VAL C 448 42.58 -13.24 -7.58
N SER C 449 41.46 -13.94 -7.71
CA SER C 449 40.19 -13.27 -7.94
C SER C 449 39.03 -13.87 -7.14
N GLY C 450 37.86 -13.23 -7.22
CA GLY C 450 36.64 -13.85 -6.73
C GLY C 450 35.99 -14.57 -7.90
N ASP C 451 34.85 -15.21 -7.67
CA ASP C 451 34.21 -15.92 -8.78
C ASP C 451 33.36 -14.97 -9.64
N GLY C 452 33.06 -13.79 -9.12
CA GLY C 452 32.36 -12.82 -9.93
C GLY C 452 33.26 -12.21 -10.99
N GLY C 453 34.33 -11.55 -10.54
CA GLY C 453 35.26 -10.91 -11.45
C GLY C 453 35.98 -11.88 -12.37
N PHE C 454 36.08 -13.14 -11.98
CA PHE C 454 36.74 -14.16 -12.78
C PHE C 454 36.19 -14.27 -14.20
N LEU C 455 34.85 -14.37 -14.31
CA LEU C 455 34.27 -14.50 -15.64
C LEU C 455 34.33 -13.20 -16.41
N PHE C 456 34.72 -12.10 -15.77
CA PHE C 456 34.94 -10.89 -16.56
C PHE C 456 36.05 -11.05 -17.60
N SER C 457 36.98 -11.97 -17.39
CA SER C 457 38.12 -12.09 -18.30
C SER C 457 38.69 -13.49 -18.47
N ALA C 458 37.95 -14.50 -18.01
CA ALA C 458 38.45 -15.88 -17.99
C ALA C 458 38.74 -16.46 -19.39
N MET C 459 38.00 -16.01 -20.39
CA MET C 459 38.32 -16.20 -21.82
C MET C 459 39.81 -16.15 -22.18
N GLU C 460 40.56 -15.29 -21.48
CA GLU C 460 41.97 -15.12 -21.82
C GLU C 460 42.81 -16.30 -21.29
N LEU C 461 42.16 -17.26 -20.62
CA LEU C 461 42.81 -18.53 -20.29
C LEU C 461 43.30 -19.29 -21.54
N GLU C 462 42.71 -19.01 -22.70
CA GLU C 462 43.17 -19.66 -23.92
C GLU C 462 44.51 -19.06 -24.34
N THR C 463 44.67 -17.76 -24.12
CA THR C 463 45.93 -17.09 -24.39
C THR C 463 47.01 -17.69 -23.50
N ALA C 464 46.69 -17.85 -22.21
CA ALA C 464 47.65 -18.37 -21.26
C ALA C 464 48.06 -19.78 -21.60
N VAL C 465 47.11 -20.59 -22.05
CA VAL C 465 47.41 -21.98 -22.36
C VAL C 465 48.20 -22.04 -23.67
N ARG C 466 47.82 -21.20 -24.62
CA ARG C 466 48.51 -21.17 -25.89
C ARG C 466 49.98 -20.75 -25.69
N LEU C 467 50.24 -19.95 -24.66
CA LEU C 467 51.59 -19.46 -24.35
C LEU C 467 52.31 -20.38 -23.35
N LYS C 468 51.57 -21.32 -22.78
CA LYS C 468 52.09 -22.18 -21.72
C LYS C 468 52.60 -21.36 -20.52
N ALA C 469 51.99 -20.21 -20.30
CA ALA C 469 52.28 -19.38 -19.14
C ALA C 469 52.08 -20.16 -17.85
N PRO C 470 53.09 -20.15 -16.98
CA PRO C 470 53.08 -20.76 -15.63
C PRO C 470 52.25 -19.98 -14.61
N ILE C 471 50.98 -19.73 -14.93
CA ILE C 471 50.10 -18.93 -14.07
C ILE C 471 49.30 -19.79 -13.10
N VAL C 472 49.20 -19.32 -11.85
CA VAL C 472 48.37 -19.98 -10.86
C VAL C 472 47.22 -19.04 -10.41
N HIS C 473 46.02 -19.31 -10.88
CA HIS C 473 44.87 -18.44 -10.55
C HIS C 473 44.04 -19.01 -9.40
N ILE C 474 43.88 -18.21 -8.35
CA ILE C 474 43.06 -18.60 -7.22
C ILE C 474 41.67 -17.94 -7.29
N VAL C 475 40.61 -18.76 -7.30
CA VAL C 475 39.25 -18.22 -7.31
C VAL C 475 38.62 -18.37 -5.92
N TRP C 476 38.30 -17.25 -5.29
CA TRP C 476 37.58 -17.32 -4.03
C TRP C 476 36.10 -17.64 -4.30
N ASN C 477 35.65 -18.82 -3.91
CA ASN C 477 34.28 -19.24 -4.26
C ASN C 477 33.23 -18.95 -3.17
N ASP C 478 32.30 -18.08 -3.53
CA ASP C 478 31.29 -17.49 -2.65
C ASP C 478 29.90 -17.58 -3.29
N SER C 479 29.87 -17.40 -4.61
CA SER C 479 28.68 -17.43 -5.50
C SER C 479 27.84 -16.13 -5.48
N THR C 480 28.44 -15.01 -5.04
CA THR C 480 27.82 -13.68 -5.16
C THR C 480 28.84 -12.55 -5.41
N TYR C 481 28.35 -11.41 -5.86
CA TYR C 481 29.13 -10.17 -5.88
C TYR C 481 29.20 -9.62 -4.47
N ASP C 482 30.08 -10.17 -3.63
CA ASP C 482 29.97 -9.95 -2.17
C ASP C 482 30.37 -8.58 -1.61
N MET C 483 31.39 -7.93 -2.18
CA MET C 483 31.81 -6.62 -1.69
C MET C 483 30.66 -5.60 -1.81
N VAL C 484 29.80 -5.80 -2.81
CA VAL C 484 28.60 -4.99 -2.99
C VAL C 484 27.53 -5.41 -1.99
N ALA C 485 27.41 -6.72 -1.75
CA ALA C 485 26.37 -7.27 -0.85
C ALA C 485 26.45 -6.79 0.61
N PHE C 486 27.64 -6.75 1.22
CA PHE C 486 27.68 -6.36 2.64
C PHE C 486 27.63 -4.84 2.83
N GLN C 487 28.00 -4.09 1.80
CA GLN C 487 27.79 -2.64 1.79
C GLN C 487 26.32 -2.30 1.64
N GLN C 488 25.59 -3.10 0.87
CA GLN C 488 24.14 -2.93 0.77
C GLN C 488 23.48 -3.28 2.09
N LEU C 489 24.06 -4.24 2.81
CA LEU C 489 23.53 -4.65 4.11
C LEU C 489 23.73 -3.57 5.19
N LYS C 490 24.85 -2.85 5.10
CA LYS C 490 25.11 -1.77 6.06
C LYS C 490 24.34 -0.49 5.71
N LYS C 491 23.95 -0.32 4.44
CA LYS C 491 23.16 0.86 4.07
C LYS C 491 21.68 0.60 4.21
N TYR C 492 21.21 -0.49 3.60
CA TYR C 492 19.77 -0.71 3.41
C TYR C 492 19.24 -1.96 4.11
N ASN C 493 20.12 -2.64 4.85
CA ASN C 493 19.79 -3.89 5.53
CA ASN C 493 19.77 -3.89 5.53
C ASN C 493 19.19 -4.95 4.59
N ARG C 494 19.41 -4.77 3.30
CA ARG C 494 18.99 -5.74 2.28
C ARG C 494 19.94 -5.67 1.07
N THR C 495 20.07 -6.77 0.32
CA THR C 495 20.91 -6.75 -0.87
C THR C 495 20.06 -6.68 -2.14
N SER C 496 20.74 -6.47 -3.27
CA SER C 496 20.09 -6.36 -4.57
C SER C 496 21.04 -6.72 -5.71
N ALA C 497 20.59 -7.63 -6.57
CA ALA C 497 21.30 -8.04 -7.79
C ALA C 497 22.74 -8.52 -7.53
N VAL C 498 22.93 -9.27 -6.46
CA VAL C 498 24.27 -9.72 -6.09
C VAL C 498 24.45 -11.21 -6.34
N ASP C 499 23.36 -11.91 -6.62
CA ASP C 499 23.42 -13.37 -6.72
C ASP C 499 23.53 -13.91 -8.13
N PHE C 500 24.36 -14.94 -8.29
CA PHE C 500 24.47 -15.63 -9.57
C PHE C 500 24.77 -17.09 -9.33
N GLY C 501 24.56 -17.91 -10.36
CA GLY C 501 24.82 -19.34 -10.25
C GLY C 501 26.30 -19.68 -10.23
N ASN C 502 26.64 -20.78 -9.56
CA ASN C 502 28.02 -21.24 -9.51
C ASN C 502 28.31 -22.14 -10.73
N ILE C 503 29.55 -22.11 -11.21
CA ILE C 503 29.97 -22.94 -12.33
C ILE C 503 30.98 -23.99 -11.83
N ASP C 504 31.34 -24.96 -12.66
CA ASP C 504 32.38 -25.94 -12.30
C ASP C 504 33.74 -25.43 -12.72
N ILE C 505 34.42 -24.79 -11.78
CA ILE C 505 35.68 -24.11 -12.07
C ILE C 505 36.75 -25.08 -12.58
N VAL C 506 36.79 -26.28 -12.00
CA VAL C 506 37.73 -27.31 -12.44
C VAL C 506 37.47 -27.77 -13.87
N LYS C 507 36.21 -28.03 -14.21
CA LYS C 507 35.90 -28.48 -15.56
C LYS C 507 36.02 -27.32 -16.55
N TYR C 508 35.86 -26.10 -16.06
CA TYR C 508 36.05 -24.94 -16.89
C TYR C 508 37.50 -24.89 -17.33
N ALA C 509 38.42 -25.05 -16.37
CA ALA C 509 39.85 -24.97 -16.65
C ALA C 509 40.25 -26.08 -17.61
N GLU C 510 39.64 -27.25 -17.43
CA GLU C 510 40.00 -28.41 -18.24
C GLU C 510 39.53 -28.26 -19.68
N SER C 511 38.38 -27.63 -19.87
CA SER C 511 37.90 -27.44 -21.24
C SER C 511 38.83 -26.54 -22.05
N PHE C 512 39.69 -25.76 -21.37
CA PHE C 512 40.64 -24.86 -22.05
C PHE C 512 42.00 -25.54 -22.29
N GLY C 513 42.19 -26.70 -21.70
CA GLY C 513 43.48 -27.37 -21.76
C GLY C 513 44.33 -26.99 -20.56
N ALA C 514 43.74 -26.23 -19.64
CA ALA C 514 44.39 -25.87 -18.39
C ALA C 514 44.19 -26.96 -17.32
N THR C 515 44.72 -26.74 -16.12
CA THR C 515 44.63 -27.69 -15.02
C THR C 515 43.71 -27.15 -13.93
N GLY C 516 42.77 -27.97 -13.46
CA GLY C 516 41.89 -27.53 -12.39
C GLY C 516 42.09 -28.28 -11.07
N LEU C 517 42.17 -27.52 -9.98
CA LEU C 517 42.27 -28.12 -8.66
C LEU C 517 41.18 -27.58 -7.78
N ARG C 518 40.84 -28.30 -6.72
CA ARG C 518 39.81 -27.82 -5.79
C ARG C 518 40.13 -28.16 -4.34
N VAL C 519 40.06 -27.15 -3.49
CA VAL C 519 40.15 -27.36 -2.04
C VAL C 519 38.85 -27.91 -1.52
N GLU C 520 38.78 -29.23 -1.37
CA GLU C 520 37.51 -29.83 -1.00
C GLU C 520 37.25 -29.75 0.49
N SER C 521 38.31 -29.58 1.28
CA SER C 521 38.16 -29.25 2.69
C SER C 521 39.29 -28.30 3.10
N PRO C 522 39.03 -27.40 4.05
CA PRO C 522 39.97 -26.34 4.40
C PRO C 522 41.36 -26.84 4.82
N ASP C 523 41.49 -28.13 5.11
CA ASP C 523 42.77 -28.69 5.57
C ASP C 523 43.63 -29.17 4.40
N GLN C 524 43.07 -29.13 3.20
CA GLN C 524 43.81 -29.47 1.99
C GLN C 524 44.42 -28.22 1.36
N LEU C 525 44.13 -27.07 1.97
CA LEU C 525 44.51 -25.78 1.40
C LEU C 525 46.02 -25.68 1.08
N ALA C 526 46.86 -25.96 2.07
CA ALA C 526 48.31 -25.87 1.86
C ALA C 526 48.78 -26.85 0.78
N ASP C 527 48.21 -28.04 0.77
CA ASP C 527 48.57 -29.07 -0.20
C ASP C 527 48.18 -28.71 -1.63
N VAL C 528 46.91 -28.34 -1.81
CA VAL C 528 46.37 -28.00 -3.12
C VAL C 528 47.11 -26.78 -3.69
N LEU C 529 47.48 -25.84 -2.83
CA LEU C 529 48.27 -24.69 -3.24
C LEU C 529 49.66 -25.10 -3.75
N ARG C 530 50.38 -25.94 -3.00
CA ARG C 530 51.70 -26.36 -3.45
C ARG C 530 51.59 -27.04 -4.81
N GLN C 531 50.52 -27.81 -4.95
CA GLN C 531 50.28 -28.59 -6.15
C GLN C 531 50.13 -27.72 -7.38
N GLY C 532 49.38 -26.63 -7.22
CA GLY C 532 49.23 -25.66 -8.28
C GLY C 532 50.57 -25.03 -8.64
N MET C 533 51.34 -24.67 -7.62
CA MET C 533 52.67 -24.11 -7.83
C MET C 533 53.61 -25.07 -8.56
N ASN C 534 53.45 -26.38 -8.38
CA ASN C 534 54.36 -27.33 -9.03
C ASN C 534 53.88 -27.74 -10.42
N ALA C 535 52.70 -27.26 -10.80
CA ALA C 535 52.09 -27.70 -12.04
C ALA C 535 52.76 -27.10 -13.26
N GLU C 536 52.59 -27.78 -14.38
CA GLU C 536 53.08 -27.28 -15.65
C GLU C 536 51.93 -26.67 -16.45
N GLY C 537 52.16 -25.47 -17.01
CA GLY C 537 51.13 -24.72 -17.69
C GLY C 537 50.16 -24.08 -16.71
N PRO C 538 49.12 -23.42 -17.22
CA PRO C 538 48.17 -22.70 -16.35
C PRO C 538 47.31 -23.58 -15.42
N VAL C 539 47.08 -23.08 -14.22
CA VAL C 539 46.22 -23.75 -13.25
C VAL C 539 45.12 -22.81 -12.75
N ILE C 540 43.92 -23.32 -12.62
CA ILE C 540 42.88 -22.62 -11.88
C ILE C 540 42.56 -23.38 -10.60
N ILE C 541 42.56 -22.69 -9.46
CA ILE C 541 42.24 -23.35 -8.20
C ILE C 541 40.93 -22.85 -7.60
N ASP C 542 40.01 -23.79 -7.41
CA ASP C 542 38.73 -23.52 -6.77
C ASP C 542 38.87 -23.57 -5.24
N VAL C 543 38.66 -22.44 -4.58
CA VAL C 543 38.71 -22.38 -3.10
C VAL C 543 37.38 -21.89 -2.47
N PRO C 544 36.63 -22.83 -1.88
CA PRO C 544 35.48 -22.40 -1.09
C PRO C 544 35.89 -21.49 0.07
N VAL C 545 35.20 -20.37 0.23
CA VAL C 545 35.52 -19.45 1.32
C VAL C 545 34.26 -19.15 2.12
N ASP C 546 34.42 -18.89 3.42
CA ASP C 546 33.33 -18.47 4.28
C ASP C 546 33.41 -16.95 4.47
N TYR C 547 32.40 -16.24 4.00
CA TYR C 547 32.44 -14.78 3.98
C TYR C 547 31.64 -14.10 5.09
N SER C 548 31.29 -14.86 6.13
CA SER C 548 30.41 -14.35 7.17
C SER C 548 31.09 -13.31 8.06
N ASP C 549 32.41 -13.26 8.00
CA ASP C 549 33.19 -12.27 8.74
C ASP C 549 33.31 -10.95 7.95
N ASN C 550 33.02 -10.98 6.66
CA ASN C 550 33.31 -9.86 5.76
C ASN C 550 32.68 -8.54 6.19
N ILE C 551 31.51 -8.62 6.81
CA ILE C 551 30.81 -7.42 7.19
C ILE C 551 31.62 -6.62 8.22
N ASN C 552 32.51 -7.30 8.93
CA ASN C 552 33.33 -6.65 9.95
C ASN C 552 34.48 -5.82 9.36
N LEU C 553 34.75 -6.00 8.07
CA LEU C 553 35.75 -5.20 7.38
C LEU C 553 35.42 -3.69 7.41
N ALA C 554 34.14 -3.37 7.57
CA ALA C 554 33.69 -1.99 7.58
C ALA C 554 33.21 -1.57 8.98
N SER C 555 33.73 -2.24 10.01
CA SER C 555 33.32 -1.98 11.38
C SER C 555 34.00 -0.74 11.95
N ASP C 556 33.36 -0.08 12.90
CA ASP C 556 33.95 1.08 13.55
C ASP C 556 34.48 0.75 14.95
N LYS C 557 34.50 -0.54 15.27
CA LYS C 557 34.89 -1.03 16.59
C LYS C 557 36.25 -0.53 17.02
N LEU C 558 37.23 -0.64 16.12
CA LEU C 558 38.60 -0.28 16.44
C LEU C 558 38.78 1.23 16.65
N PRO C 559 38.25 2.07 15.73
CA PRO C 559 38.34 3.51 16.02
C PRO C 559 37.69 3.85 17.37
N LYS C 560 36.60 3.18 17.68
CA LYS C 560 35.86 3.41 18.92
C LYS C 560 36.63 2.98 20.18
N GLU C 561 37.21 1.78 20.16
CA GLU C 561 37.98 1.30 21.29
C GLU C 561 39.19 2.18 21.56
N PHE C 562 39.99 2.41 20.53
CA PHE C 562 41.17 3.24 20.66
C PHE C 562 40.79 4.65 21.09
N GLY C 563 39.60 5.08 20.69
CA GLY C 563 39.10 6.40 21.05
C GLY C 563 38.99 6.56 22.56
N GLU C 564 38.48 5.54 23.22
CA GLU C 564 38.27 5.62 24.66
C GLU C 564 39.56 5.30 25.41
N LEU C 565 40.51 4.69 24.72
CA LEU C 565 41.87 4.55 25.25
C LEU C 565 42.41 5.95 25.53
N MET C 566 42.37 6.79 24.50
CA MET C 566 42.84 8.16 24.59
C MET C 566 41.87 9.06 25.37
N LYS D 14 10.25 5.90 -0.74
CA LYS D 14 11.22 6.52 0.14
C LYS D 14 11.45 7.99 -0.22
N ASN D 15 11.04 8.36 -1.44
CA ASN D 15 11.30 9.68 -2.02
C ASN D 15 12.78 10.06 -2.13
N ARG D 16 13.62 9.10 -2.47
CA ARG D 16 14.96 9.42 -2.94
C ARG D 16 14.94 9.61 -4.47
N GLY D 17 15.96 10.29 -5.00
CA GLY D 17 16.19 10.30 -6.43
C GLY D 17 16.09 8.92 -7.10
N ALA D 18 16.58 7.90 -6.41
CA ALA D 18 16.50 6.50 -6.86
C ALA D 18 15.06 6.06 -7.13
N GLU D 19 14.14 6.54 -6.31
CA GLU D 19 12.73 6.16 -6.49
C GLU D 19 12.15 6.87 -7.70
N LEU D 20 12.60 8.09 -7.95
CA LEU D 20 12.19 8.86 -9.11
C LEU D 20 12.58 8.14 -10.39
N VAL D 21 13.77 7.53 -10.37
CA VAL D 21 14.28 6.75 -11.49
C VAL D 21 13.43 5.50 -11.73
N VAL D 22 13.25 4.69 -10.69
CA VAL D 22 12.42 3.50 -10.79
C VAL D 22 11.01 3.82 -11.28
N ASP D 23 10.45 4.93 -10.82
CA ASP D 23 9.10 5.30 -11.24
C ASP D 23 9.01 5.61 -12.72
N CYS D 24 10.05 6.23 -13.27
CA CYS D 24 10.08 6.46 -14.71
C CYS D 24 10.03 5.12 -15.46
N LEU D 25 10.77 4.12 -14.98
CA LEU D 25 10.81 2.81 -15.64
C LEU D 25 9.45 2.10 -15.55
N VAL D 26 8.75 2.27 -14.43
CA VAL D 26 7.39 1.75 -14.29
C VAL D 26 6.46 2.44 -15.30
N GLU D 27 6.50 3.76 -15.33
CA GLU D 27 5.67 4.55 -16.25
C GLU D 27 5.93 4.20 -17.71
N GLN D 28 7.19 3.86 -18.04
CA GLN D 28 7.62 3.55 -19.43
C GLN D 28 7.27 2.12 -19.84
N GLY D 29 6.82 1.31 -18.90
CA GLY D 29 6.45 -0.07 -19.19
C GLY D 29 7.64 -0.99 -19.38
N VAL D 30 8.75 -0.72 -18.69
CA VAL D 30 9.93 -1.57 -18.75
C VAL D 30 9.77 -2.85 -17.91
N THR D 31 10.01 -4.01 -18.52
CA THR D 31 9.87 -5.28 -17.79
C THR D 31 11.19 -5.88 -17.31
N HIS D 32 12.27 -5.56 -17.99
CA HIS D 32 13.58 -6.05 -17.58
C HIS D 32 14.59 -4.95 -17.57
N VAL D 33 15.41 -4.93 -16.52
CA VAL D 33 16.59 -4.09 -16.49
C VAL D 33 17.81 -5.02 -16.45
N PHE D 34 18.76 -4.84 -17.35
CA PHE D 34 19.98 -5.65 -17.35
C PHE D 34 21.06 -4.85 -16.63
N GLY D 35 21.76 -5.48 -15.70
CA GLY D 35 22.70 -4.72 -14.90
C GLY D 35 23.68 -5.45 -14.04
N ILE D 36 24.53 -4.66 -13.39
CA ILE D 36 25.50 -5.14 -12.42
C ILE D 36 25.60 -4.04 -11.38
N PRO D 37 25.44 -4.39 -10.10
CA PRO D 37 25.39 -3.39 -9.02
C PRO D 37 26.75 -2.84 -8.62
N GLY D 38 26.74 -1.68 -7.97
CA GLY D 38 27.95 -1.07 -7.45
C GLY D 38 27.60 0.05 -6.48
N ALA D 39 28.60 0.51 -5.71
CA ALA D 39 28.36 1.47 -4.63
C ALA D 39 27.69 2.78 -5.08
N LYS D 40 28.16 3.40 -6.15
CA LYS D 40 27.63 4.70 -6.54
C LYS D 40 26.19 4.60 -7.05
N ILE D 41 25.82 3.47 -7.64
CA ILE D 41 24.48 3.31 -8.18
C ILE D 41 23.56 2.46 -7.28
N ASP D 42 24.07 1.86 -6.21
CA ASP D 42 23.31 0.85 -5.45
C ASP D 42 21.95 1.31 -4.86
N ALA D 43 21.74 2.62 -4.75
CA ALA D 43 20.44 3.16 -4.31
C ALA D 43 19.31 2.84 -5.29
N VAL D 44 19.59 2.96 -6.59
CA VAL D 44 18.63 2.57 -7.61
C VAL D 44 18.38 1.05 -7.56
N PHE D 45 19.42 0.27 -7.33
CA PHE D 45 19.24 -1.18 -7.19
C PHE D 45 18.41 -1.53 -5.94
N ASP D 46 18.61 -0.77 -4.87
CA ASP D 46 17.83 -0.93 -3.64
C ASP D 46 16.35 -0.60 -3.88
N ALA D 47 16.10 0.51 -4.58
CA ALA D 47 14.75 0.94 -4.91
C ALA D 47 14.02 -0.06 -5.81
N LEU D 48 14.78 -0.86 -6.56
CA LEU D 48 14.22 -1.87 -7.44
C LEU D 48 13.75 -3.11 -6.68
N GLN D 49 14.17 -3.21 -5.43
CA GLN D 49 13.68 -4.27 -4.55
C GLN D 49 12.19 -4.05 -4.20
N ASP D 50 11.76 -2.80 -4.14
CA ASP D 50 10.38 -2.45 -3.78
C ASP D 50 9.41 -2.54 -4.97
N LYS D 51 9.67 -1.79 -6.03
CA LYS D 51 8.85 -1.88 -7.22
C LYS D 51 9.70 -1.90 -8.47
N GLY D 52 9.06 -1.90 -9.62
CA GLY D 52 9.78 -1.78 -10.88
C GLY D 52 10.11 -3.10 -11.56
N PRO D 53 10.79 -3.02 -12.71
CA PRO D 53 11.08 -4.21 -13.51
C PRO D 53 12.04 -5.20 -12.84
N GLU D 54 12.01 -6.39 -13.43
CA GLU D 54 12.86 -7.48 -13.07
C GLU D 54 14.32 -7.19 -13.42
N ILE D 55 15.18 -7.30 -12.40
CA ILE D 55 16.60 -7.18 -12.63
C ILE D 55 17.20 -8.48 -13.19
N ILE D 56 17.83 -8.38 -14.35
CA ILE D 56 18.62 -9.48 -14.88
CA ILE D 56 18.62 -9.49 -14.89
C ILE D 56 20.10 -9.20 -14.59
N VAL D 57 20.70 -10.00 -13.71
CA VAL D 57 22.09 -9.75 -13.36
C VAL D 57 23.00 -10.27 -14.46
N ALA D 58 23.89 -9.42 -14.97
CA ALA D 58 24.76 -9.84 -16.05
C ALA D 58 26.16 -10.20 -15.54
N ARG D 59 26.93 -10.93 -16.33
CA ARG D 59 28.30 -11.24 -15.93
C ARG D 59 29.29 -10.23 -16.52
N HIS D 60 28.81 -9.33 -17.37
CA HIS D 60 29.64 -8.28 -17.93
C HIS D 60 28.75 -7.13 -18.44
N GLU D 61 29.07 -5.89 -18.09
CA GLU D 61 28.26 -4.76 -18.57
C GLU D 61 28.17 -4.69 -20.11
N GLN D 62 29.23 -5.09 -20.80
CA GLN D 62 29.16 -5.27 -22.25
C GLN D 62 27.94 -6.09 -22.65
N ASN D 63 27.76 -7.22 -21.96
CA ASN D 63 26.67 -8.14 -22.30
C ASN D 63 25.28 -7.64 -21.84
N ALA D 64 25.23 -6.92 -20.74
CA ALA D 64 23.99 -6.30 -20.36
C ALA D 64 23.55 -5.33 -21.45
N ALA D 65 24.49 -4.58 -22.00
CA ALA D 65 24.24 -3.67 -23.10
C ALA D 65 23.73 -4.41 -24.34
N PHE D 66 24.36 -5.52 -24.70
CA PHE D 66 23.92 -6.27 -25.86
C PHE D 66 22.45 -6.73 -25.69
N MET D 67 22.13 -7.33 -24.53
CA MET D 67 20.76 -7.77 -24.23
C MET D 67 19.75 -6.62 -24.36
N ALA D 68 20.07 -5.47 -23.79
CA ALA D 68 19.23 -4.27 -23.95
C ALA D 68 19.05 -3.91 -25.42
N GLN D 69 20.11 -4.11 -26.22
CA GLN D 69 20.01 -3.84 -27.64
C GLN D 69 19.01 -4.80 -28.27
N ALA D 70 19.10 -6.07 -27.92
CA ALA D 70 18.17 -7.09 -28.40
C ALA D 70 16.72 -6.76 -28.08
N VAL D 71 16.46 -6.31 -26.86
CA VAL D 71 15.11 -5.93 -26.45
C VAL D 71 14.60 -4.75 -27.27
N GLY D 72 15.41 -3.71 -27.40
CA GLY D 72 15.09 -2.60 -28.29
C GLY D 72 14.79 -2.97 -29.75
N ARG D 73 15.61 -3.83 -30.36
CA ARG D 73 15.38 -4.18 -31.75
C ARG D 73 14.06 -4.93 -31.92
N LEU D 74 13.75 -5.77 -30.95
CA LEU D 74 12.62 -6.69 -31.06
C LEU D 74 11.28 -6.14 -30.56
N THR D 75 11.27 -5.00 -29.86
CA THR D 75 10.00 -4.55 -29.30
C THR D 75 9.68 -3.11 -29.63
N GLY D 76 10.70 -2.33 -29.97
CA GLY D 76 10.43 -0.95 -30.31
C GLY D 76 10.44 -0.07 -29.10
N LYS D 77 10.51 -0.69 -27.91
CA LYS D 77 10.64 0.01 -26.65
C LYS D 77 12.11 -0.04 -26.24
N PRO D 78 12.64 1.08 -25.75
CA PRO D 78 14.06 1.12 -25.39
C PRO D 78 14.43 -0.01 -24.41
N GLY D 79 15.53 -0.72 -24.71
CA GLY D 79 16.09 -1.64 -23.75
C GLY D 79 16.81 -0.86 -22.67
N VAL D 80 16.81 -1.39 -21.44
CA VAL D 80 17.39 -0.65 -20.34
C VAL D 80 18.51 -1.43 -19.67
N VAL D 81 19.65 -0.75 -19.57
CA VAL D 81 20.79 -1.29 -18.85
C VAL D 81 21.17 -0.35 -17.70
N LEU D 82 21.57 -0.92 -16.57
CA LEU D 82 21.85 -0.11 -15.39
C LEU D 82 23.17 -0.52 -14.75
N VAL D 83 24.10 0.43 -14.61
CA VAL D 83 25.45 0.13 -14.12
C VAL D 83 26.02 1.15 -13.14
N THR D 84 27.16 0.80 -12.56
CA THR D 84 27.79 1.66 -11.57
C THR D 84 28.76 2.62 -12.22
N SER D 85 29.41 3.47 -11.42
CA SER D 85 30.42 4.42 -11.89
C SER D 85 31.70 3.77 -12.43
N GLY D 86 32.60 4.60 -12.93
CA GLY D 86 33.89 4.16 -13.44
C GLY D 86 33.84 3.11 -14.54
N PRO D 87 34.48 1.96 -14.28
CA PRO D 87 34.56 0.83 -15.22
C PRO D 87 33.19 0.23 -15.48
N GLY D 88 32.22 0.51 -14.60
CA GLY D 88 30.87 0.04 -14.82
C GLY D 88 30.32 0.76 -16.03
N ALA D 89 30.47 2.08 -16.04
CA ALA D 89 30.02 2.89 -17.16
C ALA D 89 30.89 2.68 -18.42
N SER D 90 32.21 2.68 -18.26
CA SER D 90 33.09 2.60 -19.41
C SER D 90 32.94 1.24 -20.10
N ASN D 91 32.53 0.20 -19.37
CA ASN D 91 32.26 -1.09 -20.01
C ASN D 91 31.04 -1.12 -20.93
N LEU D 92 30.22 -0.07 -20.92
CA LEU D 92 29.07 0.00 -21.82
C LEU D 92 29.44 0.52 -23.23
N ALA D 93 30.66 1.01 -23.41
CA ALA D 93 31.01 1.79 -24.62
C ALA D 93 30.63 1.12 -25.95
N THR D 94 31.17 -0.07 -26.20
CA THR D 94 30.94 -0.74 -27.46
C THR D 94 29.45 -1.10 -27.64
N GLY D 95 28.82 -1.57 -26.57
CA GLY D 95 27.40 -1.86 -26.58
C GLY D 95 26.57 -0.67 -27.09
N LEU D 96 26.73 0.48 -26.46
CA LEU D 96 25.95 1.64 -26.88
C LEU D 96 26.36 2.12 -28.28
N LEU D 97 27.65 2.04 -28.60
CA LEU D 97 28.12 2.38 -29.94
C LEU D 97 27.43 1.51 -30.99
N THR D 98 27.37 0.21 -30.70
CA THR D 98 26.71 -0.74 -31.59
C THR D 98 25.23 -0.43 -31.78
N ALA D 99 24.50 -0.30 -30.68
CA ALA D 99 23.08 0.04 -30.71
C ALA D 99 22.87 1.35 -31.45
N ASN D 100 23.74 2.31 -31.20
CA ASN D 100 23.52 3.65 -31.73
C ASN D 100 23.68 3.72 -33.24
N THR D 101 24.35 2.75 -33.83
CA THR D 101 24.64 2.81 -35.27
C THR D 101 23.87 1.76 -36.06
N GLU D 102 23.08 0.95 -35.37
CA GLU D 102 22.35 -0.16 -35.98
C GLU D 102 20.84 -0.01 -35.79
N GLY D 103 20.42 1.11 -35.23
CA GLY D 103 19.03 1.49 -35.18
C GLY D 103 18.21 1.05 -33.97
N ASP D 104 18.88 0.62 -32.90
CA ASP D 104 18.18 0.03 -31.76
C ASP D 104 18.01 1.01 -30.60
N PRO D 105 16.76 1.23 -30.17
CA PRO D 105 16.51 2.09 -29.01
C PRO D 105 17.08 1.47 -27.73
N VAL D 106 17.98 2.20 -27.04
CA VAL D 106 18.51 1.74 -25.75
C VAL D 106 18.65 2.90 -24.78
N VAL D 107 18.32 2.64 -23.51
CA VAL D 107 18.55 3.61 -22.45
C VAL D 107 19.50 3.03 -21.43
N ALA D 108 20.61 3.71 -21.25
CA ALA D 108 21.65 3.34 -20.30
C ALA D 108 21.61 4.29 -19.11
N LEU D 109 21.62 3.72 -17.91
CA LEU D 109 21.65 4.48 -16.67
C LEU D 109 22.89 4.13 -15.85
N ALA D 110 23.66 5.14 -15.46
CA ALA D 110 24.93 4.92 -14.80
C ALA D 110 25.19 5.85 -13.61
N GLY D 111 25.92 5.32 -12.62
CA GLY D 111 26.35 6.13 -11.50
C GLY D 111 27.61 6.94 -11.76
N ASN D 112 27.82 7.95 -10.91
CA ASN D 112 29.08 8.66 -10.87
C ASN D 112 29.37 9.07 -9.40
N VAL D 113 30.50 9.72 -9.16
CA VAL D 113 30.82 10.15 -7.81
C VAL D 113 29.91 11.30 -7.39
N ILE D 114 29.91 11.62 -6.10
CA ILE D 114 29.12 12.73 -5.59
C ILE D 114 29.55 14.04 -6.26
N ARG D 115 28.60 14.95 -6.45
CA ARG D 115 28.85 16.21 -7.16
C ARG D 115 30.06 16.97 -6.65
N ALA D 116 30.29 16.90 -5.34
CA ALA D 116 31.33 17.69 -4.70
C ALA D 116 32.73 17.16 -5.03
N ASP D 117 32.82 15.89 -5.42
CA ASP D 117 34.09 15.27 -5.76
C ASP D 117 34.24 15.00 -7.26
N ARG D 118 33.37 15.63 -8.06
CA ARG D 118 33.32 15.35 -9.51
C ARG D 118 34.59 15.72 -10.25
N LEU D 119 35.40 16.60 -9.65
CA LEU D 119 36.58 17.17 -10.28
C LEU D 119 37.88 16.53 -9.77
N LYS D 120 37.74 15.66 -8.78
CA LYS D 120 38.86 15.12 -8.06
C LYS D 120 39.35 13.76 -8.57
N ARG D 121 40.59 13.43 -8.23
CA ARG D 121 41.08 12.07 -8.39
C ARG D 121 40.55 11.25 -7.25
N THR D 122 39.53 10.46 -7.56
CA THR D 122 38.83 9.66 -6.57
C THR D 122 38.35 8.38 -7.24
N HIS D 123 38.16 7.33 -6.46
CA HIS D 123 37.73 6.03 -6.98
C HIS D 123 36.57 6.07 -7.96
N GLN D 124 36.80 5.52 -9.15
CA GLN D 124 35.76 5.36 -10.16
C GLN D 124 35.16 6.69 -10.60
N SER D 125 36.00 7.71 -10.73
CA SER D 125 35.49 8.99 -11.20
C SER D 125 35.91 9.21 -12.63
N LEU D 126 35.11 9.96 -13.36
CA LEU D 126 35.19 9.97 -14.81
C LEU D 126 34.10 10.86 -15.36
N ASP D 127 34.45 11.67 -16.34
CA ASP D 127 33.47 12.51 -17.03
C ASP D 127 32.59 11.64 -17.95
N ASN D 128 31.65 10.93 -17.32
CA ASN D 128 30.70 10.02 -17.97
C ASN D 128 30.09 10.54 -19.25
N ALA D 129 29.53 11.76 -19.19
CA ALA D 129 28.79 12.30 -20.29
C ALA D 129 29.73 12.59 -21.46
N ALA D 130 30.94 13.03 -21.17
CA ALA D 130 31.87 13.36 -22.25
C ALA D 130 32.27 12.10 -22.98
N LEU D 131 32.42 11.00 -22.23
CA LEU D 131 32.79 9.71 -22.83
C LEU D 131 31.71 9.15 -23.79
N PHE D 132 30.43 9.36 -23.49
CA PHE D 132 29.40 8.82 -24.36
C PHE D 132 28.86 9.82 -25.36
N GLN D 133 29.25 11.08 -25.22
CA GLN D 133 28.92 12.11 -26.20
C GLN D 133 29.11 11.66 -27.67
N PRO D 134 30.27 11.06 -28.03
CA PRO D 134 30.50 10.72 -29.45
C PRO D 134 29.80 9.46 -29.94
N ILE D 135 29.23 8.68 -29.03
CA ILE D 135 28.74 7.38 -29.42
C ILE D 135 27.27 7.16 -29.06
N THR D 136 26.55 8.24 -28.81
CA THR D 136 25.13 8.19 -28.50
C THR D 136 24.35 9.33 -29.16
N LYS D 137 23.02 9.20 -29.20
CA LYS D 137 22.16 10.30 -29.62
C LYS D 137 22.10 11.39 -28.56
N TYR D 138 22.41 11.02 -27.32
CA TYR D 138 22.05 11.84 -26.16
C TYR D 138 22.82 11.36 -24.94
N SER D 139 23.64 12.23 -24.37
CA SER D 139 24.51 11.85 -23.28
C SER D 139 24.58 12.99 -22.27
N VAL D 140 24.06 12.73 -21.07
CA VAL D 140 23.85 13.78 -20.10
C VAL D 140 24.16 13.34 -18.66
N GLU D 141 24.57 14.27 -17.83
CA GLU D 141 24.63 14.01 -16.38
C GLU D 141 23.68 14.94 -15.64
N VAL D 142 22.84 14.36 -14.76
CA VAL D 142 21.88 15.13 -13.98
C VAL D 142 22.53 15.70 -12.72
N GLN D 143 22.45 17.03 -12.54
CA GLN D 143 23.10 17.66 -11.38
C GLN D 143 22.14 18.20 -10.30
N ASP D 144 20.86 17.86 -10.42
CA ASP D 144 19.84 18.33 -9.46
C ASP D 144 18.75 17.26 -9.37
N VAL D 145 18.42 16.80 -8.16
CA VAL D 145 17.50 15.67 -8.04
C VAL D 145 16.15 15.94 -8.75
N LYS D 146 15.72 17.21 -8.80
CA LYS D 146 14.45 17.60 -9.41
C LYS D 146 14.39 17.29 -10.91
N ASN D 147 15.55 17.30 -11.56
CA ASN D 147 15.66 17.15 -13.00
C ASN D 147 15.60 15.68 -13.47
N ILE D 148 15.71 14.75 -12.51
CA ILE D 148 15.74 13.31 -12.84
C ILE D 148 14.59 12.83 -13.74
N PRO D 149 13.32 13.11 -13.37
CA PRO D 149 12.26 12.61 -14.24
C PRO D 149 12.27 13.23 -15.66
N GLU D 150 12.63 14.51 -15.75
CA GLU D 150 12.73 15.12 -17.05
C GLU D 150 13.85 14.46 -17.88
N ALA D 151 15.05 14.33 -17.31
CA ALA D 151 16.15 13.79 -18.11
C ALA D 151 15.87 12.33 -18.51
N VAL D 152 15.28 11.54 -17.62
CA VAL D 152 15.05 10.16 -18.00
C VAL D 152 13.97 10.05 -19.09
N THR D 153 12.87 10.80 -18.95
CA THR D 153 11.78 10.78 -19.92
C THR D 153 12.21 11.28 -21.30
N ASN D 154 13.03 12.33 -21.37
CA ASN D 154 13.59 12.73 -22.66
C ASN D 154 14.56 11.68 -23.26
N ALA D 155 15.29 10.96 -22.41
CA ALA D 155 16.14 9.86 -22.88
C ALA D 155 15.35 8.79 -23.63
N PHE D 156 14.25 8.33 -23.03
CA PHE D 156 13.44 7.31 -23.68
C PHE D 156 12.88 7.82 -25.03
N ARG D 157 12.50 9.09 -25.06
CA ARG D 157 11.87 9.64 -26.24
C ARG D 157 12.87 9.73 -27.38
N ILE D 158 14.09 10.16 -27.07
CA ILE D 158 15.11 10.39 -28.07
C ILE D 158 15.66 9.05 -28.57
N ALA D 159 15.81 8.07 -27.68
CA ALA D 159 16.19 6.72 -28.09
C ALA D 159 15.23 6.15 -29.15
N SER D 160 13.93 6.35 -28.93
CA SER D 160 12.90 5.84 -29.85
C SER D 160 12.70 6.65 -31.15
N ALA D 161 12.91 7.96 -31.11
CA ALA D 161 12.64 8.83 -32.27
C ALA D 161 13.54 8.52 -33.47
N GLY D 162 12.99 8.49 -34.68
CA GLY D 162 13.75 8.07 -35.84
C GLY D 162 14.87 9.07 -36.05
N GLN D 163 16.09 8.61 -36.33
CA GLN D 163 16.48 7.20 -36.34
C GLN D 163 16.81 6.73 -34.93
N ALA D 164 16.20 5.63 -34.50
CA ALA D 164 16.35 5.16 -33.13
C ALA D 164 17.82 4.88 -32.81
N GLY D 165 18.23 5.14 -31.56
CA GLY D 165 19.59 4.87 -31.11
C GLY D 165 19.78 4.82 -29.60
N ALA D 166 21.02 5.05 -29.16
CA ALA D 166 21.37 4.91 -27.76
C ALA D 166 21.24 6.25 -27.00
N ALA D 167 20.72 6.18 -25.78
CA ALA D 167 20.65 7.33 -24.88
C ALA D 167 21.36 7.02 -23.57
N PHE D 168 22.18 7.95 -23.10
CA PHE D 168 22.96 7.73 -21.87
C PHE D 168 22.64 8.78 -20.80
N VAL D 169 22.24 8.32 -19.62
CA VAL D 169 22.02 9.24 -18.49
C VAL D 169 22.86 8.85 -17.28
N SER D 170 23.66 9.79 -16.78
CA SER D 170 24.51 9.57 -15.61
C SER D 170 23.99 10.29 -14.35
N PHE D 171 24.14 9.63 -13.20
CA PHE D 171 23.66 10.13 -11.90
C PHE D 171 24.75 10.15 -10.83
N PRO D 172 25.14 11.35 -10.35
CA PRO D 172 25.99 11.43 -9.15
C PRO D 172 25.37 10.69 -7.97
N GLN D 173 26.18 10.01 -7.16
CA GLN D 173 25.69 9.19 -6.04
C GLN D 173 24.73 9.96 -5.11
N ASP D 174 25.09 11.21 -4.78
CA ASP D 174 24.30 11.99 -3.84
C ASP D 174 22.95 12.42 -4.44
N VAL D 175 22.84 12.39 -5.77
CA VAL D 175 21.60 12.79 -6.41
C VAL D 175 20.57 11.65 -6.34
N VAL D 176 21.01 10.41 -6.46
CA VAL D 176 20.06 9.33 -6.32
C VAL D 176 19.78 9.00 -4.83
N ASN D 177 20.61 9.49 -3.92
CA ASN D 177 20.38 9.20 -2.51
C ASN D 177 19.61 10.30 -1.80
N GLU D 178 19.63 11.48 -2.38
CA GLU D 178 18.95 12.64 -1.84
C GLU D 178 17.43 12.49 -1.77
N VAL D 179 16.86 12.76 -0.59
CA VAL D 179 15.40 12.72 -0.36
C VAL D 179 14.77 13.95 -1.01
N THR D 180 13.58 13.79 -1.60
CA THR D 180 13.00 14.88 -2.38
C THR D 180 11.48 14.85 -2.54
N ASN D 181 10.88 16.04 -2.66
CA ASN D 181 9.44 16.17 -2.88
C ASN D 181 9.03 16.15 -4.35
N THR D 182 10.02 16.20 -5.22
CA THR D 182 9.83 16.22 -6.67
C THR D 182 8.81 15.23 -7.21
N LYS D 183 8.02 15.71 -8.17
CA LYS D 183 6.97 14.93 -8.80
C LYS D 183 7.49 14.22 -10.04
N ASN D 184 6.94 13.04 -10.31
CA ASN D 184 7.20 12.37 -11.56
C ASN D 184 6.59 13.16 -12.74
N VAL D 185 6.97 12.83 -13.98
CA VAL D 185 6.31 13.40 -15.15
C VAL D 185 5.63 12.27 -15.91
N ARG D 186 4.64 12.60 -16.74
CA ARG D 186 4.02 11.57 -17.54
C ARG D 186 5.01 11.04 -18.61
N ALA D 187 5.02 9.73 -18.82
CA ALA D 187 5.82 9.13 -19.88
C ALA D 187 5.19 9.48 -21.23
N VAL D 188 5.46 10.68 -21.74
CA VAL D 188 4.81 11.09 -22.98
C VAL D 188 5.48 10.35 -24.15
N ALA D 189 4.70 9.50 -24.83
CA ALA D 189 5.21 8.67 -25.91
C ALA D 189 5.78 9.52 -27.03
N ALA D 190 6.88 9.07 -27.60
CA ALA D 190 7.45 9.73 -28.75
C ALA D 190 6.45 9.61 -29.89
N PRO D 191 6.21 10.71 -30.61
CA PRO D 191 5.15 10.75 -31.62
C PRO D 191 5.61 10.23 -32.98
N LYS D 192 4.68 9.74 -33.80
CA LYS D 192 5.01 9.32 -35.16
C LYS D 192 4.80 10.48 -36.15
N LEU D 193 5.57 10.49 -37.23
CA LEU D 193 5.37 11.47 -38.29
C LEU D 193 4.15 11.09 -39.12
N GLY D 194 3.63 12.04 -39.89
CA GLY D 194 2.67 11.68 -40.91
C GLY D 194 3.40 11.11 -42.12
N PRO D 195 2.67 10.59 -43.11
CA PRO D 195 3.39 10.14 -44.32
C PRO D 195 4.13 11.30 -44.98
N ALA D 196 4.94 10.99 -45.98
CA ALA D 196 5.65 12.04 -46.71
C ALA D 196 4.65 12.92 -47.45
N ALA D 197 5.04 14.16 -47.69
CA ALA D 197 4.25 15.10 -48.49
C ALA D 197 3.66 14.46 -49.76
N ASP D 198 2.40 14.74 -50.04
CA ASP D 198 1.72 13.99 -51.08
C ASP D 198 2.19 14.27 -52.52
N ASP D 199 2.69 15.47 -52.79
CA ASP D 199 3.21 15.74 -54.12
C ASP D 199 4.52 14.97 -54.33
N ALA D 200 5.22 14.70 -53.23
CA ALA D 200 6.40 13.85 -53.27
C ALA D 200 6.02 12.40 -53.57
N ILE D 201 4.92 11.93 -52.97
CA ILE D 201 4.44 10.57 -53.21
C ILE D 201 4.05 10.38 -54.67
N SER D 202 3.31 11.35 -55.20
CA SER D 202 2.86 11.33 -56.58
CA SER D 202 2.87 11.33 -56.59
C SER D 202 4.06 11.27 -57.55
N ALA D 203 5.06 12.09 -57.27
CA ALA D 203 6.27 12.10 -58.07
C ALA D 203 6.90 10.72 -58.12
N ALA D 204 6.93 10.04 -56.98
CA ALA D 204 7.61 8.75 -56.89
C ALA D 204 6.80 7.70 -57.65
N ILE D 205 5.48 7.80 -57.55
CA ILE D 205 4.61 6.91 -58.31
C ILE D 205 4.84 7.11 -59.82
N ALA D 206 5.07 8.35 -60.25
CA ALA D 206 5.33 8.62 -61.66
C ALA D 206 6.68 8.07 -62.13
N LYS D 207 7.67 8.03 -61.23
CA LYS D 207 8.99 7.53 -61.59
C LYS D 207 8.99 6.02 -61.72
N ILE D 208 8.23 5.37 -60.84
CA ILE D 208 8.16 3.91 -60.88
C ILE D 208 7.39 3.46 -62.10
N GLN D 209 6.22 4.05 -62.32
CA GLN D 209 5.35 3.63 -63.42
C GLN D 209 5.94 3.95 -64.80
N THR D 210 6.93 4.82 -64.88
CA THR D 210 7.51 5.15 -66.19
C THR D 210 8.90 4.57 -66.38
N ALA D 211 9.31 3.64 -65.51
CA ALA D 211 10.66 3.10 -65.58
C ALA D 211 10.67 1.82 -66.38
N LYS D 212 11.81 1.49 -66.99
CA LYS D 212 12.00 0.21 -67.69
C LYS D 212 12.28 -0.94 -66.71
N LEU D 213 13.11 -0.67 -65.71
CA LEU D 213 13.46 -1.67 -64.69
C LEU D 213 13.53 -1.00 -63.30
N PRO D 214 12.36 -0.76 -62.71
CA PRO D 214 12.29 -0.17 -61.36
C PRO D 214 12.54 -1.24 -60.30
N VAL D 215 13.37 -0.95 -59.31
CA VAL D 215 13.69 -1.94 -58.31
CA VAL D 215 13.78 -1.93 -58.31
C VAL D 215 13.65 -1.36 -56.89
N VAL D 216 13.36 -2.20 -55.90
CA VAL D 216 13.32 -1.72 -54.52
C VAL D 216 14.54 -2.23 -53.73
N LEU D 217 15.17 -1.33 -52.97
CA LEU D 217 16.23 -1.69 -52.02
C LEU D 217 15.68 -1.51 -50.59
N VAL D 218 15.41 -2.62 -49.90
CA VAL D 218 14.93 -2.51 -48.52
C VAL D 218 16.13 -2.49 -47.59
N GLY D 219 16.19 -1.46 -46.73
CA GLY D 219 17.28 -1.28 -45.79
C GLY D 219 16.91 -1.42 -44.32
N MET D 220 17.82 -0.95 -43.46
CA MET D 220 17.74 -1.12 -42.00
C MET D 220 16.34 -0.90 -41.46
N LYS D 221 15.79 0.29 -41.64
CA LYS D 221 14.50 0.64 -41.06
C LYS D 221 13.31 0.22 -41.94
N GLY D 222 13.58 -0.50 -43.02
CA GLY D 222 12.53 -1.21 -43.72
C GLY D 222 12.25 -2.58 -43.09
N GLY D 223 13.09 -2.97 -42.14
CA GLY D 223 12.96 -4.27 -41.51
C GLY D 223 12.13 -4.24 -40.24
N ARG D 224 11.58 -3.07 -39.91
CA ARG D 224 10.60 -3.03 -38.83
C ARG D 224 9.35 -3.76 -39.32
N PRO D 225 8.66 -4.50 -38.42
CA PRO D 225 7.44 -5.25 -38.74
C PRO D 225 6.39 -4.45 -39.53
N GLU D 226 6.03 -3.24 -39.09
CA GLU D 226 5.06 -2.45 -39.84
C GLU D 226 5.57 -2.06 -41.23
N ALA D 227 6.87 -1.83 -41.36
CA ALA D 227 7.40 -1.46 -42.65
C ALA D 227 7.39 -2.67 -43.57
N ILE D 228 7.68 -3.83 -43.01
CA ILE D 228 7.69 -5.04 -43.83
C ILE D 228 6.28 -5.38 -44.34
N LYS D 229 5.27 -5.28 -43.48
CA LYS D 229 3.91 -5.57 -43.90
C LYS D 229 3.47 -4.62 -45.02
N ALA D 230 3.86 -3.36 -44.91
CA ALA D 230 3.56 -2.39 -45.96
C ALA D 230 4.36 -2.68 -47.24
N VAL D 231 5.62 -3.06 -47.10
CA VAL D 231 6.49 -3.26 -48.25
C VAL D 231 6.00 -4.46 -49.06
N ARG D 232 5.59 -5.52 -48.35
CA ARG D 232 5.07 -6.70 -49.01
C ARG D 232 3.85 -6.40 -49.90
N LYS D 233 2.90 -5.61 -49.41
CA LYS D 233 1.75 -5.22 -50.24
C LYS D 233 2.18 -4.43 -51.46
N LEU D 234 3.18 -3.57 -51.29
CA LEU D 234 3.68 -2.81 -52.43
C LEU D 234 4.34 -3.73 -53.47
N LEU D 235 5.17 -4.66 -53.01
CA LEU D 235 5.87 -5.57 -53.90
C LEU D 235 4.91 -6.49 -54.67
N LYS D 236 3.98 -7.12 -53.95
CA LYS D 236 2.97 -8.00 -54.56
C LYS D 236 2.11 -7.28 -55.61
N LYS D 237 1.54 -6.12 -55.26
CA LYS D 237 0.68 -5.40 -56.19
C LYS D 237 1.38 -4.91 -57.45
N VAL D 238 2.59 -4.40 -57.32
CA VAL D 238 3.27 -3.71 -58.42
C VAL D 238 4.25 -4.64 -59.12
N GLN D 239 4.50 -5.78 -58.48
CA GLN D 239 5.42 -6.79 -58.97
C GLN D 239 6.80 -6.23 -59.28
N LEU D 240 7.33 -5.47 -58.33
CA LEU D 240 8.70 -4.98 -58.40
C LEU D 240 9.67 -6.03 -57.85
N PRO D 241 10.84 -6.15 -58.48
CA PRO D 241 11.90 -6.96 -57.90
C PRO D 241 12.56 -6.23 -56.72
N PHE D 242 13.09 -7.00 -55.77
CA PHE D 242 13.72 -6.36 -54.62
C PHE D 242 14.91 -7.11 -54.05
N VAL D 243 15.68 -6.36 -53.28
CA VAL D 243 16.92 -6.80 -52.67
CA VAL D 243 16.89 -6.86 -52.63
C VAL D 243 16.87 -6.44 -51.16
N GLU D 244 17.60 -7.16 -50.31
CA GLU D 244 17.67 -6.86 -48.87
C GLU D 244 19.10 -6.46 -48.41
N THR D 245 19.23 -5.39 -47.62
CA THR D 245 20.44 -5.22 -46.78
C THR D 245 20.35 -6.27 -45.69
N TYR D 246 21.43 -6.53 -44.97
CA TYR D 246 21.41 -7.61 -44.01
C TYR D 246 20.37 -7.35 -42.89
N GLN D 247 20.19 -6.10 -42.47
CA GLN D 247 19.26 -5.89 -41.36
C GLN D 247 17.80 -5.82 -41.82
N ALA D 248 17.60 -5.95 -43.14
CA ALA D 248 16.24 -6.01 -43.68
C ALA D 248 15.80 -7.46 -43.94
N ALA D 249 16.59 -8.40 -43.43
CA ALA D 249 16.24 -9.81 -43.43
C ALA D 249 14.83 -10.04 -42.88
N GLY D 250 14.09 -10.93 -43.54
CA GLY D 250 12.72 -11.19 -43.15
C GLY D 250 11.72 -10.30 -43.88
N THR D 251 12.17 -9.48 -44.81
CA THR D 251 11.22 -8.71 -45.61
C THR D 251 10.57 -9.69 -46.58
N LEU D 252 11.36 -10.65 -47.03
CA LEU D 252 10.90 -11.67 -47.95
C LEU D 252 9.79 -12.52 -47.35
N SER D 253 8.76 -12.79 -48.14
CA SER D 253 7.79 -13.83 -47.78
C SER D 253 7.94 -14.95 -48.82
N ARG D 254 7.50 -16.16 -48.45
CA ARG D 254 7.60 -17.32 -49.34
C ARG D 254 6.86 -17.02 -50.64
N ASP D 255 5.79 -16.26 -50.48
CA ASP D 255 5.04 -15.65 -51.56
C ASP D 255 5.91 -14.89 -52.58
N LEU D 256 6.92 -14.16 -52.09
CA LEU D 256 7.67 -13.22 -52.92
C LEU D 256 9.00 -13.73 -53.47
N GLU D 257 9.34 -14.99 -53.19
CA GLU D 257 10.61 -15.58 -53.61
C GLU D 257 10.92 -15.33 -55.09
N ASP D 258 9.88 -15.16 -55.90
CA ASP D 258 10.02 -14.94 -57.34
C ASP D 258 10.59 -13.59 -57.68
N GLN D 259 10.24 -12.58 -56.88
CA GLN D 259 10.69 -11.21 -57.12
C GLN D 259 11.96 -10.87 -56.31
N TYR D 260 12.55 -11.88 -55.65
CA TYR D 260 13.62 -11.69 -54.67
C TYR D 260 15.02 -11.89 -55.24
N PHE D 261 15.91 -10.93 -55.03
CA PHE D 261 17.24 -11.06 -55.62
C PHE D 261 18.38 -11.02 -54.59
N GLY D 262 18.10 -11.52 -53.39
CA GLY D 262 19.13 -11.73 -52.39
C GLY D 262 19.52 -10.52 -51.55
N ARG D 263 20.55 -10.74 -50.74
CA ARG D 263 21.02 -9.72 -49.83
C ARG D 263 22.31 -9.08 -50.33
N ILE D 264 22.34 -7.75 -50.32
CA ILE D 264 23.54 -7.03 -50.66
C ILE D 264 24.38 -6.67 -49.42
N GLY D 265 25.71 -6.65 -49.59
CA GLY D 265 26.64 -6.31 -48.54
C GLY D 265 28.10 -6.70 -48.83
N LEU D 266 29.01 -6.12 -48.05
CA LEU D 266 30.42 -6.58 -47.95
C LEU D 266 31.24 -6.46 -49.24
N PHE D 267 31.07 -7.38 -50.19
CA PHE D 267 31.78 -7.30 -51.46
C PHE D 267 30.80 -7.15 -52.63
N ARG D 268 31.16 -6.34 -53.62
CA ARG D 268 30.30 -6.16 -54.77
C ARG D 268 30.49 -7.29 -55.78
N ASN D 269 29.70 -8.35 -55.62
CA ASN D 269 29.80 -9.51 -56.50
C ASN D 269 28.58 -10.40 -56.35
N GLN D 270 27.44 -9.81 -56.03
CA GLN D 270 26.21 -10.56 -55.82
C GLN D 270 25.19 -10.24 -56.92
N PRO D 271 24.26 -11.18 -57.15
CA PRO D 271 23.18 -10.95 -58.11
C PRO D 271 22.49 -9.61 -57.86
N GLY D 272 22.21 -9.33 -56.60
CA GLY D 272 21.62 -8.05 -56.20
C GLY D 272 22.39 -6.83 -56.71
N ASP D 273 23.72 -6.91 -56.71
CA ASP D 273 24.55 -5.81 -57.20
C ASP D 273 24.29 -5.53 -58.69
N LEU D 274 24.39 -6.58 -59.50
CA LEU D 274 24.14 -6.47 -60.93
C LEU D 274 22.71 -5.98 -61.19
N LEU D 275 21.75 -6.43 -60.38
CA LEU D 275 20.38 -5.94 -60.52
C LEU D 275 20.27 -4.43 -60.35
N LEU D 276 20.76 -3.92 -59.21
CA LEU D 276 20.77 -2.49 -58.93
C LEU D 276 21.47 -1.70 -60.02
N GLU D 277 22.50 -2.29 -60.60
CA GLU D 277 23.23 -1.62 -61.65
C GLU D 277 22.37 -1.50 -62.90
N GLN D 278 21.64 -2.59 -63.19
CA GLN D 278 20.77 -2.65 -64.38
C GLN D 278 19.53 -1.77 -64.24
N ALA D 279 19.21 -1.37 -63.03
CA ALA D 279 17.96 -0.65 -62.80
C ALA D 279 18.09 0.80 -63.18
N ASP D 280 17.00 1.37 -63.70
CA ASP D 280 16.96 2.80 -64.03
C ASP D 280 16.29 3.59 -62.90
N VAL D 281 15.47 2.93 -62.11
CA VAL D 281 14.98 3.58 -60.91
C VAL D 281 15.19 2.65 -59.72
N VAL D 282 15.66 3.23 -58.61
CA VAL D 282 15.82 2.51 -57.36
C VAL D 282 15.08 3.26 -56.26
N LEU D 283 14.12 2.58 -55.65
CA LEU D 283 13.41 3.05 -54.46
C LEU D 283 14.08 2.46 -53.21
N THR D 284 14.70 3.31 -52.39
CA THR D 284 15.35 2.80 -51.18
C THR D 284 14.46 3.05 -49.98
N ILE D 285 14.35 2.06 -49.11
CA ILE D 285 13.44 2.14 -47.98
C ILE D 285 14.15 1.95 -46.63
N GLY D 286 14.20 3.01 -45.82
CA GLY D 286 14.88 2.97 -44.54
C GLY D 286 16.38 2.71 -44.71
N TYR D 287 16.96 3.20 -45.81
CA TYR D 287 18.33 2.86 -46.14
C TYR D 287 19.35 3.68 -45.33
N ASP D 288 19.98 3.01 -44.37
CA ASP D 288 21.15 3.56 -43.68
C ASP D 288 22.36 3.06 -44.46
N PRO D 289 23.12 3.98 -45.10
CA PRO D 289 24.27 3.58 -45.94
C PRO D 289 25.32 2.78 -45.18
N ILE D 290 25.28 2.76 -43.85
CA ILE D 290 26.28 2.02 -43.09
C ILE D 290 26.29 0.53 -43.45
N GLU D 291 25.15 -0.01 -43.88
CA GLU D 291 25.07 -1.45 -44.21
C GLU D 291 25.73 -1.82 -45.55
N TYR D 292 26.00 -0.83 -46.39
CA TYR D 292 26.52 -1.04 -47.72
C TYR D 292 26.63 0.29 -48.44
N ASP D 293 27.85 0.81 -48.52
CA ASP D 293 28.09 2.16 -49.02
C ASP D 293 27.61 2.24 -50.46
N PRO D 294 26.89 3.31 -50.79
CA PRO D 294 26.33 3.51 -52.13
C PRO D 294 27.38 3.40 -53.22
N LYS D 295 28.62 3.75 -52.91
CA LYS D 295 29.69 3.71 -53.91
C LYS D 295 29.96 2.30 -54.41
N PHE D 296 29.29 1.30 -53.84
CA PHE D 296 29.50 -0.07 -54.29
C PHE D 296 28.41 -0.52 -55.25
N TRP D 297 27.21 0.02 -55.14
CA TRP D 297 26.12 -0.47 -55.97
C TRP D 297 25.61 0.57 -56.97
N ASN D 298 25.81 1.84 -56.64
CA ASN D 298 25.36 2.91 -57.51
C ASN D 298 26.43 3.32 -58.50
N ASP D 302 23.89 5.59 -65.12
CA ASP D 302 23.16 6.22 -64.02
C ASP D 302 21.73 5.72 -63.88
N ARG D 303 21.08 6.22 -62.83
CA ARG D 303 19.74 5.79 -62.46
C ARG D 303 19.10 6.78 -61.45
N THR D 304 17.78 6.81 -61.46
CA THR D 304 17.03 7.65 -60.55
C THR D 304 16.98 6.99 -59.16
N ILE D 305 17.12 7.81 -58.12
CA ILE D 305 17.07 7.34 -56.75
C ILE D 305 15.95 8.00 -55.96
N ILE D 306 15.04 7.19 -55.45
CA ILE D 306 13.98 7.69 -54.57
C ILE D 306 14.32 7.28 -53.14
N HIS D 307 14.62 8.26 -52.28
CA HIS D 307 15.00 8.02 -50.88
C HIS D 307 13.79 8.12 -49.96
N LEU D 308 13.36 6.96 -49.43
CA LEU D 308 12.20 6.88 -48.56
C LEU D 308 12.63 6.47 -47.15
N ASP D 309 12.48 7.38 -46.19
CA ASP D 309 13.06 7.20 -44.88
C ASP D 309 12.45 8.15 -43.84
N GLU D 310 12.74 7.92 -42.56
CA GLU D 310 12.14 8.71 -41.49
C GLU D 310 13.02 9.91 -41.17
N ILE D 311 14.21 9.96 -41.76
CA ILE D 311 15.09 11.13 -41.68
C ILE D 311 15.66 11.48 -43.06
N ILE D 312 16.20 12.69 -43.19
CA ILE D 312 16.86 13.21 -44.38
CA ILE D 312 16.74 13.08 -44.49
C ILE D 312 17.98 12.30 -44.86
N ALA D 313 18.32 12.32 -46.14
CA ALA D 313 19.43 11.51 -46.64
C ALA D 313 20.80 12.17 -46.41
N ASP D 314 21.84 11.35 -46.22
CA ASP D 314 23.23 11.82 -46.32
C ASP D 314 23.65 11.89 -47.79
N ILE D 315 24.10 13.05 -48.25
CA ILE D 315 24.55 13.20 -49.64
C ILE D 315 25.99 12.67 -49.78
N ASP D 316 26.24 11.96 -50.88
CA ASP D 316 27.46 11.19 -51.11
C ASP D 316 27.79 11.31 -52.60
N HIS D 317 29.06 11.23 -53.00
CA HIS D 317 29.41 11.28 -54.44
C HIS D 317 28.52 10.27 -55.18
N ALA D 318 28.31 9.12 -54.56
CA ALA D 318 27.56 8.02 -55.13
C ALA D 318 26.12 7.94 -54.65
N TYR D 319 25.60 9.02 -54.07
CA TYR D 319 24.22 8.95 -53.60
C TYR D 319 23.63 10.34 -53.50
N GLN D 320 23.00 10.78 -54.59
CA GLN D 320 22.36 12.08 -54.62
C GLN D 320 20.95 11.90 -55.12
N PRO D 321 20.02 11.74 -54.17
CA PRO D 321 18.60 11.43 -54.41
C PRO D 321 17.94 12.44 -55.33
N ASP D 322 17.15 11.95 -56.27
CA ASP D 322 16.33 12.83 -57.09
C ASP D 322 15.03 13.13 -56.37
N LEU D 323 14.61 12.24 -55.48
CA LEU D 323 13.40 12.41 -54.69
C LEU D 323 13.60 11.97 -53.24
N GLU D 324 13.14 12.78 -52.31
CA GLU D 324 13.21 12.41 -50.91
C GLU D 324 11.81 12.34 -50.30
N LEU D 325 11.36 11.13 -49.96
CA LEU D 325 10.07 10.99 -49.29
C LEU D 325 10.32 10.80 -47.83
N ILE D 326 10.42 11.89 -47.09
CA ILE D 326 10.68 11.79 -45.66
C ILE D 326 9.38 11.87 -44.90
N GLY D 327 9.17 10.89 -44.03
CA GLY D 327 7.97 10.82 -43.22
C GLY D 327 7.96 9.47 -42.54
N ASP D 328 6.84 9.10 -41.94
CA ASP D 328 6.72 7.75 -41.37
C ASP D 328 6.80 6.71 -42.49
N ILE D 329 7.75 5.80 -42.39
CA ILE D 329 7.97 4.83 -43.44
C ILE D 329 6.76 3.95 -43.86
N PRO D 330 6.05 3.30 -42.91
CA PRO D 330 4.91 2.49 -43.39
C PRO D 330 3.75 3.28 -44.03
N SER D 331 3.44 4.46 -43.48
CA SER D 331 2.44 5.36 -44.05
C SER D 331 2.74 5.64 -45.50
N THR D 332 3.98 6.06 -45.74
CA THR D 332 4.40 6.52 -47.06
C THR D 332 4.34 5.39 -48.06
N ILE D 333 4.71 4.20 -47.60
CA ILE D 333 4.67 3.01 -48.45
C ILE D 333 3.23 2.71 -48.90
N ASN D 334 2.30 2.73 -47.95
CA ASN D 334 0.90 2.47 -48.25
C ASN D 334 0.34 3.40 -49.32
N HIS D 335 0.64 4.69 -49.19
CA HIS D 335 0.20 5.73 -50.14
C HIS D 335 0.70 5.41 -51.53
N ILE D 336 1.98 5.06 -51.63
CA ILE D 336 2.52 4.63 -52.90
C ILE D 336 1.80 3.39 -53.43
N GLU D 337 1.56 2.43 -52.54
CA GLU D 337 0.88 1.17 -52.87
C GLU D 337 -0.52 1.37 -53.41
N HIS D 338 -1.29 2.15 -52.68
CA HIS D 338 -2.67 2.46 -53.01
C HIS D 338 -2.85 2.96 -54.45
N ASP D 339 -1.91 3.78 -54.95
CA ASP D 339 -2.12 4.43 -56.24
C ASP D 339 -1.19 3.98 -57.37
N ALA D 340 -0.26 3.08 -57.05
CA ALA D 340 0.55 2.48 -58.09
C ALA D 340 -0.18 1.28 -58.70
N VAL D 341 0.14 0.95 -59.95
CA VAL D 341 -0.45 -0.21 -60.61
CA VAL D 341 -0.45 -0.23 -60.59
C VAL D 341 0.67 -1.16 -61.07
N LYS D 342 0.32 -2.41 -61.36
CA LYS D 342 1.28 -3.42 -61.80
C LYS D 342 2.19 -2.90 -62.91
N VAL D 343 3.49 -3.10 -62.72
CA VAL D 343 4.47 -2.75 -63.73
C VAL D 343 4.70 -3.99 -64.59
N GLU D 344 4.74 -3.82 -65.90
CA GLU D 344 5.07 -4.95 -66.73
C GLU D 344 6.31 -4.65 -67.54
N PHE D 345 7.15 -5.67 -67.68
CA PHE D 345 8.51 -5.52 -68.14
C PHE D 345 8.63 -5.86 -69.61
N ALA D 346 9.43 -5.07 -70.32
CA ALA D 346 9.81 -5.39 -71.68
C ALA D 346 10.60 -6.70 -71.68
N GLU D 347 10.71 -7.33 -72.84
CA GLU D 347 11.31 -8.64 -72.89
C GLU D 347 12.79 -8.57 -72.54
N ARG D 348 13.41 -7.46 -72.91
CA ARG D 348 14.82 -7.25 -72.57
C ARG D 348 15.05 -7.42 -71.08
N GLU D 349 14.20 -6.76 -70.29
CA GLU D 349 14.35 -6.76 -68.85
C GLU D 349 13.89 -8.08 -68.21
N GLN D 350 12.98 -8.79 -68.86
CA GLN D 350 12.59 -10.10 -68.35
C GLN D 350 13.76 -11.08 -68.49
N LYS D 351 14.51 -10.95 -69.57
CA LYS D 351 15.67 -11.80 -69.81
C LYS D 351 16.72 -11.55 -68.74
N ILE D 352 16.94 -10.28 -68.46
CA ILE D 352 17.86 -9.86 -67.42
C ILE D 352 17.46 -10.45 -66.07
N LEU D 353 16.17 -10.37 -65.75
CA LEU D 353 15.69 -10.92 -64.49
C LEU D 353 15.87 -12.42 -64.48
N SER D 354 15.54 -13.07 -65.59
CA SER D 354 15.71 -14.51 -65.72
C SER D 354 17.15 -14.98 -65.47
N ASP D 355 18.10 -14.30 -66.12
CA ASP D 355 19.52 -14.59 -65.98
C ASP D 355 20.04 -14.34 -64.58
N LEU D 356 19.66 -13.20 -64.00
CA LEU D 356 20.12 -12.84 -62.66
C LEU D 356 19.58 -13.85 -61.66
N LYS D 357 18.32 -14.22 -61.84
CA LYS D 357 17.70 -15.20 -60.96
C LYS D 357 18.42 -16.55 -61.08
N GLN D 358 18.94 -16.84 -62.27
CA GLN D 358 19.66 -18.08 -62.48
C GLN D 358 21.05 -18.06 -61.86
N TYR D 359 21.78 -16.96 -62.06
CA TYR D 359 23.07 -16.78 -61.41
C TYR D 359 22.91 -16.91 -59.91
N MET D 360 21.82 -16.35 -59.41
CA MET D 360 21.52 -16.42 -57.99
C MET D 360 21.35 -17.85 -57.51
N HIS D 361 20.63 -18.69 -58.24
CA HIS D 361 20.43 -20.07 -57.78
C HIS D 361 21.74 -20.87 -57.78
N GLU D 362 22.60 -20.60 -58.77
CA GLU D 362 23.87 -21.32 -58.83
C GLU D 362 24.77 -20.96 -57.65
N GLY D 363 24.74 -19.69 -57.24
CA GLY D 363 25.58 -19.21 -56.16
C GLY D 363 25.23 -19.80 -54.82
N GLU D 364 23.97 -20.20 -54.65
CA GLU D 364 23.48 -20.76 -53.40
C GLU D 364 23.83 -22.22 -53.26
N GLN D 365 24.62 -22.74 -54.19
CA GLN D 365 24.87 -24.18 -54.22
C GLN D 365 26.32 -24.53 -53.90
N VAL D 366 26.51 -25.59 -53.13
CA VAL D 366 27.82 -26.14 -52.85
C VAL D 366 28.51 -26.48 -54.17
N PRO D 367 29.80 -26.15 -54.32
CA PRO D 367 30.48 -26.40 -55.60
C PRO D 367 30.55 -27.88 -55.93
N ALA D 368 30.61 -28.21 -57.21
CA ALA D 368 30.55 -29.60 -57.68
C ALA D 368 31.75 -30.45 -57.26
N ASP D 369 32.94 -29.82 -57.24
CA ASP D 369 34.20 -30.52 -56.95
C ASP D 369 34.50 -30.62 -55.45
N TRP D 370 33.66 -30.01 -54.62
CA TRP D 370 33.81 -30.02 -53.16
C TRP D 370 33.95 -31.41 -52.54
N LYS D 371 35.05 -31.62 -51.83
CA LYS D 371 35.24 -32.82 -51.03
C LYS D 371 35.89 -32.42 -49.72
N SER D 372 35.37 -32.96 -48.62
CA SER D 372 35.81 -32.55 -47.28
C SER D 372 35.26 -33.43 -46.17
N ASP D 373 36.08 -33.67 -45.16
CA ASP D 373 35.60 -34.37 -43.97
C ASP D 373 34.88 -33.42 -43.01
N ARG D 374 34.80 -32.15 -43.39
CA ARG D 374 34.04 -31.15 -42.63
C ARG D 374 32.89 -30.61 -43.46
N ALA D 375 31.89 -30.03 -42.80
CA ALA D 375 30.76 -29.50 -43.51
C ALA D 375 31.15 -28.26 -44.31
N HIS D 376 30.63 -28.15 -45.53
CA HIS D 376 30.68 -26.89 -46.23
C HIS D 376 29.74 -25.93 -45.49
N PRO D 377 30.10 -24.63 -45.48
CA PRO D 377 29.27 -23.56 -44.94
C PRO D 377 27.81 -23.63 -45.39
N LEU D 378 27.58 -23.84 -46.69
CA LEU D 378 26.23 -23.91 -47.20
C LEU D 378 25.44 -25.08 -46.61
N GLU D 379 26.13 -26.12 -46.19
CA GLU D 379 25.45 -27.27 -45.63
C GLU D 379 25.00 -26.99 -44.19
N ILE D 380 25.78 -26.19 -43.47
CA ILE D 380 25.34 -25.70 -42.17
C ILE D 380 24.09 -24.82 -42.33
N VAL D 381 24.19 -23.81 -43.20
CA VAL D 381 23.07 -22.89 -43.44
C VAL D 381 21.79 -23.64 -43.81
N LYS D 382 21.90 -24.57 -44.75
CA LYS D 382 20.74 -25.33 -45.23
C LYS D 382 20.13 -26.20 -44.14
N GLU D 383 20.95 -26.96 -43.43
CA GLU D 383 20.44 -27.79 -42.35
C GLU D 383 19.90 -26.93 -41.21
N LEU D 384 20.53 -25.79 -40.97
CA LEU D 384 20.01 -24.92 -39.92
C LEU D 384 18.63 -24.43 -40.34
N ARG D 385 18.52 -23.88 -41.55
CA ARG D 385 17.23 -23.35 -42.02
C ARG D 385 16.16 -24.44 -41.98
N ASN D 386 16.46 -25.63 -42.49
CA ASN D 386 15.54 -26.76 -42.47
C ASN D 386 15.18 -27.32 -41.07
N ALA D 387 15.89 -26.89 -40.01
CA ALA D 387 15.65 -27.41 -38.66
C ALA D 387 14.92 -26.42 -37.78
N VAL D 388 14.81 -25.19 -38.26
CA VAL D 388 14.27 -24.10 -37.48
C VAL D 388 12.97 -23.60 -38.10
N ASP D 389 11.93 -23.43 -37.28
CA ASP D 389 10.66 -22.91 -37.78
C ASP D 389 10.80 -21.44 -38.20
N ASP D 390 10.01 -21.02 -39.19
CA ASP D 390 10.08 -19.64 -39.69
C ASP D 390 9.94 -18.59 -38.58
N HIS D 391 9.19 -18.92 -37.51
CA HIS D 391 8.92 -17.94 -36.46
C HIS D 391 10.01 -17.86 -35.40
N VAL D 392 10.92 -18.82 -35.40
CA VAL D 392 12.01 -18.83 -34.43
C VAL D 392 13.06 -17.75 -34.75
N THR D 393 13.39 -16.91 -33.76
CA THR D 393 14.39 -15.86 -33.94
C THR D 393 15.81 -16.45 -33.97
N VAL D 394 16.61 -15.99 -34.94
CA VAL D 394 17.98 -16.44 -35.11
C VAL D 394 18.96 -15.27 -34.99
N THR D 395 19.74 -15.24 -33.92
CA THR D 395 20.76 -14.20 -33.84
C THR D 395 22.09 -14.66 -34.44
N CYS D 396 22.86 -13.70 -34.94
CA CYS D 396 24.11 -14.05 -35.60
C CYS D 396 25.25 -13.18 -35.09
N ASP D 397 26.49 -13.70 -35.16
CA ASP D 397 27.64 -12.95 -34.65
C ASP D 397 28.39 -12.36 -35.86
N ILE D 398 29.71 -12.22 -35.76
CA ILE D 398 30.51 -11.55 -36.79
C ILE D 398 31.71 -12.41 -37.20
N GLY D 399 31.95 -12.52 -38.51
CA GLY D 399 32.99 -13.40 -39.01
C GLY D 399 32.59 -14.06 -40.33
N SER D 400 33.35 -15.07 -40.76
CA SER D 400 33.11 -15.72 -42.04
C SER D 400 31.78 -16.46 -42.06
N HIS D 401 31.43 -17.09 -40.94
CA HIS D 401 30.13 -17.73 -40.76
C HIS D 401 28.98 -16.76 -41.03
N ALA D 402 29.20 -15.48 -40.75
CA ALA D 402 28.14 -14.50 -40.82
C ALA D 402 28.01 -13.91 -42.23
N ILE D 403 29.07 -13.99 -43.03
CA ILE D 403 28.94 -13.67 -44.42
C ILE D 403 28.03 -14.73 -45.06
N TRP D 404 28.23 -15.98 -44.65
CA TRP D 404 27.45 -17.06 -45.19
C TRP D 404 25.99 -16.96 -44.75
N MET D 405 25.77 -16.68 -43.46
CA MET D 405 24.40 -16.52 -42.94
C MET D 405 23.70 -15.32 -43.59
N SER D 406 24.41 -14.19 -43.70
CA SER D 406 23.80 -12.95 -44.18
C SER D 406 23.36 -13.05 -45.62
N ARG D 407 24.15 -13.78 -46.40
CA ARG D 407 23.84 -13.96 -47.81
C ARG D 407 22.88 -15.12 -48.09
N TYR D 408 23.02 -16.23 -47.36
CA TYR D 408 22.33 -17.44 -47.79
C TYR D 408 21.29 -18.00 -46.81
N PHE D 409 21.18 -17.45 -45.60
CA PHE D 409 20.15 -17.92 -44.68
C PHE D 409 18.86 -17.14 -44.91
N ARG D 410 17.85 -17.81 -45.44
CA ARG D 410 16.58 -17.15 -45.75
C ARG D 410 15.79 -16.84 -44.48
N SER D 411 15.09 -15.71 -44.50
CA SER D 411 14.25 -15.31 -43.38
C SER D 411 12.90 -14.85 -43.95
N TYR D 412 11.81 -15.17 -43.25
CA TYR D 412 10.48 -14.98 -43.81
C TYR D 412 9.55 -14.24 -42.86
N GLU D 413 10.01 -13.97 -41.66
CA GLU D 413 9.26 -13.17 -40.68
C GLU D 413 10.08 -11.96 -40.32
N PRO D 414 9.41 -10.89 -39.88
CA PRO D 414 10.25 -9.79 -39.36
C PRO D 414 10.95 -10.23 -38.07
N LEU D 415 12.17 -9.75 -37.88
CA LEU D 415 12.96 -9.94 -36.66
C LEU D 415 13.22 -11.39 -36.31
N THR D 416 13.43 -12.25 -37.29
CA THR D 416 13.84 -13.61 -36.97
C THR D 416 15.26 -13.92 -37.47
N LEU D 417 15.95 -12.92 -38.01
CA LEU D 417 17.37 -13.04 -38.32
C LEU D 417 18.08 -11.75 -37.95
N MET D 418 18.81 -11.77 -36.83
CA MET D 418 19.41 -10.55 -36.30
C MET D 418 20.92 -10.51 -36.56
N ILE D 419 21.35 -9.46 -37.25
CA ILE D 419 22.75 -9.30 -37.62
C ILE D 419 23.26 -7.92 -37.20
N SER D 420 24.50 -7.89 -36.68
CA SER D 420 25.15 -6.63 -36.37
C SER D 420 25.79 -6.06 -37.64
N ASN D 421 25.15 -5.08 -38.27
CA ASN D 421 25.66 -4.63 -39.55
C ASN D 421 25.86 -3.11 -39.65
N GLY D 422 26.17 -2.49 -38.51
CA GLY D 422 26.66 -1.13 -38.48
C GLY D 422 28.08 -1.15 -37.93
N MET D 423 28.26 -1.76 -36.77
CA MET D 423 29.59 -1.80 -36.16
C MET D 423 30.30 -3.15 -36.29
N GLN D 424 29.59 -4.17 -36.79
CA GLN D 424 30.15 -5.52 -36.94
C GLN D 424 30.87 -5.96 -35.69
N THR D 425 30.12 -5.96 -34.59
CA THR D 425 30.69 -6.16 -33.26
C THR D 425 30.69 -7.62 -32.85
N LEU D 426 31.88 -8.18 -32.66
CA LEU D 426 32.05 -9.55 -32.17
C LEU D 426 31.40 -9.76 -30.83
N GLY D 427 30.74 -10.91 -30.68
CA GLY D 427 30.19 -11.29 -29.40
C GLY D 427 28.71 -11.01 -29.18
N VAL D 428 28.04 -10.34 -30.13
CA VAL D 428 26.64 -9.98 -29.91
C VAL D 428 25.69 -11.17 -29.93
N ALA D 429 26.04 -12.27 -30.60
CA ALA D 429 25.03 -13.29 -30.84
C ALA D 429 24.41 -13.88 -29.54
N LEU D 430 25.19 -14.52 -28.68
CA LEU D 430 24.63 -15.17 -27.48
C LEU D 430 23.86 -14.24 -26.57
N PRO D 431 24.43 -13.06 -26.21
CA PRO D 431 23.64 -12.11 -25.42
C PRO D 431 22.33 -11.63 -26.09
N TRP D 432 22.34 -11.40 -27.40
CA TRP D 432 21.09 -11.11 -28.11
C TRP D 432 20.07 -12.22 -27.94
N ALA D 433 20.51 -13.47 -28.03
CA ALA D 433 19.57 -14.58 -27.98
C ALA D 433 18.90 -14.63 -26.58
N ILE D 434 19.66 -14.26 -25.55
CA ILE D 434 19.14 -14.15 -24.19
C ILE D 434 18.10 -13.05 -24.08
N GLY D 435 18.42 -11.87 -24.61
CA GLY D 435 17.46 -10.78 -24.65
C GLY D 435 16.20 -11.20 -25.41
N ALA D 436 16.40 -11.90 -26.52
CA ALA D 436 15.31 -12.35 -27.37
C ALA D 436 14.38 -13.32 -26.63
N SER D 437 14.96 -14.25 -25.87
CA SER D 437 14.15 -15.27 -25.21
C SER D 437 13.29 -14.70 -24.08
N LEU D 438 13.76 -13.63 -23.45
CA LEU D 438 12.98 -12.91 -22.44
C LEU D 438 11.85 -12.08 -23.07
N VAL D 439 11.95 -11.84 -24.37
CA VAL D 439 10.98 -11.03 -25.11
C VAL D 439 9.97 -11.96 -25.78
N LYS D 440 10.40 -13.20 -25.99
CA LYS D 440 9.52 -14.21 -26.55
C LYS D 440 9.51 -15.46 -25.69
N PRO D 441 8.76 -15.41 -24.58
CA PRO D 441 8.65 -16.59 -23.73
C PRO D 441 7.95 -17.73 -24.45
N GLY D 442 8.33 -18.96 -24.14
CA GLY D 442 7.72 -20.11 -24.78
C GLY D 442 8.38 -20.50 -26.09
N GLU D 443 9.32 -19.70 -26.58
CA GLU D 443 9.97 -20.02 -27.85
C GLU D 443 11.46 -20.34 -27.69
N LYS D 444 11.94 -21.24 -28.54
CA LYS D 444 13.37 -21.42 -28.69
C LYS D 444 13.97 -20.20 -29.35
N VAL D 445 15.23 -19.92 -29.02
CA VAL D 445 16.00 -18.89 -29.70
C VAL D 445 17.31 -19.50 -30.19
N VAL D 446 17.64 -19.27 -31.46
CA VAL D 446 18.89 -19.79 -31.99
C VAL D 446 19.94 -18.70 -32.13
N SER D 447 21.19 -19.00 -31.75
CA SER D 447 22.29 -18.06 -31.96
C SER D 447 23.44 -18.74 -32.71
N VAL D 448 24.10 -17.96 -33.56
CA VAL D 448 25.20 -18.46 -34.40
C VAL D 448 26.45 -17.57 -34.23
N SER D 449 27.60 -18.18 -33.89
CA SER D 449 28.90 -17.48 -33.92
C SER D 449 30.01 -18.35 -34.48
N GLY D 450 31.13 -17.73 -34.84
CA GLY D 450 32.40 -18.44 -35.06
C GLY D 450 33.07 -18.66 -33.71
N ASP D 451 34.22 -19.34 -33.67
CA ASP D 451 34.79 -19.70 -32.37
C ASP D 451 35.50 -18.52 -31.72
N GLY D 452 35.96 -17.57 -32.53
CA GLY D 452 36.61 -16.40 -31.98
C GLY D 452 35.63 -15.53 -31.23
N GLY D 453 34.56 -15.14 -31.91
CA GLY D 453 33.54 -14.31 -31.31
C GLY D 453 32.77 -14.94 -30.16
N PHE D 454 32.66 -16.26 -30.18
CA PHE D 454 32.04 -16.97 -29.07
C PHE D 454 32.70 -16.64 -27.76
N LEU D 455 34.03 -16.63 -27.71
CA LEU D 455 34.68 -16.38 -26.43
C LEU D 455 34.63 -14.89 -26.06
N PHE D 456 34.16 -14.02 -26.95
CA PHE D 456 34.02 -12.61 -26.60
C PHE D 456 32.92 -12.38 -25.55
N SER D 457 31.92 -13.26 -25.51
CA SER D 457 30.81 -13.06 -24.60
C SER D 457 30.24 -14.37 -24.04
N ALA D 458 31.03 -15.43 -24.08
CA ALA D 458 30.50 -16.75 -23.71
C ALA D 458 30.29 -16.92 -22.19
N MET D 459 30.98 -16.10 -21.41
CA MET D 459 30.70 -15.87 -19.99
C MET D 459 29.21 -15.80 -19.66
N GLU D 460 28.42 -15.23 -20.57
CA GLU D 460 27.02 -14.99 -20.26
C GLU D 460 26.17 -16.27 -20.34
N LEU D 461 26.81 -17.40 -20.61
CA LEU D 461 26.13 -18.67 -20.61
C LEU D 461 25.67 -19.02 -19.19
N GLU D 462 26.36 -18.46 -18.20
CA GLU D 462 25.96 -18.62 -16.82
C GLU D 462 24.57 -18.01 -16.66
N THR D 463 24.40 -16.82 -17.21
CA THR D 463 23.12 -16.12 -17.18
C THR D 463 22.00 -16.90 -17.88
N ALA D 464 22.28 -17.41 -19.07
CA ALA D 464 21.31 -18.25 -19.78
C ALA D 464 20.94 -19.53 -18.99
N VAL D 465 21.91 -20.12 -18.29
CA VAL D 465 21.64 -21.30 -17.48
C VAL D 465 20.80 -20.92 -16.27
N ARG D 466 21.17 -19.82 -15.64
CA ARG D 466 20.43 -19.28 -14.51
C ARG D 466 18.94 -19.04 -14.82
N LEU D 467 18.64 -18.52 -16.00
CA LEU D 467 17.26 -18.27 -16.44
C LEU D 467 16.61 -19.47 -17.12
N LYS D 468 17.38 -20.55 -17.29
CA LYS D 468 16.90 -21.73 -18.02
C LYS D 468 16.35 -21.32 -19.36
N ALA D 469 17.09 -20.47 -20.07
CA ALA D 469 16.64 -19.97 -21.36
C ALA D 469 16.79 -21.07 -22.39
N PRO D 470 15.80 -21.17 -23.30
CA PRO D 470 15.82 -22.17 -24.37
C PRO D 470 16.63 -21.68 -25.56
N ILE D 471 17.93 -21.48 -25.35
CA ILE D 471 18.83 -21.02 -26.41
C ILE D 471 19.60 -22.18 -27.00
N VAL D 472 19.74 -22.18 -28.32
CA VAL D 472 20.58 -23.15 -29.00
C VAL D 472 21.69 -22.39 -29.73
N HIS D 473 22.92 -22.49 -29.20
CA HIS D 473 24.03 -21.76 -29.79
C HIS D 473 24.90 -22.65 -30.68
N ILE D 474 24.96 -22.29 -31.96
CA ILE D 474 25.78 -23.02 -32.93
C ILE D 474 27.14 -22.35 -33.07
N VAL D 475 28.21 -23.12 -32.83
CA VAL D 475 29.58 -22.62 -32.98
C VAL D 475 30.26 -23.19 -34.22
N TRP D 476 30.52 -22.34 -35.23
CA TRP D 476 31.31 -22.75 -36.40
C TRP D 476 32.81 -22.89 -36.06
N ASN D 477 33.28 -24.12 -35.96
CA ASN D 477 34.62 -24.39 -35.46
C ASN D 477 35.69 -24.44 -36.56
N ASP D 478 36.61 -23.47 -36.50
CA ASP D 478 37.62 -23.23 -37.52
C ASP D 478 38.99 -23.33 -36.88
N SER D 479 39.21 -22.45 -35.91
CA SER D 479 40.39 -22.28 -35.03
C SER D 479 41.15 -20.98 -35.35
N THR D 480 40.56 -20.11 -36.17
CA THR D 480 41.16 -18.82 -36.51
C THR D 480 40.13 -17.69 -36.57
N TYR D 481 40.62 -16.45 -36.54
CA TYR D 481 39.84 -15.29 -36.92
C TYR D 481 39.83 -15.24 -38.46
N ASP D 482 38.92 -15.96 -39.10
CA ASP D 482 39.05 -16.20 -40.55
C ASP D 482 38.68 -15.03 -41.47
N MET D 483 37.64 -14.28 -41.13
CA MET D 483 37.21 -13.17 -42.00
C MET D 483 38.36 -12.18 -42.18
N VAL D 484 39.15 -12.00 -41.11
CA VAL D 484 40.37 -11.22 -41.21
C VAL D 484 41.39 -11.95 -42.09
N ALA D 485 41.50 -13.28 -41.92
CA ALA D 485 42.53 -14.07 -42.60
C ALA D 485 42.47 -14.07 -44.16
N PHE D 486 41.29 -14.28 -44.75
CA PHE D 486 41.22 -14.36 -46.21
C PHE D 486 41.22 -12.98 -46.88
N GLN D 487 40.79 -11.94 -46.17
CA GLN D 487 41.00 -10.58 -46.64
C GLN D 487 42.49 -10.24 -46.61
N GLN D 488 43.21 -10.76 -45.61
CA GLN D 488 44.66 -10.59 -45.51
C GLN D 488 45.38 -11.32 -46.65
N LEU D 489 44.97 -12.55 -46.90
CA LEU D 489 45.53 -13.33 -48.00
C LEU D 489 45.34 -12.62 -49.33
N LYS D 490 44.19 -11.99 -49.52
CA LYS D 490 43.90 -11.26 -50.76
C LYS D 490 44.72 -9.98 -50.91
N LYS D 491 45.08 -9.36 -49.79
CA LYS D 491 45.76 -8.06 -49.85
C LYS D 491 47.28 -8.15 -49.81
N TYR D 492 47.83 -9.11 -49.06
CA TYR D 492 49.27 -9.17 -48.85
C TYR D 492 49.85 -10.53 -49.23
N ASN D 493 48.96 -11.51 -49.35
CA ASN D 493 49.27 -12.92 -49.60
C ASN D 493 49.93 -13.62 -48.40
N ARG D 494 49.57 -13.18 -47.19
CA ARG D 494 50.00 -13.82 -45.95
C ARG D 494 49.08 -13.37 -44.83
N THR D 495 48.89 -14.23 -43.84
CA THR D 495 48.08 -13.83 -42.70
C THR D 495 48.95 -13.23 -41.60
N SER D 496 48.30 -12.69 -40.56
CA SER D 496 48.98 -12.09 -39.42
C SER D 496 48.02 -12.05 -38.24
N ALA D 497 48.44 -12.64 -37.13
CA ALA D 497 47.71 -12.58 -35.86
C ALA D 497 46.28 -13.15 -35.93
N VAL D 498 46.08 -14.22 -36.67
CA VAL D 498 44.74 -14.74 -36.85
C VAL D 498 44.55 -16.12 -36.22
N ASP D 499 45.64 -16.72 -35.73
CA ASP D 499 45.57 -18.05 -35.13
C ASP D 499 45.48 -18.03 -33.60
N PHE D 500 44.54 -18.82 -33.09
CA PHE D 500 44.47 -19.09 -31.67
C PHE D 500 44.28 -20.59 -31.49
N GLY D 501 44.48 -21.09 -30.27
CA GLY D 501 44.26 -22.49 -29.99
C GLY D 501 42.81 -22.72 -29.61
N ASN D 502 42.32 -23.93 -29.83
CA ASN D 502 40.92 -24.23 -29.56
C ASN D 502 40.66 -24.88 -28.19
N ILE D 503 39.41 -24.82 -27.78
CA ILE D 503 38.96 -25.37 -26.50
C ILE D 503 38.00 -26.52 -26.72
N ASP D 504 37.71 -27.26 -25.67
CA ASP D 504 36.68 -28.29 -25.74
C ASP D 504 35.31 -27.62 -25.53
N ILE D 505 34.61 -27.38 -26.63
CA ILE D 505 33.33 -26.67 -26.56
C ILE D 505 32.30 -27.43 -25.75
N VAL D 506 32.19 -28.73 -25.97
CA VAL D 506 31.23 -29.53 -25.20
C VAL D 506 31.49 -29.43 -23.70
N LYS D 507 32.75 -29.55 -23.28
CA LYS D 507 33.08 -29.43 -21.86
C LYS D 507 32.93 -28.00 -21.33
N TYR D 508 33.15 -27.02 -22.20
CA TYR D 508 32.94 -25.63 -21.82
C TYR D 508 31.47 -25.48 -21.43
N ALA D 509 30.60 -25.98 -22.30
CA ALA D 509 29.16 -25.93 -22.06
C ALA D 509 28.78 -26.67 -20.77
N GLU D 510 29.33 -27.87 -20.59
CA GLU D 510 28.95 -28.67 -19.44
C GLU D 510 29.42 -28.07 -18.11
N SER D 511 30.55 -27.36 -18.14
CA SER D 511 31.07 -26.75 -16.92
C SER D 511 30.11 -25.68 -16.39
N PHE D 512 29.34 -25.07 -17.30
CA PHE D 512 28.33 -24.07 -16.94
C PHE D 512 26.97 -24.70 -16.60
N GLY D 513 26.84 -26.01 -16.72
CA GLY D 513 25.57 -26.66 -16.48
C GLY D 513 24.66 -26.63 -17.68
N ALA D 514 25.17 -26.17 -18.81
CA ALA D 514 24.43 -26.24 -20.07
C ALA D 514 24.67 -27.58 -20.76
N THR D 515 23.94 -27.82 -21.83
CA THR D 515 24.09 -29.03 -22.63
C THR D 515 25.10 -28.75 -23.74
N GLY D 516 26.07 -29.63 -23.91
CA GLY D 516 27.03 -29.52 -25.01
C GLY D 516 26.90 -30.62 -26.04
N LEU D 517 26.71 -30.23 -27.29
CA LEU D 517 26.64 -31.21 -28.38
C LEU D 517 27.77 -31.00 -29.39
N ARG D 518 28.12 -32.08 -30.08
CA ARG D 518 29.13 -32.00 -31.13
C ARG D 518 28.75 -32.82 -32.36
N VAL D 519 28.78 -32.17 -33.52
CA VAL D 519 28.68 -32.85 -34.80
C VAL D 519 30.02 -33.50 -35.12
N GLU D 520 30.13 -34.81 -34.90
CA GLU D 520 31.41 -35.48 -35.10
C GLU D 520 31.70 -35.75 -36.58
N SER D 521 30.66 -35.78 -37.40
CA SER D 521 30.84 -35.88 -38.86
C SER D 521 29.66 -35.21 -39.56
N PRO D 522 29.90 -34.64 -40.77
CA PRO D 522 28.94 -33.81 -41.52
C PRO D 522 27.54 -34.43 -41.73
N ASP D 523 27.44 -35.74 -41.76
CA ASP D 523 26.13 -36.38 -41.93
C ASP D 523 25.26 -36.31 -40.65
N GLN D 524 25.90 -36.17 -39.50
CA GLN D 524 25.20 -36.03 -38.23
C GLN D 524 24.53 -34.68 -38.06
N LEU D 525 24.78 -33.78 -39.00
CA LEU D 525 24.38 -32.38 -38.86
C LEU D 525 22.87 -32.21 -38.63
N ALA D 526 22.05 -32.88 -39.43
CA ALA D 526 20.60 -32.77 -39.26
C ALA D 526 20.13 -33.23 -37.87
N ASP D 527 20.61 -34.38 -37.43
CA ASP D 527 20.14 -34.98 -36.19
C ASP D 527 20.63 -34.22 -34.96
N VAL D 528 21.87 -33.76 -35.03
CA VAL D 528 22.45 -33.07 -33.89
C VAL D 528 21.71 -31.74 -33.67
N LEU D 529 21.40 -31.04 -34.77
CA LEU D 529 20.63 -29.80 -34.70
C LEU D 529 19.24 -30.04 -34.13
N ARG D 530 18.57 -31.05 -34.65
CA ARG D 530 17.27 -31.52 -34.14
C ARG D 530 17.32 -31.80 -32.63
N GLN D 531 18.33 -32.54 -32.22
CA GLN D 531 18.51 -32.85 -30.81
C GLN D 531 18.63 -31.56 -29.97
N GLY D 532 19.42 -30.59 -30.46
CA GLY D 532 19.54 -29.30 -29.81
C GLY D 532 18.22 -28.56 -29.70
N MET D 533 17.41 -28.64 -30.75
CA MET D 533 16.11 -27.98 -30.75
C MET D 533 15.17 -28.56 -29.69
N ASN D 534 15.30 -29.84 -29.39
CA ASN D 534 14.42 -30.50 -28.43
C ASN D 534 15.04 -30.66 -27.05
N ALA D 535 16.21 -30.07 -26.84
CA ALA D 535 16.87 -30.17 -25.55
C ALA D 535 16.24 -29.20 -24.53
N GLU D 536 16.55 -29.42 -23.25
CA GLU D 536 16.08 -28.54 -22.20
C GLU D 536 17.18 -27.60 -21.72
N GLY D 537 16.83 -26.33 -21.55
CA GLY D 537 17.79 -25.33 -21.12
C GLY D 537 18.83 -25.09 -22.20
N PRO D 538 19.79 -24.21 -21.92
CA PRO D 538 20.76 -23.79 -22.94
C PRO D 538 21.55 -24.95 -23.55
N VAL D 539 21.71 -24.91 -24.88
CA VAL D 539 22.50 -25.86 -25.66
C VAL D 539 23.64 -25.20 -26.44
N ILE D 540 24.86 -25.75 -26.36
CA ILE D 540 25.95 -25.29 -27.23
C ILE D 540 26.32 -26.41 -28.21
N ILE D 541 26.36 -26.10 -29.49
CA ILE D 541 26.69 -27.13 -30.47
C ILE D 541 27.97 -26.84 -31.22
N ASP D 542 28.96 -27.71 -31.04
CA ASP D 542 30.24 -27.67 -31.76
C ASP D 542 30.04 -28.18 -33.18
N VAL D 543 30.34 -27.34 -34.16
CA VAL D 543 30.15 -27.70 -35.56
C VAL D 543 31.40 -27.40 -36.41
N PRO D 544 32.25 -28.41 -36.63
CA PRO D 544 33.48 -28.17 -37.40
C PRO D 544 33.10 -27.80 -38.83
N VAL D 545 33.83 -26.85 -39.41
CA VAL D 545 33.50 -26.35 -40.73
C VAL D 545 34.77 -26.26 -41.58
N ASP D 546 34.63 -26.42 -42.88
CA ASP D 546 35.74 -26.29 -43.82
C ASP D 546 35.63 -24.92 -44.49
N TYR D 547 36.65 -24.10 -44.34
CA TYR D 547 36.59 -22.73 -44.80
C TYR D 547 37.38 -22.46 -46.08
N SER D 548 37.83 -23.51 -46.77
CA SER D 548 38.77 -23.31 -47.86
C SER D 548 38.08 -22.77 -49.11
N ASP D 549 36.76 -22.60 -49.03
CA ASP D 549 35.98 -22.00 -50.10
C ASP D 549 35.68 -20.51 -49.79
N ASN D 550 36.09 -20.07 -48.60
CA ASN D 550 35.79 -18.73 -48.09
C ASN D 550 36.35 -17.54 -48.85
N ILE D 551 37.47 -17.73 -49.55
CA ILE D 551 38.10 -16.60 -50.25
C ILE D 551 37.34 -16.23 -51.53
N ASN D 552 36.46 -17.12 -51.96
CA ASN D 552 35.66 -16.84 -53.15
C ASN D 552 34.47 -15.94 -52.84
N LEU D 553 34.18 -15.72 -51.55
CA LEU D 553 33.14 -14.79 -51.14
C LEU D 553 33.48 -13.40 -51.65
N ALA D 554 34.77 -13.15 -51.84
CA ALA D 554 35.24 -11.85 -52.33
C ALA D 554 35.68 -11.93 -53.79
N SER D 555 35.29 -12.99 -54.47
CA SER D 555 35.73 -13.23 -55.84
C SER D 555 35.05 -12.31 -56.83
N ASP D 556 35.80 -11.92 -57.86
CA ASP D 556 35.29 -11.02 -58.89
CA ASP D 556 35.32 -11.03 -58.90
C ASP D 556 34.63 -11.78 -60.04
N LYS D 557 34.56 -13.11 -59.91
CA LYS D 557 34.04 -13.99 -60.97
C LYS D 557 32.68 -13.60 -61.58
N LEU D 558 31.67 -13.44 -60.73
CA LEU D 558 30.30 -13.20 -61.18
C LEU D 558 30.10 -11.87 -61.93
N PRO D 559 30.65 -10.75 -61.41
CA PRO D 559 30.50 -9.53 -62.23
C PRO D 559 31.28 -9.59 -63.55
N LYS D 560 32.39 -10.32 -63.59
CA LYS D 560 33.14 -10.49 -64.84
C LYS D 560 32.34 -11.28 -65.88
N GLU D 561 31.73 -12.38 -65.44
CA GLU D 561 30.92 -13.23 -66.33
C GLU D 561 29.73 -12.50 -66.89
N PHE D 562 28.97 -11.85 -66.01
CA PHE D 562 27.75 -11.16 -66.39
C PHE D 562 28.09 -9.96 -67.27
N GLY D 563 29.28 -9.42 -67.08
CA GLY D 563 29.74 -8.29 -67.86
C GLY D 563 29.77 -8.59 -69.35
N GLU D 564 30.23 -9.79 -69.71
CA GLU D 564 30.35 -10.16 -71.12
C GLU D 564 29.13 -10.85 -71.73
N LEU D 565 28.21 -11.31 -70.90
CA LEU D 565 26.95 -11.80 -71.44
C LEU D 565 26.23 -10.55 -71.95
N MET D 566 26.48 -9.42 -71.29
CA MET D 566 26.06 -8.13 -71.83
C MET D 566 27.18 -7.59 -72.72
N ASN E 15 10.86 -30.23 -8.11
CA ASN E 15 10.04 -30.77 -9.19
C ASN E 15 8.70 -31.30 -8.71
N ARG E 16 7.86 -30.42 -8.17
CA ARG E 16 6.50 -30.80 -7.82
C ARG E 16 5.54 -30.48 -8.97
N GLY E 17 4.34 -31.04 -8.89
CA GLY E 17 3.24 -30.61 -9.74
C GLY E 17 3.10 -29.10 -9.79
N ALA E 18 3.28 -28.45 -8.64
CA ALA E 18 3.23 -26.98 -8.55
C ALA E 18 4.13 -26.30 -9.58
N GLU E 19 5.35 -26.82 -9.75
CA GLU E 19 6.32 -26.28 -10.68
C GLU E 19 5.88 -26.42 -12.15
N LEU E 20 5.22 -27.54 -12.45
CA LEU E 20 4.61 -27.71 -13.78
C LEU E 20 3.58 -26.62 -14.09
N VAL E 21 2.77 -26.28 -13.10
CA VAL E 21 1.75 -25.25 -13.27
C VAL E 21 2.42 -23.91 -13.55
N VAL E 22 3.46 -23.58 -12.77
CA VAL E 22 4.20 -22.32 -12.94
C VAL E 22 4.96 -22.28 -14.28
N ASP E 23 5.47 -23.43 -14.71
CA ASP E 23 6.20 -23.50 -15.98
C ASP E 23 5.28 -23.19 -17.14
N CYS E 24 4.05 -23.72 -17.09
CA CYS E 24 3.08 -23.44 -18.15
C CYS E 24 2.83 -21.96 -18.23
N LEU E 25 2.70 -21.33 -17.06
CA LEU E 25 2.43 -19.89 -16.98
C LEU E 25 3.59 -19.08 -17.55
N VAL E 26 4.82 -19.53 -17.27
CA VAL E 26 5.98 -18.87 -17.87
C VAL E 26 5.95 -19.09 -19.37
N GLU E 27 5.66 -20.32 -19.79
CA GLU E 27 5.59 -20.65 -21.22
C GLU E 27 4.53 -19.83 -21.95
N GLN E 28 3.37 -19.62 -21.32
CA GLN E 28 2.25 -18.89 -21.94
C GLN E 28 2.52 -17.38 -22.02
N GLY E 29 3.53 -16.90 -21.28
CA GLY E 29 3.83 -15.49 -21.26
C GLY E 29 2.95 -14.69 -20.33
N VAL E 30 2.34 -15.34 -19.34
CA VAL E 30 1.53 -14.66 -18.34
C VAL E 30 2.38 -13.72 -17.46
N THR E 31 1.95 -12.48 -17.26
CA THR E 31 2.77 -11.54 -16.47
C THR E 31 2.22 -11.30 -15.06
N HIS E 32 0.90 -11.40 -14.94
CA HIS E 32 0.27 -11.18 -13.66
C HIS E 32 -0.63 -12.34 -13.34
N VAL E 33 -0.62 -12.75 -12.08
CA VAL E 33 -1.57 -13.73 -11.57
C VAL E 33 -2.35 -13.10 -10.42
N PHE E 34 -3.68 -13.09 -10.53
CA PHE E 34 -4.50 -12.46 -9.52
C PHE E 34 -4.99 -13.55 -8.59
N GLY E 35 -4.73 -13.40 -7.30
CA GLY E 35 -5.09 -14.46 -6.40
C GLY E 35 -5.22 -14.18 -4.92
N ILE E 36 -5.58 -15.25 -4.22
CA ILE E 36 -5.73 -15.28 -2.79
C ILE E 36 -5.34 -16.68 -2.38
N PRO E 37 -4.27 -16.82 -1.58
CA PRO E 37 -3.77 -18.15 -1.20
C PRO E 37 -4.64 -18.88 -0.17
N GLY E 38 -4.37 -20.17 -0.03
CA GLY E 38 -5.01 -21.00 0.99
C GLY E 38 -4.30 -22.33 1.06
N ALA E 39 -4.56 -23.11 2.10
CA ALA E 39 -3.82 -24.35 2.33
C ALA E 39 -3.76 -25.32 1.15
N LYS E 40 -4.85 -25.50 0.41
CA LYS E 40 -4.87 -26.58 -0.58
C LYS E 40 -4.03 -26.27 -1.82
N ILE E 41 -3.91 -24.99 -2.16
CA ILE E 41 -3.25 -24.54 -3.40
C ILE E 41 -1.85 -23.95 -3.11
N ASP E 42 -1.46 -24.01 -1.84
CA ASP E 42 -0.20 -23.46 -1.32
C ASP E 42 1.06 -23.74 -2.12
N ALA E 43 1.21 -24.98 -2.60
CA ALA E 43 2.41 -25.38 -3.32
C ALA E 43 2.63 -24.50 -4.55
N VAL E 44 1.56 -24.17 -5.26
CA VAL E 44 1.68 -23.34 -6.45
C VAL E 44 2.11 -21.92 -6.09
N PHE E 45 1.60 -21.41 -4.97
CA PHE E 45 1.96 -20.07 -4.49
C PHE E 45 3.43 -20.02 -4.11
N ASP E 46 3.85 -21.02 -3.34
CA ASP E 46 5.23 -21.24 -3.01
C ASP E 46 6.15 -21.29 -4.24
N ALA E 47 5.77 -22.04 -5.27
CA ALA E 47 6.57 -22.15 -6.48
C ALA E 47 6.66 -20.83 -7.24
N LEU E 48 5.71 -19.93 -6.96
CA LEU E 48 5.72 -18.61 -7.58
C LEU E 48 6.70 -17.70 -6.85
N GLN E 49 7.20 -18.16 -5.71
CA GLN E 49 8.24 -17.42 -5.01
C GLN E 49 9.55 -17.48 -5.79
N ASP E 50 9.75 -18.59 -6.50
CA ASP E 50 10.96 -18.80 -7.27
C ASP E 50 10.92 -18.09 -8.63
N LYS E 51 9.98 -18.47 -9.48
CA LYS E 51 9.81 -17.79 -10.75
C LYS E 51 8.35 -17.66 -11.10
N GLY E 52 8.10 -17.10 -12.28
CA GLY E 52 6.75 -16.97 -12.78
C GLY E 52 6.26 -15.55 -12.64
N PRO E 53 5.04 -15.31 -13.10
CA PRO E 53 4.43 -13.98 -13.11
C PRO E 53 4.26 -13.40 -11.71
N GLU E 54 4.09 -12.08 -11.67
CA GLU E 54 3.89 -11.37 -10.42
C GLU E 54 2.53 -11.71 -9.82
N ILE E 55 2.50 -12.03 -8.54
CA ILE E 55 1.25 -12.25 -7.83
C ILE E 55 0.61 -10.92 -7.42
N ILE E 56 -0.65 -10.72 -7.80
CA ILE E 56 -1.44 -9.62 -7.25
CA ILE E 56 -1.45 -9.62 -7.27
C ILE E 56 -2.41 -10.16 -6.21
N VAL E 57 -2.18 -9.85 -4.96
CA VAL E 57 -3.07 -10.33 -3.90
C VAL E 57 -4.40 -9.57 -3.98
N ALA E 58 -5.52 -10.29 -3.99
CA ALA E 58 -6.80 -9.60 -4.06
C ALA E 58 -7.50 -9.63 -2.71
N ARG E 59 -8.57 -8.85 -2.57
CA ARG E 59 -9.31 -8.79 -1.33
C ARG E 59 -10.56 -9.66 -1.39
N HIS E 60 -10.79 -10.23 -2.57
CA HIS E 60 -11.93 -11.12 -2.80
C HIS E 60 -11.69 -11.83 -4.14
N GLU E 61 -11.97 -13.14 -4.19
CA GLU E 61 -11.75 -13.90 -5.40
C GLU E 61 -12.62 -13.41 -6.56
N GLN E 62 -13.82 -12.90 -6.24
CA GLN E 62 -14.67 -12.28 -7.26
C GLN E 62 -13.89 -11.21 -8.02
N ASN E 63 -13.15 -10.39 -7.29
CA ASN E 63 -12.45 -9.26 -7.91
C ASN E 63 -11.15 -9.71 -8.60
N ALA E 64 -10.49 -10.75 -8.05
CA ALA E 64 -9.40 -11.42 -8.74
C ALA E 64 -9.88 -11.92 -10.12
N ALA E 65 -11.04 -12.57 -10.14
CA ALA E 65 -11.63 -13.05 -11.39
C ALA E 65 -11.94 -11.89 -12.35
N PHE E 66 -12.48 -10.80 -11.83
CA PHE E 66 -12.82 -9.62 -12.63
C PHE E 66 -11.58 -8.99 -13.29
N MET E 67 -10.51 -8.84 -12.52
CA MET E 67 -9.26 -8.26 -13.02
C MET E 67 -8.70 -9.13 -14.14
N ALA E 68 -8.77 -10.44 -13.96
CA ALA E 68 -8.29 -11.37 -14.95
C ALA E 68 -9.08 -11.22 -16.24
N GLN E 69 -10.35 -10.87 -16.10
CA GLN E 69 -11.23 -10.72 -17.25
C GLN E 69 -10.84 -9.49 -18.06
N ALA E 70 -10.57 -8.39 -17.37
CA ALA E 70 -10.08 -7.18 -18.02
C ALA E 70 -8.79 -7.43 -18.80
N VAL E 71 -7.88 -8.23 -18.23
CA VAL E 71 -6.61 -8.50 -18.89
C VAL E 71 -6.82 -9.25 -20.19
N GLY E 72 -7.61 -10.33 -20.13
CA GLY E 72 -8.02 -11.04 -21.32
C GLY E 72 -8.66 -10.18 -22.40
N ARG E 73 -9.54 -9.25 -22.02
CA ARG E 73 -10.25 -8.44 -22.99
C ARG E 73 -9.30 -7.42 -23.59
N LEU E 74 -8.42 -6.89 -22.76
CA LEU E 74 -7.49 -5.87 -23.20
C LEU E 74 -6.28 -6.43 -23.97
N THR E 75 -5.88 -7.67 -23.71
CA THR E 75 -4.65 -8.17 -24.33
C THR E 75 -4.90 -9.30 -25.32
N GLY E 76 -6.07 -9.94 -25.24
CA GLY E 76 -6.30 -11.10 -26.08
C GLY E 76 -5.58 -12.34 -25.63
N LYS E 77 -4.79 -12.23 -24.57
CA LYS E 77 -4.21 -13.40 -23.93
C LYS E 77 -4.95 -13.63 -22.63
N PRO E 78 -5.20 -14.90 -22.27
CA PRO E 78 -6.05 -15.17 -21.10
C PRO E 78 -5.48 -14.64 -19.78
N GLY E 79 -6.30 -13.89 -19.04
CA GLY E 79 -5.92 -13.47 -17.70
C GLY E 79 -6.01 -14.67 -16.79
N VAL E 80 -5.23 -14.66 -15.72
CA VAL E 80 -5.11 -15.83 -14.89
C VAL E 80 -5.47 -15.52 -13.43
N VAL E 81 -6.34 -16.34 -12.86
CA VAL E 81 -6.71 -16.20 -11.46
C VAL E 81 -6.36 -17.50 -10.74
N LEU E 82 -5.86 -17.40 -9.50
CA LEU E 82 -5.38 -18.57 -8.74
C LEU E 82 -5.97 -18.57 -7.34
N VAL E 83 -6.75 -19.60 -7.00
CA VAL E 83 -7.44 -19.64 -5.71
C VAL E 83 -7.40 -20.99 -5.01
N THR E 84 -7.70 -20.99 -3.72
CA THR E 84 -7.64 -22.22 -2.94
C THR E 84 -8.91 -23.04 -3.12
N SER E 85 -8.99 -24.16 -2.42
CA SER E 85 -10.15 -25.02 -2.51
C SER E 85 -11.39 -24.40 -1.85
N GLY E 86 -12.52 -25.06 -2.04
CA GLY E 86 -13.73 -24.70 -1.33
C GLY E 86 -14.29 -23.33 -1.64
N PRO E 87 -14.49 -22.51 -0.60
CA PRO E 87 -15.04 -21.17 -0.82
C PRO E 87 -14.09 -20.29 -1.68
N GLY E 88 -12.82 -20.65 -1.73
CA GLY E 88 -11.89 -20.02 -2.65
C GLY E 88 -12.33 -20.21 -4.09
N ALA E 89 -12.69 -21.44 -4.43
CA ALA E 89 -13.18 -21.77 -5.78
C ALA E 89 -14.59 -21.24 -6.04
N SER E 90 -15.50 -21.47 -5.10
CA SER E 90 -16.89 -21.12 -5.34
C SER E 90 -17.06 -19.60 -5.47
N ASN E 91 -16.17 -18.82 -4.85
CA ASN E 91 -16.17 -17.35 -5.00
C ASN E 91 -15.90 -16.83 -6.42
N LEU E 92 -15.40 -17.70 -7.31
CA LEU E 92 -15.13 -17.34 -8.69
C LEU E 92 -16.35 -17.42 -9.62
N ALA E 93 -17.44 -18.04 -9.17
CA ALA E 93 -18.52 -18.44 -10.07
C ALA E 93 -19.02 -17.32 -10.95
N THR E 94 -19.28 -16.16 -10.35
CA THR E 94 -19.88 -15.06 -11.06
C THR E 94 -18.88 -14.43 -12.03
N GLY E 95 -17.65 -14.24 -11.57
CA GLY E 95 -16.58 -13.77 -12.44
C GLY E 95 -16.41 -14.62 -13.69
N LEU E 96 -16.27 -15.93 -13.54
CA LEU E 96 -16.08 -16.76 -14.73
C LEU E 96 -17.30 -16.76 -15.64
N LEU E 97 -18.50 -16.82 -15.08
CA LEU E 97 -19.72 -16.78 -15.86
C LEU E 97 -19.77 -15.48 -16.66
N THR E 98 -19.35 -14.40 -16.01
CA THR E 98 -19.32 -13.10 -16.65
C THR E 98 -18.36 -13.12 -17.84
N ALA E 99 -17.12 -13.58 -17.62
CA ALA E 99 -16.13 -13.69 -18.69
C ALA E 99 -16.63 -14.63 -19.78
N ASN E 100 -17.29 -15.72 -19.38
CA ASN E 100 -17.64 -16.74 -20.34
C ASN E 100 -18.75 -16.29 -21.27
N THR E 101 -19.53 -15.29 -20.86
CA THR E 101 -20.64 -14.82 -21.67
C THR E 101 -20.34 -13.50 -22.40
N GLU E 102 -19.15 -12.95 -22.21
CA GLU E 102 -18.83 -11.66 -22.77
C GLU E 102 -17.57 -11.69 -23.63
N GLY E 103 -17.10 -12.89 -23.96
CA GLY E 103 -16.02 -13.07 -24.91
C GLY E 103 -14.61 -12.83 -24.42
N ASP E 104 -14.42 -12.90 -23.11
CA ASP E 104 -13.11 -12.63 -22.53
C ASP E 104 -12.42 -13.93 -22.14
N PRO E 105 -11.17 -14.12 -22.61
CA PRO E 105 -10.44 -15.36 -22.30
C PRO E 105 -9.86 -15.30 -20.89
N VAL E 106 -10.22 -16.28 -20.06
CA VAL E 106 -9.73 -16.37 -18.67
C VAL E 106 -9.35 -17.80 -18.32
N VAL E 107 -8.23 -17.97 -17.61
CA VAL E 107 -7.89 -19.28 -17.08
C VAL E 107 -7.91 -19.22 -15.56
N ALA E 108 -8.77 -20.03 -14.96
CA ALA E 108 -8.85 -20.12 -13.51
C ALA E 108 -8.17 -21.40 -12.99
N LEU E 109 -7.42 -21.29 -11.90
CA LEU E 109 -6.73 -22.43 -11.31
C LEU E 109 -7.06 -22.54 -9.85
N ALA E 110 -7.49 -23.72 -9.39
CA ALA E 110 -8.02 -23.88 -8.04
C ALA E 110 -7.54 -25.13 -7.34
N GLY E 111 -7.35 -25.04 -6.03
CA GLY E 111 -7.07 -26.23 -5.25
C GLY E 111 -8.32 -27.08 -5.00
N ASN E 112 -8.08 -28.32 -4.64
CA ASN E 112 -9.13 -29.17 -4.08
C ASN E 112 -8.45 -30.13 -3.09
N VAL E 113 -9.24 -30.89 -2.35
CA VAL E 113 -8.68 -31.80 -1.36
C VAL E 113 -7.91 -32.93 -2.03
N ILE E 114 -7.24 -33.74 -1.23
CA ILE E 114 -6.45 -34.84 -1.77
C ILE E 114 -7.37 -35.88 -2.40
N ARG E 115 -6.84 -36.64 -3.34
CA ARG E 115 -7.65 -37.57 -4.12
C ARG E 115 -8.34 -38.61 -3.25
N ALA E 116 -7.69 -38.95 -2.14
CA ALA E 116 -8.17 -40.01 -1.26
C ALA E 116 -9.40 -39.56 -0.46
N ASP E 117 -9.59 -38.26 -0.35
CA ASP E 117 -10.69 -37.74 0.45
C ASP E 117 -11.71 -36.99 -0.39
N ARG E 118 -11.60 -37.13 -1.71
CA ARG E 118 -12.44 -36.35 -2.62
C ARG E 118 -13.94 -36.66 -2.45
N LEU E 119 -14.27 -37.82 -1.89
CA LEU E 119 -15.66 -38.23 -1.75
C LEU E 119 -16.18 -37.98 -0.34
N LYS E 120 -15.32 -37.46 0.52
CA LYS E 120 -15.64 -37.34 1.93
C LYS E 120 -16.18 -35.96 2.32
N ARG E 121 -16.88 -35.93 3.45
CA ARG E 121 -17.21 -34.68 4.09
C ARG E 121 -15.97 -34.24 4.87
N THR E 122 -15.24 -33.31 4.28
CA THR E 122 -13.99 -32.84 4.86
C THR E 122 -13.83 -31.36 4.49
N HIS E 123 -13.08 -30.58 5.27
CA HIS E 123 -13.02 -29.12 5.04
C HIS E 123 -12.79 -28.74 3.58
N GLN E 124 -13.65 -27.85 3.09
CA GLN E 124 -13.53 -27.26 1.77
C GLN E 124 -13.58 -28.24 0.60
N SER E 125 -14.21 -29.40 0.83
CA SER E 125 -14.35 -30.40 -0.22
C SER E 125 -15.59 -30.13 -1.08
N LEU E 126 -15.40 -30.17 -2.39
CA LEU E 126 -16.40 -29.70 -3.35
C LEU E 126 -16.11 -30.23 -4.75
N ASP E 127 -17.14 -30.75 -5.45
CA ASP E 127 -16.93 -31.13 -6.85
C ASP E 127 -16.72 -29.88 -7.71
N ASN E 128 -15.48 -29.41 -7.71
CA ASN E 128 -15.04 -28.23 -8.45
C ASN E 128 -15.42 -28.22 -9.92
N ALA E 129 -15.17 -29.33 -10.59
CA ALA E 129 -15.36 -29.35 -12.02
C ALA E 129 -16.85 -29.36 -12.36
N ALA E 130 -17.66 -30.00 -11.52
CA ALA E 130 -19.11 -30.04 -11.79
C ALA E 130 -19.73 -28.69 -11.57
N LEU E 131 -19.23 -27.95 -10.59
CA LEU E 131 -19.74 -26.62 -10.32
C LEU E 131 -19.47 -25.66 -11.49
N PHE E 132 -18.34 -25.80 -12.18
CA PHE E 132 -18.03 -24.85 -13.24
C PHE E 132 -18.42 -25.32 -14.64
N GLN E 133 -18.87 -26.57 -14.75
CA GLN E 133 -19.27 -27.12 -16.04
C GLN E 133 -20.33 -26.26 -16.76
N PRO E 134 -21.39 -25.83 -16.05
CA PRO E 134 -22.38 -25.08 -16.86
C PRO E 134 -22.09 -23.59 -17.04
N ILE E 135 -21.00 -23.08 -16.48
CA ILE E 135 -20.70 -21.66 -16.63
C ILE E 135 -19.30 -21.36 -17.22
N THR E 136 -18.69 -22.35 -17.87
CA THR E 136 -17.37 -22.22 -18.53
C THR E 136 -17.34 -23.00 -19.84
N LYS E 137 -16.36 -22.72 -20.72
CA LYS E 137 -16.18 -23.54 -21.94
C LYS E 137 -15.50 -24.85 -21.65
N TYR E 138 -14.88 -24.98 -20.46
CA TYR E 138 -13.97 -26.09 -20.18
C TYR E 138 -13.68 -26.12 -18.71
N SER E 139 -14.06 -27.22 -18.09
CA SER E 139 -14.00 -27.38 -16.64
C SER E 139 -13.51 -28.78 -16.29
N VAL E 140 -12.30 -28.88 -15.74
CA VAL E 140 -11.71 -30.19 -15.54
C VAL E 140 -10.95 -30.27 -14.22
N GLU E 141 -10.85 -31.48 -13.69
CA GLU E 141 -9.96 -31.75 -12.57
C GLU E 141 -8.87 -32.74 -12.98
N VAL E 142 -7.61 -32.37 -12.73
CA VAL E 142 -6.47 -33.22 -13.06
C VAL E 142 -6.24 -34.26 -11.97
N GLN E 143 -6.23 -35.54 -12.33
CA GLN E 143 -6.08 -36.58 -11.32
C GLN E 143 -4.74 -37.30 -11.38
N ASP E 144 -3.81 -36.77 -12.16
CA ASP E 144 -2.50 -37.37 -12.29
C ASP E 144 -1.53 -36.28 -12.62
N VAL E 145 -0.44 -36.22 -11.88
CA VAL E 145 0.49 -35.11 -11.99
C VAL E 145 1.05 -35.04 -13.42
N LYS E 146 1.14 -36.17 -14.11
CA LYS E 146 1.70 -36.16 -15.46
C LYS E 146 0.85 -35.35 -16.43
N ASN E 147 -0.46 -35.28 -16.14
CA ASN E 147 -1.43 -34.64 -17.02
C ASN E 147 -1.47 -33.09 -16.92
N ILE E 148 -0.82 -32.52 -15.91
CA ILE E 148 -0.86 -31.08 -15.66
C ILE E 148 -0.45 -30.19 -16.85
N PRO E 149 0.70 -30.46 -17.50
CA PRO E 149 1.03 -29.57 -18.63
C PRO E 149 0.04 -29.67 -19.79
N GLU E 150 -0.60 -30.84 -19.97
CA GLU E 150 -1.59 -30.99 -21.03
C GLU E 150 -2.89 -30.22 -20.68
N ALA E 151 -3.44 -30.51 -19.51
CA ALA E 151 -4.69 -29.89 -19.08
C ALA E 151 -4.62 -28.35 -19.10
N VAL E 152 -3.50 -27.80 -18.66
CA VAL E 152 -3.36 -26.35 -18.58
C VAL E 152 -3.13 -25.74 -19.96
N THR E 153 -2.25 -26.35 -20.77
CA THR E 153 -2.00 -25.83 -22.11
C THR E 153 -3.31 -25.78 -22.91
N ASN E 154 -4.06 -26.88 -22.87
CA ASN E 154 -5.38 -26.90 -23.50
C ASN E 154 -6.38 -25.88 -22.94
N ALA E 155 -6.40 -25.64 -21.63
CA ALA E 155 -7.23 -24.56 -21.07
C ALA E 155 -6.93 -23.20 -21.71
N PHE E 156 -5.66 -22.84 -21.84
CA PHE E 156 -5.28 -21.56 -22.47
C PHE E 156 -5.78 -21.48 -23.91
N ARG E 157 -5.60 -22.56 -24.67
CA ARG E 157 -6.01 -22.57 -26.07
C ARG E 157 -7.53 -22.51 -26.22
N ILE E 158 -8.24 -23.23 -25.38
CA ILE E 158 -9.69 -23.25 -25.47
C ILE E 158 -10.26 -21.90 -25.03
N ALA E 159 -9.66 -21.29 -24.00
CA ALA E 159 -10.12 -19.99 -23.56
C ALA E 159 -9.92 -18.93 -24.67
N SER E 160 -8.91 -19.12 -25.50
CA SER E 160 -8.59 -18.15 -26.54
C SER E 160 -9.34 -18.38 -27.85
N ALA E 161 -9.70 -19.63 -28.09
CA ALA E 161 -10.28 -20.04 -29.37
C ALA E 161 -11.73 -19.53 -29.53
N GLY E 162 -12.06 -18.94 -30.69
CA GLY E 162 -13.34 -18.24 -30.86
C GLY E 162 -14.49 -19.19 -30.64
N GLN E 163 -15.58 -18.74 -30.02
CA GLN E 163 -15.66 -17.48 -29.29
C GLN E 163 -14.91 -17.62 -27.98
N ALA E 164 -14.04 -16.67 -27.68
CA ALA E 164 -13.26 -16.71 -26.44
C ALA E 164 -14.13 -16.77 -25.20
N GLY E 165 -13.61 -17.38 -24.14
CA GLY E 165 -14.27 -17.36 -22.86
C GLY E 165 -13.45 -17.97 -21.74
N ALA E 166 -14.15 -18.56 -20.79
CA ALA E 166 -13.55 -19.00 -19.54
C ALA E 166 -13.18 -20.49 -19.53
N ALA E 167 -11.99 -20.79 -19.03
CA ALA E 167 -11.56 -22.17 -18.75
C ALA E 167 -11.22 -22.36 -17.26
N PHE E 168 -11.61 -23.50 -16.69
CA PHE E 168 -11.38 -23.80 -15.28
C PHE E 168 -10.60 -25.13 -15.13
N VAL E 169 -9.53 -25.09 -14.34
CA VAL E 169 -8.72 -26.27 -14.03
C VAL E 169 -8.57 -26.40 -12.52
N SER E 170 -8.93 -27.56 -11.98
CA SER E 170 -8.84 -27.83 -10.55
C SER E 170 -7.73 -28.86 -10.27
N PHE E 171 -6.96 -28.63 -9.20
CA PHE E 171 -5.84 -29.51 -8.79
C PHE E 171 -5.97 -30.05 -7.36
N PRO E 172 -6.21 -31.38 -7.18
CA PRO E 172 -6.18 -31.95 -5.83
C PRO E 172 -4.86 -31.66 -5.15
N GLN E 173 -4.90 -31.38 -3.85
CA GLN E 173 -3.72 -30.91 -3.12
C GLN E 173 -2.50 -31.83 -3.27
N ASP E 174 -2.72 -33.14 -3.34
CA ASP E 174 -1.59 -34.06 -3.41
C ASP E 174 -0.99 -34.11 -4.81
N VAL E 175 -1.80 -33.76 -5.82
CA VAL E 175 -1.33 -33.75 -7.19
C VAL E 175 -0.33 -32.61 -7.39
N VAL E 176 -0.57 -31.44 -6.79
CA VAL E 176 0.41 -30.36 -6.95
C VAL E 176 1.62 -30.49 -6.01
N ASN E 177 1.50 -31.27 -4.95
CA ASN E 177 2.62 -31.46 -4.04
C ASN E 177 3.51 -32.61 -4.44
N GLU E 178 3.01 -33.44 -5.35
CA GLU E 178 3.73 -34.64 -5.75
C GLU E 178 4.99 -34.33 -6.56
N VAL E 179 6.08 -34.98 -6.19
CA VAL E 179 7.34 -34.85 -6.91
C VAL E 179 7.26 -35.72 -8.17
N THR E 180 7.82 -35.24 -9.27
CA THR E 180 7.62 -35.91 -10.54
C THR E 180 8.73 -35.56 -11.52
N ASN E 181 9.01 -36.45 -12.46
CA ASN E 181 9.94 -36.14 -13.54
C ASN E 181 9.20 -35.95 -14.85
N THR E 182 7.92 -35.63 -14.73
CA THR E 182 7.11 -35.25 -15.89
C THR E 182 7.70 -34.06 -16.62
N LYS E 183 7.62 -34.07 -17.93
CA LYS E 183 8.12 -32.96 -18.73
C LYS E 183 7.02 -31.94 -19.06
N ASN E 184 7.43 -30.71 -19.28
CA ASN E 184 6.49 -29.70 -19.76
C ASN E 184 6.27 -29.85 -21.28
N VAL E 185 5.21 -29.24 -21.83
CA VAL E 185 4.96 -29.29 -23.27
C VAL E 185 5.00 -27.90 -23.86
N ARG E 186 5.12 -27.81 -25.18
CA ARG E 186 5.21 -26.50 -25.81
C ARG E 186 3.88 -25.78 -25.68
N ALA E 187 3.95 -24.46 -25.49
CA ALA E 187 2.73 -23.64 -25.46
C ALA E 187 2.22 -23.40 -26.88
N VAL E 188 1.64 -24.43 -27.48
CA VAL E 188 1.26 -24.34 -28.89
C VAL E 188 0.08 -23.37 -29.02
N ALA E 189 0.35 -22.22 -29.61
CA ALA E 189 -0.65 -21.16 -29.64
C ALA E 189 -1.88 -21.57 -30.41
N ALA E 190 -3.05 -21.15 -29.92
CA ALA E 190 -4.29 -21.37 -30.63
C ALA E 190 -4.21 -20.70 -32.00
N PRO E 191 -4.57 -21.43 -33.04
CA PRO E 191 -4.47 -20.97 -34.44
C PRO E 191 -5.66 -20.10 -34.90
N LYS E 192 -5.41 -19.26 -35.90
CA LYS E 192 -6.47 -18.50 -36.56
C LYS E 192 -7.22 -19.36 -37.58
N LEU E 193 -8.44 -18.97 -37.94
CA LEU E 193 -9.11 -19.53 -39.11
C LEU E 193 -8.69 -18.71 -40.33
N GLY E 194 -8.86 -19.27 -41.53
CA GLY E 194 -8.72 -18.47 -42.73
C GLY E 194 -9.96 -17.59 -42.90
N PRO E 195 -9.97 -16.72 -43.93
CA PRO E 195 -11.22 -16.02 -44.23
C PRO E 195 -12.33 -16.99 -44.64
N ALA E 196 -13.58 -16.53 -44.63
CA ALA E 196 -14.69 -17.30 -45.20
C ALA E 196 -14.42 -17.59 -46.69
N ALA E 197 -15.07 -18.62 -47.21
CA ALA E 197 -14.88 -19.03 -48.60
C ALA E 197 -15.13 -17.88 -49.57
N ASP E 198 -14.36 -17.86 -50.66
CA ASP E 198 -14.43 -16.78 -51.65
C ASP E 198 -15.82 -16.54 -52.25
N ASP E 199 -16.52 -17.62 -52.60
CA ASP E 199 -17.83 -17.50 -53.25
C ASP E 199 -18.90 -16.95 -52.28
N ALA E 200 -18.75 -17.27 -51.00
CA ALA E 200 -19.56 -16.66 -49.97
C ALA E 200 -19.28 -15.17 -49.85
N ILE E 201 -18.01 -14.77 -49.93
CA ILE E 201 -17.62 -13.35 -49.95
C ILE E 201 -18.35 -12.62 -51.08
N SER E 202 -18.21 -13.15 -52.29
CA SER E 202 -18.95 -12.68 -53.47
C SER E 202 -20.45 -12.54 -53.25
N ALA E 203 -21.06 -13.57 -52.65
CA ALA E 203 -22.49 -13.53 -52.45
C ALA E 203 -22.86 -12.38 -51.52
N ALA E 204 -21.98 -12.11 -50.55
CA ALA E 204 -22.24 -11.00 -49.62
C ALA E 204 -22.11 -9.65 -50.33
N ILE E 205 -21.04 -9.48 -51.11
CA ILE E 205 -20.89 -8.28 -51.91
C ILE E 205 -22.10 -8.10 -52.83
N ALA E 206 -22.49 -9.15 -53.52
CA ALA E 206 -23.66 -9.11 -54.41
C ALA E 206 -24.95 -8.66 -53.70
N LYS E 207 -25.19 -9.17 -52.51
CA LYS E 207 -26.38 -8.79 -51.75
C LYS E 207 -26.34 -7.34 -51.34
N ILE E 208 -25.16 -6.87 -50.99
CA ILE E 208 -24.99 -5.50 -50.53
C ILE E 208 -25.14 -4.52 -51.69
N GLN E 209 -24.57 -4.87 -52.85
CA GLN E 209 -24.55 -3.94 -53.98
C GLN E 209 -25.94 -3.74 -54.61
N THR E 210 -26.94 -4.46 -54.12
CA THR E 210 -28.29 -4.34 -54.65
C THR E 210 -29.29 -3.95 -53.56
N ALA E 211 -28.80 -3.58 -52.38
CA ALA E 211 -29.68 -3.08 -51.33
C ALA E 211 -30.11 -1.62 -51.58
N LYS E 212 -31.32 -1.27 -51.16
CA LYS E 212 -31.72 0.13 -51.11
C LYS E 212 -31.09 0.80 -49.89
N LEU E 213 -30.93 0.02 -48.82
CA LEU E 213 -30.37 0.56 -47.60
C LEU E 213 -29.60 -0.53 -46.84
N PRO E 214 -28.33 -0.74 -47.23
CA PRO E 214 -27.49 -1.69 -46.48
C PRO E 214 -26.91 -1.02 -45.24
N VAL E 215 -27.06 -1.68 -44.10
CA VAL E 215 -26.58 -1.16 -42.82
C VAL E 215 -25.62 -2.18 -42.22
N VAL E 216 -24.66 -1.71 -41.42
CA VAL E 216 -23.74 -2.62 -40.77
C VAL E 216 -23.97 -2.58 -39.26
N LEU E 217 -24.23 -3.76 -38.68
CA LEU E 217 -24.37 -3.94 -37.24
C LEU E 217 -23.09 -4.53 -36.68
N VAL E 218 -22.35 -3.75 -35.90
CA VAL E 218 -21.09 -4.20 -35.34
C VAL E 218 -21.30 -4.73 -33.92
N GLY E 219 -21.08 -6.03 -33.72
CA GLY E 219 -21.25 -6.62 -32.40
C GLY E 219 -19.97 -6.86 -31.63
N MET E 220 -20.09 -7.74 -30.64
CA MET E 220 -19.08 -8.00 -29.61
C MET E 220 -17.67 -8.33 -30.12
N LYS E 221 -17.57 -9.28 -31.04
CA LYS E 221 -16.27 -9.66 -31.52
C LYS E 221 -15.89 -8.81 -32.71
N GLY E 222 -16.74 -7.83 -33.03
CA GLY E 222 -16.41 -6.82 -34.01
C GLY E 222 -15.60 -5.69 -33.37
N GLY E 223 -15.57 -5.68 -32.04
CA GLY E 223 -14.83 -4.68 -31.28
C GLY E 223 -13.42 -5.04 -30.85
N ARG E 224 -12.91 -6.20 -31.26
CA ARG E 224 -11.48 -6.46 -31.11
C ARG E 224 -10.73 -5.44 -31.98
N PRO E 225 -9.55 -4.97 -31.53
CA PRO E 225 -8.77 -3.97 -32.28
C PRO E 225 -8.58 -4.31 -33.78
N GLU E 226 -8.04 -5.48 -34.10
CA GLU E 226 -7.90 -5.88 -35.51
C GLU E 226 -9.21 -5.88 -36.30
N ALA E 227 -10.33 -6.14 -35.65
CA ALA E 227 -11.59 -6.19 -36.38
C ALA E 227 -12.07 -4.78 -36.65
N ILE E 228 -11.83 -3.88 -35.69
CA ILE E 228 -12.24 -2.50 -35.86
C ILE E 228 -11.46 -1.82 -36.99
N LYS E 229 -10.15 -2.04 -37.01
CA LYS E 229 -9.34 -1.50 -38.08
C LYS E 229 -9.89 -1.93 -39.47
N ALA E 230 -10.18 -3.22 -39.64
CA ALA E 230 -10.74 -3.67 -40.92
C ALA E 230 -12.14 -3.16 -41.16
N VAL E 231 -12.94 -3.04 -40.09
CA VAL E 231 -14.30 -2.56 -40.24
C VAL E 231 -14.25 -1.12 -40.74
N ARG E 232 -13.34 -0.33 -40.17
CA ARG E 232 -13.23 1.08 -40.55
C ARG E 232 -12.95 1.27 -42.05
N LYS E 233 -11.99 0.53 -42.58
CA LYS E 233 -11.73 0.55 -44.03
C LYS E 233 -12.97 0.14 -44.86
N LEU E 234 -13.73 -0.84 -44.40
CA LEU E 234 -14.93 -1.22 -45.13
C LEU E 234 -15.97 -0.10 -45.11
N LEU E 235 -16.20 0.51 -43.96
CA LEU E 235 -17.19 1.59 -43.87
C LEU E 235 -16.79 2.82 -44.70
N LYS E 236 -15.50 3.17 -44.68
CA LYS E 236 -15.01 4.35 -45.37
C LYS E 236 -15.02 4.14 -46.88
N LYS E 237 -14.75 2.91 -47.32
CA LYS E 237 -14.76 2.66 -48.75
C LYS E 237 -16.16 2.54 -49.38
N VAL E 238 -17.09 1.91 -48.68
CA VAL E 238 -18.40 1.61 -49.27
C VAL E 238 -19.44 2.63 -48.82
N GLN E 239 -19.06 3.37 -47.78
CA GLN E 239 -19.81 4.48 -47.23
C GLN E 239 -21.14 3.99 -46.66
N LEU E 240 -21.06 2.97 -45.82
CA LEU E 240 -22.23 2.34 -45.20
C LEU E 240 -22.57 2.94 -43.84
N PRO E 241 -23.86 3.07 -43.54
CA PRO E 241 -24.25 3.38 -42.15
C PRO E 241 -23.97 2.20 -41.20
N PHE E 242 -23.71 2.50 -39.93
CA PHE E 242 -23.47 1.44 -38.96
C PHE E 242 -23.93 1.83 -37.55
N VAL E 243 -24.22 0.81 -36.75
CA VAL E 243 -24.55 0.98 -35.33
C VAL E 243 -23.58 0.11 -34.55
N GLU E 244 -23.55 0.28 -33.24
CA GLU E 244 -22.70 -0.53 -32.36
C GLU E 244 -23.53 -1.23 -31.31
N THR E 245 -23.13 -2.45 -30.91
CA THR E 245 -23.60 -2.97 -29.62
C THR E 245 -22.73 -2.29 -28.57
N TYR E 246 -23.02 -2.50 -27.29
CA TYR E 246 -22.27 -1.79 -26.26
C TYR E 246 -20.80 -2.24 -26.25
N GLN E 247 -20.54 -3.54 -26.42
CA GLN E 247 -19.15 -4.01 -26.40
C GLN E 247 -18.45 -3.77 -27.75
N ALA E 248 -19.13 -3.12 -28.69
CA ALA E 248 -18.46 -2.73 -29.94
C ALA E 248 -18.01 -1.27 -29.88
N ALA E 249 -18.23 -0.62 -28.74
CA ALA E 249 -17.73 0.73 -28.48
C ALA E 249 -16.27 0.86 -28.90
N GLY E 250 -15.92 1.99 -29.50
CA GLY E 250 -14.56 2.16 -29.98
C GLY E 250 -14.41 1.86 -31.46
N THR E 251 -15.43 1.27 -32.09
CA THR E 251 -15.44 1.03 -33.52
C THR E 251 -15.46 2.35 -34.27
N LEU E 252 -16.24 3.28 -33.74
CA LEU E 252 -16.32 4.63 -34.25
C LEU E 252 -14.94 5.31 -34.33
N SER E 253 -14.70 6.04 -35.42
CA SER E 253 -13.59 6.99 -35.49
C SER E 253 -14.17 8.36 -35.78
N ARG E 254 -13.40 9.41 -35.49
CA ARG E 254 -13.97 10.74 -35.55
C ARG E 254 -14.47 11.11 -36.94
N ASP E 255 -13.73 10.70 -37.98
CA ASP E 255 -14.19 10.92 -39.35
C ASP E 255 -15.24 9.92 -39.84
N LEU E 256 -15.73 9.04 -38.97
CA LEU E 256 -16.82 8.15 -39.37
C LEU E 256 -18.16 8.60 -38.80
N GLU E 257 -18.12 9.67 -38.01
CA GLU E 257 -19.29 10.15 -37.28
C GLU E 257 -20.54 10.33 -38.15
N ASP E 258 -20.36 10.73 -39.40
CA ASP E 258 -21.51 10.98 -40.29
C ASP E 258 -22.34 9.73 -40.59
N GLN E 259 -21.70 8.56 -40.49
CA GLN E 259 -22.36 7.31 -40.84
C GLN E 259 -22.77 6.57 -39.59
N TYR E 260 -22.55 7.20 -38.45
CA TYR E 260 -22.76 6.59 -37.15
C TYR E 260 -24.17 6.82 -36.62
N PHE E 261 -24.88 5.74 -36.31
CA PHE E 261 -26.23 5.91 -35.83
C PHE E 261 -26.40 5.37 -34.42
N GLY E 262 -25.30 5.33 -33.68
CA GLY E 262 -25.30 5.14 -32.24
C GLY E 262 -25.32 3.70 -31.73
N ARG E 263 -25.59 3.56 -30.43
CA ARG E 263 -25.47 2.27 -29.78
C ARG E 263 -26.83 1.65 -29.51
N ILE E 264 -27.08 0.48 -30.08
CA ILE E 264 -28.34 -0.22 -29.85
C ILE E 264 -28.23 -1.07 -28.60
N GLY E 265 -29.38 -1.37 -27.97
CA GLY E 265 -29.41 -2.19 -26.77
C GLY E 265 -30.51 -1.90 -25.76
N LEU E 266 -30.81 -2.90 -24.94
CA LEU E 266 -31.69 -2.76 -23.76
C LEU E 266 -33.16 -2.46 -24.10
N PHE E 267 -33.45 -1.25 -24.56
CA PHE E 267 -34.82 -0.85 -24.96
C PHE E 267 -34.92 -0.48 -26.44
N ARG E 268 -35.96 -0.97 -27.11
CA ARG E 268 -36.11 -0.69 -28.54
C ARG E 268 -36.71 0.69 -28.80
N ASN E 269 -35.90 1.74 -28.69
CA ASN E 269 -36.43 3.08 -28.81
C ASN E 269 -35.37 4.09 -29.26
N GLN E 270 -34.34 3.57 -29.92
CA GLN E 270 -33.19 4.35 -30.37
C GLN E 270 -33.22 4.53 -31.88
N PRO E 271 -32.49 5.54 -32.39
CA PRO E 271 -32.39 5.77 -33.84
C PRO E 271 -31.80 4.56 -34.57
N GLY E 272 -30.89 3.84 -33.92
CA GLY E 272 -30.29 2.65 -34.48
C GLY E 272 -31.32 1.58 -34.78
N ASP E 273 -32.30 1.41 -33.89
CA ASP E 273 -33.36 0.41 -34.07
C ASP E 273 -34.19 0.74 -35.31
N LEU E 274 -34.52 2.01 -35.45
CA LEU E 274 -35.32 2.48 -36.56
C LEU E 274 -34.54 2.40 -37.87
N LEU E 275 -33.23 2.57 -37.77
CA LEU E 275 -32.33 2.36 -38.91
C LEU E 275 -32.34 0.90 -39.36
N LEU E 276 -32.14 -0.03 -38.42
CA LEU E 276 -32.20 -1.45 -38.72
C LEU E 276 -33.55 -1.83 -39.33
N GLU E 277 -34.61 -1.25 -38.79
CA GLU E 277 -35.95 -1.49 -39.31
C GLU E 277 -36.06 -1.04 -40.77
N GLN E 278 -35.57 0.16 -41.08
CA GLN E 278 -35.64 0.65 -42.45
C GLN E 278 -34.71 -0.10 -43.42
N ALA E 279 -33.69 -0.77 -42.88
CA ALA E 279 -32.72 -1.52 -43.71
C ALA E 279 -33.35 -2.71 -44.44
N ASP E 280 -32.83 -3.02 -45.61
CA ASP E 280 -33.27 -4.21 -46.32
C ASP E 280 -32.14 -5.25 -46.34
N VAL E 281 -30.90 -4.80 -46.15
CA VAL E 281 -29.78 -5.72 -45.97
C VAL E 281 -29.03 -5.33 -44.71
N VAL E 282 -28.87 -6.29 -43.80
CA VAL E 282 -28.09 -6.05 -42.60
C VAL E 282 -26.92 -7.03 -42.56
N LEU E 283 -25.73 -6.47 -42.42
CA LEU E 283 -24.52 -7.25 -42.27
C LEU E 283 -24.10 -7.16 -40.81
N THR E 284 -24.21 -8.27 -40.09
CA THR E 284 -23.81 -8.32 -38.67
C THR E 284 -22.37 -8.83 -38.56
N ILE E 285 -21.59 -8.20 -37.68
CA ILE E 285 -20.17 -8.48 -37.53
C ILE E 285 -19.82 -8.84 -36.10
N GLY E 286 -19.34 -10.06 -35.89
CA GLY E 286 -19.09 -10.59 -34.56
C GLY E 286 -20.27 -10.42 -33.60
N TYR E 287 -21.47 -10.62 -34.13
CA TYR E 287 -22.69 -10.40 -33.37
C TYR E 287 -23.09 -11.60 -32.49
N ASP E 288 -22.94 -11.42 -31.18
CA ASP E 288 -23.46 -12.32 -30.17
C ASP E 288 -24.75 -11.72 -29.63
N PRO E 289 -25.88 -12.42 -29.83
CA PRO E 289 -27.23 -11.85 -29.57
C PRO E 289 -27.50 -11.53 -28.11
N ILE E 290 -26.63 -11.96 -27.21
CA ILE E 290 -26.77 -11.67 -25.78
C ILE E 290 -26.77 -10.15 -25.55
N GLU E 291 -26.13 -9.42 -26.44
CA GLU E 291 -26.05 -7.97 -26.27
C GLU E 291 -27.37 -7.26 -26.58
N TYR E 292 -28.23 -7.89 -27.36
CA TYR E 292 -29.45 -7.28 -27.86
C TYR E 292 -30.23 -8.32 -28.66
N ASP E 293 -31.25 -8.92 -28.06
CA ASP E 293 -31.93 -10.02 -28.73
C ASP E 293 -32.48 -9.53 -30.06
N PRO E 294 -32.34 -10.36 -31.10
CA PRO E 294 -32.82 -9.94 -32.43
C PRO E 294 -34.34 -9.74 -32.47
N LYS E 295 -35.08 -10.27 -31.52
CA LYS E 295 -36.54 -10.04 -31.54
C LYS E 295 -36.89 -8.57 -31.27
N PHE E 296 -35.93 -7.79 -30.78
CA PHE E 296 -36.16 -6.36 -30.60
C PHE E 296 -35.91 -5.50 -31.86
N TRP E 297 -35.02 -5.92 -32.76
CA TRP E 297 -34.66 -5.03 -33.86
C TRP E 297 -34.95 -5.61 -35.24
N ASN E 298 -34.98 -6.92 -35.34
CA ASN E 298 -35.25 -7.53 -36.63
C ASN E 298 -36.73 -7.87 -36.72
N ILE E 299 -37.55 -6.84 -36.85
CA ILE E 299 -39.00 -6.99 -36.81
C ILE E 299 -39.67 -6.21 -37.93
N ASN E 300 -40.93 -5.83 -37.70
CA ASN E 300 -41.79 -5.10 -38.65
C ASN E 300 -41.24 -4.97 -40.07
N GLY E 301 -41.18 -6.10 -40.76
CA GLY E 301 -40.66 -6.11 -42.11
C GLY E 301 -39.62 -7.18 -42.27
N ASP E 302 -39.38 -7.57 -43.52
CA ASP E 302 -38.35 -8.55 -43.77
C ASP E 302 -37.10 -7.79 -44.21
N ARG E 303 -35.95 -8.33 -43.85
CA ARG E 303 -34.70 -7.81 -44.35
C ARG E 303 -33.74 -8.99 -44.48
N THR E 304 -32.71 -8.80 -45.27
CA THR E 304 -31.76 -9.86 -45.50
C THR E 304 -30.63 -9.78 -44.49
N ILE E 305 -30.30 -10.92 -43.88
CA ILE E 305 -29.24 -10.93 -42.89
C ILE E 305 -28.00 -11.67 -43.38
N ILE E 306 -26.86 -10.98 -43.34
CA ILE E 306 -25.61 -11.62 -43.63
C ILE E 306 -24.86 -11.76 -42.30
N HIS E 307 -24.66 -13.01 -41.88
CA HIS E 307 -23.99 -13.31 -40.61
C HIS E 307 -22.48 -13.57 -40.79
N LEU E 308 -21.68 -12.57 -40.41
CA LEU E 308 -20.23 -12.66 -40.49
C LEU E 308 -19.72 -12.82 -39.07
N ASP E 309 -19.05 -13.94 -38.80
CA ASP E 309 -18.62 -14.21 -37.45
C ASP E 309 -17.61 -15.35 -37.44
N GLU E 310 -17.07 -15.63 -36.28
CA GLU E 310 -16.02 -16.63 -36.15
C GLU E 310 -16.62 -17.98 -35.73
N ILE E 311 -17.88 -17.98 -35.28
CA ILE E 311 -18.64 -19.21 -35.05
C ILE E 311 -19.97 -19.13 -35.79
N ILE E 312 -20.67 -20.24 -35.96
CA ILE E 312 -21.93 -20.22 -36.71
C ILE E 312 -23.00 -19.50 -35.90
N ALA E 313 -24.05 -19.06 -36.58
CA ALA E 313 -25.13 -18.33 -35.91
C ALA E 313 -26.08 -19.25 -35.12
N ASP E 314 -26.67 -18.71 -34.04
CA ASP E 314 -27.82 -19.32 -33.39
C ASP E 314 -29.06 -18.94 -34.19
N ILE E 315 -29.83 -19.92 -34.66
CA ILE E 315 -31.11 -19.64 -35.32
C ILE E 315 -32.19 -19.28 -34.31
N ASP E 316 -33.01 -18.29 -34.68
CA ASP E 316 -34.02 -17.68 -33.80
C ASP E 316 -35.24 -17.35 -34.67
N HIS E 317 -36.43 -17.32 -34.08
CA HIS E 317 -37.62 -16.79 -34.76
C HIS E 317 -37.31 -15.47 -35.44
N ALA E 318 -36.56 -14.59 -34.78
CA ALA E 318 -36.21 -13.31 -35.40
C ALA E 318 -34.78 -13.24 -35.95
N TYR E 319 -34.17 -14.37 -36.27
CA TYR E 319 -32.79 -14.34 -36.76
C TYR E 319 -32.46 -15.61 -37.55
N GLN E 320 -32.69 -15.53 -38.85
CA GLN E 320 -32.43 -16.63 -39.78
C GLN E 320 -31.60 -16.11 -40.95
N PRO E 321 -30.27 -16.05 -40.79
CA PRO E 321 -29.36 -15.53 -41.83
C PRO E 321 -29.64 -16.13 -43.19
N ASP E 322 -29.58 -15.32 -44.25
CA ASP E 322 -29.63 -15.86 -45.60
C ASP E 322 -28.24 -16.29 -46.02
N LEU E 323 -27.23 -15.77 -45.34
CA LEU E 323 -25.88 -16.08 -45.74
C LEU E 323 -25.02 -16.00 -44.51
N GLU E 324 -24.17 -17.01 -44.35
CA GLU E 324 -23.18 -17.02 -43.25
C GLU E 324 -21.72 -16.96 -43.74
N LEU E 325 -20.95 -16.01 -43.21
CA LEU E 325 -19.53 -15.92 -43.52
C LEU E 325 -18.71 -16.32 -42.30
N ILE E 326 -18.41 -17.61 -42.18
CA ILE E 326 -17.71 -18.05 -41.01
C ILE E 326 -16.22 -18.21 -41.28
N GLY E 327 -15.42 -17.60 -40.41
CA GLY E 327 -13.99 -17.54 -40.58
C GLY E 327 -13.42 -16.45 -39.70
N ASP E 328 -12.16 -16.12 -39.91
CA ASP E 328 -11.52 -15.06 -39.16
C ASP E 328 -12.14 -13.71 -39.51
N ILE E 329 -12.65 -13.01 -38.50
CA ILE E 329 -13.43 -11.82 -38.76
C ILE E 329 -12.66 -10.71 -39.51
N PRO E 330 -11.46 -10.31 -39.04
CA PRO E 330 -10.77 -9.23 -39.78
C PRO E 330 -10.42 -9.60 -41.24
N SER E 331 -9.98 -10.84 -41.49
CA SER E 331 -9.67 -11.31 -42.83
C SER E 331 -10.89 -11.28 -43.75
N THR E 332 -11.99 -11.86 -43.28
CA THR E 332 -13.23 -11.84 -44.05
C THR E 332 -13.64 -10.39 -44.40
N ILE E 333 -13.59 -9.48 -43.44
CA ILE E 333 -13.94 -8.08 -43.73
C ILE E 333 -13.00 -7.44 -44.78
N ASN E 334 -11.71 -7.73 -44.67
CA ASN E 334 -10.73 -7.27 -45.65
C ASN E 334 -11.11 -7.71 -47.07
N HIS E 335 -11.51 -8.98 -47.21
CA HIS E 335 -11.88 -9.53 -48.51
C HIS E 335 -13.10 -8.84 -49.08
N ILE E 336 -14.11 -8.59 -48.26
CA ILE E 336 -15.27 -7.84 -48.74
C ILE E 336 -14.85 -6.46 -49.22
N GLU E 337 -14.17 -5.73 -48.34
CA GLU E 337 -13.70 -4.38 -48.59
C GLU E 337 -12.93 -4.25 -49.92
N HIS E 338 -12.05 -5.21 -50.16
CA HIS E 338 -11.20 -5.18 -51.34
C HIS E 338 -12.02 -5.19 -52.62
N ASP E 339 -13.12 -5.95 -52.62
CA ASP E 339 -13.91 -6.12 -53.83
C ASP E 339 -15.20 -5.31 -53.89
N ALA E 340 -15.55 -4.58 -52.83
CA ALA E 340 -16.80 -3.85 -52.81
C ALA E 340 -16.57 -2.39 -53.20
N VAL E 341 -17.54 -1.78 -53.86
CA VAL E 341 -17.44 -0.35 -54.17
C VAL E 341 -18.45 0.47 -53.38
N LYS E 342 -18.29 1.79 -53.45
CA LYS E 342 -19.17 2.72 -52.78
C LYS E 342 -20.62 2.43 -53.13
N VAL E 343 -21.47 2.34 -52.12
CA VAL E 343 -22.91 2.25 -52.29
C VAL E 343 -23.49 3.64 -52.58
N GLU E 344 -24.36 3.75 -53.59
CA GLU E 344 -25.01 5.02 -53.90
C GLU E 344 -26.47 5.05 -53.43
N PHE E 345 -26.83 6.04 -52.64
CA PHE E 345 -28.15 6.11 -52.01
C PHE E 345 -29.18 6.96 -52.77
N ALA E 346 -30.36 6.39 -52.97
CA ALA E 346 -31.48 7.09 -53.56
C ALA E 346 -31.97 8.21 -52.67
N GLU E 347 -32.80 9.09 -53.23
CA GLU E 347 -33.33 10.26 -52.52
C GLU E 347 -34.01 9.86 -51.21
N ARG E 348 -35.01 9.00 -51.33
CA ARG E 348 -35.84 8.58 -50.19
C ARG E 348 -35.00 8.09 -49.01
N GLU E 349 -34.02 7.24 -49.30
CA GLU E 349 -33.18 6.68 -48.27
C GLU E 349 -32.27 7.74 -47.66
N GLN E 350 -31.84 8.70 -48.46
CA GLN E 350 -31.04 9.81 -47.96
C GLN E 350 -31.79 10.64 -46.92
N LYS E 351 -33.10 10.85 -47.13
CA LYS E 351 -33.92 11.59 -46.18
C LYS E 351 -34.12 10.77 -44.90
N ILE E 352 -34.27 9.46 -45.03
CA ILE E 352 -34.43 8.59 -43.87
C ILE E 352 -33.20 8.68 -42.98
N LEU E 353 -32.02 8.61 -43.60
CA LEU E 353 -30.77 8.74 -42.87
C LEU E 353 -30.63 10.12 -42.22
N SER E 354 -30.95 11.17 -42.99
CA SER E 354 -30.85 12.53 -42.48
C SER E 354 -31.75 12.73 -41.27
N ASP E 355 -32.98 12.23 -41.39
CA ASP E 355 -33.93 12.32 -40.29
C ASP E 355 -33.44 11.57 -39.04
N LEU E 356 -33.01 10.32 -39.23
CA LEU E 356 -32.52 9.51 -38.12
C LEU E 356 -31.32 10.16 -37.44
N LYS E 357 -30.51 10.89 -38.21
CA LYS E 357 -29.41 11.63 -37.63
C LYS E 357 -29.92 12.78 -36.76
N GLN E 358 -30.95 13.48 -37.22
CA GLN E 358 -31.51 14.56 -36.44
C GLN E 358 -32.13 14.05 -35.12
N TYR E 359 -33.00 13.04 -35.21
CA TYR E 359 -33.51 12.37 -34.00
C TYR E 359 -32.37 12.00 -33.06
N MET E 360 -31.35 11.40 -33.62
CA MET E 360 -30.19 10.99 -32.85
C MET E 360 -29.56 12.14 -32.09
N HIS E 361 -29.47 13.32 -32.72
CA HIS E 361 -28.84 14.46 -32.08
C HIS E 361 -29.68 15.06 -30.95
N GLU E 362 -30.96 15.30 -31.21
CA GLU E 362 -31.82 15.88 -30.17
C GLU E 362 -32.03 14.90 -29.02
N GLY E 363 -31.80 13.61 -29.29
CA GLY E 363 -31.85 12.60 -28.24
C GLY E 363 -30.67 12.65 -27.29
N GLU E 364 -29.57 13.26 -27.74
CA GLU E 364 -28.36 13.39 -26.97
C GLU E 364 -28.37 14.64 -26.09
N GLN E 365 -29.44 15.42 -26.19
CA GLN E 365 -29.49 16.74 -25.56
C GLN E 365 -30.22 16.76 -24.23
N VAL E 366 -29.71 17.58 -23.31
CA VAL E 366 -30.39 17.83 -22.04
C VAL E 366 -31.72 18.51 -22.31
N PRO E 367 -32.81 17.92 -21.79
CA PRO E 367 -34.17 18.43 -22.05
C PRO E 367 -34.28 19.92 -21.71
N ALA E 368 -35.20 20.61 -22.37
CA ALA E 368 -35.26 22.07 -22.31
C ALA E 368 -35.75 22.59 -20.96
N ASP E 369 -36.71 21.88 -20.38
CA ASP E 369 -37.29 22.30 -19.10
C ASP E 369 -36.57 21.67 -17.91
N TRP E 370 -35.31 21.31 -18.10
CA TRP E 370 -34.52 20.70 -17.03
C TRP E 370 -33.96 21.74 -16.06
N LYS E 371 -34.31 21.62 -14.80
CA LYS E 371 -33.62 22.40 -13.78
C LYS E 371 -33.47 21.52 -12.55
N SER E 372 -32.33 21.63 -11.90
CA SER E 372 -32.01 20.78 -10.78
C SER E 372 -30.80 21.30 -10.01
N ASP E 373 -30.73 20.99 -8.72
CA ASP E 373 -29.56 21.30 -7.93
C ASP E 373 -28.47 20.24 -8.11
N ARG E 374 -28.83 19.18 -8.83
CA ARG E 374 -27.89 18.11 -9.16
C ARG E 374 -27.69 18.06 -10.67
N ALA E 375 -26.57 17.50 -11.10
CA ALA E 375 -26.28 17.35 -12.53
C ALA E 375 -27.25 16.42 -13.24
N HIS E 376 -27.52 16.74 -14.51
CA HIS E 376 -28.18 15.79 -15.41
C HIS E 376 -27.15 14.74 -15.89
N PRO E 377 -27.58 13.47 -15.98
CA PRO E 377 -26.77 12.39 -16.55
C PRO E 377 -25.96 12.80 -17.78
N LEU E 378 -26.62 13.37 -18.76
CA LEU E 378 -25.96 13.84 -19.97
C LEU E 378 -24.85 14.87 -19.69
N GLU E 379 -24.99 15.68 -18.64
CA GLU E 379 -23.93 16.61 -18.25
C GLU E 379 -22.71 15.88 -17.69
N ILE E 380 -22.96 14.77 -17.02
CA ILE E 380 -21.88 13.97 -16.48
C ILE E 380 -21.15 13.32 -17.64
N VAL E 381 -21.91 12.69 -18.54
CA VAL E 381 -21.36 12.10 -19.76
C VAL E 381 -20.51 13.11 -20.52
N LYS E 382 -21.08 14.28 -20.79
CA LYS E 382 -20.42 15.29 -21.61
C LYS E 382 -19.11 15.77 -21.00
N GLU E 383 -19.16 16.19 -19.74
CA GLU E 383 -17.99 16.71 -19.06
C GLU E 383 -16.90 15.64 -18.93
N LEU E 384 -17.31 14.39 -18.75
CA LEU E 384 -16.33 13.35 -18.58
C LEU E 384 -15.66 13.06 -19.93
N ARG E 385 -16.45 12.96 -21.00
CA ARG E 385 -15.88 12.75 -22.33
C ARG E 385 -14.91 13.85 -22.70
N ASN E 386 -15.29 15.09 -22.39
CA ASN E 386 -14.44 16.26 -22.66
C ASN E 386 -13.24 16.38 -21.71
N ALA E 387 -13.22 15.59 -20.64
CA ALA E 387 -12.12 15.64 -19.66
C ALA E 387 -11.09 14.53 -19.82
N VAL E 388 -11.34 13.61 -20.75
CA VAL E 388 -10.52 12.41 -20.84
C VAL E 388 -10.05 12.18 -22.27
N ASP E 389 -8.76 11.95 -22.44
CA ASP E 389 -8.18 11.70 -23.77
C ASP E 389 -8.76 10.44 -24.41
N ASP E 390 -8.85 10.47 -25.74
CA ASP E 390 -9.38 9.37 -26.54
C ASP E 390 -8.74 8.01 -26.25
N HIS E 391 -7.48 8.04 -25.84
CA HIS E 391 -6.70 6.83 -25.62
C HIS E 391 -6.90 6.22 -24.23
N VAL E 392 -7.45 7.00 -23.31
CA VAL E 392 -7.65 6.54 -21.94
C VAL E 392 -8.79 5.50 -21.83
N THR E 393 -8.49 4.35 -21.24
CA THR E 393 -9.51 3.34 -21.04
C THR E 393 -10.51 3.76 -19.94
N VAL E 394 -11.80 3.60 -20.24
CA VAL E 394 -12.89 3.89 -19.31
C VAL E 394 -13.69 2.61 -19.02
N THR E 395 -13.70 2.15 -17.77
CA THR E 395 -14.51 0.97 -17.43
C THR E 395 -15.86 1.43 -16.88
N CYS E 396 -16.89 0.58 -17.01
CA CYS E 396 -18.24 0.95 -16.61
C CYS E 396 -18.87 -0.18 -15.79
N ASP E 397 -19.67 0.18 -14.78
CA ASP E 397 -20.39 -0.78 -13.96
C ASP E 397 -21.81 -0.99 -14.51
N ILE E 398 -22.74 -1.44 -13.67
CA ILE E 398 -24.10 -1.74 -14.15
C ILE E 398 -25.15 -0.94 -13.39
N GLY E 399 -26.16 -0.46 -14.11
CA GLY E 399 -27.19 0.38 -13.53
C GLY E 399 -27.62 1.45 -14.50
N SER E 400 -28.43 2.39 -14.01
CA SER E 400 -28.92 3.48 -14.85
C SER E 400 -27.80 4.33 -15.44
N HIS E 401 -26.79 4.63 -14.64
CA HIS E 401 -25.61 5.37 -15.06
C HIS E 401 -25.02 4.73 -16.31
N ALA E 402 -25.08 3.41 -16.34
CA ALA E 402 -24.50 2.63 -17.40
C ALA E 402 -25.32 2.72 -18.67
N ILE E 403 -26.62 2.96 -18.54
CA ILE E 403 -27.46 3.11 -19.71
C ILE E 403 -27.08 4.41 -20.39
N TRP E 404 -26.93 5.46 -19.58
CA TRP E 404 -26.53 6.76 -20.12
C TRP E 404 -25.14 6.68 -20.78
N MET E 405 -24.20 5.99 -20.14
CA MET E 405 -22.85 5.84 -20.68
C MET E 405 -22.84 5.02 -21.98
N SER E 406 -23.57 3.91 -21.99
CA SER E 406 -23.54 2.97 -23.12
C SER E 406 -24.14 3.56 -24.37
N ARG E 407 -25.10 4.46 -24.19
CA ARG E 407 -25.77 5.10 -25.32
C ARG E 407 -25.05 6.37 -25.78
N TYR E 408 -24.46 7.12 -24.86
CA TYR E 408 -24.10 8.50 -25.16
C TYR E 408 -22.62 8.84 -24.98
N PHE E 409 -21.87 7.99 -24.28
CA PHE E 409 -20.44 8.22 -24.13
C PHE E 409 -19.69 7.73 -25.37
N ARG E 410 -19.21 8.68 -26.14
CA ARG E 410 -18.49 8.37 -27.36
C ARG E 410 -17.18 7.69 -27.02
N SER E 411 -16.82 6.72 -27.86
CA SER E 411 -15.51 6.09 -27.78
C SER E 411 -14.92 6.11 -29.19
N TYR E 412 -13.61 6.30 -29.30
CA TYR E 412 -12.97 6.47 -30.61
C TYR E 412 -11.77 5.55 -30.86
N GLU E 413 -11.52 4.64 -29.94
CA GLU E 413 -10.36 3.77 -29.98
C GLU E 413 -10.75 2.39 -29.52
N PRO E 414 -10.19 1.35 -30.12
CA PRO E 414 -10.58 0.04 -29.60
C PRO E 414 -10.23 -0.09 -28.13
N LEU E 415 -11.15 -0.70 -27.37
CA LEU E 415 -10.90 -1.04 -25.98
C LEU E 415 -10.67 0.17 -25.06
N THR E 416 -11.47 1.22 -25.25
CA THR E 416 -11.43 2.38 -24.36
C THR E 416 -12.77 2.64 -23.62
N LEU E 417 -13.79 1.84 -23.96
CA LEU E 417 -15.02 1.81 -23.17
C LEU E 417 -15.46 0.37 -22.88
N MET E 418 -15.22 -0.09 -21.65
CA MET E 418 -15.53 -1.46 -21.25
C MET E 418 -16.84 -1.57 -20.47
N ILE E 419 -17.75 -2.37 -21.01
CA ILE E 419 -19.08 -2.54 -20.46
C ILE E 419 -19.39 -4.03 -20.36
N SER E 420 -20.01 -4.44 -19.26
CA SER E 420 -20.47 -5.82 -19.08
C SER E 420 -21.85 -5.98 -19.72
N ASN E 421 -21.90 -6.42 -20.98
CA ASN E 421 -23.18 -6.51 -21.66
C ASN E 421 -23.60 -7.95 -21.97
N GLY E 422 -23.15 -8.89 -21.14
CA GLY E 422 -23.60 -10.27 -21.22
C GLY E 422 -24.34 -10.70 -19.94
N MET E 423 -23.64 -10.64 -18.81
CA MET E 423 -24.26 -10.94 -17.54
C MET E 423 -24.82 -9.69 -16.86
N GLN E 424 -24.35 -8.50 -17.27
CA GLN E 424 -24.73 -7.24 -16.61
C GLN E 424 -24.39 -7.34 -15.15
N THR E 425 -23.12 -7.49 -14.86
CA THR E 425 -22.70 -7.85 -13.52
C THR E 425 -22.28 -6.64 -12.71
N LEU E 426 -22.97 -6.40 -11.60
CA LEU E 426 -22.64 -5.31 -10.68
C LEU E 426 -21.27 -5.43 -10.08
N GLY E 427 -20.55 -4.32 -10.06
CA GLY E 427 -19.27 -4.25 -9.37
C GLY E 427 -18.02 -4.49 -10.21
N VAL E 428 -18.16 -4.67 -11.53
CA VAL E 428 -16.98 -5.00 -12.36
C VAL E 428 -16.05 -3.80 -12.59
N ALA E 429 -16.58 -2.57 -12.50
CA ALA E 429 -15.83 -1.41 -12.99
C ALA E 429 -14.49 -1.16 -12.26
N LEU E 430 -14.50 -1.04 -10.95
CA LEU E 430 -13.28 -0.73 -10.23
C LEU E 430 -12.20 -1.80 -10.40
N PRO E 431 -12.55 -3.10 -10.24
CA PRO E 431 -11.55 -4.13 -10.52
C PRO E 431 -11.09 -4.20 -11.99
N TRP E 432 -12.00 -4.01 -12.94
CA TRP E 432 -11.60 -3.85 -14.33
C TRP E 432 -10.57 -2.74 -14.48
N ALA E 433 -10.76 -1.66 -13.72
CA ALA E 433 -9.88 -0.50 -13.81
C ALA E 433 -8.46 -0.88 -13.39
N ILE E 434 -8.36 -1.70 -12.35
CA ILE E 434 -7.10 -2.16 -11.80
C ILE E 434 -6.37 -3.09 -12.79
N GLY E 435 -7.14 -3.93 -13.48
CA GLY E 435 -6.58 -4.80 -14.49
C GLY E 435 -6.09 -3.99 -15.67
N ALA E 436 -6.91 -3.03 -16.09
CA ALA E 436 -6.56 -2.12 -17.16
C ALA E 436 -5.21 -1.44 -16.92
N SER E 437 -5.03 -0.89 -15.72
CA SER E 437 -3.87 -0.09 -15.45
C SER E 437 -2.61 -0.95 -15.40
N LEU E 438 -2.73 -2.21 -14.95
CA LEU E 438 -1.57 -3.12 -14.95
C LEU E 438 -1.16 -3.52 -16.38
N VAL E 439 -2.10 -3.46 -17.30
CA VAL E 439 -1.86 -3.79 -18.69
C VAL E 439 -1.40 -2.54 -19.45
N LYS E 440 -1.70 -1.37 -18.90
CA LYS E 440 -1.42 -0.10 -19.58
C LYS E 440 -0.63 0.84 -18.68
N PRO E 441 0.63 0.51 -18.41
CA PRO E 441 1.45 1.30 -17.49
C PRO E 441 1.67 2.72 -17.98
N GLY E 442 1.60 3.68 -17.07
CA GLY E 442 1.77 5.08 -17.43
C GLY E 442 0.50 5.83 -17.81
N GLU E 443 -0.59 5.10 -18.01
CA GLU E 443 -1.85 5.75 -18.40
C GLU E 443 -2.80 5.83 -17.24
N LYS E 444 -3.59 6.89 -17.20
CA LYS E 444 -4.74 6.95 -16.32
C LYS E 444 -5.78 5.95 -16.80
N VAL E 445 -6.53 5.39 -15.85
CA VAL E 445 -7.68 4.56 -16.18
C VAL E 445 -8.89 5.14 -15.44
N VAL E 446 -9.99 5.33 -16.16
CA VAL E 446 -11.21 5.79 -15.53
C VAL E 446 -12.23 4.66 -15.33
N SER E 447 -12.82 4.61 -14.13
CA SER E 447 -13.98 3.72 -13.90
C SER E 447 -15.21 4.52 -13.44
N VAL E 448 -16.38 4.00 -13.80
CA VAL E 448 -17.64 4.63 -13.49
C VAL E 448 -18.62 3.61 -12.90
N SER E 449 -19.21 3.90 -11.74
CA SER E 449 -20.28 3.06 -11.21
C SER E 449 -21.39 3.88 -10.61
N GLY E 450 -22.47 3.21 -10.21
CA GLY E 450 -23.47 3.79 -9.34
C GLY E 450 -23.04 3.56 -7.91
N ASP E 451 -23.78 4.08 -6.94
CA ASP E 451 -23.36 3.89 -5.56
C ASP E 451 -23.79 2.50 -5.10
N GLY E 452 -24.86 1.96 -5.67
CA GLY E 452 -25.22 0.57 -5.39
C GLY E 452 -24.12 -0.43 -5.74
N GLY E 453 -23.68 -0.41 -6.99
CA GLY E 453 -22.65 -1.32 -7.46
C GLY E 453 -21.25 -1.05 -6.96
N PHE E 454 -20.99 0.20 -6.54
CA PHE E 454 -19.70 0.58 -5.98
C PHE E 454 -19.35 -0.31 -4.79
N LEU E 455 -20.29 -0.46 -3.84
CA LEU E 455 -20.02 -1.29 -2.65
C LEU E 455 -19.90 -2.77 -2.99
N PHE E 456 -20.32 -3.21 -4.18
CA PHE E 456 -20.17 -4.62 -4.55
C PHE E 456 -18.71 -5.06 -4.60
N SER E 457 -17.79 -4.11 -4.81
CA SER E 457 -16.36 -4.46 -4.94
C SER E 457 -15.39 -3.37 -4.49
N ALA E 458 -15.87 -2.39 -3.73
CA ALA E 458 -15.05 -1.22 -3.36
C ALA E 458 -13.90 -1.56 -2.39
N MET E 459 -14.03 -2.65 -1.64
CA MET E 459 -12.95 -3.32 -0.92
C MET E 459 -11.61 -3.39 -1.69
N GLU E 460 -11.71 -3.44 -3.02
CA GLU E 460 -10.52 -3.67 -3.84
C GLU E 460 -9.74 -2.36 -4.04
N LEU E 461 -10.27 -1.26 -3.49
CA LEU E 461 -9.56 0.01 -3.51
C LEU E 461 -8.25 -0.09 -2.70
N GLU E 462 -8.21 -1.02 -1.76
CA GLU E 462 -6.98 -1.21 -1.00
C GLU E 462 -5.91 -1.81 -1.90
N THR E 463 -6.33 -2.71 -2.80
CA THR E 463 -5.45 -3.24 -3.83
C THR E 463 -4.93 -2.12 -4.73
N ALA E 464 -5.82 -1.19 -5.10
CA ALA E 464 -5.49 -0.07 -5.97
C ALA E 464 -4.51 0.92 -5.32
N VAL E 465 -4.63 1.08 -4.00
CA VAL E 465 -3.75 1.97 -3.25
C VAL E 465 -2.40 1.29 -3.04
N ARG E 466 -2.44 0.01 -2.71
CA ARG E 466 -1.24 -0.82 -2.59
C ARG E 466 -0.37 -0.77 -3.86
N LEU E 467 -1.01 -0.69 -5.02
CA LEU E 467 -0.30 -0.65 -6.30
C LEU E 467 -0.03 0.78 -6.77
N LYS E 468 -0.51 1.76 -6.00
CA LYS E 468 -0.52 3.18 -6.44
C LYS E 468 -1.05 3.34 -7.87
N ALA E 469 -2.15 2.62 -8.18
CA ALA E 469 -2.74 2.63 -9.51
C ALA E 469 -3.44 3.94 -9.83
N PRO E 470 -3.14 4.53 -10.99
CA PRO E 470 -3.72 5.82 -11.39
C PRO E 470 -5.16 5.68 -11.87
N ILE E 471 -6.04 5.18 -11.01
CA ILE E 471 -7.45 5.07 -11.37
CA ILE E 471 -7.44 5.09 -11.43
C ILE E 471 -8.24 6.27 -10.87
N VAL E 472 -9.21 6.70 -11.67
CA VAL E 472 -10.13 7.74 -11.29
C VAL E 472 -11.50 7.12 -11.40
N HIS E 473 -12.11 6.87 -10.24
CA HIS E 473 -13.41 6.17 -10.18
C HIS E 473 -14.52 7.17 -9.88
N ILE E 474 -15.48 7.25 -10.79
CA ILE E 474 -16.60 8.18 -10.68
CA ILE E 474 -16.60 8.18 -10.68
C ILE E 474 -17.86 7.49 -10.17
N VAL E 475 -18.32 7.91 -8.99
CA VAL E 475 -19.57 7.37 -8.44
C VAL E 475 -20.81 8.25 -8.70
N TRP E 476 -21.76 7.76 -9.47
CA TRP E 476 -23.03 8.45 -9.62
C TRP E 476 -23.86 8.26 -8.35
N ASN E 477 -24.04 9.34 -7.60
CA ASN E 477 -24.74 9.24 -6.31
C ASN E 477 -26.22 9.64 -6.36
N ASP E 478 -27.12 8.67 -6.10
CA ASP E 478 -28.57 8.89 -6.07
C ASP E 478 -29.21 8.23 -4.86
N SER E 479 -28.46 7.33 -4.22
CA SER E 479 -28.83 6.56 -3.01
C SER E 479 -29.90 5.45 -3.21
N THR E 480 -30.12 4.99 -4.44
CA THR E 480 -31.00 3.82 -4.68
C THR E 480 -30.48 2.84 -5.75
N TYR E 481 -31.12 1.67 -5.81
CA TYR E 481 -31.01 0.75 -6.95
C TYR E 481 -31.97 1.21 -8.06
N ASP E 482 -31.52 2.14 -8.89
CA ASP E 482 -32.44 2.87 -9.76
C ASP E 482 -32.90 2.16 -11.03
N MET E 483 -32.00 1.44 -11.71
CA MET E 483 -32.37 0.83 -13.00
C MET E 483 -33.53 -0.15 -12.80
N VAL E 484 -33.48 -0.86 -11.66
CA VAL E 484 -34.54 -1.75 -11.22
C VAL E 484 -35.80 -0.93 -10.90
N ALA E 485 -35.59 0.17 -10.18
CA ALA E 485 -36.68 1.02 -9.69
C ALA E 485 -37.59 1.59 -10.79
N PHE E 486 -37.03 2.16 -11.87
CA PHE E 486 -37.92 2.74 -12.89
C PHE E 486 -38.55 1.68 -13.80
N GLN E 487 -37.96 0.49 -13.85
CA GLN E 487 -38.58 -0.66 -14.50
C GLN E 487 -39.78 -1.15 -13.68
N GLN E 488 -39.66 -1.09 -12.35
CA GLN E 488 -40.76 -1.49 -11.47
C GLN E 488 -41.92 -0.51 -11.65
N LEU E 489 -41.60 0.78 -11.64
CA LEU E 489 -42.58 1.85 -11.86
C LEU E 489 -43.34 1.70 -13.18
N LYS E 490 -42.63 1.30 -14.24
CA LYS E 490 -43.28 1.08 -15.53
C LYS E 490 -44.16 -0.19 -15.56
N LYS E 491 -43.84 -1.19 -14.74
CA LYS E 491 -44.62 -2.43 -14.72
C LYS E 491 -45.74 -2.45 -13.68
N TYR E 492 -45.41 -2.02 -12.46
CA TYR E 492 -46.29 -2.20 -11.28
C TYR E 492 -46.76 -0.88 -10.68
N ASN E 493 -46.17 0.24 -11.13
CA ASN E 493 -46.45 1.57 -10.62
C ASN E 493 -46.03 1.73 -9.15
N ARG E 494 -45.16 0.85 -8.67
CA ARG E 494 -44.54 1.04 -7.36
C ARG E 494 -43.12 0.46 -7.35
N THR E 495 -42.29 0.91 -6.41
CA THR E 495 -40.96 0.34 -6.27
C THR E 495 -40.98 -0.72 -5.17
N SER E 496 -39.99 -1.61 -5.24
CA SER E 496 -39.85 -2.66 -4.25
C SER E 496 -38.38 -2.95 -3.97
N ALA E 497 -37.97 -2.70 -2.73
CA ALA E 497 -36.65 -3.06 -2.23
C ALA E 497 -35.50 -2.44 -3.04
N VAL E 498 -35.60 -1.15 -3.33
CA VAL E 498 -34.56 -0.46 -4.10
C VAL E 498 -33.85 0.60 -3.25
N ASP E 499 -34.40 0.89 -2.07
CA ASP E 499 -33.86 1.97 -1.24
C ASP E 499 -32.79 1.50 -0.28
N PHE E 500 -31.70 2.25 -0.20
CA PHE E 500 -30.69 2.00 0.82
C PHE E 500 -30.12 3.31 1.34
N GLY E 501 -29.32 3.24 2.40
CA GLY E 501 -28.74 4.42 3.01
C GLY E 501 -27.57 4.96 2.20
N ASN E 502 -27.05 6.13 2.57
CA ASN E 502 -25.93 6.63 1.81
C ASN E 502 -24.72 6.88 2.69
N ILE E 503 -23.54 6.57 2.16
CA ILE E 503 -22.28 6.74 2.88
C ILE E 503 -21.52 7.99 2.47
N ASP E 504 -20.58 8.43 3.31
CA ASP E 504 -19.64 9.48 2.92
C ASP E 504 -18.58 8.91 1.98
N ILE E 505 -18.76 9.12 0.68
CA ILE E 505 -17.88 8.53 -0.31
C ILE E 505 -16.44 9.02 -0.15
N VAL E 506 -16.28 10.32 0.05
CA VAL E 506 -14.96 10.91 0.24
C VAL E 506 -14.22 10.32 1.43
N LYS E 507 -14.90 10.22 2.56
CA LYS E 507 -14.28 9.68 3.76
C LYS E 507 -13.96 8.20 3.56
N TYR E 508 -14.79 7.51 2.78
CA TYR E 508 -14.57 6.11 2.46
C TYR E 508 -13.22 6.00 1.77
N ALA E 509 -13.05 6.79 0.72
CA ALA E 509 -11.84 6.75 -0.08
C ALA E 509 -10.63 7.09 0.79
N GLU E 510 -10.79 8.07 1.67
CA GLU E 510 -9.71 8.45 2.56
C GLU E 510 -9.32 7.39 3.58
N SER E 511 -10.24 6.54 3.98
CA SER E 511 -9.91 5.55 4.99
C SER E 511 -8.98 4.48 4.41
N PHE E 512 -8.99 4.37 3.08
CA PHE E 512 -8.12 3.45 2.35
C PHE E 512 -6.76 4.07 1.97
N GLY E 513 -6.61 5.37 2.18
CA GLY E 513 -5.37 6.03 1.82
C GLY E 513 -5.45 6.55 0.39
N ALA E 514 -6.66 6.60 -0.12
CA ALA E 514 -6.93 7.13 -1.44
C ALA E 514 -7.35 8.58 -1.31
N THR E 515 -7.54 9.23 -2.45
CA THR E 515 -8.01 10.60 -2.52
C THR E 515 -9.51 10.67 -2.77
N GLY E 516 -10.22 11.46 -1.97
CA GLY E 516 -11.66 11.60 -2.12
C GLY E 516 -12.08 12.97 -2.58
N LEU E 517 -12.84 13.04 -3.66
CA LEU E 517 -13.33 14.31 -4.15
C LEU E 517 -14.86 14.32 -4.23
N ARG E 518 -15.44 15.52 -4.30
CA ARG E 518 -16.90 15.64 -4.42
C ARG E 518 -17.28 16.87 -5.22
N VAL E 519 -18.17 16.67 -6.19
CA VAL E 519 -18.81 17.77 -6.87
C VAL E 519 -19.94 18.29 -5.98
N GLU E 520 -19.75 19.46 -5.39
CA GLU E 520 -20.73 19.97 -4.44
C GLU E 520 -21.82 20.79 -5.11
N SER E 521 -21.62 21.16 -6.37
CA SER E 521 -22.68 21.72 -7.21
C SER E 521 -22.31 21.52 -8.69
N PRO E 522 -23.32 21.38 -9.57
CA PRO E 522 -23.07 20.92 -10.94
C PRO E 522 -22.01 21.72 -11.72
N ASP E 523 -21.90 23.02 -11.46
CA ASP E 523 -20.94 23.86 -12.18
C ASP E 523 -19.49 23.55 -11.79
N GLN E 524 -19.31 22.70 -10.79
CA GLN E 524 -17.97 22.26 -10.37
C GLN E 524 -17.51 21.00 -11.09
N LEU E 525 -18.37 20.41 -11.91
CA LEU E 525 -18.08 19.14 -12.57
C LEU E 525 -16.74 19.10 -13.32
N ALA E 526 -16.56 19.95 -14.32
CA ALA E 526 -15.33 19.93 -15.12
C ALA E 526 -14.09 20.07 -14.27
N ASP E 527 -14.13 20.98 -13.32
CA ASP E 527 -12.94 21.27 -12.54
C ASP E 527 -12.58 20.10 -11.62
N VAL E 528 -13.58 19.49 -10.97
CA VAL E 528 -13.30 18.32 -10.14
C VAL E 528 -12.77 17.15 -10.98
N LEU E 529 -13.37 16.93 -12.15
CA LEU E 529 -12.94 15.88 -13.07
C LEU E 529 -11.47 16.01 -13.42
N ARG E 530 -11.08 17.21 -13.82
CA ARG E 530 -9.70 17.49 -14.15
C ARG E 530 -8.82 17.34 -12.89
N GLN E 531 -9.39 17.72 -11.75
CA GLN E 531 -8.69 17.56 -10.48
C GLN E 531 -8.44 16.07 -10.17
N GLY E 532 -9.37 15.20 -10.56
CA GLY E 532 -9.14 13.76 -10.48
C GLY E 532 -8.12 13.24 -11.49
N MET E 533 -8.18 13.75 -12.71
CA MET E 533 -7.26 13.33 -13.74
C MET E 533 -5.81 13.68 -13.38
N ASN E 534 -5.62 14.73 -12.57
CA ASN E 534 -4.25 15.15 -12.27
C ASN E 534 -3.69 14.58 -10.97
N ALA E 535 -4.55 13.96 -10.17
CA ALA E 535 -4.16 13.49 -8.85
C ALA E 535 -3.17 12.34 -8.89
N GLU E 536 -2.53 12.08 -7.76
CA GLU E 536 -1.56 11.03 -7.62
C GLU E 536 -2.14 9.83 -6.81
N GLY E 537 -2.09 8.64 -7.40
CA GLY E 537 -2.72 7.47 -6.80
C GLY E 537 -4.22 7.44 -7.06
N PRO E 538 -4.92 6.46 -6.47
CA PRO E 538 -6.36 6.30 -6.73
C PRO E 538 -7.25 7.46 -6.24
N VAL E 539 -8.16 7.89 -7.10
CA VAL E 539 -9.12 8.92 -6.78
C VAL E 539 -10.54 8.37 -6.84
N ILE E 540 -11.31 8.61 -5.79
CA ILE E 540 -12.74 8.32 -5.85
C ILE E 540 -13.47 9.64 -5.85
N ILE E 541 -14.37 9.84 -6.79
CA ILE E 541 -15.10 11.08 -6.89
C ILE E 541 -16.59 10.86 -6.68
N ASP E 542 -17.14 11.60 -5.72
CA ASP E 542 -18.58 11.59 -5.45
C ASP E 542 -19.31 12.60 -6.32
N VAL E 543 -20.14 12.12 -7.25
CA VAL E 543 -20.89 13.03 -8.10
C VAL E 543 -22.41 12.85 -7.93
N PRO E 544 -23.05 13.80 -7.24
CA PRO E 544 -24.50 13.81 -7.06
C PRO E 544 -25.20 13.88 -8.41
N VAL E 545 -26.27 13.12 -8.59
CA VAL E 545 -26.94 13.08 -9.88
C VAL E 545 -28.46 13.09 -9.68
N ASP E 546 -29.18 13.61 -10.67
CA ASP E 546 -30.64 13.68 -10.66
C ASP E 546 -31.21 12.71 -11.71
N TYR E 547 -31.96 11.72 -11.24
CA TYR E 547 -32.47 10.69 -12.11
C TYR E 547 -33.95 10.87 -12.53
N SER E 548 -34.49 12.08 -12.38
CA SER E 548 -35.90 12.35 -12.73
C SER E 548 -36.20 11.86 -14.14
N ASP E 549 -35.24 12.10 -15.03
CA ASP E 549 -35.45 11.89 -16.45
C ASP E 549 -35.30 10.42 -16.84
N ASN E 550 -34.84 9.60 -15.89
CA ASN E 550 -34.45 8.22 -16.19
C ASN E 550 -35.51 7.34 -16.81
N ILE E 551 -36.77 7.51 -16.41
CA ILE E 551 -37.80 6.56 -16.84
C ILE E 551 -38.02 6.71 -18.33
N ASN E 552 -37.63 7.86 -18.86
CA ASN E 552 -37.68 8.13 -20.29
C ASN E 552 -36.72 7.29 -21.15
N LEU E 553 -35.70 6.69 -20.53
CA LEU E 553 -34.77 5.81 -21.28
C LEU E 553 -35.53 4.65 -21.90
N ALA E 554 -36.69 4.34 -21.31
CA ALA E 554 -37.55 3.24 -21.75
C ALA E 554 -38.83 3.75 -22.39
N SER E 555 -38.94 5.05 -22.58
CA SER E 555 -40.09 5.63 -23.27
C SER E 555 -40.20 5.15 -24.73
N ASP E 556 -41.44 5.02 -25.21
CA ASP E 556 -41.64 4.60 -26.61
CA ASP E 556 -41.69 4.61 -26.60
C ASP E 556 -41.98 5.80 -27.51
N LYS E 557 -41.63 7.01 -27.06
CA LYS E 557 -41.94 8.24 -27.81
C LYS E 557 -41.35 8.25 -29.23
N LEU E 558 -40.05 7.98 -29.37
CA LEU E 558 -39.37 8.05 -30.66
C LEU E 558 -39.91 7.06 -31.70
N PRO E 559 -40.12 5.77 -31.33
CA PRO E 559 -40.74 4.88 -32.31
C PRO E 559 -42.16 5.30 -32.74
N LYS E 560 -42.93 5.88 -31.82
CA LYS E 560 -44.24 6.45 -32.19
C LYS E 560 -44.05 7.60 -33.19
N GLU E 561 -43.31 8.61 -32.75
CA GLU E 561 -43.02 9.79 -33.55
C GLU E 561 -42.55 9.46 -34.96
N PHE E 562 -41.41 8.77 -35.07
CA PHE E 562 -40.87 8.39 -36.36
C PHE E 562 -41.87 7.53 -37.13
N GLY E 563 -42.64 6.73 -36.40
CA GLY E 563 -43.61 5.83 -37.00
C GLY E 563 -44.73 6.54 -37.74
N GLU E 564 -45.07 7.75 -37.27
CA GLU E 564 -46.10 8.55 -37.92
C GLU E 564 -45.54 9.27 -39.14
N LEU E 565 -44.36 9.87 -39.00
CA LEU E 565 -43.64 10.53 -40.10
C LEU E 565 -43.55 9.62 -41.34
N MET E 566 -43.57 8.31 -41.13
CA MET E 566 -43.66 7.36 -42.23
C MET E 566 -45.14 7.13 -42.54
N ASN F 15 -53.08 -12.46 -9.04
CA ASN F 15 -53.23 -13.83 -8.64
C ASN F 15 -52.35 -14.58 -9.60
N ARG F 16 -51.07 -14.19 -9.55
CA ARG F 16 -50.02 -14.69 -10.44
C ARG F 16 -49.15 -15.71 -9.71
N GLY F 17 -48.27 -16.36 -10.45
CA GLY F 17 -47.25 -17.21 -9.86
C GLY F 17 -46.53 -16.56 -8.69
N ALA F 18 -46.22 -15.28 -8.83
CA ALA F 18 -45.56 -14.53 -7.76
C ALA F 18 -46.33 -14.57 -6.45
N GLU F 19 -47.66 -14.49 -6.51
CA GLU F 19 -48.49 -14.55 -5.29
C GLU F 19 -48.45 -15.92 -4.61
N LEU F 20 -48.50 -16.97 -5.44
CA LEU F 20 -48.33 -18.32 -4.93
C LEU F 20 -47.03 -18.47 -4.12
N VAL F 21 -45.94 -17.85 -4.61
CA VAL F 21 -44.65 -17.88 -3.94
C VAL F 21 -44.72 -17.22 -2.58
N VAL F 22 -45.28 -16.01 -2.54
CA VAL F 22 -45.47 -15.24 -1.31
C VAL F 22 -46.42 -15.96 -0.32
N ASP F 23 -47.48 -16.57 -0.84
CA ASP F 23 -48.36 -17.41 -0.02
C ASP F 23 -47.61 -18.55 0.71
N CYS F 24 -46.73 -19.28 0.01
CA CYS F 24 -45.92 -20.29 0.70
C CYS F 24 -45.11 -19.69 1.84
N LEU F 25 -44.48 -18.56 1.55
CA LEU F 25 -43.66 -17.92 2.57
C LEU F 25 -44.50 -17.56 3.79
N VAL F 26 -45.73 -17.08 3.56
CA VAL F 26 -46.66 -16.79 4.67
C VAL F 26 -46.99 -18.09 5.43
N GLU F 27 -47.45 -19.11 4.71
CA GLU F 27 -47.67 -20.45 5.28
C GLU F 27 -46.48 -21.03 6.04
N GLN F 28 -45.26 -20.83 5.53
CA GLN F 28 -44.04 -21.30 6.19
C GLN F 28 -43.70 -20.50 7.46
N GLY F 29 -44.39 -19.40 7.67
CA GLY F 29 -44.07 -18.54 8.80
C GLY F 29 -42.78 -17.75 8.68
N VAL F 30 -42.35 -17.44 7.47
CA VAL F 30 -41.10 -16.68 7.32
C VAL F 30 -41.34 -15.24 7.78
N THR F 31 -40.42 -14.66 8.53
CA THR F 31 -40.56 -13.24 8.90
C THR F 31 -39.63 -12.31 8.12
N HIS F 32 -38.52 -12.85 7.62
CA HIS F 32 -37.57 -12.04 6.87
C HIS F 32 -37.12 -12.72 5.59
N VAL F 33 -37.08 -11.94 4.53
CA VAL F 33 -36.51 -12.35 3.27
C VAL F 33 -35.35 -11.41 2.93
N PHE F 34 -34.19 -12.00 2.66
CA PHE F 34 -32.97 -11.25 2.35
C PHE F 34 -32.72 -11.31 0.87
N GLY F 35 -32.50 -10.15 0.24
CA GLY F 35 -32.36 -10.15 -1.19
C GLY F 35 -31.95 -8.85 -1.86
N ILE F 36 -31.85 -8.93 -3.19
CA ILE F 36 -31.52 -7.80 -4.06
C ILE F 36 -32.36 -8.00 -5.31
N PRO F 37 -33.20 -7.00 -5.66
CA PRO F 37 -34.11 -7.22 -6.79
C PRO F 37 -33.43 -7.11 -8.18
N GLY F 38 -34.24 -7.27 -9.22
CA GLY F 38 -33.78 -7.26 -10.60
C GLY F 38 -34.94 -7.64 -11.50
N ALA F 39 -34.83 -7.37 -12.80
CA ALA F 39 -35.94 -7.53 -13.74
C ALA F 39 -36.60 -8.92 -13.72
N LYS F 40 -35.82 -10.01 -13.77
CA LYS F 40 -36.41 -11.35 -13.92
C LYS F 40 -37.22 -11.81 -12.71
N ILE F 41 -36.94 -11.24 -11.54
CA ILE F 41 -37.57 -11.70 -10.32
C ILE F 41 -38.49 -10.63 -9.72
N ASP F 42 -38.59 -9.49 -10.40
CA ASP F 42 -39.38 -8.35 -9.90
C ASP F 42 -40.83 -8.63 -9.45
N ALA F 43 -41.54 -9.48 -10.19
CA ALA F 43 -42.94 -9.78 -9.88
C ALA F 43 -43.12 -10.32 -8.44
N VAL F 44 -42.13 -11.07 -7.94
CA VAL F 44 -42.17 -11.56 -6.58
C VAL F 44 -41.91 -10.43 -5.57
N PHE F 45 -40.98 -9.54 -5.90
CA PHE F 45 -40.74 -8.36 -5.04
C PHE F 45 -41.98 -7.46 -5.00
N ASP F 46 -42.65 -7.33 -6.14
CA ASP F 46 -43.90 -6.60 -6.23
C ASP F 46 -44.91 -7.19 -5.24
N ALA F 47 -45.17 -8.48 -5.37
CA ALA F 47 -46.16 -9.17 -4.54
C ALA F 47 -45.85 -9.12 -3.04
N LEU F 48 -44.58 -8.94 -2.69
CA LEU F 48 -44.21 -8.80 -1.27
C LEU F 48 -44.56 -7.42 -0.70
N GLN F 49 -44.90 -6.47 -1.57
CA GLN F 49 -45.34 -5.16 -1.12
C GLN F 49 -46.77 -5.25 -0.59
N ASP F 50 -47.52 -6.26 -1.05
CA ASP F 50 -48.90 -6.41 -0.63
C ASP F 50 -49.02 -7.21 0.66
N LYS F 51 -48.20 -8.25 0.79
CA LYS F 51 -48.14 -9.02 2.03
C LYS F 51 -46.89 -9.88 2.08
N GLY F 52 -46.75 -10.62 3.16
CA GLY F 52 -45.59 -11.47 3.33
C GLY F 52 -44.56 -10.84 4.24
N PRO F 53 -43.42 -11.53 4.41
CA PRO F 53 -42.35 -11.12 5.32
C PRO F 53 -41.71 -9.77 4.94
N GLU F 54 -41.01 -9.15 5.90
CA GLU F 54 -40.26 -7.94 5.62
C GLU F 54 -39.07 -8.24 4.73
N ILE F 55 -38.90 -7.45 3.67
CA ILE F 55 -37.70 -7.54 2.84
C ILE F 55 -36.53 -6.84 3.52
N ILE F 56 -35.40 -7.55 3.63
CA ILE F 56 -34.14 -6.94 4.05
C ILE F 56 -33.24 -6.82 2.83
N VAL F 57 -33.01 -5.59 2.37
CA VAL F 57 -32.20 -5.38 1.17
C VAL F 57 -30.73 -5.48 1.53
N ALA F 58 -29.98 -6.26 0.75
CA ALA F 58 -28.56 -6.44 1.02
C ALA F 58 -27.70 -5.71 0.01
N ARG F 59 -26.42 -5.59 0.32
CA ARG F 59 -25.45 -4.95 -0.55
C ARG F 59 -24.71 -5.96 -1.44
N HIS F 60 -24.88 -7.24 -1.15
CA HIS F 60 -24.30 -8.30 -1.97
C HIS F 60 -25.11 -9.57 -1.74
N GLU F 61 -25.44 -10.30 -2.80
CA GLU F 61 -26.20 -11.56 -2.66
C GLU F 61 -25.45 -12.57 -1.79
N GLN F 62 -24.12 -12.53 -1.85
CA GLN F 62 -23.30 -13.30 -0.94
C GLN F 62 -23.80 -13.10 0.50
N ASN F 63 -23.85 -11.85 0.94
CA ASN F 63 -24.26 -11.52 2.31
C ASN F 63 -25.74 -11.79 2.60
N ALA F 64 -26.58 -11.70 1.57
CA ALA F 64 -27.96 -12.16 1.68
C ALA F 64 -28.00 -13.63 2.12
N ALA F 65 -27.21 -14.47 1.43
CA ALA F 65 -27.11 -15.90 1.76
C ALA F 65 -26.55 -16.13 3.17
N PHE F 66 -25.51 -15.39 3.55
CA PHE F 66 -24.95 -15.52 4.90
C PHE F 66 -26.00 -15.19 5.98
N MET F 67 -26.78 -14.15 5.75
CA MET F 67 -27.81 -13.73 6.72
C MET F 67 -28.90 -14.80 6.83
N ALA F 68 -29.34 -15.34 5.69
CA ALA F 68 -30.32 -16.43 5.68
C ALA F 68 -29.76 -17.64 6.42
N GLN F 69 -28.46 -17.89 6.20
CA GLN F 69 -27.80 -19.00 6.85
C GLN F 69 -27.92 -18.88 8.37
N ALA F 70 -27.58 -17.69 8.86
CA ALA F 70 -27.52 -17.45 10.28
C ALA F 70 -28.93 -17.55 10.89
N VAL F 71 -29.93 -17.13 10.11
CA VAL F 71 -31.31 -17.22 10.54
C VAL F 71 -31.74 -18.69 10.61
N GLY F 72 -31.20 -19.49 9.69
CA GLY F 72 -31.47 -20.92 9.67
C GLY F 72 -30.86 -21.59 10.89
N ARG F 73 -29.59 -21.30 11.15
CA ARG F 73 -28.91 -21.89 12.29
C ARG F 73 -29.54 -21.49 13.65
N LEU F 74 -30.00 -20.24 13.75
CA LEU F 74 -30.51 -19.75 15.02
C LEU F 74 -31.95 -20.17 15.32
N THR F 75 -32.80 -20.25 14.32
CA THR F 75 -34.22 -20.57 14.52
C THR F 75 -34.61 -22.00 14.19
N GLY F 76 -33.89 -22.63 13.28
CA GLY F 76 -34.25 -23.97 12.88
C GLY F 76 -35.30 -24.00 11.78
N LYS F 77 -35.78 -22.82 11.37
CA LYS F 77 -36.57 -22.72 10.15
C LYS F 77 -35.70 -22.12 9.03
N PRO F 78 -35.87 -22.61 7.78
CA PRO F 78 -35.01 -22.17 6.67
C PRO F 78 -34.95 -20.66 6.52
N GLY F 79 -33.73 -20.11 6.51
CA GLY F 79 -33.54 -18.71 6.21
C GLY F 79 -33.91 -18.57 4.74
N VAL F 80 -34.41 -17.41 4.34
CA VAL F 80 -34.85 -17.24 2.96
C VAL F 80 -34.11 -16.11 2.22
N VAL F 81 -33.61 -16.42 1.02
CA VAL F 81 -32.94 -15.44 0.20
C VAL F 81 -33.58 -15.42 -1.20
N LEU F 82 -33.81 -14.20 -1.69
CA LEU F 82 -34.49 -13.97 -2.96
C LEU F 82 -33.63 -13.09 -3.89
N VAL F 83 -33.31 -13.61 -5.08
CA VAL F 83 -32.43 -12.91 -6.02
C VAL F 83 -32.91 -13.04 -7.44
N THR F 84 -32.35 -12.22 -8.32
CA THR F 84 -32.71 -12.26 -9.72
C THR F 84 -31.81 -13.22 -10.51
N SER F 85 -31.98 -13.25 -11.82
CA SER F 85 -31.26 -14.15 -12.70
C SER F 85 -29.77 -13.79 -12.87
N GLY F 86 -29.08 -14.64 -13.62
CA GLY F 86 -27.68 -14.44 -13.95
C GLY F 86 -26.77 -14.28 -12.75
N PRO F 87 -26.14 -13.11 -12.62
CA PRO F 87 -25.17 -12.91 -11.54
C PRO F 87 -25.85 -12.76 -10.22
N GLY F 88 -27.16 -12.50 -10.22
CA GLY F 88 -27.92 -12.47 -8.98
C GLY F 88 -27.85 -13.86 -8.37
N ALA F 89 -28.13 -14.86 -9.19
CA ALA F 89 -28.15 -16.25 -8.76
C ALA F 89 -26.73 -16.77 -8.50
N SER F 90 -25.82 -16.53 -9.44
CA SER F 90 -24.50 -17.10 -9.31
C SER F 90 -23.79 -16.53 -8.06
N ASN F 91 -24.12 -15.31 -7.65
CA ASN F 91 -23.53 -14.73 -6.42
C ASN F 91 -23.95 -15.47 -5.13
N LEU F 92 -24.91 -16.39 -5.24
CA LEU F 92 -25.34 -17.19 -4.13
C LEU F 92 -24.44 -18.38 -3.84
N ALA F 93 -23.58 -18.73 -4.80
CA ALA F 93 -22.89 -20.01 -4.79
C ALA F 93 -22.20 -20.33 -3.45
N THR F 94 -21.28 -19.45 -3.02
CA THR F 94 -20.49 -19.73 -1.81
C THR F 94 -21.36 -19.88 -0.56
N GLY F 95 -22.36 -19.01 -0.44
CA GLY F 95 -23.27 -19.01 0.70
C GLY F 95 -24.06 -20.30 0.80
N LEU F 96 -24.72 -20.71 -0.29
CA LEU F 96 -25.50 -21.94 -0.22
C LEU F 96 -24.58 -23.12 0.10
N LEU F 97 -23.41 -23.16 -0.57
CA LEU F 97 -22.37 -24.16 -0.31
C LEU F 97 -21.92 -24.19 1.17
N THR F 98 -21.66 -23.02 1.73
CA THR F 98 -21.29 -22.90 3.13
C THR F 98 -22.41 -23.46 4.03
N ALA F 99 -23.65 -23.02 3.80
CA ALA F 99 -24.80 -23.49 4.58
C ALA F 99 -25.02 -24.99 4.40
N ASN F 100 -24.86 -25.46 3.15
CA ASN F 100 -25.17 -26.83 2.80
C ASN F 100 -24.21 -27.83 3.41
N THR F 101 -23.02 -27.35 3.76
CA THR F 101 -22.04 -28.24 4.38
C THR F 101 -21.91 -27.98 5.89
N GLU F 102 -22.65 -27.01 6.42
CA GLU F 102 -22.53 -26.70 7.84
C GLU F 102 -23.81 -26.98 8.65
N GLY F 103 -24.79 -27.63 8.05
CA GLY F 103 -26.02 -28.02 8.76
C GLY F 103 -27.14 -26.98 8.86
N ASP F 104 -27.08 -25.95 8.03
CA ASP F 104 -28.00 -24.82 8.15
C ASP F 104 -29.09 -24.85 7.10
N PRO F 105 -30.36 -24.77 7.54
CA PRO F 105 -31.46 -24.81 6.59
C PRO F 105 -31.62 -23.48 5.87
N VAL F 106 -31.57 -23.50 4.54
CA VAL F 106 -31.70 -22.29 3.73
C VAL F 106 -32.52 -22.61 2.49
N VAL F 107 -33.48 -21.74 2.18
CA VAL F 107 -34.17 -21.82 0.89
C VAL F 107 -33.83 -20.61 0.00
N ALA F 108 -33.38 -20.87 -1.22
CA ALA F 108 -33.00 -19.80 -2.13
C ALA F 108 -33.95 -19.77 -3.32
N LEU F 109 -34.52 -18.59 -3.58
CA LEU F 109 -35.48 -18.42 -4.66
C LEU F 109 -34.86 -17.45 -5.68
N ALA F 110 -34.73 -17.90 -6.93
CA ALA F 110 -34.05 -17.11 -7.95
C ALA F 110 -34.82 -17.01 -9.25
N GLY F 111 -34.77 -15.85 -9.87
CA GLY F 111 -35.33 -15.72 -11.20
C GLY F 111 -34.46 -16.32 -12.31
N ASN F 112 -35.08 -16.55 -13.45
CA ASN F 112 -34.38 -16.88 -14.67
C ASN F 112 -35.08 -16.25 -15.89
N VAL F 113 -34.54 -16.42 -17.09
CA VAL F 113 -35.25 -15.81 -18.22
C VAL F 113 -36.48 -16.63 -18.59
N ILE F 114 -37.35 -16.05 -19.40
CA ILE F 114 -38.56 -16.75 -19.81
C ILE F 114 -38.29 -18.11 -20.47
N ARG F 115 -39.24 -19.01 -20.30
CA ARG F 115 -39.11 -20.35 -20.87
C ARG F 115 -38.75 -20.37 -22.34
N ALA F 116 -39.37 -19.49 -23.13
CA ALA F 116 -39.14 -19.53 -24.57
C ALA F 116 -37.68 -19.16 -24.93
N ASP F 117 -36.97 -18.53 -23.99
CA ASP F 117 -35.61 -18.09 -24.27
C ASP F 117 -34.55 -18.85 -23.49
N ARG F 118 -34.93 -19.96 -22.86
CA ARG F 118 -34.08 -20.61 -21.87
C ARG F 118 -32.81 -21.23 -22.46
N LEU F 119 -32.86 -21.55 -23.76
CA LEU F 119 -31.69 -22.06 -24.45
C LEU F 119 -30.88 -20.98 -25.17
N LYS F 120 -31.19 -19.71 -24.94
CA LYS F 120 -30.57 -18.66 -25.75
C LYS F 120 -29.45 -17.91 -25.05
N ARG F 121 -28.54 -17.39 -25.86
CA ARG F 121 -27.61 -16.38 -25.41
C ARG F 121 -28.39 -15.09 -25.26
N THR F 122 -28.91 -14.89 -24.06
CA THR F 122 -29.74 -13.73 -23.79
C THR F 122 -29.26 -13.24 -22.43
N HIS F 123 -29.45 -11.94 -22.17
CA HIS F 123 -28.97 -11.36 -20.91
C HIS F 123 -29.33 -12.21 -19.69
N GLN F 124 -28.29 -12.52 -18.92
CA GLN F 124 -28.39 -13.20 -17.63
C GLN F 124 -28.99 -14.61 -17.72
N SER F 125 -28.89 -15.24 -18.89
CA SER F 125 -29.39 -16.59 -19.04
C SER F 125 -28.34 -17.57 -18.54
N LEU F 126 -28.79 -18.65 -17.93
CA LEU F 126 -27.92 -19.49 -17.14
C LEU F 126 -28.65 -20.78 -16.73
N ASP F 127 -28.01 -21.94 -16.85
CA ASP F 127 -28.66 -23.14 -16.35
C ASP F 127 -28.58 -23.13 -14.81
N ASN F 128 -29.52 -22.40 -14.21
CA ASN F 128 -29.58 -22.16 -12.78
C ASN F 128 -29.51 -23.45 -11.97
N ALA F 129 -30.37 -24.41 -12.28
CA ALA F 129 -30.48 -25.61 -11.48
C ALA F 129 -29.20 -26.41 -11.57
N ALA F 130 -28.62 -26.49 -12.78
CA ALA F 130 -27.37 -27.23 -12.96
C ALA F 130 -26.24 -26.66 -12.10
N LEU F 131 -26.19 -25.34 -11.98
CA LEU F 131 -25.12 -24.70 -11.20
C LEU F 131 -25.19 -25.09 -9.72
N PHE F 132 -26.41 -25.26 -9.20
CA PHE F 132 -26.56 -25.45 -7.76
C PHE F 132 -26.65 -26.91 -7.33
N GLN F 133 -26.81 -27.78 -8.32
CA GLN F 133 -26.86 -29.22 -8.09
C GLN F 133 -25.66 -29.75 -7.27
N PRO F 134 -24.41 -29.36 -7.59
CA PRO F 134 -23.31 -29.89 -6.78
C PRO F 134 -23.24 -29.33 -5.36
N ILE F 135 -23.95 -28.24 -5.08
CA ILE F 135 -23.72 -27.56 -3.82
C ILE F 135 -24.98 -27.41 -2.95
N THR F 136 -26.03 -28.16 -3.27
CA THR F 136 -27.28 -28.10 -2.51
C THR F 136 -27.86 -29.48 -2.38
N LYS F 137 -28.86 -29.63 -1.50
CA LYS F 137 -29.59 -30.88 -1.30
C LYS F 137 -30.62 -31.04 -2.40
N TYR F 138 -30.91 -29.94 -3.06
CA TYR F 138 -32.12 -29.82 -3.84
C TYR F 138 -32.03 -28.59 -4.74
N SER F 139 -32.02 -28.83 -6.04
CA SER F 139 -31.86 -27.75 -6.97
C SER F 139 -32.80 -28.00 -8.12
N VAL F 140 -33.81 -27.12 -8.29
CA VAL F 140 -34.86 -27.36 -9.29
C VAL F 140 -35.30 -26.07 -10.00
N GLU F 141 -35.84 -26.24 -11.21
CA GLU F 141 -36.45 -25.12 -11.91
C GLU F 141 -37.89 -25.45 -12.30
N VAL F 142 -38.81 -24.58 -11.86
CA VAL F 142 -40.25 -24.75 -12.08
C VAL F 142 -40.66 -24.35 -13.49
N GLN F 143 -41.30 -25.24 -14.24
CA GLN F 143 -41.61 -24.93 -15.64
C GLN F 143 -43.12 -24.74 -15.91
N ASP F 144 -43.90 -24.70 -14.85
CA ASP F 144 -45.36 -24.61 -14.96
C ASP F 144 -45.85 -23.97 -13.67
N VAL F 145 -46.65 -22.92 -13.80
CA VAL F 145 -47.04 -22.09 -12.68
C VAL F 145 -47.84 -22.89 -11.64
N LYS F 146 -48.57 -23.92 -12.10
CA LYS F 146 -49.28 -24.85 -11.20
C LYS F 146 -48.39 -25.49 -10.15
N ASN F 147 -47.11 -25.63 -10.47
CA ASN F 147 -46.17 -26.45 -9.69
C ASN F 147 -45.48 -25.67 -8.57
N ILE F 148 -45.60 -24.35 -8.61
CA ILE F 148 -44.92 -23.50 -7.64
C ILE F 148 -45.18 -23.89 -6.18
N PRO F 149 -46.46 -24.03 -5.74
CA PRO F 149 -46.62 -24.38 -4.32
C PRO F 149 -46.00 -25.73 -3.92
N GLU F 150 -46.01 -26.69 -4.83
CA GLU F 150 -45.41 -28.00 -4.57
C GLU F 150 -43.89 -27.90 -4.45
N ALA F 151 -43.26 -27.33 -5.48
CA ALA F 151 -41.82 -27.19 -5.48
C ALA F 151 -41.32 -26.45 -4.23
N VAL F 152 -41.89 -25.29 -3.97
CA VAL F 152 -41.48 -24.48 -2.83
C VAL F 152 -41.72 -25.19 -1.49
N THR F 153 -42.85 -25.90 -1.36
CA THR F 153 -43.12 -26.55 -0.08
C THR F 153 -42.16 -27.75 0.15
N ASN F 154 -41.84 -28.48 -0.91
CA ASN F 154 -40.87 -29.58 -0.79
C ASN F 154 -39.45 -29.08 -0.51
N ALA F 155 -39.10 -27.90 -1.05
CA ALA F 155 -37.79 -27.30 -0.77
C ALA F 155 -37.60 -26.93 0.70
N PHE F 156 -38.64 -26.38 1.32
CA PHE F 156 -38.54 -26.06 2.74
C PHE F 156 -38.35 -27.32 3.56
N ARG F 157 -39.05 -28.37 3.16
CA ARG F 157 -39.04 -29.61 3.93
C ARG F 157 -37.69 -30.30 3.82
N ILE F 158 -37.16 -30.35 2.60
CA ILE F 158 -35.88 -31.00 2.38
C ILE F 158 -34.74 -30.20 3.02
N ALA F 159 -34.81 -28.86 2.95
CA ALA F 159 -33.88 -28.02 3.71
C ALA F 159 -33.89 -28.35 5.20
N SER F 160 -35.06 -28.65 5.74
CA SER F 160 -35.21 -28.87 7.17
C SER F 160 -34.82 -30.29 7.58
N ALA F 161 -35.13 -31.26 6.73
CA ALA F 161 -34.89 -32.67 7.04
C ALA F 161 -33.40 -33.00 7.20
N GLY F 162 -33.08 -33.72 8.29
CA GLY F 162 -31.72 -34.06 8.64
C GLY F 162 -31.09 -34.84 7.49
N GLN F 163 -29.82 -34.58 7.18
CA GLN F 163 -29.11 -33.43 7.72
C GLN F 163 -29.50 -32.16 6.95
N ALA F 164 -29.74 -31.08 7.68
CA ALA F 164 -30.28 -29.85 7.10
C ALA F 164 -29.23 -29.18 6.21
N GLY F 165 -29.70 -28.49 5.17
CA GLY F 165 -28.82 -27.77 4.28
C GLY F 165 -29.62 -26.93 3.31
N ALA F 166 -29.00 -26.56 2.20
CA ALA F 166 -29.55 -25.60 1.26
C ALA F 166 -30.50 -26.25 0.24
N ALA F 167 -31.51 -25.48 -0.17
CA ALA F 167 -32.43 -25.87 -1.23
C ALA F 167 -32.55 -24.70 -2.20
N PHE F 168 -32.64 -25.00 -3.48
CA PHE F 168 -32.58 -23.94 -4.48
C PHE F 168 -33.71 -24.09 -5.46
N VAL F 169 -34.47 -23.03 -5.66
CA VAL F 169 -35.58 -23.07 -6.60
C VAL F 169 -35.47 -21.93 -7.56
N SER F 170 -35.53 -22.21 -8.84
CA SER F 170 -35.42 -21.16 -9.87
C SER F 170 -36.73 -20.94 -10.64
N PHE F 171 -37.05 -19.68 -10.94
CA PHE F 171 -38.32 -19.34 -11.60
C PHE F 171 -38.14 -18.58 -12.89
N PRO F 172 -38.55 -19.17 -14.01
CA PRO F 172 -38.46 -18.40 -15.26
C PRO F 172 -39.42 -17.21 -15.18
N GLN F 173 -39.06 -16.09 -15.82
CA GLN F 173 -39.76 -14.84 -15.55
C GLN F 173 -41.26 -14.93 -15.86
N ASP F 174 -41.62 -15.63 -16.93
CA ASP F 174 -43.03 -15.75 -17.32
C ASP F 174 -43.84 -16.63 -16.34
N VAL F 175 -43.16 -17.51 -15.61
CA VAL F 175 -43.89 -18.44 -14.74
C VAL F 175 -44.40 -17.70 -13.50
N VAL F 176 -43.60 -16.76 -12.99
CA VAL F 176 -44.02 -15.99 -11.83
C VAL F 176 -44.85 -14.75 -12.23
N ASN F 177 -44.88 -14.43 -13.51
CA ASN F 177 -45.72 -13.32 -14.00
C ASN F 177 -47.07 -13.83 -14.44
N GLU F 178 -47.13 -15.12 -14.72
CA GLU F 178 -48.33 -15.76 -15.25
C GLU F 178 -49.54 -15.73 -14.30
N VAL F 179 -50.70 -15.39 -14.87
CA VAL F 179 -51.96 -15.43 -14.12
C VAL F 179 -52.49 -16.85 -14.03
N THR F 180 -52.98 -17.25 -12.85
CA THR F 180 -53.48 -18.61 -12.68
C THR F 180 -54.48 -18.75 -11.52
N ASN F 181 -55.27 -19.81 -11.56
CA ASN F 181 -56.21 -20.08 -10.49
CA ASN F 181 -56.21 -20.08 -10.49
C ASN F 181 -55.76 -21.23 -9.62
N THR F 182 -54.48 -21.61 -9.76
CA THR F 182 -53.84 -22.65 -8.95
C THR F 182 -54.01 -22.37 -7.45
N LYS F 183 -54.38 -23.39 -6.67
CA LYS F 183 -54.49 -23.25 -5.23
C LYS F 183 -53.15 -23.48 -4.52
N ASN F 184 -53.00 -22.90 -3.32
CA ASN F 184 -51.84 -23.14 -2.45
C ASN F 184 -51.96 -24.52 -1.79
N VAL F 185 -50.87 -25.02 -1.20
CA VAL F 185 -50.92 -26.29 -0.47
C VAL F 185 -50.50 -26.04 0.96
N ARG F 186 -50.91 -26.92 1.86
CA ARG F 186 -50.55 -26.75 3.27
C ARG F 186 -49.03 -26.77 3.40
N ALA F 187 -48.49 -25.93 4.25
CA ALA F 187 -47.09 -26.05 4.65
C ALA F 187 -46.88 -27.22 5.62
N VAL F 188 -46.97 -28.45 5.12
CA VAL F 188 -46.78 -29.65 5.92
C VAL F 188 -45.35 -29.68 6.46
N ALA F 189 -45.18 -29.56 7.76
CA ALA F 189 -43.84 -29.48 8.32
C ALA F 189 -43.12 -30.82 8.24
N ALA F 190 -41.80 -30.78 8.15
CA ALA F 190 -41.00 -32.01 8.05
C ALA F 190 -41.08 -32.79 9.37
N PRO F 191 -41.46 -34.06 9.29
CA PRO F 191 -41.74 -34.78 10.52
C PRO F 191 -40.47 -35.15 11.30
N LYS F 192 -40.65 -35.44 12.59
CA LYS F 192 -39.59 -35.91 13.47
C LYS F 192 -39.42 -37.41 13.32
N LEU F 193 -38.18 -37.91 13.38
CA LEU F 193 -37.99 -39.36 13.50
C LEU F 193 -38.31 -39.77 14.93
N GLY F 194 -38.39 -41.08 15.17
CA GLY F 194 -38.43 -41.59 16.52
C GLY F 194 -37.01 -41.82 16.98
N PRO F 195 -36.83 -42.25 18.24
CA PRO F 195 -35.47 -42.58 18.68
C PRO F 195 -34.95 -43.81 17.95
N ALA F 196 -33.64 -44.06 18.07
CA ALA F 196 -33.02 -45.26 17.51
C ALA F 196 -33.66 -46.53 18.07
N ALA F 197 -33.34 -47.67 17.44
CA ALA F 197 -33.90 -48.94 17.86
C ALA F 197 -33.54 -49.27 19.33
N ASP F 198 -34.50 -49.84 20.06
CA ASP F 198 -34.32 -50.14 21.48
C ASP F 198 -33.10 -51.02 21.68
N ASP F 199 -32.90 -51.96 20.76
CA ASP F 199 -31.78 -52.89 20.81
C ASP F 199 -30.45 -52.16 20.76
N ALA F 200 -30.30 -51.31 19.75
CA ALA F 200 -29.10 -50.52 19.60
C ALA F 200 -28.87 -49.62 20.83
N ILE F 201 -29.94 -49.04 21.36
CA ILE F 201 -29.80 -48.24 22.57
C ILE F 201 -29.33 -49.09 23.76
N SER F 202 -29.90 -50.28 23.94
CA SER F 202 -29.44 -51.17 25.03
C SER F 202 -27.98 -51.50 24.89
N ALA F 203 -27.61 -51.97 23.70
CA ALA F 203 -26.24 -52.36 23.41
C ALA F 203 -25.27 -51.24 23.74
N ALA F 204 -25.68 -50.02 23.46
CA ALA F 204 -24.82 -48.86 23.64
C ALA F 204 -24.58 -48.58 25.11
N ILE F 205 -25.64 -48.75 25.90
CA ILE F 205 -25.56 -48.63 27.35
C ILE F 205 -24.58 -49.66 27.88
N ALA F 206 -24.78 -50.90 27.43
CA ALA F 206 -23.90 -52.00 27.82
C ALA F 206 -22.43 -51.67 27.56
N LYS F 207 -22.12 -51.13 26.38
CA LYS F 207 -20.72 -50.86 26.05
C LYS F 207 -20.15 -49.72 26.87
N ILE F 208 -20.98 -48.77 27.26
CA ILE F 208 -20.50 -47.66 28.07
C ILE F 208 -20.33 -48.03 29.56
N GLN F 209 -21.21 -48.87 30.09
CA GLN F 209 -21.10 -49.26 31.50
C GLN F 209 -19.83 -50.06 31.73
N THR F 210 -19.46 -50.84 30.72
CA THR F 210 -18.32 -51.76 30.84
C THR F 210 -17.00 -51.14 30.39
N ALA F 211 -17.01 -49.84 30.11
CA ALA F 211 -15.83 -49.16 29.61
C ALA F 211 -14.87 -48.77 30.72
N LYS F 212 -13.59 -48.74 30.39
CA LYS F 212 -12.59 -48.29 31.32
C LYS F 212 -12.54 -46.75 31.27
N LEU F 213 -12.77 -46.21 30.08
CA LEU F 213 -12.71 -44.77 29.87
C LEU F 213 -13.64 -44.35 28.71
N PRO F 214 -14.95 -44.37 28.98
CA PRO F 214 -15.88 -43.88 27.94
C PRO F 214 -15.81 -42.35 27.82
N VAL F 215 -15.83 -41.80 26.60
CA VAL F 215 -15.83 -40.35 26.43
C VAL F 215 -16.86 -39.93 25.38
N VAL F 216 -17.40 -38.72 25.51
CA VAL F 216 -18.38 -38.22 24.55
C VAL F 216 -17.78 -37.14 23.63
N LEU F 217 -17.92 -37.35 22.31
CA LEU F 217 -17.55 -36.37 21.30
C LEU F 217 -18.81 -35.68 20.78
N VAL F 218 -19.00 -34.42 21.14
CA VAL F 218 -20.20 -33.70 20.75
C VAL F 218 -19.93 -32.92 19.46
N GLY F 219 -20.68 -33.25 18.40
CA GLY F 219 -20.46 -32.66 17.09
C GLY F 219 -21.49 -31.65 16.64
N MET F 220 -21.46 -31.37 15.34
CA MET F 220 -22.28 -30.34 14.71
C MET F 220 -23.76 -30.36 15.11
N LYS F 221 -24.40 -31.51 14.98
CA LYS F 221 -25.84 -31.59 15.21
C LYS F 221 -26.19 -31.94 16.66
N GLY F 222 -25.17 -32.06 17.51
CA GLY F 222 -25.38 -32.10 18.94
C GLY F 222 -25.32 -30.68 19.50
N GLY F 223 -25.17 -29.71 18.61
CA GLY F 223 -25.07 -28.31 19.00
C GLY F 223 -26.40 -27.56 18.89
N ARG F 224 -27.43 -28.22 18.38
CA ARG F 224 -28.79 -27.67 18.46
C ARG F 224 -29.25 -27.56 19.93
N PRO F 225 -30.04 -26.53 20.23
CA PRO F 225 -30.56 -26.32 21.58
C PRO F 225 -31.17 -27.58 22.23
N GLU F 226 -32.05 -28.29 21.54
CA GLU F 226 -32.66 -29.48 22.14
C GLU F 226 -31.69 -30.65 22.36
N ALA F 227 -30.63 -30.73 21.56
CA ALA F 227 -29.68 -31.84 21.69
C ALA F 227 -28.70 -31.54 22.81
N ILE F 228 -28.30 -30.28 22.92
CA ILE F 228 -27.49 -29.82 24.03
C ILE F 228 -28.22 -30.04 25.35
N LYS F 229 -29.51 -29.72 25.38
CA LYS F 229 -30.31 -29.96 26.56
C LYS F 229 -30.24 -31.44 26.96
N ALA F 230 -30.41 -32.32 25.98
CA ALA F 230 -30.37 -33.75 26.28
C ALA F 230 -28.96 -34.22 26.60
N VAL F 231 -27.96 -33.66 25.92
CA VAL F 231 -26.58 -34.05 26.17
C VAL F 231 -26.12 -33.68 27.59
N ARG F 232 -26.40 -32.46 28.04
CA ARG F 232 -26.02 -32.01 29.38
C ARG F 232 -26.55 -32.98 30.44
N LYS F 233 -27.80 -33.38 30.28
CA LYS F 233 -28.46 -34.27 31.23
C LYS F 233 -27.75 -35.62 31.24
N LEU F 234 -27.38 -36.10 30.06
CA LEU F 234 -26.64 -37.36 29.96
C LEU F 234 -25.27 -37.25 30.63
N LEU F 235 -24.54 -36.18 30.31
CA LEU F 235 -23.20 -35.96 30.87
C LEU F 235 -23.24 -35.77 32.39
N LYS F 236 -24.30 -35.15 32.89
CA LYS F 236 -24.44 -34.93 34.33
C LYS F 236 -24.68 -36.26 35.07
N LYS F 237 -25.60 -37.07 34.56
CA LYS F 237 -25.96 -38.32 35.21
C LYS F 237 -24.84 -39.36 35.19
N VAL F 238 -24.14 -39.48 34.06
CA VAL F 238 -23.20 -40.57 33.89
C VAL F 238 -21.76 -40.11 34.18
N GLN F 239 -21.55 -38.80 34.22
CA GLN F 239 -20.24 -38.24 34.59
C GLN F 239 -19.15 -38.61 33.59
N LEU F 240 -19.48 -38.55 32.31
CA LEU F 240 -18.53 -38.84 31.26
C LEU F 240 -17.71 -37.62 30.94
N PRO F 241 -16.42 -37.82 30.63
CA PRO F 241 -15.69 -36.70 30.02
C PRO F 241 -16.23 -36.42 28.60
N PHE F 242 -16.02 -35.20 28.10
CA PHE F 242 -16.48 -34.86 26.76
C PHE F 242 -15.66 -33.73 26.18
N VAL F 243 -15.71 -33.63 24.84
CA VAL F 243 -15.13 -32.51 24.10
C VAL F 243 -16.15 -32.01 23.08
N GLU F 244 -15.92 -30.80 22.58
CA GLU F 244 -16.76 -30.20 21.56
C GLU F 244 -16.04 -30.04 20.22
N THR F 245 -16.78 -30.23 19.12
CA THR F 245 -16.34 -29.66 17.87
C THR F 245 -16.67 -28.17 17.91
N TYR F 246 -16.19 -27.40 16.94
CA TYR F 246 -16.41 -25.96 16.99
C TYR F 246 -17.91 -25.60 16.91
N GLN F 247 -18.69 -26.28 16.08
CA GLN F 247 -20.09 -25.92 15.99
C GLN F 247 -20.90 -26.54 17.14
N ALA F 248 -20.23 -27.31 17.98
CA ALA F 248 -20.85 -27.86 19.20
C ALA F 248 -20.67 -26.92 20.43
N ALA F 249 -20.06 -25.75 20.19
CA ALA F 249 -19.83 -24.76 21.23
C ALA F 249 -21.15 -24.37 21.89
N GLY F 250 -21.15 -24.24 23.22
CA GLY F 250 -22.38 -23.98 23.93
C GLY F 250 -22.90 -25.22 24.61
N THR F 251 -22.30 -26.37 24.33
CA THR F 251 -22.67 -27.57 25.07
C THR F 251 -22.30 -27.37 26.55
N LEU F 252 -21.12 -26.82 26.77
CA LEU F 252 -20.60 -26.51 28.10
C LEU F 252 -21.55 -25.71 29.01
N SER F 253 -21.59 -26.13 30.26
CA SER F 253 -22.17 -25.35 31.34
C SER F 253 -21.05 -25.18 32.35
N ARG F 254 -21.16 -24.20 33.23
CA ARG F 254 -20.15 -24.08 34.30
C ARG F 254 -20.14 -25.32 35.21
N ASP F 255 -21.31 -25.96 35.38
CA ASP F 255 -21.41 -27.23 36.13
C ASP F 255 -20.50 -28.30 35.58
N LEU F 256 -20.32 -28.30 34.27
CA LEU F 256 -19.67 -29.41 33.57
C LEU F 256 -18.18 -29.15 33.34
N GLU F 257 -17.68 -28.05 33.88
CA GLU F 257 -16.31 -27.61 33.58
C GLU F 257 -15.28 -28.70 33.94
N ASP F 258 -15.52 -29.40 35.04
CA ASP F 258 -14.56 -30.42 35.50
C ASP F 258 -14.51 -31.62 34.56
N GLN F 259 -15.59 -31.84 33.81
CA GLN F 259 -15.69 -32.95 32.86
C GLN F 259 -15.25 -32.56 31.45
N TYR F 260 -14.90 -31.30 31.26
CA TYR F 260 -14.75 -30.72 29.93
C TYR F 260 -13.31 -30.63 29.48
N PHE F 261 -13.01 -31.19 28.31
CA PHE F 261 -11.62 -31.19 27.84
C PHE F 261 -11.40 -30.45 26.53
N GLY F 262 -12.29 -29.51 26.23
CA GLY F 262 -12.00 -28.52 25.21
C GLY F 262 -12.62 -28.74 23.83
N ARG F 263 -12.20 -27.89 22.89
CA ARG F 263 -12.68 -28.00 21.52
C ARG F 263 -11.62 -28.59 20.61
N ILE F 264 -11.92 -29.75 20.03
CA ILE F 264 -10.99 -30.41 19.10
C ILE F 264 -11.13 -29.83 17.69
N GLY F 265 -10.04 -29.86 16.93
CA GLY F 265 -10.08 -29.35 15.57
C GLY F 265 -8.77 -28.80 15.05
N LEU F 266 -8.70 -28.70 13.72
CA LEU F 266 -7.57 -28.11 13.00
C LEU F 266 -6.30 -28.95 13.11
N PHE F 267 -5.52 -28.80 14.18
CA PHE F 267 -4.28 -29.58 14.35
C PHE F 267 -4.39 -30.56 15.50
N ARG F 268 -3.73 -31.72 15.38
CA ARG F 268 -3.84 -32.71 16.43
C ARG F 268 -2.82 -32.46 17.55
N ASN F 269 -3.13 -31.51 18.44
CA ASN F 269 -2.23 -31.20 19.55
C ASN F 269 -2.94 -30.69 20.81
N GLN F 270 -4.23 -30.99 20.92
CA GLN F 270 -5.04 -30.51 22.03
C GLN F 270 -5.33 -31.62 23.05
N PRO F 271 -5.56 -31.24 24.33
CA PRO F 271 -5.90 -32.20 25.38
C PRO F 271 -7.05 -33.16 24.98
N GLY F 272 -8.07 -32.63 24.28
CA GLY F 272 -9.13 -33.46 23.76
C GLY F 272 -8.64 -34.61 22.87
N ASP F 273 -7.63 -34.34 22.03
CA ASP F 273 -7.02 -35.40 21.22
C ASP F 273 -6.48 -36.54 22.07
N LEU F 274 -5.70 -36.20 23.10
CA LEU F 274 -5.10 -37.20 23.98
C LEU F 274 -6.18 -37.97 24.74
N LEU F 275 -7.26 -37.28 25.05
CA LEU F 275 -8.39 -37.90 25.73
C LEU F 275 -9.02 -38.98 24.87
N LEU F 276 -9.39 -38.60 23.65
CA LEU F 276 -9.97 -39.55 22.69
C LEU F 276 -9.04 -40.73 22.45
N GLU F 277 -7.75 -40.45 22.25
CA GLU F 277 -6.78 -41.52 22.11
C GLU F 277 -6.82 -42.48 23.30
N GLN F 278 -6.81 -41.94 24.52
CA GLN F 278 -6.85 -42.79 25.71
C GLN F 278 -8.20 -43.46 25.94
N ALA F 279 -9.26 -42.93 25.34
CA ALA F 279 -10.58 -43.54 25.46
C ALA F 279 -10.65 -44.94 24.87
N ASP F 280 -11.39 -45.83 25.52
CA ASP F 280 -11.64 -47.13 24.91
C ASP F 280 -13.06 -47.21 24.31
N VAL F 281 -14.00 -46.39 24.79
CA VAL F 281 -15.31 -46.27 24.15
C VAL F 281 -15.62 -44.80 23.85
N VAL F 282 -15.89 -44.47 22.58
CA VAL F 282 -16.31 -43.12 22.22
C VAL F 282 -17.76 -43.09 21.73
N LEU F 283 -18.59 -42.26 22.38
CA LEU F 283 -19.91 -41.93 21.85
C LEU F 283 -19.81 -40.63 21.06
N THR F 284 -20.06 -40.68 19.74
CA THR F 284 -20.10 -39.42 18.98
C THR F 284 -21.54 -39.01 18.79
N ILE F 285 -21.78 -37.71 18.85
CA ILE F 285 -23.14 -37.18 18.84
C ILE F 285 -23.30 -36.13 17.76
N GLY F 286 -24.10 -36.45 16.76
CA GLY F 286 -24.36 -35.56 15.64
C GLY F 286 -23.08 -35.21 14.93
N TYR F 287 -22.18 -36.18 14.82
CA TYR F 287 -20.81 -35.91 14.36
C TYR F 287 -20.66 -35.92 12.85
N ASP F 288 -20.51 -34.73 12.29
CA ASP F 288 -20.17 -34.59 10.88
C ASP F 288 -18.64 -34.48 10.78
N PRO F 289 -17.99 -35.48 10.17
CA PRO F 289 -16.51 -35.57 10.12
C PRO F 289 -15.86 -34.33 9.53
N ILE F 290 -16.62 -33.49 8.84
CA ILE F 290 -16.04 -32.33 8.16
C ILE F 290 -15.39 -31.36 9.14
N GLU F 291 -15.78 -31.46 10.41
CA GLU F 291 -15.30 -30.55 11.43
C GLU F 291 -13.93 -30.95 11.98
N TYR F 292 -13.67 -32.25 11.92
CA TYR F 292 -12.42 -32.85 12.37
C TYR F 292 -12.40 -34.29 11.88
N ASP F 293 -11.60 -34.57 10.86
CA ASP F 293 -11.59 -35.91 10.23
C ASP F 293 -11.14 -36.94 11.26
N PRO F 294 -11.83 -38.08 11.32
CA PRO F 294 -11.51 -39.12 12.29
C PRO F 294 -10.07 -39.65 12.17
N LYS F 295 -9.44 -39.47 11.01
CA LYS F 295 -8.06 -39.92 10.86
C LYS F 295 -7.11 -39.11 11.75
N PHE F 296 -7.53 -37.94 12.23
CA PHE F 296 -6.73 -37.20 13.19
C PHE F 296 -6.90 -37.61 14.66
N TRP F 297 -8.03 -38.19 15.06
CA TRP F 297 -8.20 -38.53 16.48
C TRP F 297 -8.41 -40.01 16.75
N ASN F 298 -9.04 -40.73 15.83
CA ASN F 298 -9.31 -42.15 16.05
C ASN F 298 -8.12 -43.01 15.63
N ILE F 299 -7.00 -42.77 16.31
CA ILE F 299 -5.75 -43.43 15.96
C ILE F 299 -5.15 -44.15 17.16
N ASN F 300 -4.10 -44.93 16.91
CA ASN F 300 -3.29 -45.55 17.97
C ASN F 300 -4.06 -46.49 18.90
N GLY F 301 -4.37 -47.68 18.39
CA GLY F 301 -5.09 -48.67 19.17
C GLY F 301 -6.57 -48.63 18.84
N ASP F 302 -7.25 -49.77 18.91
CA ASP F 302 -8.66 -49.76 18.58
C ASP F 302 -9.50 -49.45 19.81
N ARG F 303 -10.57 -48.71 19.56
CA ARG F 303 -11.58 -48.41 20.56
C ARG F 303 -12.96 -48.61 19.92
N THR F 304 -13.98 -48.75 20.76
CA THR F 304 -15.35 -48.88 20.29
C THR F 304 -15.88 -47.52 19.88
N ILE F 305 -16.41 -47.42 18.67
CA ILE F 305 -17.09 -46.20 18.26
C ILE F 305 -18.59 -46.43 18.25
N ILE F 306 -19.33 -45.58 18.96
CA ILE F 306 -20.78 -45.59 18.94
C ILE F 306 -21.25 -44.31 18.26
N HIS F 307 -21.87 -44.45 17.09
CA HIS F 307 -22.28 -43.32 16.24
C HIS F 307 -23.76 -42.97 16.46
N LEU F 308 -24.02 -41.82 17.06
CA LEU F 308 -25.39 -41.42 17.34
C LEU F 308 -25.72 -40.21 16.49
N ASP F 309 -26.65 -40.40 15.53
CA ASP F 309 -26.92 -39.37 14.53
C ASP F 309 -28.30 -39.55 13.91
N GLU F 310 -28.73 -38.52 13.19
CA GLU F 310 -30.01 -38.53 12.48
C GLU F 310 -29.90 -39.14 11.07
N ILE F 311 -28.67 -39.32 10.59
CA ILE F 311 -28.39 -39.96 9.29
C ILE F 311 -27.30 -41.01 9.52
N ILE F 312 -27.11 -41.93 8.56
CA ILE F 312 -26.14 -43.02 8.71
C ILE F 312 -24.73 -42.50 8.55
N ALA F 313 -23.76 -43.20 9.14
CA ALA F 313 -22.39 -42.70 9.17
C ALA F 313 -21.65 -42.86 7.85
N ASP F 314 -20.68 -42.00 7.62
CA ASP F 314 -19.74 -42.17 6.52
C ASP F 314 -18.64 -43.17 6.93
N ILE F 315 -18.61 -44.35 6.34
CA ILE F 315 -17.54 -45.30 6.61
C ILE F 315 -16.21 -44.79 6.03
N ASP F 316 -15.18 -44.84 6.87
CA ASP F 316 -13.87 -44.28 6.62
C ASP F 316 -12.84 -45.32 7.13
N HIS F 317 -11.62 -45.27 6.63
CA HIS F 317 -10.56 -46.12 7.20
C HIS F 317 -10.49 -45.96 8.71
N ALA F 318 -10.64 -44.71 9.17
CA ALA F 318 -10.52 -44.34 10.56
C ALA F 318 -11.86 -44.27 11.31
N TYR F 319 -12.93 -44.77 10.70
CA TYR F 319 -14.24 -44.65 11.32
C TYR F 319 -15.14 -45.75 10.83
N GLN F 320 -15.16 -46.84 11.60
CA GLN F 320 -15.94 -48.00 11.29
C GLN F 320 -16.76 -48.31 12.53
N PRO F 321 -17.92 -47.64 12.66
CA PRO F 321 -18.76 -47.73 13.86
C PRO F 321 -19.16 -49.14 14.22
N ASP F 322 -18.91 -49.50 15.47
CA ASP F 322 -19.36 -50.77 16.00
C ASP F 322 -20.86 -50.75 16.24
N LEU F 323 -21.38 -49.54 16.45
CA LEU F 323 -22.80 -49.35 16.73
C LEU F 323 -23.29 -48.03 16.14
N GLU F 324 -24.36 -48.05 15.35
CA GLU F 324 -24.96 -46.80 14.90
C GLU F 324 -26.36 -46.62 15.54
N LEU F 325 -26.58 -45.55 16.29
CA LEU F 325 -27.90 -45.26 16.80
C LEU F 325 -28.48 -44.13 15.97
N ILE F 326 -29.39 -44.48 15.09
CA ILE F 326 -29.88 -43.54 14.10
C ILE F 326 -31.33 -43.24 14.35
N GLY F 327 -31.65 -41.96 14.44
CA GLY F 327 -33.00 -41.56 14.81
C GLY F 327 -32.96 -40.12 15.28
N ASP F 328 -34.05 -39.67 15.89
CA ASP F 328 -34.08 -38.33 16.45
C ASP F 328 -33.02 -38.23 17.54
N ILE F 329 -32.19 -37.20 17.46
CA ILE F 329 -31.01 -37.14 18.30
C ILE F 329 -31.35 -36.87 19.78
N PRO F 330 -32.14 -35.82 20.07
CA PRO F 330 -32.48 -35.64 21.49
C PRO F 330 -33.22 -36.85 22.08
N SER F 331 -34.15 -37.42 21.32
CA SER F 331 -34.89 -38.61 21.74
C SER F 331 -33.98 -39.75 22.14
N THR F 332 -33.02 -40.04 21.27
CA THR F 332 -32.10 -41.17 21.45
C THR F 332 -31.25 -40.92 22.65
N ILE F 333 -30.74 -39.70 22.78
CA ILE F 333 -29.93 -39.36 23.94
C ILE F 333 -30.72 -39.52 25.23
N ASN F 334 -32.00 -39.11 25.23
CA ASN F 334 -32.83 -39.20 26.44
C ASN F 334 -32.97 -40.65 26.89
N HIS F 335 -33.16 -41.54 25.92
CA HIS F 335 -33.27 -42.96 26.19
C HIS F 335 -32.00 -43.58 26.79
N ILE F 336 -30.85 -43.20 26.28
CA ILE F 336 -29.60 -43.67 26.84
C ILE F 336 -29.52 -43.20 28.27
N GLU F 337 -29.85 -41.92 28.48
CA GLU F 337 -29.74 -41.28 29.80
C GLU F 337 -30.64 -41.94 30.85
N HIS F 338 -31.86 -42.27 30.45
CA HIS F 338 -32.84 -42.83 31.36
C HIS F 338 -32.34 -44.11 32.06
N ASP F 339 -31.65 -44.97 31.30
CA ASP F 339 -31.23 -46.27 31.82
C ASP F 339 -29.76 -46.33 32.26
N ALA F 340 -28.93 -45.42 31.79
CA ALA F 340 -27.52 -45.43 32.16
C ALA F 340 -27.32 -45.04 33.62
N VAL F 341 -26.16 -45.33 34.19
CA VAL F 341 -25.84 -44.92 35.55
C VAL F 341 -24.44 -44.34 35.63
N LYS F 342 -24.09 -43.73 36.76
CA LYS F 342 -22.81 -43.04 36.91
C LYS F 342 -21.64 -43.98 36.66
N VAL F 343 -20.67 -43.51 35.87
CA VAL F 343 -19.46 -44.27 35.59
C VAL F 343 -18.46 -43.97 36.71
N GLU F 344 -17.73 -44.99 37.12
CA GLU F 344 -16.76 -44.85 38.19
C GLU F 344 -15.38 -45.22 37.67
N PHE F 345 -14.45 -44.30 37.79
CA PHE F 345 -13.15 -44.49 37.17
C PHE F 345 -12.13 -45.08 38.11
N ALA F 346 -11.42 -46.10 37.65
CA ALA F 346 -10.27 -46.62 38.37
C ALA F 346 -9.15 -45.58 38.44
N GLU F 347 -8.20 -45.81 39.35
CA GLU F 347 -7.14 -44.86 39.67
C GLU F 347 -6.30 -44.51 38.44
N ARG F 348 -5.95 -45.53 37.67
CA ARG F 348 -5.17 -45.31 36.46
C ARG F 348 -5.80 -44.22 35.61
N GLU F 349 -7.10 -44.35 35.36
CA GLU F 349 -7.84 -43.41 34.52
C GLU F 349 -8.03 -42.04 35.15
N GLN F 350 -8.26 -41.99 36.47
CA GLN F 350 -8.34 -40.72 37.19
C GLN F 350 -7.05 -39.91 37.03
N LYS F 351 -5.92 -40.61 37.04
CA LYS F 351 -4.61 -39.97 36.88
C LYS F 351 -4.50 -39.26 35.54
N ILE F 352 -4.84 -40.01 34.48
CA ILE F 352 -4.79 -39.47 33.13
C ILE F 352 -5.71 -38.26 32.98
N LEU F 353 -6.94 -38.38 33.49
CA LEU F 353 -7.90 -37.28 33.43
C LEU F 353 -7.34 -36.05 34.16
N SER F 354 -6.65 -36.30 35.26
CA SER F 354 -6.09 -35.22 36.06
C SER F 354 -4.95 -34.53 35.29
N ASP F 355 -4.02 -35.34 34.77
CA ASP F 355 -2.90 -34.81 34.00
C ASP F 355 -3.37 -33.95 32.82
N LEU F 356 -4.34 -34.46 32.06
CA LEU F 356 -4.85 -33.75 30.89
C LEU F 356 -5.50 -32.42 31.24
N LYS F 357 -6.18 -32.39 32.39
CA LYS F 357 -6.84 -31.17 32.86
C LYS F 357 -5.83 -30.09 33.20
N GLN F 358 -4.71 -30.47 33.81
CA GLN F 358 -3.72 -29.50 34.21
C GLN F 358 -2.93 -29.02 32.99
N TYR F 359 -2.63 -29.95 32.08
CA TYR F 359 -2.11 -29.59 30.76
C TYR F 359 -3.02 -28.57 30.09
N MET F 360 -4.32 -28.81 30.18
CA MET F 360 -5.33 -27.90 29.63
C MET F 360 -5.29 -26.50 30.24
N HIS F 361 -5.16 -26.41 31.58
CA HIS F 361 -5.07 -25.11 32.23
CA HIS F 361 -5.03 -25.12 32.27
C HIS F 361 -3.82 -24.35 31.77
N GLU F 362 -2.71 -25.07 31.62
CA GLU F 362 -1.47 -24.49 31.16
C GLU F 362 -1.60 -23.95 29.74
N GLY F 363 -2.32 -24.71 28.91
CA GLY F 363 -2.59 -24.33 27.54
C GLY F 363 -3.38 -23.03 27.38
N GLU F 364 -4.13 -22.65 28.40
CA GLU F 364 -4.96 -21.44 28.32
C GLU F 364 -4.18 -20.19 28.76
N GLN F 365 -2.90 -20.34 29.08
CA GLN F 365 -2.14 -19.23 29.67
C GLN F 365 -1.27 -18.46 28.67
N VAL F 366 -1.18 -17.16 28.91
CA VAL F 366 -0.18 -16.33 28.24
C VAL F 366 1.19 -16.78 28.71
N PRO F 367 2.13 -17.03 27.78
CA PRO F 367 3.48 -17.45 28.15
C PRO F 367 4.15 -16.51 29.15
N ALA F 368 4.95 -17.06 30.07
CA ALA F 368 5.50 -16.30 31.19
C ALA F 368 6.53 -15.25 30.77
N ASP F 369 7.18 -15.48 29.63
CA ASP F 369 8.17 -14.55 29.13
C ASP F 369 7.58 -13.66 28.05
N TRP F 370 6.29 -13.33 28.19
CA TRP F 370 5.63 -12.48 27.22
C TRP F 370 5.79 -10.99 27.57
N LYS F 371 6.26 -10.22 26.59
CA LYS F 371 6.25 -8.75 26.67
C LYS F 371 6.01 -8.23 25.26
N SER F 372 4.98 -7.41 25.12
CA SER F 372 4.64 -6.81 23.84
C SER F 372 3.99 -5.44 24.01
N ASP F 373 3.93 -4.69 22.92
CA ASP F 373 3.23 -3.43 22.90
C ASP F 373 1.81 -3.58 22.35
N ARG F 374 1.45 -4.81 21.98
CA ARG F 374 0.10 -5.12 21.51
C ARG F 374 -0.41 -6.29 22.33
N ALA F 375 -1.73 -6.48 22.32
CA ALA F 375 -2.33 -7.59 23.07
C ALA F 375 -1.90 -8.96 22.58
N HIS F 376 -1.65 -9.87 23.51
CA HIS F 376 -1.61 -11.29 23.18
C HIS F 376 -3.06 -11.72 22.85
N PRO F 377 -3.21 -12.68 21.92
CA PRO F 377 -4.54 -13.19 21.55
C PRO F 377 -5.40 -13.62 22.74
N LEU F 378 -4.81 -14.35 23.68
CA LEU F 378 -5.55 -14.82 24.86
C LEU F 378 -6.09 -13.65 25.69
N GLU F 379 -5.38 -12.53 25.69
CA GLU F 379 -5.83 -11.35 26.41
C GLU F 379 -7.08 -10.74 25.79
N ILE F 380 -7.08 -10.65 24.46
CA ILE F 380 -8.28 -10.25 23.71
C ILE F 380 -9.44 -11.21 24.03
N VAL F 381 -9.15 -12.51 23.99
CA VAL F 381 -10.16 -13.52 24.27
C VAL F 381 -10.75 -13.33 25.66
N LYS F 382 -9.90 -13.34 26.70
CA LYS F 382 -10.37 -13.21 28.08
C LYS F 382 -11.18 -11.94 28.34
N GLU F 383 -10.70 -10.81 27.85
CA GLU F 383 -11.38 -9.54 28.10
C GLU F 383 -12.72 -9.48 27.38
N LEU F 384 -12.77 -10.02 26.17
CA LEU F 384 -14.02 -10.06 25.42
C LEU F 384 -15.04 -10.94 26.15
N ARG F 385 -14.60 -12.10 26.65
CA ARG F 385 -15.49 -12.97 27.39
C ARG F 385 -16.05 -12.25 28.63
N ASN F 386 -15.18 -11.53 29.34
CA ASN F 386 -15.59 -10.85 30.59
C ASN F 386 -16.47 -9.64 30.36
N ALA F 387 -16.44 -9.11 29.15
CA ALA F 387 -17.25 -7.95 28.87
C ALA F 387 -18.60 -8.36 28.30
N VAL F 388 -18.84 -9.66 28.12
CA VAL F 388 -20.04 -10.13 27.43
C VAL F 388 -20.85 -11.14 28.25
N ASP F 389 -22.13 -10.86 28.44
CA ASP F 389 -23.00 -11.77 29.18
C ASP F 389 -23.23 -13.06 28.38
N ASP F 390 -23.50 -14.15 29.08
CA ASP F 390 -23.75 -15.46 28.49
C ASP F 390 -24.68 -15.48 27.26
N HIS F 391 -25.75 -14.69 27.27
CA HIS F 391 -26.82 -14.81 26.26
C HIS F 391 -26.51 -14.14 24.93
N VAL F 392 -25.50 -13.29 24.90
CA VAL F 392 -25.14 -12.55 23.71
C VAL F 392 -24.52 -13.45 22.67
N THR F 393 -25.11 -13.48 21.49
CA THR F 393 -24.55 -14.22 20.36
C THR F 393 -23.28 -13.56 19.87
N VAL F 394 -22.21 -14.37 19.76
CA VAL F 394 -20.92 -13.97 19.21
C VAL F 394 -20.61 -14.74 17.91
N THR F 395 -20.52 -14.03 16.80
CA THR F 395 -20.16 -14.67 15.55
C THR F 395 -18.68 -14.50 15.28
N CYS F 396 -18.13 -15.46 14.55
CA CYS F 396 -16.70 -15.48 14.33
C CYS F 396 -16.36 -15.74 12.86
N ASP F 397 -15.29 -15.14 12.37
CA ASP F 397 -14.90 -15.26 10.97
C ASP F 397 -13.83 -16.35 10.84
N ILE F 398 -13.02 -16.33 9.79
CA ILE F 398 -12.02 -17.39 9.60
C ILE F 398 -10.63 -16.79 9.50
N GLY F 399 -9.69 -17.46 10.15
CA GLY F 399 -8.32 -16.98 10.22
C GLY F 399 -7.69 -17.34 11.56
N SER F 400 -6.55 -16.74 11.87
CA SER F 400 -5.86 -17.04 13.11
C SER F 400 -6.65 -16.62 14.35
N HIS F 401 -7.23 -15.42 14.33
CA HIS F 401 -8.13 -14.97 15.40
C HIS F 401 -9.15 -16.05 15.75
N ALA F 402 -9.64 -16.74 14.73
CA ALA F 402 -10.70 -17.72 14.89
C ALA F 402 -10.22 -19.03 15.53
N ILE F 403 -8.94 -19.37 15.36
CA ILE F 403 -8.36 -20.52 16.04
C ILE F 403 -8.32 -20.26 17.55
N TRP F 404 -7.85 -19.07 17.93
CA TRP F 404 -7.83 -18.63 19.31
C TRP F 404 -9.23 -18.68 19.95
N MET F 405 -10.20 -18.08 19.27
CA MET F 405 -11.59 -18.05 19.71
C MET F 405 -12.19 -19.45 19.81
N SER F 406 -11.92 -20.29 18.82
CA SER F 406 -12.53 -21.61 18.74
C SER F 406 -12.01 -22.50 19.84
N ARG F 407 -10.80 -22.23 20.31
CA ARG F 407 -10.16 -23.09 21.28
C ARG F 407 -10.36 -22.58 22.72
N TYR F 408 -10.35 -21.26 22.88
CA TYR F 408 -10.24 -20.66 24.21
C TYR F 408 -11.39 -19.71 24.62
N PHE F 409 -12.31 -19.42 23.71
CA PHE F 409 -13.45 -18.58 24.08
C PHE F 409 -14.59 -19.43 24.59
N ARG F 410 -14.79 -19.44 25.91
CA ARG F 410 -15.84 -20.24 26.51
C ARG F 410 -17.22 -19.78 26.04
N SER F 411 -18.14 -20.74 25.85
CA SER F 411 -19.53 -20.46 25.53
C SER F 411 -20.41 -21.30 26.47
N TYR F 412 -21.52 -20.73 26.95
CA TYR F 412 -22.31 -21.44 27.94
C TYR F 412 -23.74 -21.65 27.55
N GLU F 413 -24.11 -21.14 26.39
CA GLU F 413 -25.47 -21.32 25.92
C GLU F 413 -25.47 -21.75 24.45
N PRO F 414 -26.40 -22.64 24.09
CA PRO F 414 -26.52 -23.01 22.68
C PRO F 414 -26.60 -21.77 21.81
N LEU F 415 -25.95 -21.81 20.64
CA LEU F 415 -26.10 -20.78 19.62
C LEU F 415 -25.66 -19.41 20.06
N THR F 416 -24.56 -19.33 20.81
CA THR F 416 -24.01 -18.02 21.16
C THR F 416 -22.55 -17.87 20.75
N LEU F 417 -21.96 -18.93 20.20
CA LEU F 417 -20.71 -18.81 19.46
C LEU F 417 -20.81 -19.54 18.12
N MET F 418 -20.96 -18.77 17.04
CA MET F 418 -21.15 -19.29 15.68
C MET F 418 -19.86 -19.30 14.83
N ILE F 419 -19.42 -20.50 14.46
CA ILE F 419 -18.19 -20.68 13.68
C ILE F 419 -18.46 -21.42 12.35
N SER F 420 -17.88 -20.92 11.25
CA SER F 420 -17.90 -21.62 9.97
C SER F 420 -16.87 -22.74 9.99
N ASN F 421 -17.31 -23.97 10.21
CA ASN F 421 -16.37 -25.06 10.34
C ASN F 421 -16.67 -26.23 9.40
N GLY F 422 -17.31 -25.91 8.28
CA GLY F 422 -17.36 -26.81 7.15
C GLY F 422 -16.60 -26.25 5.95
N MET F 423 -16.87 -25.01 5.61
CA MET F 423 -16.30 -24.44 4.42
C MET F 423 -15.20 -23.46 4.79
N GLN F 424 -15.18 -23.03 6.05
CA GLN F 424 -14.17 -22.09 6.53
C GLN F 424 -14.15 -20.85 5.63
N THR F 425 -15.34 -20.29 5.51
CA THR F 425 -15.66 -19.24 4.57
C THR F 425 -15.36 -17.84 5.11
N LEU F 426 -14.42 -17.15 4.48
CA LEU F 426 -14.11 -15.78 4.90
C LEU F 426 -15.31 -14.83 4.72
N GLY F 427 -15.53 -13.99 5.71
CA GLY F 427 -16.51 -12.93 5.62
C GLY F 427 -17.87 -13.25 6.18
N VAL F 428 -18.03 -14.38 6.87
CA VAL F 428 -19.36 -14.73 7.39
C VAL F 428 -19.79 -13.90 8.61
N ALA F 429 -18.81 -13.44 9.42
CA ALA F 429 -19.11 -12.93 10.76
C ALA F 429 -20.11 -11.76 10.77
N LEU F 430 -19.74 -10.65 10.13
CA LEU F 430 -20.58 -9.47 10.16
C LEU F 430 -21.99 -9.76 9.60
N PRO F 431 -22.10 -10.41 8.44
CA PRO F 431 -23.48 -10.76 8.04
C PRO F 431 -24.22 -11.77 8.95
N TRP F 432 -23.50 -12.69 9.57
CA TRP F 432 -24.11 -13.57 10.55
C TRP F 432 -24.68 -12.75 11.72
N ALA F 433 -23.88 -11.78 12.18
CA ALA F 433 -24.30 -10.92 13.26
C ALA F 433 -25.58 -10.13 12.92
N ILE F 434 -25.71 -9.68 11.67
CA ILE F 434 -26.89 -8.95 11.24
C ILE F 434 -28.15 -9.82 11.30
N GLY F 435 -28.05 -11.01 10.71
CA GLY F 435 -29.11 -11.99 10.80
C GLY F 435 -29.41 -12.34 12.24
N ALA F 436 -28.38 -12.44 13.07
CA ALA F 436 -28.59 -12.78 14.48
C ALA F 436 -29.39 -11.68 15.17
N SER F 437 -29.05 -10.44 14.88
CA SER F 437 -29.71 -9.33 15.49
C SER F 437 -31.19 -9.25 15.08
N LEU F 438 -31.52 -9.67 13.86
CA LEU F 438 -32.94 -9.72 13.42
C LEU F 438 -33.72 -10.86 14.07
N VAL F 439 -33.01 -11.93 14.42
CA VAL F 439 -33.62 -13.06 15.06
C VAL F 439 -33.87 -12.70 16.52
N LYS F 440 -32.94 -11.97 17.12
CA LYS F 440 -33.06 -11.63 18.52
C LYS F 440 -33.10 -10.12 18.71
N PRO F 441 -34.21 -9.49 18.30
CA PRO F 441 -34.30 -8.03 18.36
C PRO F 441 -34.21 -7.57 19.80
N GLY F 442 -33.55 -6.44 20.02
CA GLY F 442 -33.26 -6.00 21.37
C GLY F 442 -31.81 -6.25 21.73
N GLU F 443 -31.30 -7.45 21.45
CA GLU F 443 -29.99 -7.84 21.95
C GLU F 443 -28.82 -7.34 21.09
N LYS F 444 -27.75 -6.94 21.79
CA LYS F 444 -26.44 -6.76 21.18
C LYS F 444 -25.95 -8.06 20.51
N VAL F 445 -25.28 -7.95 19.37
CA VAL F 445 -24.61 -9.11 18.78
C VAL F 445 -23.16 -8.75 18.51
N VAL F 446 -22.25 -9.61 18.96
CA VAL F 446 -20.83 -9.41 18.79
C VAL F 446 -20.30 -10.23 17.61
N SER F 447 -19.56 -9.59 16.70
CA SER F 447 -18.91 -10.32 15.61
C SER F 447 -17.41 -10.12 15.62
N VAL F 448 -16.68 -11.20 15.36
CA VAL F 448 -15.22 -11.19 15.42
C VAL F 448 -14.55 -11.60 14.09
N SER F 449 -13.61 -10.80 13.62
CA SER F 449 -12.89 -11.18 12.40
C SER F 449 -11.46 -10.67 12.36
N GLY F 450 -10.68 -11.20 11.42
CA GLY F 450 -9.38 -10.64 11.09
C GLY F 450 -9.55 -9.48 10.11
N ASP F 451 -8.48 -8.73 9.89
CA ASP F 451 -8.56 -7.60 8.98
C ASP F 451 -8.62 -8.09 7.53
N GLY F 452 -8.19 -9.32 7.32
CA GLY F 452 -8.33 -9.94 6.02
C GLY F 452 -9.79 -10.16 5.69
N GLY F 453 -10.41 -11.07 6.45
CA GLY F 453 -11.79 -11.43 6.22
C GLY F 453 -12.79 -10.31 6.35
N PHE F 454 -12.48 -9.31 7.16
CA PHE F 454 -13.34 -8.14 7.32
C PHE F 454 -13.77 -7.52 5.97
N LEU F 455 -12.83 -7.35 5.05
CA LEU F 455 -13.15 -6.64 3.80
C LEU F 455 -13.98 -7.48 2.87
N PHE F 456 -14.00 -8.80 3.08
CA PHE F 456 -14.83 -9.68 2.27
C PHE F 456 -16.30 -9.32 2.32
N SER F 457 -16.74 -8.72 3.42
CA SER F 457 -18.17 -8.44 3.57
C SER F 457 -18.46 -7.12 4.30
N ALA F 458 -17.45 -6.25 4.39
CA ALA F 458 -17.58 -5.03 5.17
C ALA F 458 -18.60 -4.04 4.59
N MET F 459 -18.85 -4.13 3.30
CA MET F 459 -19.98 -3.50 2.62
C MET F 459 -21.28 -3.54 3.42
N GLU F 460 -21.59 -4.70 3.98
CA GLU F 460 -22.87 -4.93 4.62
C GLU F 460 -23.05 -4.10 5.89
N LEU F 461 -21.97 -3.46 6.34
CA LEU F 461 -22.08 -2.47 7.40
C LEU F 461 -23.11 -1.37 7.09
N GLU F 462 -23.37 -1.12 5.80
CA GLU F 462 -24.39 -0.14 5.44
C GLU F 462 -25.77 -0.67 5.81
N THR F 463 -25.97 -1.98 5.61
CA THR F 463 -27.24 -2.62 5.92
C THR F 463 -27.50 -2.53 7.43
N ALA F 464 -26.43 -2.70 8.21
CA ALA F 464 -26.49 -2.68 9.66
C ALA F 464 -26.88 -1.31 10.20
N VAL F 465 -26.31 -0.26 9.61
CA VAL F 465 -26.59 1.09 10.08
C VAL F 465 -28.01 1.49 9.66
N ARG F 466 -28.42 1.08 8.47
CA ARG F 466 -29.76 1.36 7.97
C ARG F 466 -30.81 0.65 8.82
N LEU F 467 -30.45 -0.50 9.37
CA LEU F 467 -31.30 -1.23 10.29
C LEU F 467 -31.10 -0.81 11.74
N LYS F 468 -30.11 0.03 12.00
CA LYS F 468 -29.65 0.36 13.36
C LYS F 468 -29.42 -0.88 14.24
N ALA F 469 -28.89 -1.94 13.65
CA ALA F 469 -28.57 -3.13 14.42
C ALA F 469 -27.46 -2.84 15.43
N PRO F 470 -27.68 -3.24 16.69
CA PRO F 470 -26.67 -3.11 17.76
C PRO F 470 -25.55 -4.14 17.60
N ILE F 471 -24.88 -4.14 16.46
CA ILE F 471 -23.76 -5.04 16.28
C ILE F 471 -22.45 -4.41 16.74
N VAL F 472 -21.58 -5.22 17.32
CA VAL F 472 -20.26 -4.79 17.76
C VAL F 472 -19.20 -5.68 17.09
N HIS F 473 -18.50 -5.15 16.08
CA HIS F 473 -17.56 -5.98 15.30
C HIS F 473 -16.10 -5.78 15.73
N ILE F 474 -15.46 -6.88 16.13
CA ILE F 474 -14.07 -6.83 16.59
C ILE F 474 -13.08 -7.25 15.49
N VAL F 475 -12.27 -6.30 15.01
CA VAL F 475 -11.22 -6.60 14.04
C VAL F 475 -9.86 -6.85 14.69
N TRP F 476 -9.39 -8.09 14.67
CA TRP F 476 -8.01 -8.39 15.04
C TRP F 476 -7.06 -7.87 13.96
N ASN F 477 -6.23 -6.90 14.29
CA ASN F 477 -5.44 -6.19 13.28
C ASN F 477 -3.93 -6.56 13.27
N ASP F 478 -3.49 -7.24 12.20
CA ASP F 478 -2.08 -7.64 12.05
C ASP F 478 -1.48 -7.40 10.65
N SER F 479 -2.33 -7.01 9.70
CA SER F 479 -1.92 -6.61 8.32
C SER F 479 -1.59 -7.77 7.35
N THR F 480 -1.80 -9.02 7.78
CA THR F 480 -1.57 -10.16 6.86
C THR F 480 -2.67 -11.24 6.89
N TYR F 481 -2.66 -12.08 5.86
CA TYR F 481 -3.44 -13.33 5.83
C TYR F 481 -2.72 -14.38 6.68
N ASP F 482 -2.80 -14.26 8.00
CA ASP F 482 -1.87 -14.97 8.87
C ASP F 482 -2.00 -16.50 8.90
N MET F 483 -3.21 -17.03 9.05
CA MET F 483 -3.40 -18.48 9.15
C MET F 483 -2.78 -19.20 7.94
N VAL F 484 -2.87 -18.59 6.77
CA VAL F 484 -2.13 -19.07 5.59
C VAL F 484 -0.62 -19.00 5.80
N ALA F 485 -0.16 -17.86 6.30
CA ALA F 485 1.26 -17.53 6.35
C ALA F 485 2.08 -18.43 7.29
N PHE F 486 1.63 -18.64 8.52
CA PHE F 486 2.42 -19.48 9.44
C PHE F 486 2.33 -20.95 9.03
N GLN F 487 1.26 -21.30 8.31
CA GLN F 487 1.19 -22.64 7.72
C GLN F 487 2.14 -22.79 6.51
N GLN F 488 2.37 -21.71 5.75
CA GLN F 488 3.39 -21.68 4.71
C GLN F 488 4.79 -21.75 5.30
N LEU F 489 5.00 -21.01 6.40
CA LEU F 489 6.28 -21.02 7.12
C LEU F 489 6.63 -22.41 7.66
N LYS F 490 5.65 -23.14 8.19
CA LYS F 490 5.95 -24.43 8.78
C LYS F 490 6.15 -25.48 7.65
N LYS F 491 5.55 -25.24 6.49
CA LYS F 491 5.66 -26.14 5.34
C LYS F 491 6.89 -25.88 4.45
N TYR F 492 7.12 -24.61 4.11
CA TYR F 492 8.06 -24.24 3.06
C TYR F 492 9.13 -23.26 3.54
N ASN F 493 9.03 -22.90 4.81
CA ASN F 493 9.93 -21.93 5.45
C ASN F 493 9.89 -20.55 4.80
N ARG F 494 8.75 -20.21 4.18
CA ARG F 494 8.58 -18.90 3.52
C ARG F 494 7.11 -18.60 3.20
N THR F 495 6.72 -17.33 3.29
CA THR F 495 5.34 -16.95 3.00
C THR F 495 5.17 -16.54 1.53
N SER F 496 3.92 -16.61 1.07
CA SER F 496 3.59 -16.18 -0.29
C SER F 496 2.18 -15.59 -0.36
N ALA F 497 2.08 -14.40 -0.94
CA ALA F 497 0.80 -13.70 -1.16
C ALA F 497 -0.07 -13.47 0.09
N VAL F 498 0.56 -13.18 1.22
CA VAL F 498 -0.21 -13.02 2.46
C VAL F 498 -0.21 -11.59 3.01
N ASP F 499 0.40 -10.67 2.29
CA ASP F 499 0.55 -9.29 2.77
C ASP F 499 -0.33 -8.30 2.02
N PHE F 500 -1.09 -7.51 2.78
CA PHE F 500 -1.81 -6.41 2.17
C PHE F 500 -1.61 -5.17 3.02
N GLY F 501 -2.18 -4.06 2.57
CA GLY F 501 -2.08 -2.81 3.29
C GLY F 501 -3.12 -2.65 4.37
N ASN F 502 -2.80 -1.82 5.37
CA ASN F 502 -3.71 -1.49 6.44
C ASN F 502 -4.61 -0.33 6.00
N ILE F 503 -5.89 -0.38 6.36
CA ILE F 503 -6.77 0.78 6.21
C ILE F 503 -7.13 1.30 7.59
N ASP F 504 -7.64 2.52 7.65
CA ASP F 504 -8.10 3.09 8.92
C ASP F 504 -9.51 2.61 9.23
N ILE F 505 -9.58 1.58 10.06
CA ILE F 505 -10.83 0.93 10.45
C ILE F 505 -11.83 1.90 11.08
N VAL F 506 -11.33 2.78 11.95
CA VAL F 506 -12.17 3.81 12.55
C VAL F 506 -12.82 4.71 11.51
N LYS F 507 -12.03 5.32 10.62
CA LYS F 507 -12.57 6.23 9.60
C LYS F 507 -13.49 5.47 8.66
N TYR F 508 -13.12 4.22 8.36
CA TYR F 508 -13.99 3.34 7.60
C TYR F 508 -15.40 3.29 8.23
N ALA F 509 -15.46 2.89 9.50
CA ALA F 509 -16.73 2.82 10.23
C ALA F 509 -17.48 4.14 10.16
N GLU F 510 -16.77 5.24 10.37
CA GLU F 510 -17.40 6.56 10.36
C GLU F 510 -17.99 6.94 8.99
N SER F 511 -17.35 6.51 7.91
CA SER F 511 -17.89 6.83 6.58
C SER F 511 -19.21 6.09 6.30
N PHE F 512 -19.52 5.06 7.08
CA PHE F 512 -20.84 4.38 6.93
C PHE F 512 -21.94 4.93 7.85
N GLY F 513 -21.58 5.84 8.76
CA GLY F 513 -22.50 6.27 9.81
C GLY F 513 -22.38 5.39 11.05
N ALA F 514 -21.44 4.46 11.06
CA ALA F 514 -21.21 3.65 12.22
C ALA F 514 -20.29 4.36 13.20
N THR F 515 -20.02 3.72 14.33
CA THR F 515 -19.09 4.26 15.30
C THR F 515 -17.77 3.51 15.22
N GLY F 516 -16.66 4.23 15.26
CA GLY F 516 -15.34 3.62 15.24
C GLY F 516 -14.63 3.79 16.54
N LEU F 517 -14.00 2.72 17.02
CA LEU F 517 -13.21 2.75 18.26
C LEU F 517 -11.88 2.07 18.00
N ARG F 518 -10.88 2.40 18.79
CA ARG F 518 -9.56 1.78 18.62
C ARG F 518 -8.90 1.52 19.96
N VAL F 519 -8.30 0.35 20.10
CA VAL F 519 -7.43 0.05 21.24
C VAL F 519 -6.03 0.59 20.95
N GLU F 520 -5.72 1.75 21.48
CA GLU F 520 -4.43 2.38 21.18
C GLU F 520 -3.29 1.79 22.01
N SER F 521 -3.64 1.09 23.09
CA SER F 521 -2.66 0.36 23.87
C SER F 521 -3.34 -0.74 24.67
N PRO F 522 -2.66 -1.86 24.87
CA PRO F 522 -3.30 -3.05 25.42
C PRO F 522 -4.02 -2.81 26.76
N ASP F 523 -3.60 -1.79 27.50
CA ASP F 523 -4.24 -1.50 28.79
C ASP F 523 -5.65 -0.93 28.60
N GLN F 524 -5.95 -0.46 27.40
CA GLN F 524 -7.26 0.10 27.11
C GLN F 524 -8.31 -0.95 26.69
N LEU F 525 -7.90 -2.20 26.52
CA LEU F 525 -8.75 -3.20 25.88
C LEU F 525 -10.11 -3.32 26.54
N ALA F 526 -10.12 -3.64 27.83
CA ALA F 526 -11.36 -3.80 28.58
C ALA F 526 -12.27 -2.58 28.44
N ASP F 527 -11.68 -1.40 28.56
CA ASP F 527 -12.45 -0.16 28.50
C ASP F 527 -13.11 0.07 27.16
N VAL F 528 -12.33 -0.15 26.11
CA VAL F 528 -12.79 0.09 24.75
C VAL F 528 -13.88 -0.93 24.40
N LEU F 529 -13.71 -2.17 24.84
CA LEU F 529 -14.73 -3.19 24.61
C LEU F 529 -16.06 -2.78 25.24
N ARG F 530 -16.03 -2.39 26.51
CA ARG F 530 -17.26 -2.00 27.19
C ARG F 530 -17.85 -0.78 26.52
N GLN F 531 -16.96 0.07 26.05
CA GLN F 531 -17.40 1.25 25.36
C GLN F 531 -18.15 0.85 24.08
N GLY F 532 -17.70 -0.23 23.46
CA GLY F 532 -18.39 -0.75 22.30
C GLY F 532 -19.74 -1.33 22.65
N MET F 533 -19.79 -2.04 23.76
CA MET F 533 -21.02 -2.68 24.17
C MET F 533 -22.10 -1.67 24.54
N ASN F 534 -21.68 -0.48 24.96
CA ASN F 534 -22.61 0.56 25.40
C ASN F 534 -23.10 1.50 24.32
N ALA F 535 -22.63 1.27 23.09
CA ALA F 535 -22.88 2.21 22.01
C ALA F 535 -24.22 2.00 21.34
N GLU F 536 -24.70 3.04 20.69
CA GLU F 536 -25.93 2.95 19.90
C GLU F 536 -25.62 2.81 18.40
N GLY F 537 -26.24 1.81 17.75
CA GLY F 537 -25.96 1.51 16.36
C GLY F 537 -24.71 0.66 16.18
N PRO F 538 -24.41 0.27 14.94
CA PRO F 538 -23.21 -0.54 14.70
C PRO F 538 -21.91 0.14 15.15
N VAL F 539 -21.02 -0.66 15.72
CA VAL F 539 -19.69 -0.24 16.11
C VAL F 539 -18.64 -1.14 15.46
N ILE F 540 -17.52 -0.55 15.04
CA ILE F 540 -16.35 -1.32 14.66
C ILE F 540 -15.19 -1.02 15.60
N ILE F 541 -14.58 -2.06 16.15
CA ILE F 541 -13.47 -1.90 17.07
C ILE F 541 -12.17 -2.44 16.48
N ASP F 542 -11.17 -1.59 16.47
CA ASP F 542 -9.87 -1.92 15.93
C ASP F 542 -8.98 -2.39 17.07
N VAL F 543 -8.55 -3.65 17.01
CA VAL F 543 -7.69 -4.16 18.06
C VAL F 543 -6.36 -4.64 17.49
N PRO F 544 -5.27 -3.88 17.76
CA PRO F 544 -3.92 -4.30 17.39
C PRO F 544 -3.54 -5.60 18.13
N VAL F 545 -2.90 -6.55 17.45
CA VAL F 545 -2.64 -7.84 18.07
C VAL F 545 -1.24 -8.37 17.72
N ASP F 546 -0.59 -9.05 18.66
CA ASP F 546 0.71 -9.67 18.43
C ASP F 546 0.54 -11.15 18.10
N TYR F 547 0.87 -11.50 16.85
CA TYR F 547 0.65 -12.85 16.33
C TYR F 547 1.91 -13.72 16.32
N SER F 548 2.93 -13.31 17.05
CA SER F 548 4.20 -14.03 17.05
C SER F 548 4.13 -15.35 17.81
N ASP F 549 3.02 -15.59 18.50
CA ASP F 549 2.85 -16.85 19.21
C ASP F 549 2.07 -17.85 18.35
N ASN F 550 1.56 -17.38 17.22
CA ASN F 550 0.61 -18.16 16.45
C ASN F 550 1.13 -19.48 15.89
N ILE F 551 2.44 -19.54 15.64
CA ILE F 551 3.02 -20.74 15.05
C ILE F 551 2.94 -21.90 16.06
N ASN F 552 2.85 -21.57 17.35
CA ASN F 552 2.68 -22.59 18.37
C ASN F 552 1.34 -23.31 18.29
N LEU F 553 0.38 -22.70 17.60
CA LEU F 553 -0.93 -23.30 17.43
C LEU F 553 -0.86 -24.64 16.68
N ALA F 554 0.27 -24.89 16.01
CA ALA F 554 0.42 -26.11 15.21
C ALA F 554 1.50 -27.04 15.76
N SER F 555 2.08 -26.67 16.90
CA SER F 555 3.20 -27.42 17.48
C SER F 555 2.81 -28.79 18.01
N ASP F 556 3.74 -29.73 17.90
CA ASP F 556 3.52 -31.08 18.43
C ASP F 556 4.00 -31.24 19.86
N LYS F 557 4.33 -30.12 20.51
CA LYS F 557 4.92 -30.14 21.85
C LYS F 557 4.11 -30.95 22.86
N LEU F 558 2.80 -30.66 22.99
CA LEU F 558 1.95 -31.35 23.96
C LEU F 558 1.81 -32.86 23.68
N PRO F 559 1.62 -33.26 22.40
CA PRO F 559 1.59 -34.72 22.18
C PRO F 559 2.90 -35.42 22.56
N LYS F 560 4.03 -34.77 22.33
CA LYS F 560 5.31 -35.40 22.63
C LYS F 560 5.55 -35.43 24.15
N GLU F 561 5.20 -34.35 24.84
CA GLU F 561 5.29 -34.33 26.31
C GLU F 561 4.30 -35.24 27.00
N PHE F 562 3.19 -35.58 26.36
CA PHE F 562 2.23 -36.45 27.03
C PHE F 562 2.61 -37.90 26.82
N GLY F 563 3.25 -38.20 25.69
CA GLY F 563 3.85 -39.50 25.45
C GLY F 563 4.94 -39.80 26.45
N GLU F 564 5.93 -38.91 26.45
CA GLU F 564 6.84 -38.68 27.59
C GLU F 564 6.32 -39.26 28.92
N LEU F 565 5.15 -38.78 29.37
CA LEU F 565 4.58 -39.14 30.67
C LEU F 565 3.97 -40.55 30.72
N MET F 566 3.37 -40.98 29.61
CA MET F 566 2.77 -42.30 29.51
C MET F 566 3.85 -43.35 29.26
N ASN G 15 -72.87 -27.39 33.90
CA ASN G 15 -73.40 -26.04 34.03
C ASN G 15 -73.46 -25.53 35.48
N ARG G 16 -72.45 -25.82 36.28
CA ARG G 16 -72.43 -25.28 37.64
C ARG G 16 -71.59 -24.01 37.70
N GLY G 17 -71.79 -23.25 38.77
CA GLY G 17 -70.93 -22.13 39.11
C GLY G 17 -69.46 -22.51 39.01
N ALA G 18 -69.12 -23.71 39.48
CA ALA G 18 -67.75 -24.20 39.39
C ALA G 18 -67.24 -24.21 37.95
N GLU G 19 -68.11 -24.54 37.01
CA GLU G 19 -67.73 -24.57 35.59
C GLU G 19 -67.41 -23.16 35.09
N LEU G 20 -68.09 -22.16 35.66
CA LEU G 20 -67.82 -20.77 35.32
C LEU G 20 -66.42 -20.38 35.79
N VAL G 21 -66.05 -20.85 36.98
CA VAL G 21 -64.74 -20.51 37.51
C VAL G 21 -63.68 -21.05 36.59
N VAL G 22 -63.85 -22.30 36.19
CA VAL G 22 -62.84 -22.97 35.34
C VAL G 22 -62.72 -22.32 33.95
N ASP G 23 -63.86 -21.93 33.36
CA ASP G 23 -63.85 -21.20 32.08
C ASP G 23 -63.04 -19.90 32.12
N CYS G 24 -63.25 -19.11 33.17
CA CYS G 24 -62.45 -17.90 33.39
C CYS G 24 -60.96 -18.23 33.39
N LEU G 25 -60.59 -19.29 34.10
CA LEU G 25 -59.20 -19.70 34.15
C LEU G 25 -58.68 -20.06 32.76
N VAL G 26 -59.48 -20.78 31.99
CA VAL G 26 -59.07 -21.15 30.66
C VAL G 26 -58.94 -19.89 29.82
N GLU G 27 -59.93 -19.00 29.89
CA GLU G 27 -59.89 -17.72 29.17
C GLU G 27 -58.68 -16.87 29.57
N GLN G 28 -58.32 -16.84 30.85
CA GLN G 28 -57.16 -16.10 31.31
C GLN G 28 -55.84 -16.71 30.83
N GLY G 29 -55.90 -17.91 30.29
CA GLY G 29 -54.68 -18.59 29.89
C GLY G 29 -53.84 -19.11 31.03
N VAL G 30 -54.48 -19.52 32.13
CA VAL G 30 -53.78 -20.02 33.31
C VAL G 30 -53.36 -21.48 33.09
N THR G 31 -52.09 -21.80 33.31
CA THR G 31 -51.58 -23.17 33.05
C THR G 31 -51.45 -24.02 34.31
N HIS G 32 -51.13 -23.38 35.42
CA HIS G 32 -51.01 -24.10 36.69
C HIS G 32 -51.88 -23.47 37.77
N VAL G 33 -52.60 -24.30 38.50
CA VAL G 33 -53.32 -23.85 39.69
C VAL G 33 -52.74 -24.57 40.92
N PHE G 34 -52.37 -23.79 41.92
CA PHE G 34 -51.78 -24.34 43.14
C PHE G 34 -52.82 -24.42 44.23
N GLY G 35 -52.95 -25.58 44.87
CA GLY G 35 -53.94 -25.68 45.93
C GLY G 35 -54.08 -26.95 46.75
N ILE G 36 -55.08 -26.94 47.62
CA ILE G 36 -55.40 -28.05 48.51
C ILE G 36 -56.93 -28.19 48.59
N PRO G 37 -57.49 -29.35 48.22
CA PRO G 37 -58.95 -29.50 48.21
C PRO G 37 -59.60 -29.52 49.59
N GLY G 38 -60.91 -29.31 49.59
CA GLY G 38 -61.70 -29.38 50.81
C GLY G 38 -63.15 -29.41 50.39
N ALA G 39 -64.04 -29.75 51.31
CA ALA G 39 -65.45 -29.94 50.98
C ALA G 39 -66.13 -28.70 50.40
N LYS G 40 -65.83 -27.53 50.94
CA LYS G 40 -66.54 -26.30 50.54
C LYS G 40 -66.19 -25.86 49.12
N ILE G 41 -64.97 -26.14 48.68
CA ILE G 41 -64.47 -25.69 47.38
C ILE G 41 -64.44 -26.81 46.32
N ASP G 42 -64.83 -28.04 46.69
CA ASP G 42 -64.50 -29.20 45.85
C ASP G 42 -65.25 -29.33 44.53
N ALA G 43 -66.39 -28.64 44.38
CA ALA G 43 -67.06 -28.64 43.07
C ALA G 43 -66.10 -28.08 42.01
N VAL G 44 -65.32 -27.08 42.40
CA VAL G 44 -64.33 -26.49 41.50
C VAL G 44 -63.19 -27.45 41.18
N PHE G 45 -62.74 -28.21 42.18
CA PHE G 45 -61.70 -29.21 41.98
C PHE G 45 -62.21 -30.30 41.04
N ASP G 46 -63.44 -30.70 41.27
CA ASP G 46 -64.13 -31.63 40.40
C ASP G 46 -64.11 -31.13 38.94
N ALA G 47 -64.56 -29.90 38.75
CA ALA G 47 -64.63 -29.31 37.40
C ALA G 47 -63.25 -29.13 36.74
N LEU G 48 -62.16 -29.21 37.51
CA LEU G 48 -60.82 -29.18 36.93
C LEU G 48 -60.36 -30.55 36.46
N GLN G 49 -61.15 -31.58 36.74
CA GLN G 49 -60.90 -32.92 36.22
C GLN G 49 -61.36 -33.02 34.76
N ASP G 50 -62.33 -32.20 34.38
CA ASP G 50 -62.84 -32.20 33.00
C ASP G 50 -61.97 -31.36 32.04
N LYS G 51 -61.50 -30.22 32.52
CA LYS G 51 -60.69 -29.32 31.71
C LYS G 51 -59.99 -28.33 32.60
N GLY G 52 -59.24 -27.43 31.98
CA GLY G 52 -58.61 -26.36 32.73
C GLY G 52 -57.14 -26.62 33.01
N PRO G 53 -56.52 -25.72 33.77
CA PRO G 53 -55.08 -25.84 34.08
C PRO G 53 -54.74 -27.09 34.90
N GLU G 54 -53.46 -27.47 34.86
CA GLU G 54 -52.94 -28.55 35.66
C GLU G 54 -52.99 -28.19 37.16
N ILE G 55 -53.49 -29.08 38.00
CA ILE G 55 -53.48 -28.84 39.46
C ILE G 55 -52.20 -29.28 40.17
N ILE G 56 -51.52 -28.34 40.83
CA ILE G 56 -50.34 -28.63 41.63
C ILE G 56 -50.73 -28.68 43.12
N VAL G 57 -50.68 -29.88 43.70
CA VAL G 57 -51.10 -30.10 45.08
C VAL G 57 -49.99 -29.78 46.06
N ALA G 58 -50.27 -28.88 47.01
CA ALA G 58 -49.28 -28.42 47.96
C ALA G 58 -49.45 -29.09 49.32
N ARG G 59 -48.44 -28.95 50.17
CA ARG G 59 -48.47 -29.51 51.51
C ARG G 59 -48.84 -28.47 52.54
N HIS G 60 -49.14 -27.26 52.10
CA HIS G 60 -49.57 -26.17 52.97
C HIS G 60 -50.00 -25.02 52.08
N GLU G 61 -51.14 -24.39 52.40
CA GLU G 61 -51.66 -23.28 51.59
C GLU G 61 -50.71 -22.07 51.56
N GLN G 62 -49.94 -21.90 52.62
CA GLN G 62 -48.91 -20.88 52.66
C GLN G 62 -48.06 -20.94 51.41
N ASN G 63 -47.60 -22.14 51.11
CA ASN G 63 -46.71 -22.36 50.02
C ASN G 63 -47.39 -22.41 48.66
N ALA G 64 -48.62 -22.89 48.63
CA ALA G 64 -49.46 -22.73 47.46
C ALA G 64 -49.45 -21.24 47.05
N ALA G 65 -49.57 -20.35 48.03
CA ALA G 65 -49.59 -18.92 47.77
C ALA G 65 -48.21 -18.41 47.34
N PHE G 66 -47.16 -18.85 48.02
CA PHE G 66 -45.79 -18.52 47.64
C PHE G 66 -45.49 -18.95 46.18
N MET G 67 -45.87 -20.18 45.84
CA MET G 67 -45.69 -20.68 44.49
C MET G 67 -46.42 -19.80 43.50
N ALA G 68 -47.65 -19.44 43.83
CA ALA G 68 -48.44 -18.58 42.95
C ALA G 68 -47.77 -17.23 42.81
N GLN G 69 -47.15 -16.76 43.89
CA GLN G 69 -46.52 -15.47 43.87
C GLN G 69 -45.36 -15.47 42.89
N ALA G 70 -44.57 -16.53 42.94
CA ALA G 70 -43.40 -16.67 42.09
C ALA G 70 -43.81 -16.72 40.63
N VAL G 71 -44.86 -17.48 40.35
CA VAL G 71 -45.36 -17.59 38.98
C VAL G 71 -45.73 -16.20 38.47
N GLY G 72 -46.41 -15.44 39.32
CA GLY G 72 -46.83 -14.08 39.01
C GLY G 72 -45.69 -13.10 38.80
N ARG G 73 -44.65 -13.20 39.62
CA ARG G 73 -43.46 -12.39 39.40
C ARG G 73 -42.73 -12.73 38.09
N LEU G 74 -42.71 -14.01 37.75
CA LEU G 74 -41.93 -14.51 36.62
C LEU G 74 -42.61 -14.39 35.25
N THR G 75 -43.91 -14.13 35.22
CA THR G 75 -44.63 -14.22 33.96
C THR G 75 -45.45 -12.98 33.69
N GLY G 76 -45.64 -12.16 34.72
CA GLY G 76 -46.55 -11.04 34.61
C GLY G 76 -48.02 -11.42 34.49
N LYS G 77 -48.35 -12.70 34.55
CA LYS G 77 -49.75 -13.13 34.61
C LYS G 77 -50.01 -13.64 36.01
N PRO G 78 -51.17 -13.30 36.58
CA PRO G 78 -51.49 -13.64 37.98
C PRO G 78 -51.32 -15.12 38.29
N GLY G 79 -50.49 -15.44 39.27
CA GLY G 79 -50.46 -16.80 39.80
C GLY G 79 -51.80 -17.12 40.48
N VAL G 80 -52.26 -18.36 40.33
CA VAL G 80 -53.56 -18.74 40.82
C VAL G 80 -53.44 -19.78 41.92
N VAL G 81 -54.09 -19.51 43.06
CA VAL G 81 -54.10 -20.45 44.17
C VAL G 81 -55.58 -20.74 44.54
N LEU G 82 -55.87 -21.98 44.96
CA LEU G 82 -57.24 -22.44 45.15
C LEU G 82 -57.33 -23.28 46.44
N VAL G 83 -58.20 -22.89 47.36
CA VAL G 83 -58.26 -23.48 48.70
C VAL G 83 -59.70 -23.51 49.20
N THR G 84 -59.94 -24.26 50.27
CA THR G 84 -61.31 -24.40 50.83
C THR G 84 -61.64 -23.34 51.90
N SER G 85 -62.79 -23.48 52.54
CA SER G 85 -63.22 -22.54 53.60
C SER G 85 -62.35 -22.57 54.84
N GLY G 86 -62.63 -21.67 55.76
CA GLY G 86 -62.02 -21.67 57.07
C GLY G 86 -60.51 -21.68 57.10
N PRO G 87 -59.91 -22.70 57.72
CA PRO G 87 -58.46 -22.69 57.86
C PRO G 87 -57.70 -22.73 56.51
N GLY G 88 -58.32 -23.23 55.43
CA GLY G 88 -57.72 -23.22 54.10
C GLY G 88 -57.55 -21.81 53.53
N ALA G 89 -58.60 -21.00 53.64
CA ALA G 89 -58.50 -19.58 53.32
C ALA G 89 -57.55 -18.84 54.27
N SER G 90 -57.68 -19.07 55.58
CA SER G 90 -56.92 -18.28 56.56
C SER G 90 -55.43 -18.56 56.45
N ASN G 91 -55.06 -19.77 56.05
CA ASN G 91 -53.66 -20.09 55.80
C ASN G 91 -53.03 -19.28 54.64
N LEU G 92 -53.81 -18.48 53.92
CA LEU G 92 -53.29 -17.69 52.80
C LEU G 92 -52.79 -16.28 53.18
N ALA G 93 -53.07 -15.85 54.41
CA ALA G 93 -52.86 -14.46 54.81
C ALA G 93 -51.45 -13.94 54.51
N THR G 94 -50.45 -14.60 55.07
CA THR G 94 -49.06 -14.21 54.89
C THR G 94 -48.64 -14.21 53.42
N GLY G 95 -49.05 -15.25 52.70
CA GLY G 95 -48.75 -15.39 51.28
C GLY G 95 -49.24 -14.22 50.45
N LEU G 96 -50.52 -13.89 50.59
CA LEU G 96 -51.09 -12.78 49.85
C LEU G 96 -50.49 -11.44 50.27
N LEU G 97 -50.20 -11.30 51.57
CA LEU G 97 -49.65 -10.06 52.10
C LEU G 97 -48.29 -9.82 51.49
N THR G 98 -47.48 -10.88 51.46
CA THR G 98 -46.18 -10.82 50.82
C THR G 98 -46.28 -10.39 49.35
N ALA G 99 -47.15 -11.05 48.60
CA ALA G 99 -47.32 -10.72 47.18
C ALA G 99 -47.89 -9.31 47.01
N ASN G 100 -48.85 -8.94 47.85
CA ASN G 100 -49.52 -7.66 47.72
C ASN G 100 -48.59 -6.50 47.97
N THR G 101 -47.52 -6.73 48.70
CA THR G 101 -46.62 -5.64 49.05
C THR G 101 -45.29 -5.69 48.28
N GLU G 102 -45.15 -6.66 47.38
CA GLU G 102 -43.88 -6.79 46.63
C GLU G 102 -44.06 -6.72 45.12
N GLY G 103 -45.24 -6.30 44.67
CA GLY G 103 -45.50 -6.10 43.25
C GLY G 103 -45.89 -7.32 42.42
N ASP G 104 -46.33 -8.39 43.08
CA ASP G 104 -46.60 -9.65 42.39
C ASP G 104 -48.07 -9.90 42.19
N PRO G 105 -48.49 -10.12 40.93
CA PRO G 105 -49.90 -10.36 40.63
C PRO G 105 -50.31 -11.78 41.01
N VAL G 106 -51.31 -11.89 41.88
CA VAL G 106 -51.77 -13.17 42.41
C VAL G 106 -53.28 -13.16 42.55
N VAL G 107 -53.93 -14.20 42.05
CA VAL G 107 -55.38 -14.36 42.25
C VAL G 107 -55.67 -15.58 43.12
N ALA G 108 -56.40 -15.34 44.20
CA ALA G 108 -56.69 -16.40 45.17
C ALA G 108 -58.17 -16.74 45.18
N LEU G 109 -58.49 -18.04 45.10
CA LEU G 109 -59.89 -18.46 45.11
C LEU G 109 -60.22 -19.38 46.30
N ALA G 110 -61.23 -19.02 47.08
CA ALA G 110 -61.51 -19.74 48.33
C ALA G 110 -62.98 -20.08 48.51
N GLY G 111 -63.26 -21.21 49.15
CA GLY G 111 -64.64 -21.56 49.49
C GLY G 111 -65.15 -20.94 50.78
N ASN G 112 -66.47 -20.89 50.93
CA ASN G 112 -67.08 -20.51 52.19
C ASN G 112 -68.31 -21.35 52.42
N VAL G 113 -68.88 -21.33 53.63
CA VAL G 113 -70.09 -22.06 53.92
C VAL G 113 -71.24 -21.52 53.09
N ILE G 114 -72.37 -22.24 53.10
CA ILE G 114 -73.49 -21.86 52.26
C ILE G 114 -74.06 -20.54 52.73
N ARG G 115 -74.60 -19.78 51.77
CA ARG G 115 -75.14 -18.45 52.02
C ARG G 115 -76.08 -18.41 53.19
N ALA G 116 -76.88 -19.48 53.32
CA ALA G 116 -77.91 -19.53 54.34
C ALA G 116 -77.30 -19.67 55.74
N ASP G 117 -76.07 -20.18 55.81
CA ASP G 117 -75.41 -20.41 57.10
C ASP G 117 -74.27 -19.43 57.34
N ARG G 118 -74.14 -18.44 56.46
CA ARG G 118 -72.99 -17.52 56.50
C ARG G 118 -72.82 -16.78 57.85
N LEU G 119 -73.90 -16.59 58.60
CA LEU G 119 -73.84 -15.89 59.89
C LEU G 119 -73.72 -16.82 61.09
N LYS G 120 -73.65 -18.14 60.88
CA LYS G 120 -73.72 -19.08 62.00
C LYS G 120 -72.39 -19.58 62.52
N ARG G 121 -72.38 -20.11 63.74
CA ARG G 121 -71.22 -20.87 64.20
C ARG G 121 -71.32 -22.26 63.58
N THR G 122 -70.55 -22.47 62.52
CA THR G 122 -70.63 -23.70 61.75
C THR G 122 -69.22 -24.00 61.23
N HIS G 123 -68.92 -25.26 60.97
CA HIS G 123 -67.56 -25.63 60.51
C HIS G 123 -66.99 -24.73 59.40
N GLN G 124 -65.78 -24.25 59.68
CA GLN G 124 -64.98 -23.47 58.74
C GLN G 124 -65.66 -22.16 58.26
N SER G 125 -66.60 -21.66 59.07
CA SER G 125 -67.27 -20.39 58.79
C SER G 125 -66.34 -19.25 59.16
N LEU G 126 -66.37 -18.18 58.39
CA LEU G 126 -65.41 -17.09 58.54
C LEU G 126 -65.78 -16.00 57.54
N ASP G 127 -65.82 -14.74 57.99
CA ASP G 127 -66.03 -13.65 57.06
C ASP G 127 -64.77 -13.48 56.22
N ASN G 128 -64.68 -14.26 55.14
CA ASN G 128 -63.51 -14.31 54.27
C ASN G 128 -63.06 -12.96 53.74
N ALA G 129 -64.00 -12.19 53.23
CA ALA G 129 -63.69 -10.96 52.54
C ALA G 129 -63.09 -9.97 53.51
N ALA G 130 -63.70 -9.85 54.68
CA ALA G 130 -63.21 -8.93 55.69
C ALA G 130 -61.77 -9.25 56.04
N LEU G 131 -61.46 -10.54 56.20
CA LEU G 131 -60.11 -10.94 56.57
C LEU G 131 -59.07 -10.52 55.51
N PHE G 132 -59.40 -10.58 54.22
CA PHE G 132 -58.37 -10.27 53.21
C PHE G 132 -58.39 -8.81 52.77
N GLN G 133 -59.38 -8.08 53.23
CA GLN G 133 -59.50 -6.66 52.92
C GLN G 133 -58.21 -5.86 53.24
N PRO G 134 -57.69 -5.94 54.47
CA PRO G 134 -56.51 -5.11 54.77
C PRO G 134 -55.21 -5.57 54.10
N ILE G 135 -55.22 -6.68 53.39
CA ILE G 135 -53.94 -7.17 52.87
C ILE G 135 -53.96 -7.55 51.39
N THR G 136 -54.90 -7.02 50.63
CA THR G 136 -55.03 -7.31 49.20
C THR G 136 -55.50 -6.03 48.50
N LYS G 137 -55.38 -5.95 47.17
CA LYS G 137 -55.96 -4.83 46.42
C LYS G 137 -57.47 -5.01 46.21
N TYR G 138 -57.97 -6.22 46.44
CA TYR G 138 -59.32 -6.57 46.02
C TYR G 138 -59.74 -7.84 46.73
N SER G 139 -60.83 -7.75 47.48
CA SER G 139 -61.26 -8.84 48.33
C SER G 139 -62.79 -8.91 48.39
N VAL G 140 -63.36 -9.91 47.71
CA VAL G 140 -64.80 -9.98 47.54
C VAL G 140 -65.38 -11.38 47.77
N GLU G 141 -66.68 -11.43 48.00
CA GLU G 141 -67.38 -12.71 48.07
C GLU G 141 -68.57 -12.62 47.12
N VAL G 142 -68.67 -13.59 46.21
CA VAL G 142 -69.78 -13.64 45.25
C VAL G 142 -71.03 -14.24 45.91
N GLN G 143 -72.17 -13.58 45.77
CA GLN G 143 -73.37 -14.03 46.45
C GLN G 143 -74.47 -14.42 45.48
N ASP G 144 -74.12 -14.52 44.20
CA ASP G 144 -75.06 -14.94 43.15
C ASP G 144 -74.24 -15.55 42.04
N VAL G 145 -74.61 -16.75 41.62
CA VAL G 145 -73.86 -17.49 40.60
C VAL G 145 -73.69 -16.72 39.26
N LYS G 146 -74.63 -15.82 38.94
CA LYS G 146 -74.54 -15.02 37.72
C LYS G 146 -73.29 -14.15 37.68
N ASN G 147 -72.81 -13.78 38.86
CA ASN G 147 -71.77 -12.79 39.03
C ASN G 147 -70.36 -13.37 38.95
N ILE G 148 -70.25 -14.69 39.02
CA ILE G 148 -68.93 -15.32 39.05
C ILE G 148 -67.98 -14.86 37.93
N PRO G 149 -68.43 -14.85 36.66
CA PRO G 149 -67.42 -14.55 35.63
C PRO G 149 -66.96 -13.07 35.67
N GLU G 150 -67.88 -12.18 36.05
CA GLU G 150 -67.56 -10.78 36.31
C GLU G 150 -66.54 -10.62 37.43
N ALA G 151 -66.81 -11.24 38.57
CA ALA G 151 -65.93 -11.05 39.73
C ALA G 151 -64.53 -11.63 39.48
N VAL G 152 -64.46 -12.76 38.79
CA VAL G 152 -63.15 -13.37 38.55
C VAL G 152 -62.31 -12.55 37.56
N THR G 153 -62.94 -12.09 36.49
CA THR G 153 -62.29 -11.27 35.47
C THR G 153 -61.76 -9.96 36.05
N ASN G 154 -62.58 -9.30 36.87
CA ASN G 154 -62.15 -8.05 37.47
C ASN G 154 -60.98 -8.31 38.43
N ALA G 155 -60.96 -9.48 39.02
CA ALA G 155 -59.90 -9.82 39.96
C ALA G 155 -58.56 -9.99 39.23
N PHE G 156 -58.61 -10.64 38.08
CA PHE G 156 -57.41 -10.79 37.28
C PHE G 156 -56.89 -9.43 36.83
N ARG G 157 -57.79 -8.54 36.43
CA ARG G 157 -57.37 -7.21 35.95
C ARG G 157 -56.73 -6.39 37.07
N ILE G 158 -57.43 -6.27 38.19
CA ILE G 158 -56.92 -5.53 39.36
C ILE G 158 -55.63 -6.15 39.92
N ALA G 159 -55.51 -7.47 39.89
CA ALA G 159 -54.23 -8.05 40.29
C ALA G 159 -53.10 -7.55 39.37
N SER G 160 -53.43 -7.30 38.11
CA SER G 160 -52.43 -7.02 37.09
C SER G 160 -52.11 -5.53 36.96
N ALA G 161 -53.12 -4.68 37.16
CA ALA G 161 -52.98 -3.24 36.88
C ALA G 161 -52.04 -2.62 37.91
N GLY G 162 -51.22 -1.67 37.46
CA GLY G 162 -50.13 -1.13 38.27
C GLY G 162 -50.77 -0.40 39.43
N GLN G 163 -50.19 -0.50 40.63
CA GLN G 163 -49.09 -1.41 40.93
C GLN G 163 -49.65 -2.82 41.14
N ALA G 164 -48.96 -3.85 40.63
CA ALA G 164 -49.52 -5.20 40.67
C ALA G 164 -49.59 -5.69 42.11
N GLY G 165 -50.55 -6.58 42.39
CA GLY G 165 -50.67 -7.17 43.72
C GLY G 165 -51.69 -8.29 43.80
N ALA G 166 -52.25 -8.49 45.00
CA ALA G 166 -53.11 -9.64 45.30
C ALA G 166 -54.60 -9.34 45.16
N ALA G 167 -55.33 -10.29 44.58
CA ALA G 167 -56.79 -10.25 44.53
C ALA G 167 -57.38 -11.50 45.15
N PHE G 168 -58.43 -11.32 45.94
CA PHE G 168 -59.05 -12.44 46.64
C PHE G 168 -60.55 -12.58 46.33
N VAL G 169 -60.94 -13.77 45.90
CA VAL G 169 -62.35 -14.07 45.61
C VAL G 169 -62.83 -15.32 46.36
N SER G 170 -63.91 -15.15 47.11
CA SER G 170 -64.51 -16.19 47.94
C SER G 170 -65.87 -16.64 47.37
N PHE G 171 -66.13 -17.96 47.37
CA PHE G 171 -67.40 -18.51 46.87
C PHE G 171 -68.12 -19.33 47.93
N PRO G 172 -69.33 -18.92 48.32
CA PRO G 172 -70.16 -19.82 49.12
C PRO G 172 -70.36 -21.17 48.41
N GLN G 173 -70.36 -22.26 49.16
CA GLN G 173 -70.44 -23.60 48.58
C GLN G 173 -71.64 -23.74 47.64
N ASP G 174 -72.80 -23.27 48.07
CA ASP G 174 -73.99 -23.43 47.25
C ASP G 174 -73.96 -22.61 45.95
N VAL G 175 -73.24 -21.47 45.96
CA VAL G 175 -73.11 -20.65 44.76
C VAL G 175 -72.29 -21.38 43.69
N VAL G 176 -71.25 -22.07 44.12
CA VAL G 176 -70.42 -22.83 43.18
C VAL G 176 -70.99 -24.21 42.77
N ASN G 177 -71.86 -24.80 43.59
CA ASN G 177 -72.53 -26.06 43.21
C ASN G 177 -73.81 -25.83 42.42
N GLU G 178 -74.35 -24.62 42.46
CA GLU G 178 -75.60 -24.28 41.75
C GLU G 178 -75.50 -24.33 40.22
N VAL G 179 -76.52 -24.95 39.61
CA VAL G 179 -76.62 -25.12 38.18
C VAL G 179 -77.20 -23.85 37.55
N THR G 180 -76.57 -23.38 36.48
CA THR G 180 -76.99 -22.12 35.87
C THR G 180 -76.79 -22.13 34.36
N ASN G 181 -77.41 -21.21 33.66
CA ASN G 181 -77.13 -21.05 32.24
CA ASN G 181 -77.17 -21.05 32.24
C ASN G 181 -76.47 -19.72 31.97
N THR G 182 -75.84 -19.16 33.00
CA THR G 182 -75.07 -17.92 32.90
C THR G 182 -73.92 -18.09 31.91
N LYS G 183 -73.72 -17.09 31.06
CA LYS G 183 -72.66 -17.18 30.07
C LYS G 183 -71.37 -16.55 30.61
N ASN G 184 -70.24 -17.01 30.08
CA ASN G 184 -68.96 -16.43 30.44
C ASN G 184 -68.80 -15.01 29.89
N VAL G 185 -67.73 -14.33 30.28
CA VAL G 185 -67.38 -13.03 29.72
C VAL G 185 -66.00 -13.12 29.08
N ARG G 186 -65.70 -12.21 28.17
CA ARG G 186 -64.37 -12.21 27.58
C ARG G 186 -63.37 -11.83 28.67
N ALA G 187 -62.22 -12.50 28.68
CA ALA G 187 -61.13 -12.09 29.54
C ALA G 187 -60.51 -10.83 28.95
N VAL G 188 -61.13 -9.68 29.21
CA VAL G 188 -60.62 -8.42 28.68
C VAL G 188 -59.35 -8.06 29.43
N ALA G 189 -58.21 -8.11 28.74
CA ALA G 189 -56.91 -7.83 29.36
C ALA G 189 -56.84 -6.40 29.91
N ALA G 190 -56.17 -6.24 31.05
CA ALA G 190 -55.89 -4.91 31.60
C ALA G 190 -55.00 -4.12 30.63
N PRO G 191 -55.42 -2.90 30.27
CA PRO G 191 -54.71 -2.10 29.26
C PRO G 191 -53.44 -1.44 29.77
N LYS G 192 -52.44 -1.25 28.92
CA LYS G 192 -51.26 -0.47 29.31
C LYS G 192 -51.54 1.03 29.23
N LEU G 193 -50.92 1.81 30.12
CA LEU G 193 -50.98 3.27 30.02
C LEU G 193 -50.10 3.72 28.87
N GLY G 194 -50.27 4.96 28.42
CA GLY G 194 -49.33 5.56 27.50
C GLY G 194 -48.16 6.03 28.33
N PRO G 195 -47.11 6.57 27.68
CA PRO G 195 -46.01 7.14 28.46
C PRO G 195 -46.46 8.37 29.25
N ALA G 196 -45.61 8.84 30.16
CA ALA G 196 -45.91 10.07 30.91
C ALA G 196 -46.02 11.27 29.96
N ALA G 197 -46.70 12.32 30.41
CA ALA G 197 -46.89 13.51 29.58
C ALA G 197 -45.58 14.10 29.06
N ASP G 198 -45.63 14.58 27.82
CA ASP G 198 -44.47 15.10 27.11
C ASP G 198 -43.69 16.20 27.83
N ASP G 199 -44.38 17.17 28.42
CA ASP G 199 -43.65 18.29 28.99
C ASP G 199 -42.98 17.84 30.29
N ALA G 200 -43.55 16.83 30.92
CA ALA G 200 -42.94 16.21 32.08
C ALA G 200 -41.65 15.50 31.68
N ILE G 201 -41.67 14.82 30.53
CA ILE G 201 -40.47 14.17 30.00
C ILE G 201 -39.39 15.21 29.73
N SER G 202 -39.74 16.24 28.95
CA SER G 202 -38.78 17.30 28.62
C SER G 202 -38.09 17.85 29.87
N ALA G 203 -38.91 18.31 30.82
CA ALA G 203 -38.41 18.93 32.02
C ALA G 203 -37.37 18.04 32.68
N ALA G 204 -37.64 16.74 32.67
CA ALA G 204 -36.76 15.80 33.34
C ALA G 204 -35.45 15.69 32.61
N ILE G 205 -35.52 15.69 31.28
CA ILE G 205 -34.32 15.66 30.46
C ILE G 205 -33.48 16.90 30.72
N ALA G 206 -34.13 18.06 30.80
CA ALA G 206 -33.40 19.29 31.10
C ALA G 206 -32.66 19.20 32.44
N LYS G 207 -33.34 18.68 33.45
CA LYS G 207 -32.75 18.67 34.79
C LYS G 207 -31.60 17.69 34.85
N ILE G 208 -31.72 16.62 34.10
CA ILE G 208 -30.61 15.68 34.05
C ILE G 208 -29.44 16.25 33.25
N GLN G 209 -29.73 16.95 32.16
CA GLN G 209 -28.64 17.48 31.33
C GLN G 209 -27.81 18.55 32.04
N THR G 210 -28.42 19.25 32.99
CA THR G 210 -27.74 20.36 33.66
C THR G 210 -27.26 20.00 35.06
N ALA G 211 -27.25 18.72 35.39
CA ALA G 211 -26.83 18.34 36.74
C ALA G 211 -25.34 18.07 36.77
N LYS G 212 -24.73 18.25 37.94
CA LYS G 212 -23.32 17.94 38.08
C LYS G 212 -23.11 16.46 38.36
N LEU G 213 -24.12 15.81 38.94
CA LEU G 213 -24.02 14.39 39.23
C LEU G 213 -25.41 13.77 39.28
N PRO G 214 -26.00 13.51 38.10
CA PRO G 214 -27.29 12.84 38.10
C PRO G 214 -27.06 11.33 38.30
N VAL G 215 -27.85 10.67 39.16
CA VAL G 215 -27.72 9.23 39.34
C VAL G 215 -29.09 8.54 39.30
N VAL G 216 -29.08 7.26 38.93
CA VAL G 216 -30.33 6.54 38.75
C VAL G 216 -30.50 5.53 39.86
N LEU G 217 -31.66 5.63 40.53
CA LEU G 217 -32.09 4.65 41.52
C LEU G 217 -33.10 3.75 40.87
N VAL G 218 -32.74 2.49 40.66
CA VAL G 218 -33.69 1.54 40.05
C VAL G 218 -34.36 0.69 41.11
N GLY G 219 -35.68 0.79 41.14
CA GLY G 219 -36.46 0.09 42.14
C GLY G 219 -37.27 -1.10 41.67
N MET G 220 -38.27 -1.47 42.48
CA MET G 220 -39.05 -2.71 42.33
C MET G 220 -39.65 -2.90 40.94
N LYS G 221 -40.28 -1.87 40.40
CA LYS G 221 -40.93 -2.03 39.11
C LYS G 221 -40.02 -1.59 37.95
N GLY G 222 -38.77 -1.31 38.26
CA GLY G 222 -37.73 -1.17 37.26
C GLY G 222 -37.10 -2.54 37.01
N GLY G 223 -37.42 -3.51 37.84
CA GLY G 223 -36.84 -4.83 37.74
C GLY G 223 -37.61 -5.80 36.86
N ARG G 224 -38.71 -5.34 36.28
CA ARG G 224 -39.41 -6.11 35.25
C ARG G 224 -38.57 -6.19 33.98
N PRO G 225 -38.67 -7.33 33.26
CA PRO G 225 -37.90 -7.54 32.02
C PRO G 225 -37.97 -6.34 31.06
N GLU G 226 -39.17 -5.94 30.66
CA GLU G 226 -39.29 -4.79 29.76
C GLU G 226 -38.69 -3.48 30.32
N ALA G 227 -38.78 -3.27 31.65
CA ALA G 227 -38.26 -2.03 32.25
C ALA G 227 -36.74 -2.02 32.27
N ILE G 228 -36.14 -3.13 32.70
CA ILE G 228 -34.70 -3.29 32.71
C ILE G 228 -34.10 -3.07 31.31
N LYS G 229 -34.75 -3.64 30.31
CA LYS G 229 -34.40 -3.44 28.91
C LYS G 229 -34.29 -1.93 28.60
N ALA G 230 -35.34 -1.18 28.91
CA ALA G 230 -35.34 0.27 28.70
C ALA G 230 -34.26 0.96 29.52
N VAL G 231 -34.17 0.60 30.81
CA VAL G 231 -33.22 1.23 31.71
C VAL G 231 -31.79 1.05 31.21
N ARG G 232 -31.44 -0.17 30.83
CA ARG G 232 -30.12 -0.44 30.29
C ARG G 232 -29.76 0.51 29.14
N LYS G 233 -30.70 0.74 28.21
CA LYS G 233 -30.45 1.65 27.09
C LYS G 233 -30.20 3.07 27.59
N LEU G 234 -31.02 3.53 28.53
CA LEU G 234 -30.86 4.86 29.09
C LEU G 234 -29.53 5.03 29.85
N LEU G 235 -29.16 4.04 30.66
CA LEU G 235 -27.86 4.04 31.33
C LEU G 235 -26.68 4.07 30.35
N LYS G 236 -26.79 3.31 29.26
CA LYS G 236 -25.73 3.19 28.26
C LYS G 236 -25.54 4.50 27.51
N LYS G 237 -26.64 5.10 27.06
CA LYS G 237 -26.58 6.32 26.28
C LYS G 237 -26.14 7.54 27.09
N VAL G 238 -26.71 7.72 28.28
CA VAL G 238 -26.43 8.91 29.08
C VAL G 238 -25.18 8.73 29.96
N GLN G 239 -24.77 7.48 30.17
CA GLN G 239 -23.64 7.18 31.06
C GLN G 239 -23.87 7.67 32.49
N LEU G 240 -25.01 7.32 33.07
CA LEU G 240 -25.32 7.67 34.46
C LEU G 240 -24.84 6.61 35.43
N PRO G 241 -24.29 7.02 36.57
CA PRO G 241 -24.09 6.03 37.64
C PRO G 241 -25.46 5.52 38.13
N PHE G 242 -25.54 4.25 38.52
CA PHE G 242 -26.81 3.75 39.00
C PHE G 242 -26.63 2.78 40.16
N VAL G 243 -27.76 2.49 40.78
CA VAL G 243 -27.84 1.72 41.99
C VAL G 243 -29.12 0.85 41.87
N GLU G 244 -29.13 -0.34 42.47
CA GLU G 244 -30.32 -1.21 42.45
C GLU G 244 -30.99 -1.33 43.83
N THR G 245 -32.32 -1.47 43.90
CA THR G 245 -32.89 -2.08 45.11
C THR G 245 -32.79 -3.59 44.96
N TYR G 246 -33.02 -4.32 46.05
CA TYR G 246 -32.89 -5.78 46.02
C TYR G 246 -33.80 -6.42 44.97
N GLN G 247 -34.96 -5.81 44.68
CA GLN G 247 -35.89 -6.40 43.71
C GLN G 247 -35.65 -5.87 42.32
N ALA G 248 -34.71 -4.93 42.19
CA ALA G 248 -34.26 -4.51 40.87
C ALA G 248 -33.02 -5.31 40.41
N ALA G 249 -32.64 -6.33 41.16
CA ALA G 249 -31.51 -7.16 40.78
C ALA G 249 -31.64 -7.65 39.33
N GLY G 250 -30.51 -7.75 38.64
CA GLY G 250 -30.50 -8.18 37.25
C GLY G 250 -30.53 -7.02 36.27
N THR G 251 -30.58 -5.81 36.79
CA THR G 251 -30.46 -4.62 35.98
C THR G 251 -29.05 -4.54 35.41
N LEU G 252 -28.08 -4.83 36.26
CA LEU G 252 -26.68 -4.98 35.85
C LEU G 252 -26.48 -5.88 34.64
N SER G 253 -25.58 -5.45 33.75
CA SER G 253 -24.99 -6.29 32.73
C SER G 253 -23.50 -6.05 32.89
N ARG G 254 -22.67 -6.96 32.40
CA ARG G 254 -21.22 -6.79 32.61
C ARG G 254 -20.64 -5.48 32.00
N ASP G 255 -21.25 -4.98 30.92
CA ASP G 255 -20.88 -3.70 30.31
C ASP G 255 -21.15 -2.50 31.18
N LEU G 256 -21.95 -2.70 32.22
CA LEU G 256 -22.44 -1.58 33.00
C LEU G 256 -21.75 -1.57 34.37
N GLU G 257 -20.89 -2.55 34.62
CA GLU G 257 -20.22 -2.67 35.91
C GLU G 257 -19.52 -1.38 36.37
N ASP G 258 -18.91 -0.65 35.44
CA ASP G 258 -18.21 0.57 35.78
C ASP G 258 -19.17 1.62 36.33
N GLN G 259 -20.38 1.65 35.77
CA GLN G 259 -21.45 2.59 36.15
C GLN G 259 -22.27 2.16 37.37
N TYR G 260 -21.93 1.01 37.95
CA TYR G 260 -22.79 0.31 38.91
C TYR G 260 -22.31 0.51 40.34
N PHE G 261 -23.18 0.98 41.22
CA PHE G 261 -22.68 1.23 42.57
C PHE G 261 -23.37 0.37 43.64
N GLY G 262 -23.82 -0.80 43.22
CA GLY G 262 -24.30 -1.81 44.14
C GLY G 262 -25.78 -1.73 44.51
N ARG G 263 -26.19 -2.62 45.40
CA ARG G 263 -27.57 -2.68 45.86
C ARG G 263 -27.72 -2.02 47.23
N ILE G 264 -28.62 -1.04 47.28
CA ILE G 264 -28.90 -0.32 48.52
C ILE G 264 -30.01 -1.00 49.29
N GLY G 265 -30.01 -0.82 50.62
CA GLY G 265 -31.04 -1.38 51.47
C GLY G 265 -30.57 -1.78 52.85
N LEU G 266 -31.54 -1.95 53.75
CA LEU G 266 -31.34 -2.41 55.13
C LEU G 266 -30.56 -1.42 56.02
N PHE G 267 -29.24 -1.31 55.82
CA PHE G 267 -28.41 -0.41 56.63
C PHE G 267 -27.72 0.65 55.80
N ARG G 268 -27.83 1.92 56.18
CA ARG G 268 -27.14 2.98 55.44
C ARG G 268 -25.62 2.99 55.68
N ASN G 269 -24.89 2.19 54.92
CA ASN G 269 -23.43 2.14 55.04
C ASN G 269 -22.79 1.53 53.80
N GLN G 270 -23.39 1.77 52.65
CA GLN G 270 -22.98 1.16 51.39
C GLN G 270 -22.53 2.23 50.42
N PRO G 271 -21.63 1.89 49.47
CA PRO G 271 -21.15 2.88 48.49
C PRO G 271 -22.31 3.60 47.81
N GLY G 272 -23.37 2.87 47.55
CA GLY G 272 -24.59 3.41 46.96
C GLY G 272 -25.31 4.48 47.78
N ASP G 273 -25.28 4.38 49.11
CA ASP G 273 -25.88 5.44 49.93
C ASP G 273 -25.08 6.74 49.71
N LEU G 274 -23.75 6.60 49.68
CA LEU G 274 -22.85 7.74 49.61
C LEU G 274 -22.93 8.36 48.23
N LEU G 275 -23.17 7.52 47.23
CA LEU G 275 -23.41 8.01 45.89
C LEU G 275 -24.68 8.86 45.83
N LEU G 276 -25.77 8.36 46.41
CA LEU G 276 -27.04 9.09 46.38
C LEU G 276 -26.94 10.41 47.15
N GLU G 277 -26.15 10.42 48.22
CA GLU G 277 -25.85 11.65 48.98
C GLU G 277 -25.11 12.72 48.13
N GLN G 278 -24.08 12.32 47.41
CA GLN G 278 -23.34 13.26 46.56
C GLN G 278 -24.13 13.70 45.33
N ALA G 279 -25.13 12.91 44.93
CA ALA G 279 -25.95 13.25 43.77
C ALA G 279 -26.70 14.55 43.98
N ASP G 280 -26.91 15.29 42.89
CA ASP G 280 -27.71 16.49 42.96
C ASP G 280 -29.03 16.37 42.17
N VAL G 281 -29.14 15.34 41.34
CA VAL G 281 -30.40 14.96 40.70
C VAL G 281 -30.56 13.43 40.77
N VAL G 282 -31.71 12.96 41.23
CA VAL G 282 -31.93 11.53 41.37
C VAL G 282 -33.15 11.18 40.57
N LEU G 283 -32.98 10.22 39.67
CA LEU G 283 -34.08 9.65 38.92
C LEU G 283 -34.43 8.33 39.54
N THR G 284 -35.63 8.22 40.08
CA THR G 284 -36.07 6.96 40.64
C THR G 284 -36.97 6.31 39.62
N ILE G 285 -36.83 4.99 39.50
CA ILE G 285 -37.62 4.25 38.51
C ILE G 285 -38.30 3.07 39.16
N GLY G 286 -39.64 3.11 39.16
CA GLY G 286 -40.43 2.01 39.69
C GLY G 286 -40.19 1.85 41.18
N TYR G 287 -39.93 2.97 41.85
CA TYR G 287 -39.47 2.98 43.24
C TYR G 287 -40.61 2.87 44.25
N ASP G 288 -40.76 1.69 44.85
CA ASP G 288 -41.63 1.52 45.99
C ASP G 288 -40.73 1.64 47.21
N PRO G 289 -40.98 2.65 48.05
CA PRO G 289 -40.08 2.95 49.17
C PRO G 289 -40.06 1.86 50.25
N ILE G 290 -40.90 0.85 50.13
CA ILE G 290 -40.91 -0.23 51.10
C ILE G 290 -39.56 -0.94 51.15
N GLU G 291 -38.80 -0.89 50.06
CA GLU G 291 -37.53 -1.60 49.97
C GLU G 291 -36.40 -0.91 50.71
N TYR G 292 -36.56 0.39 50.97
CA TYR G 292 -35.53 1.22 51.57
C TYR G 292 -36.08 2.64 51.72
N ASP G 293 -36.44 3.01 52.94
CA ASP G 293 -37.15 4.28 53.17
C ASP G 293 -36.30 5.45 52.72
N PRO G 294 -36.93 6.43 52.08
CA PRO G 294 -36.18 7.58 51.60
C PRO G 294 -35.53 8.36 52.75
N LYS G 295 -35.98 8.13 53.98
CA LYS G 295 -35.37 8.83 55.11
C LYS G 295 -33.93 8.35 55.39
N PHE G 296 -33.53 7.24 54.76
CA PHE G 296 -32.15 6.75 54.88
C PHE G 296 -31.15 7.29 53.81
N TRP G 297 -31.61 7.62 52.60
CA TRP G 297 -30.66 8.00 51.56
C TRP G 297 -30.84 9.43 51.10
N ASN G 298 -32.08 9.92 51.14
CA ASN G 298 -32.36 11.30 50.73
C ASN G 298 -32.14 12.26 51.91
N ILE G 299 -30.90 12.29 52.37
CA ILE G 299 -30.51 13.10 53.52
C ILE G 299 -29.36 14.04 53.19
N ASN G 300 -29.11 15.01 54.06
CA ASN G 300 -27.91 15.85 54.02
C ASN G 300 -27.82 16.71 52.75
N GLY G 301 -28.70 17.70 52.64
CA GLY G 301 -28.75 18.56 51.48
C GLY G 301 -30.01 18.31 50.70
N ASP G 302 -30.33 19.17 49.75
CA ASP G 302 -31.50 18.89 48.94
C ASP G 302 -31.06 18.70 47.50
N ARG G 303 -31.36 17.51 46.97
CA ARG G 303 -31.16 17.19 45.58
C ARG G 303 -32.49 17.22 44.87
N THR G 304 -32.46 17.28 43.54
CA THR G 304 -33.68 17.18 42.76
C THR G 304 -34.12 15.71 42.70
N ILE G 305 -35.42 15.48 42.91
CA ILE G 305 -35.96 14.13 42.82
C ILE G 305 -36.92 14.07 41.63
N ILE G 306 -36.66 13.12 40.74
CA ILE G 306 -37.58 12.88 39.64
C ILE G 306 -38.17 11.47 39.80
N HIS G 307 -39.50 11.40 39.92
CA HIS G 307 -40.23 10.15 40.22
C HIS G 307 -40.86 9.53 38.96
N LEU G 308 -40.21 8.52 38.42
CA LEU G 308 -40.77 7.81 37.25
C LEU G 308 -41.46 6.51 37.68
N ASP G 309 -42.76 6.44 37.50
CA ASP G 309 -43.49 5.28 38.01
C ASP G 309 -44.84 5.14 37.34
N GLU G 310 -45.51 4.02 37.62
CA GLU G 310 -46.79 3.71 37.01
C GLU G 310 -47.91 4.27 37.85
N ILE G 311 -47.60 4.65 39.09
CA ILE G 311 -48.57 5.26 40.00
C ILE G 311 -47.96 6.51 40.65
N ILE G 312 -48.80 7.35 41.26
CA ILE G 312 -48.30 8.59 41.85
C ILE G 312 -47.44 8.26 43.08
N ALA G 313 -46.53 9.16 43.46
CA ALA G 313 -45.65 8.91 44.62
C ALA G 313 -46.35 9.11 45.96
N ASP G 314 -45.85 8.42 46.99
CA ASP G 314 -46.20 8.76 48.36
C ASP G 314 -45.32 9.91 48.84
N ILE G 315 -45.93 10.95 49.39
CA ILE G 315 -45.16 12.09 49.87
C ILE G 315 -44.64 11.79 51.27
N ASP G 316 -43.36 11.99 51.46
CA ASP G 316 -42.66 11.71 52.70
C ASP G 316 -41.88 12.96 53.10
N HIS G 317 -41.60 13.13 54.39
CA HIS G 317 -40.68 14.19 54.85
C HIS G 317 -39.42 14.18 54.01
N ALA G 318 -38.88 12.97 53.79
CA ALA G 318 -37.65 12.76 53.04
C ALA G 318 -37.88 12.41 51.56
N TYR G 319 -39.06 12.69 51.03
CA TYR G 319 -39.34 12.38 49.64
C TYR G 319 -40.46 13.24 49.10
N GLN G 320 -40.08 14.35 48.47
CA GLN G 320 -41.04 15.26 47.87
C GLN G 320 -40.60 15.58 46.47
N PRO G 321 -40.99 14.74 45.50
CA PRO G 321 -40.56 14.83 44.10
C PRO G 321 -40.75 16.22 43.48
N ASP G 322 -39.74 16.70 42.77
CA ASP G 322 -39.87 17.93 41.99
C ASP G 322 -40.61 17.66 40.70
N LEU G 323 -40.52 16.42 40.22
CA LEU G 323 -41.14 16.02 38.97
C LEU G 323 -41.70 14.61 39.10
N GLU G 324 -42.90 14.41 38.57
CA GLU G 324 -43.50 13.09 38.55
C GLU G 324 -43.84 12.69 37.12
N LEU G 325 -43.19 11.64 36.63
CA LEU G 325 -43.50 11.11 35.32
C LEU G 325 -44.31 9.84 35.53
N ILE G 326 -45.62 9.98 35.50
CA ILE G 326 -46.51 8.86 35.72
C ILE G 326 -47.07 8.36 34.42
N GLY G 327 -46.86 7.08 34.16
CA GLY G 327 -47.28 6.48 32.92
C GLY G 327 -46.65 5.11 32.82
N ASP G 328 -46.76 4.49 31.65
CA ASP G 328 -46.10 3.21 31.43
C ASP G 328 -44.59 3.38 31.58
N ILE G 329 -44.01 2.56 32.44
CA ILE G 329 -42.61 2.73 32.84
C ILE G 329 -41.62 2.55 31.68
N PRO G 330 -41.64 1.40 30.96
CA PRO G 330 -40.67 1.23 29.88
C PRO G 330 -40.75 2.28 28.77
N SER G 331 -41.96 2.65 28.33
CA SER G 331 -42.10 3.61 27.27
C SER G 331 -41.70 5.01 27.71
N THR G 332 -41.97 5.35 28.96
CA THR G 332 -41.57 6.65 29.48
C THR G 332 -40.06 6.75 29.48
N ILE G 333 -39.38 5.69 29.89
CA ILE G 333 -37.92 5.63 29.85
C ILE G 333 -37.37 5.76 28.41
N ASN G 334 -37.95 5.03 27.46
CA ASN G 334 -37.57 5.14 26.04
C ASN G 334 -37.61 6.59 25.57
N HIS G 335 -38.72 7.27 25.85
CA HIS G 335 -38.88 8.69 25.49
C HIS G 335 -37.80 9.58 26.07
N ILE G 336 -37.35 9.32 27.30
CA ILE G 336 -36.26 10.09 27.86
C ILE G 336 -34.97 9.77 27.11
N GLU G 337 -34.73 8.48 26.89
CA GLU G 337 -33.52 7.98 26.21
C GLU G 337 -33.34 8.60 24.84
N HIS G 338 -34.44 8.71 24.09
CA HIS G 338 -34.43 9.23 22.74
C HIS G 338 -33.84 10.64 22.64
N ASP G 339 -34.16 11.51 23.59
CA ASP G 339 -33.75 12.91 23.49
C ASP G 339 -32.63 13.31 24.45
N ALA G 340 -32.25 12.42 25.36
CA ALA G 340 -31.12 12.70 26.22
C ALA G 340 -29.85 12.40 25.48
N VAL G 341 -28.76 13.01 25.92
CA VAL G 341 -27.44 12.72 25.39
C VAL G 341 -26.49 12.54 26.55
N LYS G 342 -25.31 12.02 26.25
CA LYS G 342 -24.33 11.66 27.26
C LYS G 342 -24.02 12.82 28.21
N VAL G 343 -23.57 12.47 29.41
CA VAL G 343 -23.24 13.43 30.46
C VAL G 343 -21.74 13.33 30.72
N GLU G 344 -21.09 14.48 30.86
CA GLU G 344 -19.69 14.47 31.22
C GLU G 344 -19.51 15.02 32.61
N PHE G 345 -18.62 14.40 33.37
CA PHE G 345 -18.47 14.76 34.76
C PHE G 345 -17.19 15.56 34.98
N ALA G 346 -17.30 16.69 35.67
CA ALA G 346 -16.14 17.48 36.04
C ALA G 346 -15.16 16.64 36.84
N GLU G 347 -13.95 17.15 37.03
CA GLU G 347 -12.89 16.37 37.66
C GLU G 347 -13.26 16.00 39.09
N ARG G 348 -13.94 16.89 39.79
CA ARG G 348 -14.33 16.60 41.17
C ARG G 348 -15.25 15.39 41.24
N GLU G 349 -16.31 15.41 40.43
CA GLU G 349 -17.29 14.32 40.41
C GLU G 349 -16.66 12.99 39.98
N GLN G 350 -15.75 13.04 39.03
CA GLN G 350 -15.02 11.84 38.65
C GLN G 350 -14.23 11.22 39.80
N LYS G 351 -13.73 12.05 40.71
CA LYS G 351 -12.85 11.56 41.75
C LYS G 351 -13.66 10.88 42.84
N ILE G 352 -14.84 11.44 43.15
CA ILE G 352 -15.74 10.83 44.11
C ILE G 352 -16.19 9.45 43.60
N LEU G 353 -16.58 9.41 42.34
CA LEU G 353 -16.98 8.15 41.70
C LEU G 353 -15.85 7.14 41.78
N SER G 354 -14.65 7.57 41.42
CA SER G 354 -13.49 6.69 41.45
CA SER G 354 -13.48 6.68 41.45
C SER G 354 -13.23 6.16 42.85
N ASP G 355 -13.36 7.04 43.84
CA ASP G 355 -13.15 6.63 45.23
C ASP G 355 -14.26 5.68 45.70
N LEU G 356 -15.51 6.02 45.39
CA LEU G 356 -16.63 5.14 45.75
C LEU G 356 -16.48 3.73 45.16
N LYS G 357 -15.97 3.63 43.93
CA LYS G 357 -15.74 2.30 43.33
C LYS G 357 -14.68 1.54 44.10
N GLN G 358 -13.70 2.26 44.63
CA GLN G 358 -12.64 1.61 45.38
C GLN G 358 -13.16 0.99 46.66
N TYR G 359 -13.87 1.78 47.46
CA TYR G 359 -14.47 1.29 48.70
C TYR G 359 -15.36 0.09 48.45
N MET G 360 -16.12 0.16 47.35
CA MET G 360 -16.97 -0.93 46.90
C MET G 360 -16.19 -2.23 46.69
N HIS G 361 -15.13 -2.11 45.90
CA HIS G 361 -14.23 -3.21 45.60
C HIS G 361 -13.66 -3.78 46.89
N GLU G 362 -13.23 -2.89 47.78
CA GLU G 362 -12.74 -3.24 49.10
C GLU G 362 -13.78 -4.03 49.93
N GLY G 363 -15.02 -3.55 49.92
CA GLY G 363 -16.08 -4.17 50.71
C GLY G 363 -16.55 -5.52 50.22
N GLU G 364 -16.03 -5.97 49.08
CA GLU G 364 -16.40 -7.28 48.54
C GLU G 364 -15.36 -8.33 48.86
N GLN G 365 -14.37 -7.97 49.67
CA GLN G 365 -13.28 -8.90 49.93
C GLN G 365 -13.36 -9.51 51.34
N VAL G 366 -12.95 -10.76 51.43
CA VAL G 366 -12.76 -11.40 52.71
C VAL G 366 -11.72 -10.62 53.52
N PRO G 367 -11.99 -10.37 54.81
CA PRO G 367 -11.02 -9.62 55.63
C PRO G 367 -9.62 -10.26 55.67
N ALA G 368 -8.59 -9.42 55.74
CA ALA G 368 -7.20 -9.87 55.66
C ALA G 368 -6.83 -10.93 56.70
N ASP G 369 -7.18 -10.68 57.96
CA ASP G 369 -6.81 -11.58 59.05
C ASP G 369 -7.87 -12.66 59.34
N TRP G 370 -8.64 -13.02 58.32
CA TRP G 370 -9.64 -14.06 58.46
C TRP G 370 -9.00 -15.45 58.45
N LYS G 371 -9.31 -16.27 59.47
CA LYS G 371 -9.13 -17.72 59.33
C LYS G 371 -10.15 -18.47 60.16
N SER G 372 -10.72 -19.49 59.53
CA SER G 372 -11.80 -20.26 60.13
C SER G 372 -11.83 -21.68 59.59
N ASP G 373 -12.49 -22.58 60.31
CA ASP G 373 -12.69 -23.94 59.82
C ASP G 373 -14.02 -24.03 59.07
N ARG G 374 -14.59 -22.88 58.74
CA ARG G 374 -15.82 -22.81 57.97
C ARG G 374 -15.71 -21.69 56.93
N ALA G 375 -16.60 -21.72 55.94
CA ALA G 375 -16.60 -20.69 54.91
C ALA G 375 -17.00 -19.33 55.45
N HIS G 376 -16.35 -18.30 54.93
CA HIS G 376 -16.85 -16.93 55.04
C HIS G 376 -18.03 -16.82 54.08
N PRO G 377 -19.09 -16.11 54.48
CA PRO G 377 -20.21 -15.81 53.58
C PRO G 377 -19.82 -15.38 52.15
N LEU G 378 -18.82 -14.50 52.04
CA LEU G 378 -18.34 -14.05 50.73
C LEU G 378 -17.78 -15.22 49.90
N GLU G 379 -17.20 -16.22 50.57
CA GLU G 379 -16.69 -17.41 49.88
C GLU G 379 -17.85 -18.20 49.26
N ILE G 380 -18.92 -18.40 50.03
CA ILE G 380 -20.12 -19.05 49.54
C ILE G 380 -20.73 -18.29 48.36
N VAL G 381 -20.86 -16.98 48.51
CA VAL G 381 -21.36 -16.13 47.43
C VAL G 381 -20.50 -16.25 46.17
N LYS G 382 -19.19 -16.14 46.31
CA LYS G 382 -18.27 -16.25 45.18
C LYS G 382 -18.37 -17.61 44.47
N GLU G 383 -18.27 -18.68 45.24
CA GLU G 383 -18.31 -20.03 44.68
C GLU G 383 -19.61 -20.30 43.95
N LEU G 384 -20.71 -19.98 44.62
CA LEU G 384 -22.03 -20.22 44.08
C LEU G 384 -22.19 -19.52 42.74
N ARG G 385 -21.85 -18.24 42.68
CA ARG G 385 -22.01 -17.48 41.43
C ARG G 385 -21.18 -18.08 40.31
N ASN G 386 -20.04 -18.67 40.64
CA ASN G 386 -19.18 -19.30 39.65
C ASN G 386 -19.62 -20.70 39.23
N ALA G 387 -20.62 -21.24 39.92
CA ALA G 387 -21.12 -22.57 39.61
C ALA G 387 -22.44 -22.49 38.84
N VAL G 388 -22.94 -21.27 38.66
CA VAL G 388 -24.28 -21.05 38.12
C VAL G 388 -24.22 -20.13 36.88
N ASP G 389 -24.84 -20.58 35.79
CA ASP G 389 -24.91 -19.84 34.54
C ASP G 389 -25.85 -18.65 34.72
N ASP G 390 -25.62 -17.58 33.94
CA ASP G 390 -26.42 -16.35 34.02
C ASP G 390 -27.93 -16.61 34.09
N HIS G 391 -28.43 -17.42 33.15
CA HIS G 391 -29.87 -17.63 32.97
C HIS G 391 -30.57 -18.33 34.14
N VAL G 392 -29.79 -18.94 35.03
CA VAL G 392 -30.40 -19.76 36.06
C VAL G 392 -30.98 -18.92 37.20
N THR G 393 -32.28 -19.05 37.36
CA THR G 393 -33.00 -18.34 38.42
C THR G 393 -32.65 -18.83 39.83
N VAL G 394 -32.18 -17.89 40.66
CA VAL G 394 -31.88 -18.12 42.08
C VAL G 394 -32.89 -17.42 42.99
N THR G 395 -33.52 -18.17 43.90
CA THR G 395 -34.47 -17.59 44.85
C THR G 395 -33.76 -17.42 46.17
N CYS G 396 -34.19 -16.44 46.95
CA CYS G 396 -33.55 -16.17 48.23
C CYS G 396 -34.55 -16.05 49.37
N ASP G 397 -34.11 -16.43 50.57
CA ASP G 397 -34.96 -16.41 51.75
C ASP G 397 -34.62 -15.18 52.56
N ILE G 398 -34.80 -15.23 53.88
CA ILE G 398 -34.60 -14.04 54.71
C ILE G 398 -33.72 -14.33 55.92
N GLY G 399 -32.80 -13.42 56.23
CA GLY G 399 -31.84 -13.65 57.30
C GLY G 399 -30.50 -13.07 56.89
N SER G 400 -29.45 -13.31 57.70
CA SER G 400 -28.12 -12.78 57.43
C SER G 400 -27.56 -13.24 56.07
N HIS G 401 -27.76 -14.52 55.79
CA HIS G 401 -27.37 -15.08 54.49
C HIS G 401 -27.95 -14.24 53.36
N ALA G 402 -29.15 -13.69 53.57
CA ALA G 402 -29.86 -12.94 52.54
C ALA G 402 -29.30 -11.54 52.42
N ILE G 403 -28.77 -11.01 53.53
CA ILE G 403 -28.05 -9.73 53.44
C ILE G 403 -26.80 -9.89 52.58
N TRP G 404 -26.05 -10.98 52.81
CA TRP G 404 -24.86 -11.25 52.01
C TRP G 404 -25.19 -11.37 50.50
N MET G 405 -26.16 -12.22 50.15
CA MET G 405 -26.58 -12.41 48.77
C MET G 405 -27.09 -11.11 48.11
N SER G 406 -27.89 -10.35 48.84
CA SER G 406 -28.49 -9.14 48.28
C SER G 406 -27.46 -8.05 48.01
N ARG G 407 -26.40 -8.03 48.80
CA ARG G 407 -25.34 -7.06 48.58
C ARG G 407 -24.31 -7.55 47.58
N TYR G 408 -24.00 -8.85 47.60
CA TYR G 408 -22.75 -9.32 46.97
C TYR G 408 -22.87 -10.39 45.86
N PHE G 409 -24.06 -10.97 45.68
CA PHE G 409 -24.30 -11.92 44.58
C PHE G 409 -24.78 -11.24 43.29
N ARG G 410 -23.91 -11.19 42.29
CA ARG G 410 -24.24 -10.49 41.05
C ARG G 410 -25.35 -11.19 40.27
N SER G 411 -26.21 -10.38 39.66
CA SER G 411 -27.23 -10.89 38.75
C SER G 411 -27.14 -10.14 37.44
N TYR G 412 -27.21 -10.85 36.33
CA TYR G 412 -27.00 -10.22 35.02
C TYR G 412 -28.17 -10.34 34.07
N GLU G 413 -29.23 -11.04 34.49
CA GLU G 413 -30.47 -11.11 33.72
C GLU G 413 -31.69 -10.79 34.58
N PRO G 414 -32.73 -10.22 33.98
CA PRO G 414 -33.95 -9.99 34.77
C PRO G 414 -34.52 -11.29 35.34
N LEU G 415 -35.08 -11.24 36.55
CA LEU G 415 -35.79 -12.37 37.14
C LEU G 415 -34.92 -13.60 37.36
N THR G 416 -33.67 -13.38 37.76
CA THR G 416 -32.79 -14.49 38.13
C THR G 416 -32.18 -14.35 39.53
N LEU G 417 -32.59 -13.34 40.29
CA LEU G 417 -32.32 -13.30 41.73
C LEU G 417 -33.59 -12.80 42.46
N MET G 418 -34.38 -13.72 42.99
CA MET G 418 -35.64 -13.35 43.64
C MET G 418 -35.52 -13.19 45.16
N ILE G 419 -35.88 -12.02 45.63
CA ILE G 419 -35.72 -11.63 47.01
C ILE G 419 -37.02 -11.07 47.56
N SER G 420 -37.37 -11.47 48.78
CA SER G 420 -38.52 -10.90 49.45
C SER G 420 -38.12 -9.61 50.16
N ASN G 421 -38.36 -8.48 49.51
CA ASN G 421 -37.94 -7.22 50.10
C ASN G 421 -39.11 -6.24 50.36
N GLY G 422 -40.31 -6.79 50.52
CA GLY G 422 -41.44 -6.03 51.03
C GLY G 422 -41.79 -6.48 52.44
N MET G 423 -42.14 -7.75 52.61
CA MET G 423 -42.50 -8.27 53.92
C MET G 423 -41.33 -8.95 54.62
N GLN G 424 -40.30 -9.35 53.86
CA GLN G 424 -39.17 -10.06 54.45
C GLN G 424 -39.66 -11.36 55.09
N THR G 425 -40.48 -12.07 54.33
CA THR G 425 -41.15 -13.27 54.81
C THR G 425 -40.24 -14.49 54.80
N LEU G 426 -40.02 -15.09 55.97
CA LEU G 426 -39.23 -16.33 56.04
C LEU G 426 -39.89 -17.50 55.30
N GLY G 427 -39.08 -18.29 54.62
CA GLY G 427 -39.57 -19.52 54.02
C GLY G 427 -40.04 -19.41 52.58
N VAL G 428 -39.85 -18.26 51.95
CA VAL G 428 -40.28 -18.11 50.55
C VAL G 428 -39.39 -18.90 49.55
N ALA G 429 -38.12 -19.12 49.86
CA ALA G 429 -37.15 -19.56 48.84
C ALA G 429 -37.47 -20.89 48.12
N LEU G 430 -37.63 -21.96 48.89
CA LEU G 430 -37.90 -23.26 48.29
C LEU G 430 -39.25 -23.30 47.52
N PRO G 431 -40.35 -22.80 48.10
CA PRO G 431 -41.57 -22.76 47.27
C PRO G 431 -41.50 -21.81 46.04
N TRP G 432 -40.78 -20.71 46.18
CA TRP G 432 -40.49 -19.85 45.04
C TRP G 432 -39.77 -20.65 43.95
N ALA G 433 -38.79 -21.44 44.34
CA ALA G 433 -38.04 -22.26 43.40
C ALA G 433 -38.94 -23.28 42.69
N ILE G 434 -39.89 -23.87 43.41
CA ILE G 434 -40.81 -24.80 42.78
C ILE G 434 -41.67 -24.06 41.75
N GLY G 435 -42.13 -22.87 42.09
CA GLY G 435 -42.85 -22.05 41.14
C GLY G 435 -42.02 -21.80 39.89
N ALA G 436 -40.76 -21.39 40.12
CA ALA G 436 -39.83 -21.06 39.07
C ALA G 436 -39.55 -22.22 38.13
N SER G 437 -39.49 -23.43 38.68
CA SER G 437 -39.17 -24.58 37.87
C SER G 437 -40.36 -25.00 37.02
N LEU G 438 -41.57 -24.64 37.46
CA LEU G 438 -42.75 -24.90 36.64
C LEU G 438 -42.84 -23.90 35.49
N VAL G 439 -42.48 -22.66 35.77
CA VAL G 439 -42.45 -21.61 34.76
C VAL G 439 -41.34 -21.83 33.72
N LYS G 440 -40.21 -22.35 34.19
CA LYS G 440 -39.07 -22.61 33.29
C LYS G 440 -38.72 -24.10 33.26
N PRO G 441 -39.56 -24.90 32.61
CA PRO G 441 -39.29 -26.34 32.68
C PRO G 441 -38.01 -26.71 31.90
N GLY G 442 -37.28 -27.67 32.43
CA GLY G 442 -36.00 -28.05 31.87
C GLY G 442 -34.85 -27.48 32.66
N GLU G 443 -35.08 -26.32 33.27
CA GLU G 443 -34.01 -25.54 33.89
C GLU G 443 -33.81 -25.85 35.36
N LYS G 444 -32.54 -25.91 35.78
CA LYS G 444 -32.23 -25.92 37.20
C LYS G 444 -32.60 -24.58 37.83
N VAL G 445 -33.01 -24.64 39.09
CA VAL G 445 -33.42 -23.47 39.85
C VAL G 445 -32.73 -23.61 41.20
N VAL G 446 -32.06 -22.54 41.64
CA VAL G 446 -31.28 -22.55 42.88
C VAL G 446 -32.03 -21.79 43.97
N SER G 447 -32.14 -22.38 45.16
CA SER G 447 -32.78 -21.69 46.28
C SER G 447 -31.85 -21.61 47.50
N VAL G 448 -31.76 -20.41 48.06
CA VAL G 448 -30.83 -20.15 49.14
C VAL G 448 -31.55 -19.70 50.41
N SER G 449 -31.36 -20.42 51.52
CA SER G 449 -31.91 -19.98 52.81
C SER G 449 -30.94 -20.20 53.97
N GLY G 450 -31.35 -19.76 55.15
CA GLY G 450 -30.67 -20.13 56.38
C GLY G 450 -31.35 -21.37 56.93
N ASP G 451 -30.87 -21.89 58.05
CA ASP G 451 -31.47 -23.10 58.60
C ASP G 451 -32.75 -22.83 59.38
N GLY G 452 -32.95 -21.59 59.78
CA GLY G 452 -34.18 -21.21 60.46
C GLY G 452 -35.33 -21.07 59.49
N GLY G 453 -35.12 -20.30 58.43
CA GLY G 453 -36.14 -20.09 57.43
C GLY G 453 -36.45 -21.37 56.72
N PHE G 454 -35.43 -22.20 56.53
CA PHE G 454 -35.60 -23.46 55.78
C PHE G 454 -36.77 -24.31 56.30
N LEU G 455 -36.90 -24.41 57.62
CA LEU G 455 -37.94 -25.28 58.20
C LEU G 455 -39.33 -24.67 58.09
N PHE G 456 -39.41 -23.38 57.73
CA PHE G 456 -40.72 -22.75 57.56
C PHE G 456 -41.51 -23.37 56.42
N SER G 457 -40.82 -23.96 55.45
CA SER G 457 -41.51 -24.44 54.26
C SER G 457 -40.92 -25.73 53.68
N ALA G 458 -39.97 -26.35 54.38
CA ALA G 458 -39.26 -27.52 53.88
C ALA G 458 -40.16 -28.73 53.64
N MET G 459 -41.37 -28.66 54.16
CA MET G 459 -42.42 -29.63 53.92
C MET G 459 -42.65 -29.78 52.42
N GLU G 460 -42.47 -28.66 51.70
CA GLU G 460 -42.81 -28.59 50.30
C GLU G 460 -41.77 -29.31 49.43
N LEU G 461 -40.66 -29.72 50.04
CA LEU G 461 -39.73 -30.64 49.38
C LEU G 461 -40.46 -31.85 48.81
N GLU G 462 -41.52 -32.28 49.48
CA GLU G 462 -42.27 -33.44 49.01
C GLU G 462 -42.90 -33.15 47.65
N THR G 463 -43.49 -31.96 47.51
CA THR G 463 -44.03 -31.49 46.22
C THR G 463 -42.95 -31.51 45.12
N ALA G 464 -41.77 -31.02 45.48
CA ALA G 464 -40.65 -30.91 44.56
C ALA G 464 -40.18 -32.28 44.06
N VAL G 465 -40.12 -33.25 44.96
CA VAL G 465 -39.70 -34.60 44.62
C VAL G 465 -40.81 -35.24 43.78
N ARG G 466 -42.05 -34.93 44.12
CA ARG G 466 -43.19 -35.48 43.40
C ARG G 466 -43.16 -34.98 41.96
N LEU G 467 -42.76 -33.73 41.77
CA LEU G 467 -42.66 -33.16 40.43
C LEU G 467 -41.32 -33.47 39.76
N LYS G 468 -40.44 -34.15 40.47
CA LYS G 468 -39.07 -34.36 39.99
C LYS G 468 -38.38 -33.04 39.61
N ALA G 469 -38.70 -31.95 40.32
CA ALA G 469 -38.18 -30.64 39.99
C ALA G 469 -36.68 -30.55 40.21
N PRO G 470 -35.95 -30.01 39.23
CA PRO G 470 -34.50 -29.85 39.32
C PRO G 470 -34.11 -28.67 40.24
N ILE G 471 -34.51 -28.78 41.51
CA ILE G 471 -34.18 -27.76 42.49
C ILE G 471 -32.87 -28.06 43.22
N VAL G 472 -32.09 -27.02 43.47
CA VAL G 472 -30.88 -27.15 44.28
C VAL G 472 -30.94 -26.18 45.47
N HIS G 473 -31.20 -26.69 46.67
CA HIS G 473 -31.40 -25.80 47.82
C HIS G 473 -30.14 -25.76 48.68
N ILE G 474 -29.64 -24.54 48.88
CA ILE G 474 -28.43 -24.27 49.64
C ILE G 474 -28.79 -23.78 51.03
N VAL G 475 -28.50 -24.55 52.07
CA VAL G 475 -28.79 -24.12 53.44
C VAL G 475 -27.53 -23.60 54.14
N TRP G 476 -27.51 -22.32 54.53
CA TRP G 476 -26.46 -21.77 55.39
C TRP G 476 -26.65 -22.19 56.84
N ASN G 477 -25.78 -23.04 57.34
CA ASN G 477 -25.93 -23.61 58.67
C ASN G 477 -25.15 -22.85 59.75
N ASP G 478 -25.87 -22.32 60.75
CA ASP G 478 -25.26 -21.65 61.91
C ASP G 478 -25.98 -21.95 63.24
N SER G 479 -27.18 -22.53 63.15
CA SER G 479 -27.99 -23.00 64.29
CA SER G 479 -27.97 -23.00 64.31
C SER G 479 -28.61 -21.87 65.13
N THR G 480 -28.76 -20.68 64.52
CA THR G 480 -29.47 -19.56 65.17
C THR G 480 -30.24 -18.70 64.15
N TYR G 481 -31.23 -17.94 64.64
CA TYR G 481 -31.79 -16.82 63.88
C TYR G 481 -30.80 -15.66 63.95
N ASP G 482 -29.83 -15.63 63.04
CA ASP G 482 -28.71 -14.69 63.18
C ASP G 482 -29.03 -13.21 62.94
N MET G 483 -29.83 -12.91 61.91
CA MET G 483 -30.06 -11.51 61.58
C MET G 483 -30.75 -10.76 62.74
N VAL G 484 -31.55 -11.51 63.51
CA VAL G 484 -32.12 -10.98 64.74
C VAL G 484 -31.04 -10.79 65.80
N ALA G 485 -30.21 -11.81 65.96
CA ALA G 485 -29.15 -11.86 66.97
C ALA G 485 -28.17 -10.68 66.93
N PHE G 486 -27.59 -10.36 65.77
CA PHE G 486 -26.53 -9.35 65.75
C PHE G 486 -27.08 -7.93 65.79
N GLN G 487 -28.40 -7.79 65.62
CA GLN G 487 -29.06 -6.52 65.89
C GLN G 487 -29.41 -6.40 67.37
N GLN G 488 -29.86 -7.50 67.97
CA GLN G 488 -30.06 -7.57 69.42
C GLN G 488 -28.76 -7.20 70.13
N LEU G 489 -27.63 -7.62 69.56
CA LEU G 489 -26.31 -7.30 70.10
C LEU G 489 -25.98 -5.82 69.93
N LYS G 490 -26.09 -5.31 68.71
CA LYS G 490 -25.88 -3.89 68.44
C LYS G 490 -26.83 -2.97 69.24
N LYS G 491 -27.91 -3.53 69.78
CA LYS G 491 -28.89 -2.74 70.56
C LYS G 491 -28.82 -2.95 72.08
N TYR G 492 -28.71 -4.22 72.50
CA TYR G 492 -28.83 -4.60 73.90
C TYR G 492 -27.58 -5.31 74.45
N ASN G 493 -26.63 -5.61 73.56
CA ASN G 493 -25.41 -6.36 73.91
C ASN G 493 -25.70 -7.74 74.52
N ARG G 494 -26.87 -8.27 74.21
CA ARG G 494 -27.26 -9.61 74.61
C ARG G 494 -28.29 -10.10 73.61
N THR G 495 -28.39 -11.42 73.44
CA THR G 495 -29.35 -11.97 72.49
C THR G 495 -30.60 -12.44 73.21
N SER G 496 -31.63 -12.79 72.44
CA SER G 496 -32.89 -13.23 73.01
C SER G 496 -33.65 -14.13 72.03
N ALA G 497 -33.85 -15.37 72.46
CA ALA G 497 -34.67 -16.36 71.75
C ALA G 497 -34.24 -16.55 70.29
N VAL G 498 -32.94 -16.66 70.08
CA VAL G 498 -32.38 -16.82 68.73
C VAL G 498 -31.80 -18.21 68.52
N ASP G 499 -31.76 -19.02 69.59
CA ASP G 499 -31.10 -20.33 69.55
C ASP G 499 -32.10 -21.47 69.33
N PHE G 500 -31.78 -22.36 68.39
CA PHE G 500 -32.53 -23.61 68.25
C PHE G 500 -31.55 -24.76 68.00
N GLY G 501 -32.03 -25.99 68.21
CA GLY G 501 -31.21 -27.16 67.94
C GLY G 501 -31.05 -27.39 66.45
N ASN G 502 -30.01 -28.12 66.07
CA ASN G 502 -29.75 -28.42 64.66
CA ASN G 502 -29.76 -28.42 64.67
C ASN G 502 -30.30 -29.79 64.29
N ILE G 503 -30.65 -29.96 63.03
CA ILE G 503 -31.11 -31.23 62.49
C ILE G 503 -30.09 -31.76 61.47
N ASP G 504 -30.19 -33.04 61.12
CA ASP G 504 -29.36 -33.60 60.05
C ASP G 504 -29.97 -33.29 58.69
N ILE G 505 -29.44 -32.26 58.05
CA ILE G 505 -29.99 -31.77 56.79
C ILE G 505 -29.96 -32.85 55.71
N VAL G 506 -28.85 -33.57 55.65
CA VAL G 506 -28.70 -34.64 54.68
C VAL G 506 -29.72 -35.76 54.87
N LYS G 507 -29.91 -36.21 56.10
CA LYS G 507 -30.90 -37.26 56.37
C LYS G 507 -32.33 -36.78 56.12
N TYR G 508 -32.58 -35.51 56.45
CA TYR G 508 -33.86 -34.88 56.16
C TYR G 508 -34.20 -34.98 54.65
N ALA G 509 -33.28 -34.54 53.80
CA ALA G 509 -33.44 -34.61 52.36
C ALA G 509 -33.74 -36.04 51.92
N GLU G 510 -32.98 -36.97 52.49
CA GLU G 510 -33.10 -38.37 52.11
C GLU G 510 -34.43 -38.96 52.52
N SER G 511 -34.99 -38.54 53.65
CA SER G 511 -36.28 -39.08 54.09
C SER G 511 -37.42 -38.67 53.14
N PHE G 512 -37.20 -37.62 52.35
CA PHE G 512 -38.23 -37.21 51.37
C PHE G 512 -38.00 -37.87 50.02
N GLY G 513 -36.90 -38.61 49.89
CA GLY G 513 -36.57 -39.23 48.62
C GLY G 513 -35.77 -38.26 47.77
N ALA G 514 -35.21 -37.25 48.42
CA ALA G 514 -34.39 -36.26 47.73
C ALA G 514 -32.94 -36.59 47.96
N THR G 515 -32.05 -35.79 47.36
CA THR G 515 -30.63 -35.97 47.53
C THR G 515 -30.12 -34.96 48.56
N GLY G 516 -29.31 -35.46 49.50
CA GLY G 516 -28.69 -34.62 50.51
C GLY G 516 -27.18 -34.59 50.38
N LEU G 517 -26.61 -33.39 50.38
CA LEU G 517 -25.15 -33.18 50.26
C LEU G 517 -24.62 -32.30 51.41
N ARG G 518 -23.35 -32.48 51.77
CA ARG G 518 -22.78 -31.67 52.84
C ARG G 518 -21.36 -31.19 52.54
N VAL G 519 -21.09 -29.92 52.83
CA VAL G 519 -19.76 -29.35 52.71
C VAL G 519 -18.96 -29.62 53.97
N GLU G 520 -18.21 -30.72 53.95
CA GLU G 520 -17.50 -31.20 55.13
C GLU G 520 -16.42 -30.24 55.62
N SER G 521 -15.69 -29.65 54.68
CA SER G 521 -14.73 -28.58 54.99
C SER G 521 -14.73 -27.58 53.86
N PRO G 522 -14.34 -26.33 54.15
CA PRO G 522 -14.55 -25.24 53.19
C PRO G 522 -13.92 -25.46 51.80
N ASP G 523 -12.88 -26.30 51.71
CA ASP G 523 -12.25 -26.57 50.43
C ASP G 523 -13.18 -27.37 49.51
N GLN G 524 -14.11 -28.12 50.10
CA GLN G 524 -15.05 -28.94 49.33
C GLN G 524 -16.22 -28.16 48.72
N LEU G 525 -16.22 -26.84 48.88
CA LEU G 525 -17.39 -26.03 48.54
C LEU G 525 -17.70 -26.12 47.05
N ALA G 526 -16.79 -25.63 46.22
CA ALA G 526 -16.97 -25.64 44.77
C ALA G 526 -17.36 -27.02 44.19
N ASP G 527 -16.79 -28.09 44.73
CA ASP G 527 -17.15 -29.45 44.30
C ASP G 527 -18.58 -29.83 44.63
N VAL G 528 -18.96 -29.62 45.89
CA VAL G 528 -20.27 -30.06 46.34
C VAL G 528 -21.36 -29.27 45.62
N LEU G 529 -21.10 -27.98 45.38
CA LEU G 529 -22.04 -27.16 44.64
C LEU G 529 -22.29 -27.69 43.22
N ARG G 530 -21.23 -28.06 42.52
CA ARG G 530 -21.41 -28.57 41.17
C ARG G 530 -22.07 -29.94 41.21
N GLN G 531 -21.68 -30.72 42.20
CA GLN G 531 -22.30 -32.02 42.42
C GLN G 531 -23.81 -31.91 42.58
N GLY G 532 -24.26 -30.88 43.29
CA GLY G 532 -25.68 -30.61 43.40
C GLY G 532 -26.27 -30.15 42.08
N MET G 533 -25.55 -29.30 41.35
CA MET G 533 -25.99 -28.85 40.02
C MET G 533 -26.14 -30.04 39.05
N ASN G 534 -25.34 -31.09 39.24
CA ASN G 534 -25.33 -32.19 38.27
C ASN G 534 -26.28 -33.32 38.64
N ALA G 535 -27.01 -33.12 39.73
CA ALA G 535 -27.84 -34.17 40.28
C ALA G 535 -29.23 -34.18 39.67
N GLU G 536 -29.87 -35.34 39.67
CA GLU G 536 -31.22 -35.50 39.17
C GLU G 536 -32.26 -35.36 40.28
N GLY G 537 -33.33 -34.62 40.01
CA GLY G 537 -34.34 -34.36 41.03
C GLY G 537 -33.81 -33.38 42.07
N PRO G 538 -34.63 -33.08 43.09
CA PRO G 538 -34.28 -32.10 44.14
C PRO G 538 -33.04 -32.48 44.95
N VAL G 539 -32.23 -31.48 45.28
CA VAL G 539 -31.00 -31.60 46.05
C VAL G 539 -31.04 -30.65 47.23
N ILE G 540 -30.70 -31.12 48.43
CA ILE G 540 -30.46 -30.20 49.54
C ILE G 540 -28.98 -30.20 49.92
N ILE G 541 -28.40 -29.00 50.06
CA ILE G 541 -27.00 -28.88 50.45
C ILE G 541 -26.80 -28.14 51.79
N ASP G 542 -26.08 -28.83 52.67
CA ASP G 542 -25.77 -28.34 54.00
C ASP G 542 -24.43 -27.64 53.97
N VAL G 543 -24.43 -26.33 54.18
CA VAL G 543 -23.20 -25.56 54.09
C VAL G 543 -22.90 -24.80 55.37
N PRO G 544 -21.98 -25.33 56.18
CA PRO G 544 -21.57 -24.68 57.43
C PRO G 544 -20.98 -23.30 57.14
N VAL G 545 -21.30 -22.34 57.99
CA VAL G 545 -20.86 -20.99 57.74
C VAL G 545 -20.39 -20.34 59.04
N ASP G 546 -19.39 -19.48 58.92
CA ASP G 546 -18.88 -18.75 60.05
C ASP G 546 -19.42 -17.34 59.98
N TYR G 547 -20.20 -16.97 60.99
CA TYR G 547 -20.87 -15.68 61.00
C TYR G 547 -20.18 -14.59 61.84
N SER G 548 -18.95 -14.85 62.31
CA SER G 548 -18.19 -13.86 63.08
C SER G 548 -18.18 -12.45 62.49
N ASP G 549 -18.13 -12.35 61.17
CA ASP G 549 -18.03 -11.06 60.50
C ASP G 549 -19.39 -10.35 60.33
N ASN G 550 -20.46 -11.06 60.69
CA ASN G 550 -21.81 -10.58 60.38
C ASN G 550 -22.15 -9.24 60.97
N ILE G 551 -21.77 -9.02 62.24
CA ILE G 551 -22.17 -7.83 62.96
C ILE G 551 -21.70 -6.57 62.20
N ASN G 552 -20.67 -6.74 61.38
CA ASN G 552 -20.12 -5.63 60.60
C ASN G 552 -20.99 -5.22 59.43
N LEU G 553 -21.92 -6.09 59.03
CA LEU G 553 -22.91 -5.74 58.00
C LEU G 553 -23.66 -4.46 58.35
N ALA G 554 -23.82 -4.19 59.65
CA ALA G 554 -24.39 -2.93 60.12
C ALA G 554 -23.35 -2.09 60.84
N SER G 555 -22.16 -2.01 60.27
CA SER G 555 -21.14 -1.10 60.78
C SER G 555 -21.21 0.25 60.09
N ASP G 556 -20.78 1.30 60.79
CA ASP G 556 -20.80 2.65 60.23
C ASP G 556 -19.39 3.17 59.89
N LYS G 557 -18.42 2.26 59.77
CA LYS G 557 -17.06 2.61 59.39
C LYS G 557 -16.98 3.34 58.04
N LEU G 558 -17.50 2.71 56.99
CA LEU G 558 -17.46 3.27 55.64
C LEU G 558 -18.10 4.68 55.54
N PRO G 559 -19.26 4.91 56.20
CA PRO G 559 -19.77 6.28 56.09
C PRO G 559 -18.87 7.32 56.77
N LYS G 560 -18.23 6.92 57.87
CA LYS G 560 -17.31 7.81 58.57
C LYS G 560 -16.01 8.03 57.80
N GLU G 561 -15.41 6.93 57.36
CA GLU G 561 -14.15 6.97 56.61
C GLU G 561 -14.21 7.85 55.35
N PHE G 562 -15.29 7.70 54.58
CA PHE G 562 -15.51 8.53 53.40
C PHE G 562 -15.85 9.96 53.82
N GLY G 563 -16.48 10.08 54.98
CA GLY G 563 -16.91 11.37 55.48
C GLY G 563 -15.72 12.27 55.78
N GLU G 564 -14.61 11.65 56.13
CA GLU G 564 -13.40 12.40 56.46
C GLU G 564 -12.53 12.69 55.25
N LEU G 565 -12.65 11.87 54.21
CA LEU G 565 -11.90 12.16 52.99
C LEU G 565 -12.63 13.25 52.20
N MET G 566 -13.83 13.58 52.64
CA MET G 566 -14.56 14.72 52.07
C MET G 566 -14.27 16.01 52.84
N LYS G 567 -13.29 15.97 53.74
CA LYS G 567 -12.88 17.16 54.49
C LYS G 567 -11.37 17.41 54.41
N LYS H 14 -34.99 -1.99 83.54
CA LYS H 14 -35.21 -0.84 82.70
C LYS H 14 -36.65 -0.32 82.88
N ASN H 15 -36.98 0.82 82.27
CA ASN H 15 -38.31 1.40 82.43
C ASN H 15 -38.99 1.66 81.08
N ARG H 16 -38.90 0.69 80.17
CA ARG H 16 -39.51 0.81 78.85
C ARG H 16 -40.93 0.25 78.82
N GLY H 17 -41.62 0.49 77.71
CA GLY H 17 -42.94 -0.09 77.51
C GLY H 17 -42.85 -1.62 77.51
N ALA H 18 -41.73 -2.14 77.01
CA ALA H 18 -41.49 -3.58 76.97
C ALA H 18 -41.54 -4.14 78.38
N GLU H 19 -40.96 -3.42 79.32
CA GLU H 19 -40.96 -3.87 80.70
C GLU H 19 -42.40 -3.99 81.20
N LEU H 20 -43.26 -3.05 80.83
CA LEU H 20 -44.65 -3.09 81.29
C LEU H 20 -45.37 -4.34 80.78
N VAL H 21 -45.09 -4.72 79.52
CA VAL H 21 -45.69 -5.91 78.93
C VAL H 21 -45.30 -7.16 79.72
N VAL H 22 -44.00 -7.29 79.99
CA VAL H 22 -43.50 -8.41 80.76
C VAL H 22 -44.11 -8.42 82.17
N ASP H 23 -44.26 -7.24 82.77
CA ASP H 23 -44.91 -7.14 84.08
C ASP H 23 -46.36 -7.64 84.06
N CYS H 24 -47.10 -7.32 82.99
CA CYS H 24 -48.46 -7.84 82.87
C CYS H 24 -48.40 -9.37 82.84
N LEU H 25 -47.43 -9.91 82.08
CA LEU H 25 -47.29 -11.36 81.92
C LEU H 25 -47.00 -12.06 83.26
N VAL H 26 -46.13 -11.45 84.07
CA VAL H 26 -45.84 -11.98 85.40
C VAL H 26 -47.08 -11.92 86.30
N GLU H 27 -47.79 -10.80 86.31
CA GLU H 27 -49.00 -10.70 87.11
C GLU H 27 -50.08 -11.68 86.69
N GLN H 28 -50.04 -12.14 85.46
CA GLN H 28 -51.10 -13.01 84.99
C GLN H 28 -50.84 -14.44 85.38
N GLY H 29 -49.65 -14.71 85.90
CA GLY H 29 -49.28 -16.08 86.17
C GLY H 29 -48.89 -16.84 84.91
N VAL H 30 -48.37 -16.13 83.91
CA VAL H 30 -47.90 -16.80 82.71
C VAL H 30 -46.54 -17.47 82.94
N THR H 31 -46.45 -18.78 82.75
CA THR H 31 -45.17 -19.45 82.91
C THR H 31 -44.47 -19.70 81.59
N HIS H 32 -45.23 -19.71 80.50
CA HIS H 32 -44.65 -19.97 79.18
C HIS H 32 -45.06 -18.94 78.13
N VAL H 33 -44.14 -18.61 77.24
CA VAL H 33 -44.41 -17.69 76.16
C VAL H 33 -43.83 -18.29 74.87
N PHE H 34 -44.70 -18.47 73.88
CA PHE H 34 -44.33 -19.13 72.64
C PHE H 34 -44.02 -18.10 71.57
N GLY H 35 -42.83 -18.15 71.02
CA GLY H 35 -42.43 -17.06 70.17
C GLY H 35 -41.32 -17.23 69.17
N ILE H 36 -41.24 -16.22 68.32
CA ILE H 36 -40.20 -16.04 67.34
C ILE H 36 -39.88 -14.56 67.35
N PRO H 37 -38.61 -14.19 67.63
CA PRO H 37 -38.29 -12.76 67.73
C PRO H 37 -38.18 -12.07 66.36
N GLY H 38 -38.19 -10.75 66.39
CA GLY H 38 -37.94 -9.95 65.20
C GLY H 38 -37.58 -8.54 65.60
N ALA H 39 -37.13 -7.73 64.65
CA ALA H 39 -36.68 -6.37 64.94
C ALA H 39 -37.72 -5.48 65.62
N LYS H 40 -38.98 -5.54 65.19
CA LYS H 40 -39.97 -4.60 65.68
C LYS H 40 -40.43 -4.92 67.12
N ILE H 41 -40.30 -6.16 67.54
CA ILE H 41 -40.81 -6.60 68.84
C ILE H 41 -39.67 -6.96 69.79
N ASP H 42 -38.43 -6.77 69.34
CA ASP H 42 -37.31 -7.35 70.08
C ASP H 42 -37.04 -6.71 71.45
N ALA H 43 -37.52 -5.49 71.67
CA ALA H 43 -37.44 -4.86 72.99
C ALA H 43 -38.18 -5.70 74.05
N VAL H 44 -39.31 -6.30 73.68
CA VAL H 44 -40.01 -7.18 74.62
C VAL H 44 -39.25 -8.50 74.84
N PHE H 45 -38.58 -9.03 73.81
CA PHE H 45 -37.80 -10.27 73.99
C PHE H 45 -36.58 -9.99 74.88
N ASP H 46 -36.08 -8.75 74.81
CA ASP H 46 -34.99 -8.29 75.66
C ASP H 46 -35.40 -8.23 77.13
N ALA H 47 -36.52 -7.55 77.39
CA ALA H 47 -37.04 -7.38 78.74
C ALA H 47 -37.34 -8.73 79.40
N LEU H 48 -37.54 -9.77 78.58
CA LEU H 48 -37.78 -11.14 79.07
C LEU H 48 -36.49 -11.84 79.48
N GLN H 49 -35.36 -11.21 79.19
CA GLN H 49 -34.07 -11.72 79.68
C GLN H 49 -33.94 -11.44 81.17
N ASP H 50 -34.35 -10.25 81.58
CA ASP H 50 -34.32 -9.87 82.98
C ASP H 50 -35.31 -10.66 83.82
N LYS H 51 -36.55 -10.78 83.34
CA LYS H 51 -37.55 -11.52 84.10
C LYS H 51 -38.70 -12.05 83.23
N GLY H 52 -39.63 -12.74 83.86
CA GLY H 52 -40.81 -13.23 83.16
C GLY H 52 -40.73 -14.69 82.81
N PRO H 53 -41.77 -15.19 82.11
CA PRO H 53 -41.92 -16.59 81.72
C PRO H 53 -40.80 -17.09 80.77
N GLU H 54 -40.67 -18.40 80.67
CA GLU H 54 -39.65 -18.97 79.82
C GLU H 54 -40.07 -18.85 78.36
N ILE H 55 -39.15 -18.37 77.52
CA ILE H 55 -39.40 -18.30 76.09
C ILE H 55 -39.24 -19.65 75.39
N ILE H 56 -40.35 -20.27 75.02
CA ILE H 56 -40.28 -21.46 74.17
C ILE H 56 -40.17 -21.01 72.72
N VAL H 57 -38.97 -21.12 72.14
CA VAL H 57 -38.71 -20.69 70.76
C VAL H 57 -39.32 -21.65 69.74
N ALA H 58 -40.08 -21.13 68.78
CA ALA H 58 -40.82 -21.99 67.86
C ALA H 58 -40.27 -21.92 66.45
N ARG H 59 -40.64 -22.89 65.63
CA ARG H 59 -40.12 -22.95 64.27
C ARG H 59 -41.06 -22.30 63.25
N HIS H 60 -42.28 -22.03 63.65
CA HIS H 60 -43.24 -21.30 62.83
C HIS H 60 -44.27 -20.62 63.73
N GLU H 61 -44.68 -19.39 63.42
CA GLU H 61 -45.57 -18.67 64.32
C GLU H 61 -46.91 -19.37 64.45
N GLN H 62 -47.30 -20.09 63.38
CA GLN H 62 -48.52 -20.88 63.41
C GLN H 62 -48.48 -21.91 64.55
N ASN H 63 -47.33 -22.55 64.73
CA ASN H 63 -47.22 -23.57 65.78
C ASN H 63 -47.10 -22.93 67.17
N ALA H 64 -46.49 -21.75 67.23
CA ALA H 64 -46.54 -20.93 68.44
C ALA H 64 -48.01 -20.65 68.83
N ALA H 65 -48.86 -20.36 67.86
CA ALA H 65 -50.26 -20.16 68.15
C ALA H 65 -50.94 -21.45 68.65
N PHE H 66 -50.66 -22.59 68.02
CA PHE H 66 -51.28 -23.85 68.43
C PHE H 66 -50.90 -24.25 69.85
N MET H 67 -49.60 -24.16 70.17
CA MET H 67 -49.12 -24.47 71.52
C MET H 67 -49.83 -23.60 72.57
N ALA H 68 -49.99 -22.32 72.25
CA ALA H 68 -50.71 -21.39 73.11
C ALA H 68 -52.16 -21.85 73.28
N GLN H 69 -52.79 -22.21 72.17
CA GLN H 69 -54.16 -22.70 72.20
C GLN H 69 -54.28 -23.87 73.18
N ALA H 70 -53.36 -24.82 73.04
CA ALA H 70 -53.27 -26.01 73.86
C ALA H 70 -53.21 -25.70 75.37
N VAL H 71 -52.34 -24.77 75.75
CA VAL H 71 -52.16 -24.41 77.13
C VAL H 71 -53.43 -23.77 77.65
N GLY H 72 -54.03 -22.90 76.85
CA GLY H 72 -55.30 -22.28 77.19
C GLY H 72 -56.39 -23.31 77.48
N ARG H 73 -56.59 -24.25 76.55
CA ARG H 73 -57.62 -25.27 76.74
C ARG H 73 -57.35 -26.12 77.99
N LEU H 74 -56.08 -26.42 78.24
CA LEU H 74 -55.73 -27.32 79.33
C LEU H 74 -55.76 -26.64 80.71
N THR H 75 -55.53 -25.33 80.77
CA THR H 75 -55.42 -24.69 82.07
C THR H 75 -56.48 -23.63 82.36
N GLY H 76 -57.32 -23.30 81.39
CA GLY H 76 -58.27 -22.22 81.60
C GLY H 76 -57.64 -20.84 81.69
N LYS H 77 -56.31 -20.77 81.68
CA LYS H 77 -55.63 -19.49 81.61
C LYS H 77 -55.02 -19.26 80.22
N PRO H 78 -55.18 -18.06 79.65
CA PRO H 78 -54.80 -17.80 78.25
C PRO H 78 -53.38 -18.22 77.89
N GLY H 79 -53.24 -19.03 76.83
CA GLY H 79 -51.94 -19.25 76.20
C GLY H 79 -51.42 -17.93 75.68
N VAL H 80 -50.11 -17.75 75.74
CA VAL H 80 -49.53 -16.49 75.27
C VAL H 80 -48.55 -16.72 74.13
N VAL H 81 -48.73 -15.98 73.03
CA VAL H 81 -47.83 -16.10 71.89
C VAL H 81 -47.29 -14.71 71.54
N LEU H 82 -46.00 -14.64 71.23
CA LEU H 82 -45.33 -13.35 71.01
C LEU H 82 -44.52 -13.33 69.70
N VAL H 83 -44.87 -12.41 68.81
CA VAL H 83 -44.29 -12.38 67.46
C VAL H 83 -43.97 -10.96 67.02
N THR H 84 -43.27 -10.85 65.89
CA THR H 84 -42.85 -9.56 65.40
C THR H 84 -43.85 -9.07 64.38
N SER H 85 -43.57 -7.90 63.81
CA SER H 85 -44.47 -7.25 62.86
C SER H 85 -44.54 -7.98 61.51
N GLY H 86 -45.47 -7.55 60.66
CA GLY H 86 -45.57 -8.05 59.29
C GLY H 86 -45.88 -9.53 59.23
N PRO H 87 -44.95 -10.31 58.67
CA PRO H 87 -45.21 -11.74 58.47
C PRO H 87 -45.18 -12.55 59.77
N GLY H 88 -44.65 -11.98 60.85
CA GLY H 88 -44.70 -12.65 62.13
C GLY H 88 -46.14 -12.65 62.60
N ALA H 89 -46.77 -11.49 62.45
CA ALA H 89 -48.18 -11.33 62.81
C ALA H 89 -49.13 -12.11 61.90
N SER H 90 -48.98 -11.97 60.59
CA SER H 90 -49.93 -12.57 59.68
C SER H 90 -49.86 -14.10 59.73
N ASN H 91 -48.73 -14.63 60.17
CA ASN H 91 -48.61 -16.07 60.39
C ASN H 91 -49.47 -16.57 61.57
N LEU H 92 -49.98 -15.66 62.39
CA LEU H 92 -50.83 -16.04 63.50
C LEU H 92 -52.28 -16.33 63.10
N ALA H 93 -52.67 -15.99 61.88
CA ALA H 93 -54.10 -15.89 61.54
C ALA H 93 -54.89 -17.18 61.79
N THR H 94 -54.38 -18.30 61.31
CA THR H 94 -55.13 -19.56 61.41
C THR H 94 -55.22 -20.05 62.85
N GLY H 95 -54.07 -20.02 63.55
CA GLY H 95 -54.02 -20.24 64.97
C GLY H 95 -55.08 -19.50 65.77
N LEU H 96 -55.05 -18.17 65.73
CA LEU H 96 -56.04 -17.43 66.53
C LEU H 96 -57.46 -17.74 66.09
N LEU H 97 -57.67 -17.87 64.79
CA LEU H 97 -58.99 -18.20 64.24
C LEU H 97 -59.52 -19.52 64.81
N THR H 98 -58.64 -20.52 64.80
CA THR H 98 -58.96 -21.82 65.39
C THR H 98 -59.31 -21.67 66.87
N ALA H 99 -58.44 -21.01 67.64
CA ALA H 99 -58.69 -20.85 69.07
C ALA H 99 -60.01 -20.13 69.35
N ASN H 100 -60.31 -19.11 68.53
CA ASN H 100 -61.43 -18.23 68.76
C ASN H 100 -62.79 -18.89 68.53
N THR H 101 -62.78 -19.99 67.80
CA THR H 101 -64.00 -20.65 67.38
C THR H 101 -64.18 -21.98 68.14
N GLU H 102 -63.19 -22.34 68.94
CA GLU H 102 -63.20 -23.63 69.63
C GLU H 102 -63.16 -23.53 71.17
N GLY H 103 -63.29 -22.32 71.70
CA GLY H 103 -63.43 -22.10 73.15
C GLY H 103 -62.15 -21.97 73.95
N ASP H 104 -61.00 -21.91 73.27
CA ASP H 104 -59.71 -21.84 73.93
C ASP H 104 -59.22 -20.41 74.11
N PRO H 105 -58.86 -20.01 75.35
CA PRO H 105 -58.42 -18.62 75.58
C PRO H 105 -56.98 -18.44 75.13
N VAL H 106 -56.70 -17.38 74.39
CA VAL H 106 -55.33 -17.13 73.90
C VAL H 106 -55.10 -15.65 73.89
N VAL H 107 -53.93 -15.22 74.36
CA VAL H 107 -53.49 -13.85 74.14
C VAL H 107 -52.27 -13.77 73.21
N ALA H 108 -52.42 -13.00 72.14
CA ALA H 108 -51.34 -12.81 71.17
C ALA H 108 -50.81 -11.39 71.27
N LEU H 109 -49.49 -11.28 71.22
CA LEU H 109 -48.81 -10.00 71.29
C LEU H 109 -47.91 -9.90 70.06
N ALA H 110 -48.03 -8.79 69.33
CA ALA H 110 -47.29 -8.63 68.07
C ALA H 110 -46.75 -7.23 67.93
N GLY H 111 -45.62 -7.10 67.26
CA GLY H 111 -45.08 -5.79 67.02
C GLY H 111 -45.64 -5.17 65.75
N ASN H 112 -45.32 -3.90 65.52
CA ASN H 112 -45.66 -3.21 64.29
C ASN H 112 -44.66 -2.07 64.09
N VAL H 113 -44.73 -1.36 62.96
CA VAL H 113 -43.77 -0.31 62.70
C VAL H 113 -44.00 0.91 63.63
N ILE H 114 -43.05 1.85 63.65
CA ILE H 114 -43.21 3.02 64.52
C ILE H 114 -44.41 3.83 64.09
N ARG H 115 -45.01 4.56 65.04
CA ARG H 115 -46.26 5.28 64.82
C ARG H 115 -46.18 6.28 63.69
N ALA H 116 -45.02 6.92 63.56
CA ALA H 116 -44.86 7.97 62.56
C ALA H 116 -44.89 7.41 61.13
N ASP H 117 -44.72 6.10 60.99
CA ASP H 117 -44.61 5.44 59.68
C ASP H 117 -45.76 4.48 59.36
N ARG H 118 -46.80 4.52 60.21
CA ARG H 118 -47.85 3.52 60.17
C ARG H 118 -48.67 3.52 58.86
N LEU H 119 -48.65 4.63 58.13
CA LEU H 119 -49.37 4.72 56.87
C LEU H 119 -48.44 4.52 55.66
N LYS H 120 -47.17 4.21 55.91
CA LYS H 120 -46.21 4.20 54.82
C LYS H 120 -46.02 2.79 54.26
N ARG H 121 -45.58 2.72 53.02
CA ARG H 121 -45.08 1.47 52.47
C ARG H 121 -43.68 1.32 52.96
N THR H 122 -43.53 0.49 53.98
CA THR H 122 -42.29 0.37 54.72
C THR H 122 -42.23 -1.09 55.18
N HIS H 123 -41.04 -1.65 55.37
CA HIS H 123 -40.91 -3.05 55.76
C HIS H 123 -41.92 -3.51 56.83
N GLN H 124 -42.66 -4.57 56.53
CA GLN H 124 -43.56 -5.23 57.49
C GLN H 124 -44.61 -4.32 58.15
N SER H 125 -45.04 -3.29 57.43
CA SER H 125 -46.16 -2.49 57.91
C SER H 125 -47.42 -3.16 57.43
N LEU H 126 -48.52 -2.90 58.12
CA LEU H 126 -49.72 -3.70 58.00
C LEU H 126 -50.70 -3.20 59.01
N ASP H 127 -51.97 -3.13 58.65
CA ASP H 127 -53.00 -2.82 59.63
C ASP H 127 -53.29 -4.05 60.52
N ASN H 128 -52.42 -4.27 61.50
CA ASN H 128 -52.52 -5.42 62.40
C ASN H 128 -53.93 -5.65 62.97
N ALA H 129 -54.48 -4.61 63.59
CA ALA H 129 -55.77 -4.69 64.25
C ALA H 129 -56.89 -5.06 63.29
N ALA H 130 -56.86 -4.45 62.09
CA ALA H 130 -57.88 -4.73 61.07
C ALA H 130 -57.85 -6.18 60.62
N LEU H 131 -56.65 -6.72 60.46
CA LEU H 131 -56.49 -8.12 60.04
C LEU H 131 -57.11 -9.08 61.07
N PHE H 132 -56.92 -8.84 62.36
CA PHE H 132 -57.41 -9.82 63.33
C PHE H 132 -58.82 -9.55 63.88
N GLN H 133 -59.38 -8.41 63.51
CA GLN H 133 -60.76 -8.09 63.88
C GLN H 133 -61.79 -9.21 63.54
N PRO H 134 -61.84 -9.70 62.27
CA PRO H 134 -62.86 -10.73 61.96
C PRO H 134 -62.65 -12.07 62.68
N ILE H 135 -61.49 -12.31 63.27
CA ILE H 135 -61.18 -13.64 63.77
C ILE H 135 -60.80 -13.72 65.26
N THR H 136 -61.07 -12.67 66.01
CA THR H 136 -60.73 -12.60 67.42
C THR H 136 -61.90 -12.00 68.18
N LYS H 137 -61.92 -12.19 69.49
CA LYS H 137 -62.89 -11.50 70.32
C LYS H 137 -62.48 -10.06 70.45
N TYR H 138 -61.20 -9.80 70.25
CA TYR H 138 -60.64 -8.51 70.66
C TYR H 138 -59.32 -8.25 69.96
N SER H 139 -59.26 -7.18 69.19
CA SER H 139 -58.11 -6.86 68.36
C SER H 139 -57.86 -5.38 68.43
N VAL H 140 -56.74 -5.00 69.05
CA VAL H 140 -56.42 -3.60 69.30
C VAL H 140 -54.93 -3.27 69.06
N GLU H 141 -54.65 -2.03 68.69
CA GLU H 141 -53.27 -1.57 68.67
C GLU H 141 -53.08 -0.49 69.73
N VAL H 142 -52.01 -0.57 70.51
CA VAL H 142 -51.72 0.45 71.51
C VAL H 142 -50.97 1.63 70.89
N GLN H 143 -51.40 2.86 71.16
CA GLN H 143 -50.75 4.01 70.54
C GLN H 143 -50.11 4.95 71.57
N ASP H 144 -50.36 4.69 72.84
CA ASP H 144 -49.67 5.43 73.89
C ASP H 144 -49.13 4.44 74.88
N VAL H 145 -47.86 4.62 75.27
CA VAL H 145 -47.18 3.67 76.13
C VAL H 145 -47.89 3.50 77.51
N LYS H 146 -48.56 4.54 77.97
CA LYS H 146 -49.30 4.50 79.23
C LYS H 146 -50.45 3.50 79.18
N ASN H 147 -50.98 3.29 77.98
CA ASN H 147 -52.11 2.39 77.77
C ASN H 147 -51.75 0.88 77.80
N ILE H 148 -50.46 0.56 77.72
CA ILE H 148 -50.04 -0.84 77.64
C ILE H 148 -50.64 -1.74 78.72
N PRO H 149 -50.53 -1.39 80.02
CA PRO H 149 -51.08 -2.32 81.00
C PRO H 149 -52.62 -2.49 80.93
N GLU H 150 -53.37 -1.42 80.73
CA GLU H 150 -54.83 -1.56 80.59
C GLU H 150 -55.17 -2.44 79.39
N ALA H 151 -54.52 -2.20 78.26
CA ALA H 151 -54.85 -2.93 77.04
C ALA H 151 -54.59 -4.42 77.19
N VAL H 152 -53.42 -4.77 77.74
CA VAL H 152 -53.06 -6.18 77.91
C VAL H 152 -53.94 -6.83 78.97
N THR H 153 -54.14 -6.16 80.10
CA THR H 153 -55.00 -6.70 81.16
C THR H 153 -56.42 -6.98 80.62
N ASN H 154 -56.98 -6.05 79.85
CA ASN H 154 -58.31 -6.30 79.31
C ASN H 154 -58.29 -7.48 78.35
N ALA H 155 -57.20 -7.62 77.60
CA ALA H 155 -57.05 -8.73 76.66
C ALA H 155 -57.11 -10.09 77.37
N PHE H 156 -56.53 -10.17 78.56
CA PHE H 156 -56.51 -11.44 79.29
C PHE H 156 -57.92 -11.78 79.80
N ARG H 157 -58.60 -10.77 80.31
CA ARG H 157 -59.95 -10.98 80.82
C ARG H 157 -60.90 -11.39 79.71
N ILE H 158 -60.79 -10.75 78.56
CA ILE H 158 -61.76 -10.98 77.49
C ILE H 158 -61.54 -12.33 76.84
N ALA H 159 -60.29 -12.75 76.75
CA ALA H 159 -59.94 -14.09 76.26
C ALA H 159 -60.53 -15.19 77.17
N SER H 160 -60.55 -14.91 78.46
CA SER H 160 -61.04 -15.85 79.46
C SER H 160 -62.56 -15.91 79.59
N ALA H 161 -63.24 -14.76 79.42
CA ALA H 161 -64.65 -14.68 79.77
C ALA H 161 -65.51 -15.44 78.77
N GLY H 162 -66.60 -16.04 79.25
CA GLY H 162 -67.41 -16.91 78.41
C GLY H 162 -67.98 -16.08 77.28
N GLN H 163 -67.99 -16.60 76.05
CA GLN H 163 -67.30 -17.81 75.67
C GLN H 163 -65.82 -17.51 75.37
N ALA H 164 -64.93 -18.28 75.97
CA ALA H 164 -63.49 -18.01 75.84
C ALA H 164 -63.05 -18.02 74.38
N GLY H 165 -62.00 -17.24 74.08
CA GLY H 165 -61.52 -17.08 72.71
C GLY H 165 -60.20 -16.32 72.62
N ALA H 166 -59.92 -15.75 71.45
CA ALA H 166 -58.62 -15.16 71.19
C ALA H 166 -58.63 -13.65 71.30
N ALA H 167 -57.53 -13.10 71.81
CA ALA H 167 -57.37 -11.66 71.94
C ALA H 167 -56.03 -11.22 71.33
N PHE H 168 -56.04 -10.10 70.60
CA PHE H 168 -54.85 -9.67 69.85
C PHE H 168 -54.45 -8.24 70.21
N VAL H 169 -53.18 -8.05 70.57
CA VAL H 169 -52.70 -6.72 70.93
C VAL H 169 -51.42 -6.43 70.16
N SER H 170 -51.42 -5.32 69.45
CA SER H 170 -50.29 -4.96 68.60
C SER H 170 -49.55 -3.74 69.20
N PHE H 171 -48.22 -3.80 69.22
CA PHE H 171 -47.42 -2.68 69.75
C PHE H 171 -46.49 -2.08 68.71
N PRO H 172 -46.73 -0.83 68.32
CA PRO H 172 -45.76 -0.12 67.47
C PRO H 172 -44.38 -0.10 68.12
N GLN H 173 -43.32 -0.30 67.33
CA GLN H 173 -41.96 -0.43 67.84
C GLN H 173 -41.54 0.71 68.77
N ASP H 174 -41.84 1.96 68.39
CA ASP H 174 -41.44 3.08 69.24
C ASP H 174 -42.19 3.07 70.58
N VAL H 175 -43.36 2.44 70.62
CA VAL H 175 -44.15 2.37 71.84
C VAL H 175 -43.58 1.35 72.85
N VAL H 176 -43.07 0.20 72.40
CA VAL H 176 -42.48 -0.74 73.35
C VAL H 176 -41.07 -0.36 73.78
N ASN H 177 -40.45 0.61 73.11
CA ASN H 177 -39.10 1.06 73.44
C ASN H 177 -39.08 2.30 74.31
N GLU H 178 -40.21 2.99 74.37
CA GLU H 178 -40.35 4.27 75.05
C GLU H 178 -40.14 4.14 76.56
N VAL H 179 -39.31 5.01 77.10
CA VAL H 179 -39.04 5.01 78.53
C VAL H 179 -40.21 5.73 79.19
N THR H 180 -40.64 5.26 80.36
CA THR H 180 -41.88 5.76 80.94
C THR H 180 -41.98 5.57 82.46
N ASN H 181 -42.70 6.47 83.12
CA ASN H 181 -42.95 6.36 84.55
C ASN H 181 -44.23 5.59 84.84
N THR H 182 -44.78 4.95 83.81
CA THR H 182 -46.11 4.37 83.92
C THR H 182 -46.15 3.25 84.95
N LYS H 183 -47.14 3.32 85.84
CA LYS H 183 -47.35 2.29 86.84
C LYS H 183 -48.18 1.14 86.25
N ASN H 184 -47.97 -0.06 86.76
CA ASN H 184 -48.72 -1.21 86.29
C ASN H 184 -50.12 -1.26 86.91
N VAL H 185 -50.95 -2.20 86.44
CA VAL H 185 -52.29 -2.33 86.99
C VAL H 185 -52.42 -3.74 87.51
N ARG H 186 -53.32 -3.94 88.46
CA ARG H 186 -53.50 -5.24 89.03
C ARG H 186 -54.17 -6.12 88.00
N ALA H 187 -53.63 -7.32 87.82
CA ALA H 187 -54.24 -8.31 86.97
C ALA H 187 -55.58 -8.76 87.54
N VAL H 188 -56.63 -7.95 87.41
CA VAL H 188 -57.92 -8.28 88.00
C VAL H 188 -58.60 -9.49 87.32
N ALA H 189 -58.58 -10.63 87.99
CA ALA H 189 -59.13 -11.88 87.47
C ALA H 189 -60.54 -11.74 86.93
N ALA H 190 -60.78 -12.29 85.74
CA ALA H 190 -62.12 -12.29 85.20
C ALA H 190 -63.07 -13.02 86.14
N PRO H 191 -64.20 -12.39 86.50
CA PRO H 191 -65.11 -12.91 87.51
C PRO H 191 -65.98 -14.05 87.03
N LYS H 192 -66.48 -14.85 87.96
CA LYS H 192 -67.42 -15.91 87.59
C LYS H 192 -68.85 -15.44 87.78
N LEU H 193 -69.75 -15.96 86.94
CA LEU H 193 -71.17 -15.66 87.09
C LEU H 193 -71.77 -16.57 88.16
N GLY H 194 -72.95 -16.22 88.67
CA GLY H 194 -73.72 -17.15 89.49
C GLY H 194 -74.51 -18.11 88.61
N PRO H 195 -75.27 -19.03 89.22
CA PRO H 195 -76.07 -19.95 88.39
C PRO H 195 -77.25 -19.27 87.74
N ALA H 196 -77.88 -19.97 86.80
CA ALA H 196 -79.07 -19.48 86.13
C ALA H 196 -80.12 -19.10 87.14
N ALA H 197 -80.99 -18.17 86.77
CA ALA H 197 -82.13 -17.79 87.59
C ALA H 197 -82.92 -19.00 88.07
N ASP H 198 -83.34 -18.97 89.34
CA ASP H 198 -83.98 -20.11 89.99
C ASP H 198 -85.19 -20.70 89.26
N ASP H 199 -86.08 -19.86 88.75
CA ASP H 199 -87.34 -20.36 88.19
C ASP H 199 -87.09 -21.03 86.83
N ALA H 200 -86.03 -20.61 86.16
CA ALA H 200 -85.60 -21.31 84.96
C ALA H 200 -85.14 -22.72 85.33
N ILE H 201 -84.38 -22.82 86.42
CA ILE H 201 -83.96 -24.13 86.92
C ILE H 201 -85.18 -24.95 87.39
N SER H 202 -86.15 -24.29 88.02
CA SER H 202 -87.35 -24.99 88.44
C SER H 202 -88.06 -25.57 87.22
N ALA H 203 -88.20 -24.74 86.19
CA ALA H 203 -88.89 -25.15 84.99
C ALA H 203 -88.19 -26.31 84.31
N ALA H 204 -86.86 -26.35 84.42
CA ALA H 204 -86.06 -27.38 83.75
C ALA H 204 -86.24 -28.73 84.43
N ILE H 205 -86.14 -28.71 85.76
CA ILE H 205 -86.43 -29.87 86.58
C ILE H 205 -87.78 -30.45 86.20
N ALA H 206 -88.78 -29.57 86.14
CA ALA H 206 -90.12 -29.99 85.76
C ALA H 206 -90.15 -30.55 84.33
N LYS H 207 -89.38 -29.97 83.42
CA LYS H 207 -89.36 -30.48 82.04
C LYS H 207 -88.74 -31.87 82.02
N ILE H 208 -87.76 -32.08 82.88
CA ILE H 208 -87.12 -33.38 82.94
C ILE H 208 -87.98 -34.45 83.64
N GLN H 209 -88.66 -34.10 84.73
CA GLN H 209 -89.46 -35.10 85.43
C GLN H 209 -90.66 -35.61 84.60
N THR H 210 -91.31 -34.72 83.84
CA THR H 210 -92.49 -35.11 83.07
C THR H 210 -92.15 -35.67 81.67
N ALA H 211 -90.87 -35.83 81.37
CA ALA H 211 -90.43 -36.30 80.07
C ALA H 211 -90.54 -37.80 79.94
N LYS H 212 -91.03 -38.27 78.81
CA LYS H 212 -91.03 -39.72 78.58
C LYS H 212 -89.63 -40.24 78.28
N LEU H 213 -88.74 -39.34 77.84
CA LEU H 213 -87.37 -39.71 77.48
C LEU H 213 -86.47 -38.47 77.41
N PRO H 214 -85.92 -38.06 78.56
CA PRO H 214 -85.01 -36.92 78.50
C PRO H 214 -83.58 -37.37 78.16
N VAL H 215 -82.90 -36.62 77.30
CA VAL H 215 -81.53 -36.96 76.93
C VAL H 215 -80.64 -35.74 77.18
N VAL H 216 -79.43 -35.97 77.71
CA VAL H 216 -78.46 -34.89 77.90
C VAL H 216 -77.46 -34.84 76.75
N LEU H 217 -77.32 -33.67 76.13
CA LEU H 217 -76.34 -33.45 75.07
C LEU H 217 -75.23 -32.61 75.65
N VAL H 218 -74.07 -33.23 75.88
CA VAL H 218 -72.94 -32.50 76.42
C VAL H 218 -72.06 -31.96 75.29
N GLY H 219 -71.85 -30.64 75.30
CA GLY H 219 -71.09 -29.98 74.26
C GLY H 219 -69.79 -29.37 74.74
N MET H 220 -69.28 -28.42 73.97
CA MET H 220 -67.92 -27.88 74.09
C MET H 220 -67.58 -27.42 75.51
N LYS H 221 -68.45 -26.63 76.10
CA LYS H 221 -68.15 -26.02 77.38
C LYS H 221 -68.72 -26.87 78.53
N GLY H 222 -69.20 -28.05 78.17
CA GLY H 222 -69.60 -29.04 79.14
C GLY H 222 -68.39 -29.93 79.42
N GLY H 223 -67.35 -29.78 78.60
CA GLY H 223 -66.15 -30.61 78.70
C GLY H 223 -65.02 -30.04 79.56
N ARG H 224 -65.16 -28.79 80.02
CA ARG H 224 -64.25 -28.29 81.04
C ARG H 224 -64.34 -29.17 82.29
N PRO H 225 -63.24 -29.26 83.04
CA PRO H 225 -63.21 -30.13 84.22
C PRO H 225 -64.32 -29.89 85.25
N GLU H 226 -64.57 -28.65 85.67
CA GLU H 226 -65.62 -28.42 86.67
C GLU H 226 -67.01 -28.84 86.20
N ALA H 227 -67.28 -28.67 84.91
CA ALA H 227 -68.58 -29.04 84.35
C ALA H 227 -68.73 -30.56 84.25
N ILE H 228 -67.65 -31.25 83.92
CA ILE H 228 -67.71 -32.69 83.71
C ILE H 228 -67.99 -33.35 85.06
N LYS H 229 -67.37 -32.79 86.10
CA LYS H 229 -67.65 -33.16 87.48
C LYS H 229 -69.14 -33.02 87.80
N ALA H 230 -69.69 -31.86 87.46
CA ALA H 230 -71.10 -31.58 87.73
C ALA H 230 -72.02 -32.47 86.89
N VAL H 231 -71.79 -32.52 85.58
CA VAL H 231 -72.58 -33.40 84.72
C VAL H 231 -72.53 -34.86 85.24
N ARG H 232 -71.38 -35.31 85.73
CA ARG H 232 -71.24 -36.68 86.24
C ARG H 232 -72.19 -36.96 87.41
N LYS H 233 -72.21 -36.08 88.40
CA LYS H 233 -73.19 -36.21 89.48
C LYS H 233 -74.61 -36.23 88.92
N LEU H 234 -74.93 -35.27 88.06
CA LEU H 234 -76.27 -35.21 87.50
C LEU H 234 -76.66 -36.51 86.79
N LEU H 235 -75.76 -37.06 85.99
CA LEU H 235 -76.06 -38.26 85.19
C LEU H 235 -76.23 -39.52 86.05
N LYS H 236 -75.40 -39.68 87.08
CA LYS H 236 -75.54 -40.80 87.99
C LYS H 236 -76.85 -40.72 88.81
N LYS H 237 -77.15 -39.54 89.35
CA LYS H 237 -78.31 -39.36 90.20
C LYS H 237 -79.64 -39.57 89.48
N VAL H 238 -79.87 -38.82 88.40
CA VAL H 238 -81.17 -38.84 87.72
C VAL H 238 -81.23 -39.94 86.66
N GLN H 239 -80.10 -40.55 86.38
CA GLN H 239 -80.05 -41.66 85.44
CA GLN H 239 -80.02 -41.65 85.43
C GLN H 239 -80.58 -41.24 84.07
N LEU H 240 -79.94 -40.26 83.45
CA LEU H 240 -80.33 -39.85 82.11
C LEU H 240 -79.37 -40.46 81.11
N PRO H 241 -79.87 -40.84 79.92
CA PRO H 241 -78.92 -41.17 78.87
C PRO H 241 -78.25 -39.89 78.37
N PHE H 242 -76.98 -39.98 77.94
CA PHE H 242 -76.31 -38.82 77.36
C PHE H 242 -75.48 -39.13 76.13
N VAL H 243 -75.06 -38.08 75.46
CA VAL H 243 -74.30 -38.17 74.23
C VAL H 243 -73.28 -37.03 74.29
N GLU H 244 -72.14 -37.20 73.65
CA GLU H 244 -71.08 -36.18 73.62
C GLU H 244 -70.83 -35.57 72.24
N THR H 245 -70.50 -34.28 72.21
CA THR H 245 -69.84 -33.71 71.05
C THR H 245 -68.37 -34.06 71.15
N TYR H 246 -67.66 -33.93 70.04
CA TYR H 246 -66.25 -34.32 70.00
C TYR H 246 -65.42 -33.59 71.05
N GLN H 247 -65.71 -32.33 71.31
CA GLN H 247 -64.90 -31.59 72.27
C GLN H 247 -65.44 -31.73 73.70
N ALA H 248 -66.45 -32.59 73.89
CA ALA H 248 -66.89 -32.94 75.24
C ALA H 248 -66.41 -34.36 75.60
N ALA H 249 -65.41 -34.84 74.88
CA ALA H 249 -64.74 -36.09 75.22
C ALA H 249 -64.27 -36.02 76.66
N GLY H 250 -64.42 -37.11 77.41
CA GLY H 250 -63.93 -37.14 78.79
C GLY H 250 -65.02 -36.83 79.80
N THR H 251 -66.21 -36.49 79.30
CA THR H 251 -67.39 -36.41 80.16
C THR H 251 -67.63 -37.79 80.78
N LEU H 252 -67.59 -38.80 79.92
CA LEU H 252 -67.82 -40.19 80.29
C LEU H 252 -66.90 -40.70 81.40
N SER H 253 -67.42 -41.54 82.26
CA SER H 253 -66.58 -42.29 83.18
C SER H 253 -66.87 -43.74 82.89
N ARG H 254 -65.98 -44.63 83.32
CA ARG H 254 -66.21 -46.06 83.19
C ARG H 254 -67.50 -46.49 83.91
N ASP H 255 -67.87 -45.77 84.96
CA ASP H 255 -69.19 -45.88 85.58
C ASP H 255 -70.33 -45.77 84.57
N LEU H 256 -70.30 -44.67 83.84
CA LEU H 256 -71.46 -44.18 83.12
C LEU H 256 -71.61 -44.78 81.73
N GLU H 257 -70.80 -45.78 81.43
CA GLU H 257 -70.84 -46.45 80.13
C GLU H 257 -72.25 -46.93 79.76
N ASP H 258 -73.00 -47.34 80.78
CA ASP H 258 -74.39 -47.80 80.65
C ASP H 258 -75.34 -46.78 80.04
N GLN H 259 -75.14 -45.52 80.38
CA GLN H 259 -76.01 -44.44 79.93
C GLN H 259 -75.42 -43.72 78.71
N TYR H 260 -74.30 -44.22 78.18
CA TYR H 260 -73.54 -43.54 77.14
C TYR H 260 -73.95 -43.94 75.73
N PHE H 261 -74.29 -42.96 74.90
CA PHE H 261 -74.71 -43.29 73.55
C PHE H 261 -73.86 -42.70 72.43
N GLY H 262 -72.58 -42.44 72.71
CA GLY H 262 -71.59 -42.13 71.69
C GLY H 262 -71.36 -40.65 71.38
N ARG H 263 -70.60 -40.40 70.33
CA ARG H 263 -70.26 -39.04 69.97
C ARG H 263 -70.96 -38.65 68.66
N ILE H 264 -71.77 -37.60 68.69
CA ILE H 264 -72.44 -37.11 67.49
C ILE H 264 -71.51 -36.20 66.68
N GLY H 265 -71.69 -36.15 65.37
CA GLY H 265 -70.91 -35.27 64.52
C GLY H 265 -70.70 -35.71 63.07
N LEU H 266 -70.36 -34.75 62.22
CA LEU H 266 -70.00 -34.97 60.80
C LEU H 266 -71.18 -35.51 60.00
N PHE H 267 -71.38 -36.82 60.02
CA PHE H 267 -72.52 -37.41 59.33
C PHE H 267 -73.60 -37.89 60.30
N ARG H 268 -74.87 -37.66 59.96
CA ARG H 268 -75.97 -38.15 60.78
C ARG H 268 -76.24 -39.64 60.52
N ASN H 269 -75.53 -40.51 61.24
CA ASN H 269 -75.72 -41.95 61.04
C ASN H 269 -75.26 -42.77 62.26
N GLN H 270 -75.27 -42.12 63.42
CA GLN H 270 -74.79 -42.68 64.67
C GLN H 270 -75.93 -42.88 65.66
N PRO H 271 -75.76 -43.81 66.62
CA PRO H 271 -76.76 -44.12 67.64
C PRO H 271 -77.26 -42.89 68.37
N GLY H 272 -76.35 -42.00 68.74
CA GLY H 272 -76.70 -40.72 69.33
C GLY H 272 -77.71 -39.88 68.56
N ASP H 273 -77.63 -39.90 67.23
CA ASP H 273 -78.59 -39.17 66.42
C ASP H 273 -79.99 -39.74 66.58
N LEU H 274 -80.09 -41.06 66.50
CA LEU H 274 -81.37 -41.75 66.62
C LEU H 274 -81.92 -41.54 68.03
N LEU H 275 -81.02 -41.50 69.02
CA LEU H 275 -81.42 -41.14 70.38
C LEU H 275 -82.02 -39.75 70.46
N LEU H 276 -81.28 -38.74 70.00
CA LEU H 276 -81.78 -37.35 70.05
C LEU H 276 -83.10 -37.20 69.31
N GLU H 277 -83.24 -37.87 68.17
CA GLU H 277 -84.50 -37.88 67.44
C GLU H 277 -85.64 -38.43 68.30
N GLN H 278 -85.38 -39.53 69.01
CA GLN H 278 -86.41 -40.18 69.83
C GLN H 278 -86.71 -39.44 71.14
N ALA H 279 -85.84 -38.54 71.55
CA ALA H 279 -86.02 -37.82 72.81
C ALA H 279 -87.16 -36.82 72.71
N ASP H 280 -87.88 -36.62 73.82
CA ASP H 280 -88.92 -35.62 73.84
C ASP H 280 -88.44 -34.38 74.63
N VAL H 281 -87.39 -34.55 75.42
CA VAL H 281 -86.72 -33.41 76.05
C VAL H 281 -85.21 -33.57 75.88
N VAL H 282 -84.54 -32.50 75.48
CA VAL H 282 -83.07 -32.51 75.39
C VAL H 282 -82.47 -31.37 76.23
N LEU H 283 -81.60 -31.73 77.16
CA LEU H 283 -80.82 -30.73 77.88
C LEU H 283 -79.46 -30.61 77.20
N THR H 284 -79.18 -29.44 76.63
CA THR H 284 -77.85 -29.23 76.04
C THR H 284 -77.00 -28.43 77.02
N ILE H 285 -75.73 -28.78 77.10
CA ILE H 285 -74.85 -28.21 78.10
C ILE H 285 -73.59 -27.64 77.46
N GLY H 286 -73.42 -26.33 77.56
CA GLY H 286 -72.33 -25.62 76.89
C GLY H 286 -72.20 -25.94 75.42
N TYR H 287 -73.34 -26.03 74.75
CA TYR H 287 -73.37 -26.44 73.34
C TYR H 287 -73.09 -25.27 72.38
N ASP H 288 -71.91 -25.29 71.77
CA ASP H 288 -71.62 -24.45 70.61
C ASP H 288 -72.07 -25.20 69.37
N PRO H 289 -73.06 -24.67 68.63
CA PRO H 289 -73.60 -25.36 67.46
C PRO H 289 -72.52 -25.67 66.41
N ILE H 290 -71.36 -25.03 66.51
CA ILE H 290 -70.30 -25.24 65.54
C ILE H 290 -69.83 -26.70 65.49
N GLU H 291 -69.99 -27.44 66.59
CA GLU H 291 -69.55 -28.84 66.60
C GLU H 291 -70.44 -29.82 65.85
N TYR H 292 -71.67 -29.39 65.56
CA TYR H 292 -72.68 -30.24 64.94
C TYR H 292 -73.96 -29.44 64.83
N ASP H 293 -74.22 -28.88 63.65
CA ASP H 293 -75.37 -28.00 63.43
C ASP H 293 -76.67 -28.67 63.88
N PRO H 294 -77.53 -27.90 64.59
CA PRO H 294 -78.73 -28.52 65.12
C PRO H 294 -79.64 -29.14 64.04
N LYS H 295 -79.50 -28.69 62.79
CA LYS H 295 -80.38 -29.16 61.73
C LYS H 295 -80.10 -30.62 61.39
N PHE H 296 -78.97 -31.15 61.83
CA PHE H 296 -78.68 -32.56 61.62
C PHE H 296 -79.31 -33.45 62.68
N TRP H 297 -79.38 -33.03 63.95
CA TRP H 297 -79.97 -33.93 64.95
C TRP H 297 -81.39 -33.55 65.34
N ASN H 298 -81.71 -32.27 65.33
CA ASN H 298 -83.01 -31.87 65.83
C ASN H 298 -84.11 -32.12 64.81
N GLY H 301 -89.16 -34.77 64.29
CA GLY H 301 -90.36 -34.59 65.09
C GLY H 301 -90.36 -33.30 65.88
N ASP H 302 -91.02 -33.32 67.03
CA ASP H 302 -91.03 -32.15 67.92
C ASP H 302 -90.65 -32.51 69.36
N ARG H 303 -89.71 -31.74 69.91
CA ARG H 303 -89.19 -31.97 71.24
C ARG H 303 -88.84 -30.66 71.92
N THR H 304 -88.72 -30.71 73.25
CA THR H 304 -88.39 -29.55 74.04
C THR H 304 -86.87 -29.41 74.13
N ILE H 305 -86.39 -28.17 74.03
CA ILE H 305 -84.96 -27.90 74.09
C ILE H 305 -84.62 -27.01 75.28
N ILE H 306 -83.76 -27.51 76.15
CA ILE H 306 -83.29 -26.73 77.27
C ILE H 306 -81.83 -26.39 77.05
N HIS H 307 -81.57 -25.10 76.84
CA HIS H 307 -80.26 -24.59 76.54
C HIS H 307 -79.57 -24.07 77.79
N LEU H 308 -78.58 -24.81 78.27
CA LEU H 308 -77.83 -24.47 79.49
C LEU H 308 -76.40 -24.05 79.13
N ASP H 309 -76.08 -22.78 79.33
CA ASP H 309 -74.84 -22.24 78.77
C ASP H 309 -74.44 -20.94 79.45
N GLU H 310 -73.17 -20.58 79.30
CA GLU H 310 -72.63 -19.38 79.90
C GLU H 310 -72.93 -18.14 79.05
N ILE H 311 -73.46 -18.35 77.86
CA ILE H 311 -73.93 -17.26 77.00
C ILE H 311 -75.26 -17.67 76.41
N ILE H 312 -76.01 -16.70 75.89
CA ILE H 312 -77.31 -16.97 75.27
C ILE H 312 -77.18 -17.75 73.96
N ALA H 313 -78.27 -18.33 73.49
CA ALA H 313 -78.26 -19.16 72.31
C ALA H 313 -78.33 -18.38 70.99
N ASP H 314 -77.86 -19.02 69.92
CA ASP H 314 -78.14 -18.61 68.57
C ASP H 314 -79.43 -19.26 68.15
N ILE H 315 -80.43 -18.45 67.78
CA ILE H 315 -81.65 -19.00 67.25
C ILE H 315 -81.43 -19.48 65.81
N ASP H 316 -81.84 -20.72 65.55
CA ASP H 316 -81.68 -21.37 64.27
C ASP H 316 -83.04 -21.90 63.88
N HIS H 317 -83.26 -22.11 62.59
CA HIS H 317 -84.48 -22.78 62.15
C HIS H 317 -84.70 -24.05 62.99
N ALA H 318 -83.61 -24.80 63.22
CA ALA H 318 -83.63 -26.08 63.92
C ALA H 318 -83.23 -25.99 65.39
N TYR H 319 -83.36 -24.82 65.99
CA TYR H 319 -82.91 -24.63 67.36
C TYR H 319 -83.55 -23.38 67.94
N GLN H 320 -84.74 -23.56 68.51
CA GLN H 320 -85.50 -22.49 69.15
C GLN H 320 -85.81 -22.96 70.57
N PRO H 321 -84.92 -22.65 71.52
CA PRO H 321 -85.00 -23.21 72.87
C PRO H 321 -86.27 -22.79 73.58
N ASP H 322 -86.88 -23.73 74.28
CA ASP H 322 -88.05 -23.44 75.10
C ASP H 322 -87.63 -22.87 76.46
N LEU H 323 -86.42 -23.22 76.87
CA LEU H 323 -85.88 -22.76 78.14
C LEU H 323 -84.40 -22.47 78.00
N GLU H 324 -83.96 -21.38 78.62
CA GLU H 324 -82.54 -21.04 78.57
C GLU H 324 -81.98 -20.83 79.97
N LEU H 325 -80.94 -21.58 80.30
CA LEU H 325 -80.34 -21.43 81.61
C LEU H 325 -78.96 -20.81 81.46
N ILE H 326 -78.89 -19.49 81.53
CA ILE H 326 -77.62 -18.81 81.33
C ILE H 326 -77.03 -18.37 82.67
N GLY H 327 -75.79 -18.79 82.90
CA GLY H 327 -75.09 -18.53 84.13
C GLY H 327 -73.85 -19.40 84.20
N ASP H 328 -73.24 -19.50 85.36
CA ASP H 328 -72.12 -20.43 85.50
C ASP H 328 -72.61 -21.86 85.26
N ILE H 329 -71.94 -22.56 84.34
CA ILE H 329 -72.40 -23.90 83.94
C ILE H 329 -72.36 -24.94 85.09
N PRO H 330 -71.23 -25.06 85.81
CA PRO H 330 -71.29 -26.08 86.86
C PRO H 330 -72.23 -25.72 88.03
N SER H 331 -72.35 -24.44 88.40
CA SER H 331 -73.30 -24.09 89.46
C SER H 331 -74.73 -24.51 89.09
N THR H 332 -75.10 -24.21 87.85
CA THR H 332 -76.44 -24.46 87.36
C THR H 332 -76.75 -25.96 87.38
N ILE H 333 -75.81 -26.75 86.87
CA ILE H 333 -75.96 -28.20 86.87
C ILE H 333 -76.17 -28.72 88.30
N ASN H 334 -75.34 -28.26 89.24
CA ASN H 334 -75.48 -28.60 90.66
C ASN H 334 -76.89 -28.35 91.20
N HIS H 335 -77.42 -27.16 90.93
CA HIS H 335 -78.74 -26.79 91.41
C HIS H 335 -79.81 -27.68 90.80
N ILE H 336 -79.58 -28.10 89.55
CA ILE H 336 -80.53 -29.00 88.93
C ILE H 336 -80.43 -30.38 89.57
N GLU H 337 -79.21 -30.90 89.68
CA GLU H 337 -78.94 -32.19 90.30
C GLU H 337 -79.50 -32.28 91.72
N HIS H 338 -79.44 -31.18 92.46
CA HIS H 338 -79.81 -31.17 93.85
C HIS H 338 -81.30 -31.40 94.08
N ASP H 339 -82.15 -30.79 93.26
CA ASP H 339 -83.59 -30.86 93.45
C ASP H 339 -84.29 -31.85 92.53
N ALA H 340 -83.54 -32.41 91.58
CA ALA H 340 -84.06 -33.43 90.69
C ALA H 340 -84.07 -34.82 91.38
N VAL H 341 -84.81 -35.77 90.80
CA VAL H 341 -84.85 -37.13 91.32
C VAL H 341 -84.79 -38.10 90.15
N LYS H 342 -84.45 -39.35 90.43
CA LYS H 342 -84.19 -40.33 89.38
C LYS H 342 -85.41 -40.49 88.47
N VAL H 343 -85.13 -40.63 87.17
CA VAL H 343 -86.15 -40.79 86.15
C VAL H 343 -86.34 -42.27 85.85
N GLU H 344 -87.58 -42.70 85.72
CA GLU H 344 -87.85 -44.11 85.43
C GLU H 344 -88.49 -44.27 84.07
N PHE H 345 -87.91 -45.14 83.25
CA PHE H 345 -88.36 -45.29 81.87
C PHE H 345 -89.42 -46.37 81.72
N ALA H 346 -90.43 -46.08 80.91
CA ALA H 346 -91.41 -47.09 80.53
C ALA H 346 -90.75 -48.05 79.56
N GLU H 347 -91.50 -49.05 79.11
CA GLU H 347 -90.90 -50.17 78.41
C GLU H 347 -90.62 -49.85 76.95
N ARG H 348 -91.48 -49.03 76.36
CA ARG H 348 -91.23 -48.56 75.01
C ARG H 348 -89.86 -47.90 75.00
N GLU H 349 -89.64 -47.00 75.96
CA GLU H 349 -88.38 -46.30 76.07
C GLU H 349 -87.23 -47.27 76.35
N GLN H 350 -87.43 -48.21 77.27
CA GLN H 350 -86.35 -49.11 77.66
C GLN H 350 -85.85 -49.95 76.49
N LYS H 351 -86.78 -50.46 75.67
CA LYS H 351 -86.36 -51.30 74.55
C LYS H 351 -85.69 -50.44 73.47
N ILE H 352 -86.16 -49.19 73.31
CA ILE H 352 -85.49 -48.22 72.45
C ILE H 352 -84.03 -48.06 72.87
N LEU H 353 -83.83 -47.71 74.13
CA LEU H 353 -82.48 -47.58 74.69
C LEU H 353 -81.64 -48.84 74.43
N SER H 354 -82.22 -50.01 74.64
CA SER H 354 -81.51 -51.28 74.49
C SER H 354 -81.10 -51.55 73.05
N ASP H 355 -82.01 -51.27 72.13
CA ASP H 355 -81.72 -51.46 70.72
C ASP H 355 -80.64 -50.49 70.27
N LEU H 356 -80.80 -49.22 70.61
CA LEU H 356 -79.78 -48.21 70.29
C LEU H 356 -78.43 -48.57 70.89
N LYS H 357 -78.45 -49.17 72.08
CA LYS H 357 -77.19 -49.54 72.71
C LYS H 357 -76.60 -50.79 72.04
N GLN H 358 -77.46 -51.65 71.50
CA GLN H 358 -76.96 -52.82 70.78
C GLN H 358 -76.38 -52.43 69.43
N TYR H 359 -77.07 -51.54 68.71
CA TYR H 359 -76.54 -51.00 67.46
C TYR H 359 -75.16 -50.37 67.68
N MET H 360 -75.09 -49.52 68.71
CA MET H 360 -73.85 -48.90 69.11
C MET H 360 -72.72 -49.91 69.30
N HIS H 361 -72.99 -51.02 69.99
CA HIS H 361 -71.97 -52.04 70.19
C HIS H 361 -71.52 -52.63 68.86
N GLU H 362 -72.46 -52.75 67.94
CA GLU H 362 -72.19 -53.37 66.64
C GLU H 362 -71.33 -52.49 65.75
N GLY H 363 -71.56 -51.18 65.78
CA GLY H 363 -70.81 -50.23 64.97
C GLY H 363 -69.39 -50.04 65.45
N GLU H 364 -69.08 -50.57 66.63
CA GLU H 364 -67.77 -50.39 67.24
C GLU H 364 -66.83 -51.52 66.86
N GLN H 365 -67.33 -52.44 66.03
CA GLN H 365 -66.55 -53.62 65.65
C GLN H 365 -65.98 -53.55 64.24
N VAL H 366 -64.74 -54.04 64.10
CA VAL H 366 -64.18 -54.35 62.80
C VAL H 366 -65.16 -55.22 62.01
N PRO H 367 -65.39 -54.90 60.73
CA PRO H 367 -66.32 -55.70 59.92
C PRO H 367 -66.02 -57.19 60.00
N ALA H 368 -67.06 -58.01 59.84
CA ALA H 368 -66.93 -59.46 60.01
C ALA H 368 -66.29 -60.13 58.79
N ASP H 369 -66.25 -59.41 57.67
CA ASP H 369 -65.63 -59.92 56.44
C ASP H 369 -64.37 -59.14 56.04
N TRP H 370 -63.65 -58.62 57.04
CA TRP H 370 -62.52 -57.74 56.80
C TRP H 370 -61.22 -58.50 56.60
N LYS H 371 -60.51 -58.13 55.55
CA LYS H 371 -59.24 -58.76 55.26
C LYS H 371 -58.36 -57.74 54.55
N SER H 372 -57.16 -57.58 55.08
CA SER H 372 -56.20 -56.59 54.62
C SER H 372 -54.84 -56.95 55.22
N ASP H 373 -53.77 -56.41 54.66
CA ASP H 373 -52.46 -56.64 55.23
C ASP H 373 -52.04 -55.43 56.04
N ARG H 374 -52.91 -54.42 56.05
CA ARG H 374 -52.73 -53.25 56.91
C ARG H 374 -53.76 -53.30 58.03
N ALA H 375 -53.59 -52.47 59.05
CA ALA H 375 -54.53 -52.44 60.15
C ALA H 375 -55.82 -51.72 59.77
N HIS H 376 -56.96 -52.29 60.14
CA HIS H 376 -58.21 -51.56 60.09
C HIS H 376 -58.12 -50.42 61.10
N PRO H 377 -58.76 -49.28 60.79
CA PRO H 377 -58.79 -48.14 61.71
C PRO H 377 -59.18 -48.53 63.13
N LEU H 378 -60.28 -49.26 63.25
CA LEU H 378 -60.76 -49.64 64.56
C LEU H 378 -59.70 -50.43 65.35
N GLU H 379 -58.91 -51.26 64.67
CA GLU H 379 -57.82 -51.98 65.33
C GLU H 379 -56.79 -51.02 65.90
N ILE H 380 -56.45 -49.99 65.15
CA ILE H 380 -55.51 -49.00 65.64
C ILE H 380 -56.06 -48.32 66.90
N VAL H 381 -57.32 -47.90 66.84
CA VAL H 381 -57.97 -47.21 67.94
C VAL H 381 -57.97 -48.04 69.22
N LYS H 382 -58.38 -49.30 69.11
CA LYS H 382 -58.45 -50.18 70.26
C LYS H 382 -57.06 -50.42 70.87
N GLU H 383 -56.08 -50.73 70.03
CA GLU H 383 -54.73 -50.97 70.49
C GLU H 383 -54.10 -49.74 71.14
N LEU H 384 -54.37 -48.57 70.58
CA LEU H 384 -53.86 -47.34 71.17
C LEU H 384 -54.51 -47.09 72.52
N ARG H 385 -55.83 -47.26 72.60
CA ARG H 385 -56.54 -47.02 73.84
C ARG H 385 -56.04 -47.92 74.97
N ASN H 386 -55.65 -49.15 74.66
CA ASN H 386 -55.16 -50.04 75.70
C ASN H 386 -53.67 -49.93 75.99
N ALA H 387 -52.97 -49.07 75.25
CA ALA H 387 -51.54 -48.90 75.48
C ALA H 387 -51.30 -47.65 76.31
N VAL H 388 -52.36 -46.89 76.47
CA VAL H 388 -52.27 -45.55 77.02
C VAL H 388 -53.12 -45.44 78.27
N ASP H 389 -52.52 -44.99 79.37
CA ASP H 389 -53.25 -44.79 80.62
C ASP H 389 -54.37 -43.77 80.44
N ASP H 390 -55.42 -43.90 81.26
CA ASP H 390 -56.58 -43.00 81.22
C ASP H 390 -56.22 -41.53 81.42
N HIS H 391 -55.12 -41.28 82.12
CA HIS H 391 -54.78 -39.91 82.47
C HIS H 391 -53.86 -39.24 81.42
N VAL H 392 -53.43 -40.02 80.43
CA VAL H 392 -52.57 -39.51 79.37
C VAL H 392 -53.35 -38.64 78.38
N THR H 393 -52.90 -37.40 78.22
CA THR H 393 -53.52 -36.50 77.25
C THR H 393 -53.21 -36.99 75.84
N VAL H 394 -54.25 -37.10 75.03
CA VAL H 394 -54.16 -37.55 73.64
C VAL H 394 -54.65 -36.46 72.71
N THR H 395 -53.80 -35.99 71.79
CA THR H 395 -54.21 -34.95 70.85
C THR H 395 -54.43 -35.50 69.43
N CYS H 396 -55.39 -34.93 68.72
CA CYS H 396 -55.79 -35.47 67.43
C CYS H 396 -55.70 -34.40 66.32
N ASP H 397 -55.32 -34.82 65.12
CA ASP H 397 -55.32 -33.90 63.98
C ASP H 397 -56.65 -33.97 63.25
N ILE H 398 -56.64 -33.75 61.95
CA ILE H 398 -57.85 -33.69 61.14
C ILE H 398 -57.71 -34.56 59.90
N GLY H 399 -58.74 -35.36 59.62
CA GLY H 399 -58.70 -36.28 58.50
C GLY H 399 -59.58 -37.48 58.79
N SER H 400 -59.41 -38.53 57.99
CA SER H 400 -60.20 -39.73 58.18
C SER H 400 -59.87 -40.37 59.54
N HIS H 401 -58.58 -40.42 59.88
CA HIS H 401 -58.12 -40.90 61.19
C HIS H 401 -58.86 -40.19 62.31
N ALA H 402 -59.10 -38.91 62.13
CA ALA H 402 -59.74 -38.10 63.15
C ALA H 402 -61.21 -38.49 63.29
N ILE H 403 -61.84 -38.91 62.18
CA ILE H 403 -63.22 -39.37 62.25
C ILE H 403 -63.28 -40.63 63.10
N TRP H 404 -62.41 -41.60 62.80
CA TRP H 404 -62.32 -42.83 63.57
C TRP H 404 -62.05 -42.57 65.07
N MET H 405 -61.04 -41.75 65.36
CA MET H 405 -60.71 -41.39 66.74
C MET H 405 -61.86 -40.69 67.43
N SER H 406 -62.48 -39.73 66.73
CA SER H 406 -63.52 -38.89 67.32
C SER H 406 -64.75 -39.68 67.75
N ARG H 407 -65.08 -40.72 66.99
CA ARG H 407 -66.24 -41.56 67.27
C ARG H 407 -65.89 -42.70 68.23
N TYR H 408 -64.70 -43.26 68.13
CA TYR H 408 -64.46 -44.56 68.73
C TYR H 408 -63.31 -44.67 69.72
N PHE H 409 -62.63 -43.57 70.03
CA PHE H 409 -61.59 -43.61 71.06
C PHE H 409 -62.19 -43.11 72.36
N ARG H 410 -62.45 -44.04 73.29
CA ARG H 410 -63.04 -43.68 74.59
C ARG H 410 -62.11 -42.77 75.36
N SER H 411 -62.66 -41.76 76.03
CA SER H 411 -61.91 -40.97 76.98
C SER H 411 -62.64 -40.98 78.33
N TYR H 412 -61.90 -40.96 79.44
CA TYR H 412 -62.54 -41.12 80.75
C TYR H 412 -62.18 -40.03 81.75
N GLU H 413 -61.22 -39.19 81.39
CA GLU H 413 -60.83 -38.07 82.22
C GLU H 413 -60.97 -36.80 81.40
N PRO H 414 -61.26 -35.67 82.05
CA PRO H 414 -61.39 -34.40 81.31
C PRO H 414 -60.08 -33.97 80.69
N LEU H 415 -60.14 -33.37 79.51
CA LEU H 415 -58.98 -32.82 78.83
C LEU H 415 -57.94 -33.89 78.53
N THR H 416 -58.39 -35.07 78.14
CA THR H 416 -57.45 -36.14 77.77
C THR H 416 -57.61 -36.61 76.31
N LEU H 417 -58.57 -36.03 75.60
CA LEU H 417 -58.71 -36.26 74.17
C LEU H 417 -59.03 -34.93 73.49
N MET H 418 -58.03 -34.32 72.85
CA MET H 418 -58.16 -32.99 72.27
C MET H 418 -58.35 -33.01 70.75
N ILE H 419 -59.43 -32.37 70.28
CA ILE H 419 -59.79 -32.33 68.88
C ILE H 419 -60.13 -30.93 68.42
N SER H 420 -59.71 -30.58 67.21
CA SER H 420 -60.07 -29.30 66.60
C SER H 420 -61.42 -29.44 65.92
N ASN H 421 -62.50 -29.06 66.59
CA ASN H 421 -63.82 -29.30 66.05
C ASN H 421 -64.62 -28.02 65.76
N GLY H 422 -63.93 -26.89 65.67
CA GLY H 422 -64.54 -25.65 65.22
C GLY H 422 -64.08 -25.28 63.81
N MET H 423 -62.77 -25.26 63.62
CA MET H 423 -62.18 -24.94 62.34
C MET H 423 -61.71 -26.17 61.60
N GLN H 424 -61.50 -27.27 62.34
CA GLN H 424 -61.00 -28.51 61.75
C GLN H 424 -59.66 -28.25 61.05
N THR H 425 -58.68 -27.79 61.83
CA THR H 425 -57.45 -27.23 61.31
C THR H 425 -56.35 -28.28 61.21
N LEU H 426 -55.87 -28.53 59.99
CA LEU H 426 -54.79 -29.50 59.80
C LEU H 426 -53.54 -29.06 60.53
N GLY H 427 -52.84 -30.02 61.14
CA GLY H 427 -51.54 -29.77 61.70
C GLY H 427 -51.51 -29.46 63.19
N VAL H 428 -52.67 -29.29 63.83
CA VAL H 428 -52.70 -28.97 65.27
C VAL H 428 -52.10 -30.04 66.22
N ALA H 429 -52.18 -31.32 65.88
CA ALA H 429 -51.88 -32.37 66.86
C ALA H 429 -50.50 -32.25 67.53
N LEU H 430 -49.43 -32.29 66.75
CA LEU H 430 -48.08 -32.30 67.32
C LEU H 430 -47.79 -31.06 68.20
N PRO H 431 -48.01 -29.83 67.68
CA PRO H 431 -47.83 -28.67 68.56
C PRO H 431 -48.74 -28.69 69.81
N TRP H 432 -49.99 -29.13 69.65
CA TRP H 432 -50.86 -29.34 70.81
C TRP H 432 -50.26 -30.27 71.87
N ALA H 433 -49.70 -31.40 71.46
CA ALA H 433 -49.06 -32.31 72.40
C ALA H 433 -47.84 -31.67 73.07
N ILE H 434 -47.06 -30.92 72.30
CA ILE H 434 -45.94 -30.15 72.86
C ILE H 434 -46.43 -29.20 73.96
N GLY H 435 -47.40 -28.35 73.61
CA GLY H 435 -48.00 -27.42 74.56
C GLY H 435 -48.45 -28.13 75.82
N ALA H 436 -49.19 -29.22 75.61
CA ALA H 436 -49.62 -30.11 76.68
C ALA H 436 -48.48 -30.68 77.52
N SER H 437 -47.35 -31.01 76.90
CA SER H 437 -46.30 -31.66 77.68
C SER H 437 -45.67 -30.68 78.67
N LEU H 438 -45.66 -29.40 78.31
CA LEU H 438 -45.18 -28.33 79.19
C LEU H 438 -46.19 -27.99 80.30
N VAL H 439 -47.41 -28.48 80.14
CA VAL H 439 -48.48 -28.27 81.09
C VAL H 439 -48.55 -29.50 82.00
N LYS H 440 -48.13 -30.63 81.47
CA LYS H 440 -48.12 -31.84 82.25
C LYS H 440 -46.72 -32.46 82.31
N PRO H 441 -45.76 -31.74 82.92
CA PRO H 441 -44.39 -32.26 82.97
C PRO H 441 -44.34 -33.60 83.69
N GLY H 442 -43.48 -34.48 83.21
CA GLY H 442 -43.37 -35.81 83.78
C GLY H 442 -44.40 -36.82 83.30
N GLU H 443 -45.20 -36.46 82.30
CA GLU H 443 -46.16 -37.41 81.71
C GLU H 443 -46.01 -37.52 80.21
N LYS H 444 -46.15 -38.72 79.67
CA LYS H 444 -46.21 -38.88 78.24
C LYS H 444 -47.43 -38.17 77.70
N VAL H 445 -47.28 -37.67 76.48
CA VAL H 445 -48.36 -37.04 75.77
C VAL H 445 -48.41 -37.73 74.43
N VAL H 446 -49.59 -38.15 74.01
CA VAL H 446 -49.75 -38.82 72.73
C VAL H 446 -50.43 -37.91 71.72
N SER H 447 -49.91 -37.90 70.49
CA SER H 447 -50.60 -37.19 69.41
C SER H 447 -50.79 -38.07 68.19
N VAL H 448 -51.91 -37.87 67.49
CA VAL H 448 -52.34 -38.74 66.41
C VAL H 448 -52.61 -37.90 65.17
N SER H 449 -52.11 -38.32 64.01
CA SER H 449 -52.46 -37.61 62.79
C SER H 449 -52.38 -38.47 61.52
N GLY H 450 -52.89 -37.93 60.42
CA GLY H 450 -52.72 -38.51 59.11
C GLY H 450 -51.38 -38.07 58.56
N ASP H 451 -50.97 -38.64 57.42
CA ASP H 451 -49.66 -38.26 56.87
C ASP H 451 -49.76 -36.91 56.18
N GLY H 452 -50.92 -36.59 55.63
CA GLY H 452 -51.18 -35.28 55.08
C GLY H 452 -51.05 -34.18 56.11
N GLY H 453 -51.82 -34.28 57.17
CA GLY H 453 -51.76 -33.30 58.25
C GLY H 453 -50.38 -33.18 58.87
N PHE H 454 -49.71 -34.33 59.05
CA PHE H 454 -48.40 -34.39 59.70
C PHE H 454 -47.40 -33.37 59.16
N LEU H 455 -47.38 -33.18 57.85
CA LEU H 455 -46.36 -32.29 57.26
C LEU H 455 -46.73 -30.80 57.38
N PHE H 456 -47.92 -30.51 57.90
CA PHE H 456 -48.31 -29.14 58.21
C PHE H 456 -47.52 -28.54 59.37
N SER H 457 -46.98 -29.38 60.25
CA SER H 457 -46.38 -28.89 61.48
C SER H 457 -45.24 -29.76 61.99
N ALA H 458 -44.72 -30.65 61.14
CA ALA H 458 -43.70 -31.60 61.58
C ALA H 458 -42.35 -30.95 61.86
N MET H 459 -42.17 -29.74 61.33
CA MET H 459 -41.02 -28.89 61.62
C MET H 459 -40.80 -28.75 63.11
N GLU H 460 -41.92 -28.67 63.84
CA GLU H 460 -41.92 -28.37 65.28
C GLU H 460 -41.41 -29.55 66.11
N LEU H 461 -41.19 -30.69 65.45
CA LEU H 461 -40.42 -31.79 66.03
C LEU H 461 -39.05 -31.35 66.60
N GLU H 462 -38.37 -30.42 65.92
CA GLU H 462 -37.10 -29.89 66.42
C GLU H 462 -37.29 -29.26 67.80
N THR H 463 -38.44 -28.60 68.01
CA THR H 463 -38.78 -27.99 69.29
C THR H 463 -38.96 -29.08 70.37
N ALA H 464 -39.70 -30.13 70.02
CA ALA H 464 -39.94 -31.25 70.91
C ALA H 464 -38.65 -31.98 71.31
N VAL H 465 -37.72 -32.13 70.37
CA VAL H 465 -36.42 -32.74 70.66
C VAL H 465 -35.58 -31.81 71.54
N ARG H 466 -35.60 -30.52 71.23
CA ARG H 466 -34.90 -29.51 72.01
C ARG H 466 -35.36 -29.54 73.47
N LEU H 467 -36.62 -29.88 73.69
CA LEU H 467 -37.23 -29.89 75.02
C LEU H 467 -37.14 -31.25 75.71
N LYS H 468 -36.65 -32.24 74.99
CA LYS H 468 -36.69 -33.63 75.44
C LYS H 468 -38.10 -34.03 75.87
N ALA H 469 -39.11 -33.54 75.14
CA ALA H 469 -40.52 -33.82 75.44
C ALA H 469 -40.87 -35.28 75.25
N PRO H 470 -41.59 -35.88 76.21
CA PRO H 470 -42.03 -37.29 76.14
C PRO H 470 -43.27 -37.50 75.25
N ILE H 471 -43.23 -37.00 74.01
CA ILE H 471 -44.36 -37.13 73.09
C ILE H 471 -44.28 -38.38 72.22
N VAL H 472 -45.42 -39.04 72.04
CA VAL H 472 -45.49 -40.18 71.15
C VAL H 472 -46.46 -39.86 70.02
N HIS H 473 -45.91 -39.65 68.82
CA HIS H 473 -46.73 -39.24 67.69
C HIS H 473 -47.02 -40.42 66.75
N ILE H 474 -48.32 -40.69 66.57
CA ILE H 474 -48.83 -41.78 65.76
C ILE H 474 -49.31 -41.24 64.41
N VAL H 475 -48.72 -41.73 63.32
CA VAL H 475 -49.10 -41.27 61.98
C VAL H 475 -49.88 -42.34 61.22
N TRP H 476 -51.12 -42.06 60.87
CA TRP H 476 -51.89 -42.98 60.04
C TRP H 476 -51.50 -42.79 58.59
N ASN H 477 -50.84 -43.78 58.04
CA ASN H 477 -50.20 -43.68 56.73
C ASN H 477 -50.95 -44.38 55.58
N ASP H 478 -51.44 -43.59 54.62
CA ASP H 478 -52.12 -44.14 53.43
C ASP H 478 -51.69 -43.48 52.11
N SER H 479 -50.93 -42.39 52.21
CA SER H 479 -50.40 -41.58 51.09
C SER H 479 -51.45 -40.65 50.44
N THR H 480 -52.49 -40.26 51.17
CA THR H 480 -53.63 -39.54 50.58
C THR H 480 -54.35 -38.52 51.51
N TYR H 481 -54.84 -37.43 50.92
CA TYR H 481 -55.84 -36.57 51.54
C TYR H 481 -57.21 -37.25 51.48
N ASP H 482 -57.40 -38.26 52.31
CA ASP H 482 -58.53 -39.18 52.18
C ASP H 482 -59.91 -38.61 52.55
N MET H 483 -60.00 -37.83 53.62
CA MET H 483 -61.31 -37.33 54.05
C MET H 483 -61.94 -36.48 52.95
N VAL H 484 -61.09 -35.85 52.16
CA VAL H 484 -61.52 -35.16 50.95
C VAL H 484 -61.95 -36.16 49.87
N ALA H 485 -61.09 -37.14 49.62
CA ALA H 485 -61.32 -38.17 48.59
C ALA H 485 -62.61 -39.00 48.78
N PHE H 486 -62.86 -39.53 49.98
CA PHE H 486 -64.04 -40.39 50.15
C PHE H 486 -65.35 -39.58 50.00
N GLN H 487 -65.36 -38.33 50.46
CA GLN H 487 -66.50 -37.44 50.24
C GLN H 487 -66.69 -37.02 48.77
N GLN H 488 -65.58 -36.92 48.03
CA GLN H 488 -65.64 -36.59 46.61
C GLN H 488 -66.20 -37.75 45.80
N LEU H 489 -65.85 -38.98 46.19
CA LEU H 489 -66.36 -40.17 45.53
C LEU H 489 -67.88 -40.31 45.68
N LYS H 490 -68.38 -40.04 46.89
CA LYS H 490 -69.82 -40.11 47.14
C LYS H 490 -70.54 -38.92 46.48
N LYS H 491 -69.87 -37.77 46.39
CA LYS H 491 -70.45 -36.62 45.67
C LYS H 491 -70.29 -36.71 44.14
N TYR H 492 -69.08 -37.04 43.67
CA TYR H 492 -68.71 -36.82 42.27
C TYR H 492 -68.20 -38.03 41.48
N ASN H 493 -68.24 -39.22 42.09
CA ASN H 493 -67.80 -40.45 41.41
C ASN H 493 -66.31 -40.47 41.04
N ARG H 494 -65.58 -39.45 41.48
CA ARG H 494 -64.14 -39.35 41.19
C ARG H 494 -63.43 -38.49 42.25
N THR H 495 -62.13 -38.70 42.42
CA THR H 495 -61.35 -37.87 43.34
C THR H 495 -60.60 -36.80 42.57
N SER H 496 -60.14 -35.77 43.28
CA SER H 496 -59.48 -34.65 42.66
C SER H 496 -58.46 -34.03 43.60
N ALA H 497 -57.20 -34.08 43.18
CA ALA H 497 -56.10 -33.43 43.88
C ALA H 497 -55.88 -33.93 45.32
N VAL H 498 -56.05 -35.23 45.55
CA VAL H 498 -55.97 -35.78 46.90
C VAL H 498 -54.70 -36.61 47.13
N ASP H 499 -53.94 -36.85 46.07
CA ASP H 499 -52.76 -37.71 46.11
C ASP H 499 -51.45 -36.96 46.27
N PHE H 500 -50.58 -37.49 47.10
CA PHE H 500 -49.21 -37.00 47.18
C PHE H 500 -48.31 -38.22 47.34
N GLY H 501 -47.00 -38.04 47.12
CA GLY H 501 -46.03 -39.10 47.32
C GLY H 501 -45.78 -39.17 48.80
N ASN H 502 -45.11 -40.21 49.28
CA ASN H 502 -44.87 -40.29 50.71
C ASN H 502 -43.40 -40.25 51.08
N ILE H 503 -43.16 -40.20 52.38
CA ILE H 503 -41.83 -39.98 52.90
C ILE H 503 -41.48 -41.08 53.87
N ASP H 504 -40.19 -41.23 54.16
CA ASP H 504 -39.76 -42.16 55.19
C ASP H 504 -39.90 -41.51 56.55
N ILE H 505 -41.01 -41.80 57.19
CA ILE H 505 -41.33 -41.25 58.49
C ILE H 505 -40.28 -41.59 59.56
N VAL H 506 -39.81 -42.83 59.58
CA VAL H 506 -38.76 -43.20 60.51
C VAL H 506 -37.49 -42.35 60.29
N LYS H 507 -37.04 -42.25 59.04
CA LYS H 507 -35.87 -41.45 58.73
C LYS H 507 -36.12 -39.97 59.02
N TYR H 508 -37.34 -39.51 58.73
CA TYR H 508 -37.68 -38.13 59.00
C TYR H 508 -37.45 -37.86 60.51
N ALA H 509 -38.01 -38.72 61.36
CA ALA H 509 -37.83 -38.60 62.81
C ALA H 509 -36.35 -38.62 63.24
N GLU H 510 -35.54 -39.46 62.60
CA GLU H 510 -34.13 -39.56 63.00
C GLU H 510 -33.30 -38.36 62.58
N SER H 511 -33.75 -37.65 61.56
CA SER H 511 -32.94 -36.54 61.08
C SER H 511 -33.09 -35.37 62.04
N PHE H 512 -34.14 -35.41 62.85
CA PHE H 512 -34.36 -34.40 63.89
C PHE H 512 -33.71 -34.78 65.24
N GLY H 513 -33.28 -36.03 65.37
CA GLY H 513 -32.72 -36.52 66.62
C GLY H 513 -33.77 -37.22 67.46
N ALA H 514 -34.91 -37.53 66.85
CA ALA H 514 -36.00 -38.23 67.52
C ALA H 514 -35.99 -39.74 67.20
N THR H 515 -36.76 -40.50 67.97
CA THR H 515 -36.91 -41.93 67.74
C THR H 515 -37.98 -42.18 66.70
N GLY H 516 -37.66 -43.02 65.73
CA GLY H 516 -38.62 -43.42 64.70
C GLY H 516 -38.92 -44.90 64.76
N LEU H 517 -40.21 -45.26 64.73
CA LEU H 517 -40.65 -46.65 64.76
C LEU H 517 -41.67 -46.93 63.65
N ARG H 518 -41.72 -48.18 63.19
CA ARG H 518 -42.71 -48.55 62.18
C ARG H 518 -43.38 -49.87 62.49
N VAL H 519 -44.70 -49.90 62.36
CA VAL H 519 -45.47 -51.13 62.41
C VAL H 519 -45.39 -51.81 61.07
N GLU H 520 -44.49 -52.79 60.94
CA GLU H 520 -44.21 -53.43 59.66
C GLU H 520 -45.34 -54.36 59.23
N SER H 521 -46.05 -54.92 60.22
CA SER H 521 -47.23 -55.75 59.99
C SER H 521 -48.24 -55.48 61.11
N PRO H 522 -49.55 -55.58 60.81
CA PRO H 522 -50.58 -55.20 61.80
C PRO H 522 -50.52 -55.95 63.14
N ASP H 523 -50.05 -57.20 63.12
CA ASP H 523 -50.01 -58.03 64.32
C ASP H 523 -49.06 -57.48 65.38
N GLN H 524 -48.02 -56.74 64.95
CA GLN H 524 -47.07 -56.17 65.90
C GLN H 524 -47.42 -54.72 66.27
N LEU H 525 -48.66 -54.31 66.02
CA LEU H 525 -49.12 -52.97 66.39
C LEU H 525 -48.97 -52.72 67.90
N ALA H 526 -49.57 -53.60 68.71
CA ALA H 526 -49.52 -53.48 70.17
C ALA H 526 -48.11 -53.35 70.73
N ASP H 527 -47.19 -54.11 70.15
CA ASP H 527 -45.82 -54.10 70.63
C ASP H 527 -45.13 -52.76 70.32
N VAL H 528 -45.27 -52.29 69.09
CA VAL H 528 -44.58 -51.07 68.69
C VAL H 528 -45.11 -49.87 69.48
N LEU H 529 -46.41 -49.85 69.74
CA LEU H 529 -47.03 -48.78 70.51
C LEU H 529 -46.41 -48.63 71.91
N ARG H 530 -46.35 -49.73 72.67
CA ARG H 530 -45.87 -49.63 74.03
C ARG H 530 -44.35 -49.56 74.03
N GLN H 531 -43.73 -50.07 72.98
CA GLN H 531 -42.33 -49.75 72.77
C GLN H 531 -42.13 -48.23 72.71
N GLY H 532 -43.08 -47.56 72.06
CA GLY H 532 -43.05 -46.11 71.96
C GLY H 532 -43.37 -45.47 73.29
N MET H 533 -44.36 -46.03 73.97
CA MET H 533 -44.79 -45.48 75.26
C MET H 533 -43.65 -45.49 76.29
N ASN H 534 -42.71 -46.42 76.18
CA ASN H 534 -41.57 -46.44 77.10
C ASN H 534 -40.27 -46.06 76.43
N ALA H 535 -40.33 -45.14 75.50
CA ALA H 535 -39.10 -44.63 74.92
C ALA H 535 -38.75 -43.33 75.60
N GLU H 536 -37.53 -42.88 75.37
CA GLU H 536 -37.08 -41.62 75.93
C GLU H 536 -36.95 -40.58 74.84
N GLY H 537 -37.53 -39.40 75.07
CA GLY H 537 -37.54 -38.36 74.07
C GLY H 537 -38.71 -38.59 73.11
N PRO H 538 -38.88 -37.66 72.16
CA PRO H 538 -40.00 -37.77 71.21
C PRO H 538 -39.90 -39.02 70.34
N VAL H 539 -41.06 -39.61 70.06
CA VAL H 539 -41.19 -40.77 69.18
C VAL H 539 -42.17 -40.50 68.04
N ILE H 540 -41.78 -40.84 66.81
CA ILE H 540 -42.76 -40.84 65.73
C ILE H 540 -43.00 -42.27 65.32
N ILE H 541 -44.26 -42.64 65.10
CA ILE H 541 -44.59 -44.02 64.79
C ILE H 541 -45.38 -44.11 63.50
N ASP H 542 -44.82 -44.81 62.53
CA ASP H 542 -45.38 -45.00 61.20
C ASP H 542 -46.34 -46.20 61.16
N VAL H 543 -47.64 -45.93 61.04
CA VAL H 543 -48.65 -46.99 61.16
C VAL H 543 -49.50 -47.11 59.89
N PRO H 544 -49.15 -48.06 59.02
CA PRO H 544 -49.86 -48.28 57.75
C PRO H 544 -51.28 -48.70 58.01
N VAL H 545 -52.23 -48.04 57.37
CA VAL H 545 -53.63 -48.23 57.66
C VAL H 545 -54.42 -48.49 56.36
N ASP H 546 -55.45 -49.33 56.43
CA ASP H 546 -56.30 -49.61 55.27
C ASP H 546 -57.60 -48.81 55.33
N TYR H 547 -57.76 -47.88 54.40
CA TYR H 547 -58.89 -46.97 54.45
C TYR H 547 -60.06 -47.39 53.58
N SER H 548 -60.10 -48.65 53.15
CA SER H 548 -61.09 -49.04 52.17
C SER H 548 -62.47 -49.20 52.81
N ASP H 549 -62.54 -48.94 54.11
CA ASP H 549 -63.80 -49.01 54.83
C ASP H 549 -64.41 -47.61 55.00
N ASN H 550 -63.57 -46.59 54.79
CA ASN H 550 -63.91 -45.21 55.15
C ASN H 550 -65.17 -44.65 54.54
N ILE H 551 -65.54 -45.10 53.34
CA ILE H 551 -66.76 -44.63 52.67
C ILE H 551 -67.98 -44.86 53.57
N ASN H 552 -67.91 -45.92 54.38
CA ASN H 552 -69.00 -46.29 55.27
C ASN H 552 -69.22 -45.31 56.42
N LEU H 553 -68.17 -44.55 56.76
CA LEU H 553 -68.29 -43.54 57.83
C LEU H 553 -69.44 -42.57 57.56
N ALA H 554 -69.78 -42.41 56.28
CA ALA H 554 -70.88 -41.54 55.89
C ALA H 554 -72.03 -42.31 55.25
N SER H 555 -72.15 -43.60 55.55
CA SER H 555 -73.23 -44.41 54.99
C SER H 555 -74.57 -44.24 55.73
N ASP H 556 -75.67 -44.63 55.09
CA ASP H 556 -76.99 -44.39 55.68
C ASP H 556 -77.64 -45.73 56.07
N LYS H 557 -76.81 -46.76 56.20
CA LYS H 557 -77.22 -48.05 56.77
C LYS H 557 -78.10 -47.87 58.00
N LEU H 558 -77.46 -47.38 59.06
CA LEU H 558 -78.05 -47.37 60.39
C LEU H 558 -79.38 -46.59 60.52
N PRO H 559 -79.46 -45.37 59.95
CA PRO H 559 -80.76 -44.69 60.09
C PRO H 559 -81.92 -45.39 59.35
N LYS H 560 -81.65 -46.02 58.21
CA LYS H 560 -82.70 -46.73 57.46
C LYS H 560 -83.14 -48.01 58.15
N GLU H 561 -82.16 -48.78 58.62
CA GLU H 561 -82.43 -50.03 59.32
C GLU H 561 -83.25 -49.80 60.58
N PHE H 562 -82.85 -48.81 61.37
CA PHE H 562 -83.57 -48.44 62.59
C PHE H 562 -84.96 -47.88 62.24
N GLY H 563 -85.16 -47.51 60.98
CA GLY H 563 -86.45 -47.05 60.52
C GLY H 563 -87.35 -48.19 60.06
#